data_3JAZ
#
_entry.id   3JAZ
#
_cell.length_a   1
_cell.length_b   1
_cell.length_c   1
_cell.angle_alpha   90
_cell.angle_beta   90
_cell.angle_gamma   90
#
_symmetry.space_group_name_H-M   'P 1'
#
loop_
_entity.id
_entity.type
_entity.pdbx_description
1 polymer 'Structural protein VP3'
2 polymer 'Capsid protein VP1'
3 polymer 'Viral structural protein 5'
#
loop_
_entity_poly.entity_id
_entity_poly.type
_entity_poly.pdbx_seq_one_letter_code
_entity_poly.pdbx_strand_id
1 'polypeptide(L)'
;MWHYTSINNDTRVALDPKPNQIRTITKPNTVPQLGTDYLYTFNSQRRSHTLRLLGPFQYFNFSETDRGHPLFRLPLKYPS
KAIPADELIDNLHSWMRSVHLLHVRSEDNTLRYNWMLGVYARSTNYTTPVGQLVVNAPAILNYSNPQDAFNSVFVALGID
YIDIPITNSNIFDDSSTPYNVRIWHAPTMTEVNHILALMRKSTLVSTHSSWHWNVLHTFHYRSESDMIDHFAAKILEDWR
QKEKLDKGALVEADRVIQRLIPLSSSTYVQRLAAIGALYPNEFTENVLDLSRLSTALLQLSDTYYQHANDQLRRLYRRMY
NDSRTLYMTQRHQELLLAQITADPNILLYPYTYIFTTIPTSMNYISNTGQGRIKHSLTVTGATEHDTVADIVLGQTGEDV
ITISMVEPMSIAVEDMYGYVLDTPTRDIWPADEQIEQKGDAVALYDTKTSRALGMFNNTVRIDDLLSPLLSLVYRTYIKG
DTMTMTQGSLDHLTLCAAVDSDITFVGNRMIAPLPEGYIPKPMHRNNSTMKMLSLYVALKKLENFATNSYLMAPDTSIIL
LGAEREPAVNILRRFNRNVSNVRIIGMGDRAVEPNIRVRVPFPIDKNISADFIICDINSYEDQSFESMFSETISVVTTCA
SAATRALVKINHPSEYMINSVIERLSQLGGVFYHTALLKTASQNPYSYETYIYITPIAAAVRFPFYSNSAMINRYMTAVA
DDEMPIIPSIHTVIKGHSNTYSPGLFCGCVDVQSAPLALSQLKSYCSEATTWRVDSDDNLVNIIARIDPARIALEFRTRS
NTSAYHEYQRYVPNGLGFKVRKTREFRYMHREVTFIHKLMMYALIREQISLTENMTQVVSIGGRNLADISVVPLNMKYVV
IDPATRIETLTQEKKNIEVQSRPFQFDAANMDLENNSIYLFIAVIMNEPNGAATPARMQMDKIRNVATAMLTRTNCVAYI
SFYEAGIITRLDQSTAHKTIRVEEGRLKVANYVPVDTLVEADVTLMLRDIGITHEIIRPSTPELIDACSNYGIRLGSTGG
AVLDVFNHYSPVIKLVRS
;
A
2 'polypeptide(L)'
;MHSTNNNSNKRNNEEKHKQPEIDSSANNGEGTSGTRAQTVGDTATEAGVRNETEAGASTRRQTDGTGLSGTNAKIATASS
ARQADVEKPADVTFTIENVDDVGIMQQKKPPTVVQSRTDVFNEQFANEALHPTTKVIFNGLDVNTEVQPLSDDFKQISDP
KGYLTYSVKYEDQFTKKDKLRASEADDRIVGPTVNLFKYGAAVVNIDLNRDFFDTATGIDLTKGIPLVQDLLVPIGVTAG
AEQSAEYVSGLLMVLFKVMTDNRLVIVGETTTPMSNTLSTVVNNVLRTTYHNNVGVNPALLRDFTQVNWLNRDITNMLQQ
AGTKYGLGLTETRLDYVRLVKTIVGHALNIDHFAASVLNINLRALMEANVTADDRIKALQAHSMISTQFHGPNQGALRPE
LAFDHDHIIRCLMLAAANYPRLEGIIVQINTGYVASANVIRPVSEKRYFPENLEQNQSAARLVSAVKARASEADISSIHL
AIAREVSPMFNVHELKKIAESFEDPSSIVVVLEFILFALFFPTEFNRIKGDIQNVLLLFFSRWYPVEYGIFVQRGATYTI
NAAGEFEFSGRNEKWDQALYLSEHFPALFSDVPLAGANTIIAIMRLFTPQGFLRTDDLAIAANFPRASRNPQTYIPYTNQ
RGTVTNEFASRFRTIVATLANVVNERAVQDDMQKATRSCTKQWLRHLETQFDNIAVAHTDHLSVVYATMSNFMLNFTNNF
SGNHATFKPDQYVITSPEGSYKPIIERQGETVDGLTIIDTSIVWPILCQCTYPLVRQSGKGVDAVSIMEEIVYPDPSTTL
SQSLSVAQVLSKLTLPDAFINMILSGGDSVVMRTYQTEADDDLDEGIRMTTYDQYLSHIRERLHITNVPDPIYITGASTP
DQIAASVQATHVAVVLYQSGVINGPASTYLRENEVLVVMPDYYDVVSRFANANLQMNNNRYHESVLEIADIFDQADFIQT
SDAVRQLRALMPTLSTSQIRHAIERIAQITDVDSTDYGKLTLRFLGTLTRSLKMQNAQIRRIRPDGTVLRYDDQIDIEAF
RWSRYFLDELQLRRLSVGLRLITNPRIARRFNGVRIMYLTDDDPDPDFVPDVPEGYVAVQYAHRLFSSSLANKRNRVTYT
HPPTGMAYPSPTGRPHVHMTINERAGMSKLVADNIIASVIKSNWVVDILDIEYTAEVMTPSEGYTQHVDAESIMTAPKGK
LFHLQFMDGLLRPEPSAFDPPASGEDMRLIYPLQPISVARSMRAIVNHNEVDRPRGAVAPSSYEMDTGTLSRNGDLLYSP
VANGQVGIPKLEVDHISFSNVVSMMTANIRTGDDMAVERVNPDDVRAINIRNA
;
B,C
3 'polypeptide(L)'
;MLQQPTGGYTTLEQFAFTIRNDGTNATPTQFLQLLSYEATENELVKKTIPTPETHLPSARNVPGNVYIEDAITQALFGIS
AQNVNAHGYFSRLSALALPNTSARLGLDGVIYNSETINIPFYDPAAVANFAATYAKLGNASTPRYRADMIDIYAHVGLEL
AGTDAERAAGVMPVKRAKFDSWEGSLISLSRDVVNWKILAFLIDLCSLEGEALRAFKTRNRDVFRMMLFIMSTAVAANVV
NRKVTKRVDRVLEYIGVNSMRTAGRTATITYDLSRHEFAAKFLQLTFTRWNAASAMIRSMPDMHTPRTSITPAGENALVR
HNRYMTENFKGLSPIALAQKKHEMMLHTHEIHSMDIDGSIKNMVERETVNKMNEIDAMNTAPWTEEFAEVEPTTVYERHQ
IGTDPEQTQLISQDAAVIVHQASSDVDENEYGNSVSELTIDTQSDSVL
;
D,E
#
# COMPACT_ATOMS: atom_id res chain seq x y z
N MET A 1 -13.30 53.37 38.41
CA MET A 1 -14.34 52.45 37.95
C MET A 1 -13.78 51.02 37.86
N TRP A 2 -12.81 50.70 38.70
CA TRP A 2 -12.14 49.40 38.64
C TRP A 2 -12.95 48.23 39.21
N HIS A 3 -13.27 48.28 40.49
CA HIS A 3 -13.89 47.15 41.19
C HIS A 3 -15.30 46.78 40.71
N TYR A 4 -15.58 45.48 40.66
CA TYR A 4 -16.94 45.02 40.41
C TYR A 4 -17.81 45.29 41.63
N THR A 5 -19.06 45.70 41.38
CA THR A 5 -20.00 45.93 42.46
C THR A 5 -21.32 45.27 42.10
N SER A 6 -21.82 44.43 43.00
CA SER A 6 -23.10 43.76 42.75
C SER A 6 -23.78 43.21 44.00
N ILE A 7 -25.11 43.20 43.97
CA ILE A 7 -25.91 42.56 44.99
C ILE A 7 -26.26 41.16 44.51
N ASN A 8 -25.87 40.14 45.27
CA ASN A 8 -26.27 38.79 44.93
C ASN A 8 -27.52 38.37 45.69
N ASN A 9 -28.44 37.70 44.99
CA ASN A 9 -29.62 37.17 45.64
C ASN A 9 -30.20 36.01 44.83
N ASP A 10 -30.77 35.04 45.51
CA ASP A 10 -31.29 33.86 44.83
C ASP A 10 -32.71 34.09 44.32
N THR A 11 -32.85 34.19 43.01
CA THR A 11 -34.17 34.37 42.41
C THR A 11 -35.07 33.15 42.58
N ARG A 12 -34.50 31.96 42.47
CA ARG A 12 -35.31 30.74 42.58
C ARG A 12 -35.87 30.63 43.98
N VAL A 13 -35.18 31.25 44.95
CA VAL A 13 -35.70 31.34 46.32
C VAL A 13 -36.69 32.49 46.47
N ALA A 14 -36.39 33.64 45.85
CA ALA A 14 -37.23 34.83 45.99
C ALA A 14 -38.59 34.64 45.35
N LEU A 15 -38.62 33.80 44.32
CA LEU A 15 -39.82 33.54 43.55
C LEU A 15 -40.77 32.57 44.25
N ASP A 16 -40.31 31.96 45.34
CA ASP A 16 -41.09 30.95 46.05
C ASP A 16 -41.90 31.59 47.18
N PRO A 17 -43.24 31.53 47.09
CA PRO A 17 -44.22 32.23 47.92
C PRO A 17 -44.25 31.73 49.36
N LYS A 18 -44.65 32.58 50.31
CA LYS A 18 -44.89 32.15 51.68
C LYS A 18 -46.13 31.26 51.69
N PRO A 19 -46.18 30.27 52.60
CA PRO A 19 -47.17 29.19 52.50
C PRO A 19 -48.61 29.70 52.46
N ASN A 20 -48.89 30.80 53.16
CA ASN A 20 -50.22 31.37 53.21
C ASN A 20 -50.74 31.84 51.84
N GLN A 21 -49.82 32.23 50.97
CA GLN A 21 -50.16 32.71 49.63
C GLN A 21 -50.36 31.59 48.61
N ILE A 22 -50.03 30.35 48.98
CA ILE A 22 -50.15 29.23 48.05
C ILE A 22 -51.60 28.88 47.69
N ARG A 23 -52.52 29.11 48.62
CA ARG A 23 -53.93 28.84 48.35
C ARG A 23 -54.46 29.78 47.28
N THR A 24 -53.88 30.97 47.21
CA THR A 24 -54.36 32.00 46.31
C THR A 24 -53.37 32.33 45.20
N ILE A 25 -52.33 31.51 45.05
CA ILE A 25 -51.31 31.78 44.03
C ILE A 25 -51.82 31.36 42.68
N THR A 26 -52.91 30.62 42.67
CA THR A 26 -53.58 30.23 41.45
C THR A 26 -54.42 31.40 40.95
N LYS A 27 -54.53 32.43 41.79
CA LYS A 27 -55.43 33.56 41.55
C LYS A 27 -56.83 33.10 41.22
N PRO A 28 -57.49 32.43 42.17
CA PRO A 28 -58.80 31.83 41.91
C PRO A 28 -59.85 32.85 41.46
N ASN A 29 -59.74 34.08 41.97
CA ASN A 29 -60.73 35.10 41.69
C ASN A 29 -60.46 35.87 40.40
N THR A 30 -59.42 36.69 40.41
CA THR A 30 -59.07 37.53 39.27
C THR A 30 -58.57 36.77 38.04
N VAL A 31 -58.95 37.26 36.87
CA VAL A 31 -58.49 36.73 35.58
C VAL A 31 -57.07 37.15 35.20
N PRO A 32 -56.28 36.23 34.61
CA PRO A 32 -54.87 36.43 34.20
C PRO A 32 -54.69 37.51 33.14
N GLN A 33 -53.56 38.23 33.19
CA GLN A 33 -53.31 39.31 32.24
C GLN A 33 -51.91 39.24 31.60
N LEU A 34 -51.82 39.66 30.34
CA LEU A 34 -50.56 39.70 29.63
C LEU A 34 -49.55 40.62 30.30
N GLY A 35 -48.30 40.17 30.35
CA GLY A 35 -47.21 40.98 30.89
C GLY A 35 -47.16 40.89 32.40
N THR A 36 -48.10 40.13 32.97
CA THR A 36 -48.14 39.91 34.40
C THR A 36 -48.23 38.42 34.67
N ASP A 37 -49.42 37.86 34.53
CA ASP A 37 -49.66 36.44 34.76
C ASP A 37 -48.94 35.56 33.74
N TYR A 38 -48.77 36.10 32.54
CA TYR A 38 -48.27 35.34 31.41
C TYR A 38 -47.87 36.27 30.29
N LEU A 39 -47.26 35.70 29.26
CA LEU A 39 -47.08 36.42 28.02
C LEU A 39 -47.14 35.47 26.83
N TYR A 40 -47.69 35.98 25.74
CA TYR A 40 -47.87 35.18 24.53
C TYR A 40 -47.42 35.93 23.30
N THR A 41 -46.89 35.18 22.34
CA THR A 41 -46.60 35.72 21.03
C THR A 41 -46.81 34.68 19.94
N PHE A 42 -47.49 35.07 18.88
CA PHE A 42 -47.51 34.27 17.67
C PHE A 42 -46.45 34.83 16.74
N ASN A 43 -45.40 34.04 16.51
CA ASN A 43 -44.30 34.44 15.65
C ASN A 43 -44.65 34.25 14.19
N SER A 44 -44.81 35.36 13.47
CA SER A 44 -45.21 35.32 12.08
C SER A 44 -44.01 35.06 11.16
N GLN A 45 -44.28 34.47 9.99
CA GLN A 45 -43.25 34.01 9.06
C GLN A 45 -42.68 32.68 9.53
N ARG A 46 -43.25 32.17 10.61
CA ARG A 46 -42.78 30.90 11.19
C ARG A 46 -43.95 30.13 11.82
N ARG A 47 -45.08 30.82 12.00
CA ARG A 47 -46.32 30.20 12.46
C ARG A 47 -46.22 29.45 13.80
N SER A 48 -45.49 30.02 14.77
CA SER A 48 -45.32 29.40 16.08
C SER A 48 -46.09 30.09 17.22
N HIS A 49 -46.40 29.35 18.27
CA HIS A 49 -47.24 29.86 19.37
C HIS A 49 -46.57 29.80 20.74
N THR A 50 -45.85 30.86 21.13
CA THR A 50 -45.17 30.83 22.43
C THR A 50 -45.98 31.42 23.57
N LEU A 51 -46.45 30.54 24.46
CA LEU A 51 -47.07 30.97 25.71
C LEU A 51 -46.16 30.66 26.89
N ARG A 52 -45.53 31.69 27.46
CA ARG A 52 -44.70 31.49 28.64
C ARG A 52 -45.44 32.02 29.86
N LEU A 53 -45.47 31.23 30.92
CA LEU A 53 -46.06 31.70 32.18
C LEU A 53 -45.08 32.53 33.00
N LEU A 54 -45.61 33.40 33.85
CA LEU A 54 -44.79 34.30 34.66
C LEU A 54 -45.11 34.12 36.13
N GLY A 55 -44.25 34.67 36.99
CA GLY A 55 -44.35 34.42 38.41
C GLY A 55 -43.92 33.00 38.68
N PRO A 56 -44.38 32.41 39.79
CA PRO A 56 -43.89 31.09 40.23
C PRO A 56 -44.10 30.03 39.15
N PHE A 57 -45.14 30.17 38.35
CA PHE A 57 -45.48 29.19 37.31
C PHE A 57 -44.46 29.14 36.18
N GLN A 58 -43.52 30.09 36.13
CA GLN A 58 -42.50 30.03 35.08
C GLN A 58 -41.62 28.82 35.23
N TYR A 59 -41.58 28.26 36.44
CA TYR A 59 -40.95 26.96 36.66
C TYR A 59 -41.98 25.95 37.15
N PHE A 60 -42.52 25.16 36.23
CA PHE A 60 -43.67 24.31 36.55
C PHE A 60 -43.71 23.03 35.74
N ASN A 61 -43.51 21.89 36.39
CA ASN A 61 -43.63 20.61 35.71
C ASN A 61 -45.09 20.18 35.66
N PHE A 62 -45.64 20.13 34.45
CA PHE A 62 -47.04 19.74 34.31
C PHE A 62 -47.34 18.27 34.58
N SER A 63 -48.45 18.02 35.26
CA SER A 63 -49.00 16.70 35.38
C SER A 63 -49.56 16.33 34.01
N GLU A 64 -49.65 15.04 33.71
CA GLU A 64 -50.27 14.63 32.47
C GLU A 64 -51.74 15.07 32.46
N THR A 65 -52.33 15.12 33.64
CA THR A 65 -53.70 15.63 33.78
C THR A 65 -53.78 17.11 33.42
N ASP A 66 -52.73 17.85 33.74
CA ASP A 66 -52.64 19.23 33.30
C ASP A 66 -52.54 19.28 31.77
N ARG A 67 -51.90 18.28 31.17
CA ARG A 67 -51.74 18.25 29.72
C ARG A 67 -53.01 17.72 29.04
N GLY A 68 -53.93 17.21 29.85
CA GLY A 68 -55.24 16.82 29.36
C GLY A 68 -56.19 18.01 29.29
N HIS A 69 -55.73 19.16 29.75
CA HIS A 69 -56.53 20.39 29.72
C HIS A 69 -56.57 21.03 28.33
N PRO A 70 -57.72 21.62 27.98
CA PRO A 70 -57.99 22.25 26.67
C PRO A 70 -56.98 23.34 26.34
N LEU A 71 -56.44 23.96 27.38
CA LEU A 71 -55.48 25.05 27.20
C LEU A 71 -54.27 24.60 26.37
N PHE A 72 -53.91 23.33 26.47
CA PHE A 72 -52.77 22.82 25.70
C PHE A 72 -53.16 22.30 24.33
N ARG A 73 -54.46 22.02 24.16
CA ARG A 73 -54.99 21.61 22.88
C ARG A 73 -55.27 22.86 22.04
N LEU A 74 -55.19 24.01 22.68
CA LEU A 74 -55.47 25.29 22.04
C LEU A 74 -54.67 25.62 20.77
N PRO A 75 -53.34 25.43 20.77
CA PRO A 75 -52.56 25.78 19.56
C PRO A 75 -53.04 24.99 18.34
N LEU A 76 -53.52 23.78 18.62
CA LEU A 76 -54.07 22.87 17.62
C LEU A 76 -55.34 23.41 16.95
N LYS A 77 -56.09 24.27 17.64
CA LYS A 77 -57.25 24.94 17.04
C LYS A 77 -56.82 25.88 15.90
N TYR A 78 -55.60 26.36 16.00
CA TYR A 78 -54.95 27.07 14.89
C TYR A 78 -54.08 26.07 14.11
N PRO A 79 -53.25 26.53 13.14
CA PRO A 79 -52.77 27.77 12.53
C PRO A 79 -53.91 28.52 11.83
N SER A 80 -53.76 29.82 11.59
CA SER A 80 -52.47 30.49 11.64
C SER A 80 -52.52 31.84 12.37
N LYS A 81 -53.72 32.40 12.49
CA LYS A 81 -53.89 33.65 13.19
C LYS A 81 -53.55 33.45 14.67
N ALA A 82 -53.11 34.50 15.33
CA ALA A 82 -52.85 34.45 16.77
C ALA A 82 -54.13 34.03 17.48
N ILE A 83 -53.99 33.21 18.52
CA ILE A 83 -55.13 32.70 19.27
C ILE A 83 -55.88 33.90 19.86
N PRO A 84 -57.23 33.89 19.80
CA PRO A 84 -57.94 35.05 20.34
C PRO A 84 -57.64 35.19 21.81
N ALA A 85 -57.47 36.42 22.27
CA ALA A 85 -57.05 36.65 23.65
C ALA A 85 -58.10 36.16 24.64
N ASP A 86 -59.36 36.15 24.20
CA ASP A 86 -60.47 35.77 25.07
C ASP A 86 -60.44 34.28 25.38
N GLU A 87 -60.23 33.47 24.35
CA GLU A 87 -60.11 32.03 24.51
C GLU A 87 -58.85 31.66 25.29
N LEU A 88 -57.78 32.40 25.02
CA LEU A 88 -56.49 32.15 25.67
C LEU A 88 -56.67 32.38 27.15
N ILE A 89 -57.18 33.56 27.47
CA ILE A 89 -57.36 33.98 28.84
C ILE A 89 -58.34 33.09 29.60
N ASP A 90 -59.41 32.67 28.94
CA ASP A 90 -60.42 31.86 29.63
C ASP A 90 -59.84 30.49 29.93
N ASN A 91 -59.11 29.94 28.97
CA ASN A 91 -58.52 28.62 29.15
C ASN A 91 -57.43 28.64 30.21
N LEU A 92 -56.47 29.55 30.06
CA LEU A 92 -55.34 29.65 30.97
C LEU A 92 -55.81 29.94 32.39
N HIS A 93 -56.87 30.72 32.51
CA HIS A 93 -57.46 30.97 33.80
C HIS A 93 -58.01 29.67 34.35
N SER A 94 -58.66 28.89 33.48
CA SER A 94 -59.30 27.68 33.95
C SER A 94 -58.25 26.69 34.45
N TRP A 95 -57.15 26.59 33.70
CA TRP A 95 -56.08 25.71 34.09
C TRP A 95 -55.45 26.18 35.39
N MET A 96 -55.21 27.49 35.48
CA MET A 96 -54.49 28.03 36.62
C MET A 96 -55.28 27.72 37.86
N ARG A 97 -56.59 27.89 37.75
CA ARG A 97 -57.49 27.58 38.84
C ARG A 97 -57.47 26.09 39.13
N SER A 98 -57.16 25.28 38.12
CA SER A 98 -57.11 23.84 38.32
C SER A 98 -56.01 23.34 39.27
N VAL A 99 -54.86 24.01 39.32
CA VAL A 99 -53.77 23.54 40.18
C VAL A 99 -54.04 23.79 41.67
N HIS A 100 -53.62 22.85 42.51
CA HIS A 100 -53.87 22.94 43.96
C HIS A 100 -52.72 22.34 44.75
N LEU A 101 -51.60 23.06 44.82
CA LEU A 101 -50.41 22.56 45.50
C LEU A 101 -50.64 22.31 46.98
N LEU A 102 -50.16 21.17 47.47
CA LEU A 102 -50.35 20.80 48.86
C LEU A 102 -49.50 21.69 49.74
N HIS A 103 -50.03 22.10 50.88
CA HIS A 103 -49.32 23.02 51.77
C HIS A 103 -50.00 23.04 53.11
N VAL A 104 -49.34 23.61 54.09
CA VAL A 104 -50.03 23.92 55.33
C VAL A 104 -49.66 25.32 55.79
N ARG A 105 -50.64 26.21 55.70
CA ARG A 105 -50.45 27.60 56.04
C ARG A 105 -50.05 27.67 57.51
N SER A 106 -49.14 28.57 57.82
CA SER A 106 -48.69 28.76 59.19
C SER A 106 -48.63 30.24 59.54
N GLU A 107 -48.44 30.55 60.80
CA GLU A 107 -48.36 31.93 61.23
C GLU A 107 -46.95 32.54 61.12
N ASP A 108 -45.90 31.71 61.07
CA ASP A 108 -44.53 32.23 61.11
C ASP A 108 -44.16 33.04 59.87
N ASN A 109 -43.53 34.18 60.10
CA ASN A 109 -43.20 35.12 59.05
C ASN A 109 -41.89 34.82 58.31
N THR A 110 -41.12 33.87 58.83
CA THR A 110 -39.86 33.49 58.23
C THR A 110 -39.99 32.50 57.06
N LEU A 111 -41.12 31.80 57.00
CA LEU A 111 -41.30 30.67 56.10
C LEU A 111 -41.60 30.99 54.62
N ARG A 112 -41.25 30.05 53.75
CA ARG A 112 -41.75 30.05 52.38
C ARG A 112 -41.95 28.61 51.90
N TYR A 113 -42.93 28.43 51.03
CA TYR A 113 -43.21 27.15 50.38
C TYR A 113 -42.09 26.79 49.41
N ASN A 114 -41.70 25.52 49.38
CA ASN A 114 -40.70 25.07 48.42
C ASN A 114 -41.42 24.70 47.14
N TRP A 115 -41.63 25.71 46.29
CA TRP A 115 -42.55 25.60 45.17
C TRP A 115 -42.17 24.48 44.20
N MET A 116 -40.88 24.33 43.96
CA MET A 116 -40.37 23.34 43.02
C MET A 116 -40.80 21.92 43.39
N LEU A 117 -40.48 21.52 44.62
CA LEU A 117 -40.77 20.15 45.05
C LEU A 117 -42.25 19.83 45.15
N GLY A 118 -43.06 20.81 45.54
CA GLY A 118 -44.48 20.58 45.67
C GLY A 118 -45.15 20.50 44.31
N VAL A 119 -44.63 21.30 43.38
CA VAL A 119 -45.13 21.27 42.02
C VAL A 119 -44.79 19.94 41.41
N TYR A 120 -43.59 19.48 41.74
CA TYR A 120 -43.07 18.24 41.19
C TYR A 120 -43.89 17.06 41.73
N ALA A 121 -44.22 17.12 43.01
CA ALA A 121 -45.05 16.08 43.62
C ALA A 121 -46.44 16.08 43.00
N ARG A 122 -46.95 17.26 42.66
CA ARG A 122 -48.22 17.31 41.96
C ARG A 122 -48.07 16.65 40.60
N SER A 123 -46.91 16.86 39.99
CA SER A 123 -46.70 16.44 38.61
C SER A 123 -46.70 14.93 38.46
N THR A 124 -46.31 14.24 39.52
CA THR A 124 -46.27 12.78 39.49
C THR A 124 -47.41 12.16 40.28
N ASN A 125 -48.41 12.97 40.60
CA ASN A 125 -49.57 12.54 41.38
C ASN A 125 -49.17 11.92 42.71
N TYR A 126 -48.05 12.38 43.24
CA TYR A 126 -47.53 11.96 44.54
C TYR A 126 -47.28 10.46 44.62
N THR A 127 -46.89 9.86 43.50
CA THR A 127 -46.46 8.47 43.49
C THR A 127 -45.00 8.30 43.92
N THR A 128 -44.15 9.23 43.47
CA THR A 128 -42.73 9.21 43.78
C THR A 128 -42.57 9.41 45.28
N PRO A 129 -41.51 8.85 45.88
CA PRO A 129 -41.33 8.99 47.33
C PRO A 129 -41.27 10.43 47.84
N VAL A 130 -40.70 11.34 47.06
CA VAL A 130 -40.76 12.74 47.44
C VAL A 130 -42.22 13.19 47.41
N GLY A 131 -42.99 12.59 46.52
CA GLY A 131 -44.38 12.92 46.39
C GLY A 131 -45.16 12.53 47.63
N GLN A 132 -45.02 11.28 48.05
CA GLN A 132 -45.80 10.81 49.19
C GLN A 132 -45.31 11.45 50.46
N LEU A 133 -44.07 11.93 50.43
CA LEU A 133 -43.60 12.76 51.51
C LEU A 133 -44.47 14.02 51.49
N VAL A 134 -44.63 14.61 50.31
CA VAL A 134 -45.37 15.86 50.21
C VAL A 134 -46.84 15.70 50.64
N VAL A 135 -47.38 14.50 50.43
CA VAL A 135 -48.74 14.18 50.89
C VAL A 135 -48.83 14.03 52.40
N ASN A 136 -47.99 13.18 52.98
CA ASN A 136 -48.13 12.93 54.41
C ASN A 136 -47.53 14.03 55.30
N ALA A 137 -46.65 14.84 54.74
CA ALA A 137 -46.10 16.01 55.44
C ALA A 137 -45.97 17.25 54.57
N PRO A 138 -47.08 17.94 54.29
CA PRO A 138 -47.03 19.15 53.46
C PRO A 138 -46.11 20.20 54.08
N ALA A 139 -46.00 20.17 55.41
CA ALA A 139 -45.17 21.11 56.17
C ALA A 139 -43.71 21.05 55.77
N ILE A 140 -43.30 19.93 55.20
CA ILE A 140 -41.91 19.74 54.86
C ILE A 140 -41.50 20.72 53.78
N LEU A 141 -42.48 21.18 52.99
CA LEU A 141 -42.19 22.18 51.96
C LEU A 141 -41.93 23.60 52.51
N ASN A 142 -42.54 23.95 53.63
CA ASN A 142 -42.28 25.25 54.28
C ASN A 142 -40.90 25.27 54.91
N TYR A 143 -40.23 26.42 54.83
CA TYR A 143 -38.84 26.49 55.27
C TYR A 143 -38.36 27.91 55.49
N SER A 144 -37.41 28.07 56.41
CA SER A 144 -36.84 29.40 56.67
C SER A 144 -35.46 29.49 56.06
N ASN A 145 -34.56 28.63 56.50
CA ASN A 145 -33.27 28.50 55.83
C ASN A 145 -33.49 27.84 54.47
N PRO A 146 -33.07 28.50 53.40
CA PRO A 146 -33.32 28.00 52.04
C PRO A 146 -32.73 26.62 51.78
N GLN A 147 -31.57 26.33 52.36
CA GLN A 147 -30.89 25.08 52.04
C GLN A 147 -31.55 23.87 52.68
N ASP A 148 -32.04 24.05 53.91
CA ASP A 148 -32.57 22.96 54.71
C ASP A 148 -33.91 22.52 54.13
N ALA A 149 -34.42 23.34 53.21
CA ALA A 149 -35.65 23.03 52.48
C ALA A 149 -35.51 21.72 51.73
N PHE A 150 -34.30 21.46 51.24
CA PHE A 150 -34.03 20.20 50.55
C PHE A 150 -33.40 19.17 51.46
N ASN A 151 -32.60 19.62 52.41
CA ASN A 151 -31.95 18.71 53.33
C ASN A 151 -32.96 17.92 54.12
N SER A 152 -34.08 18.55 54.46
CA SER A 152 -35.11 17.86 55.21
C SER A 152 -35.70 16.71 54.39
N VAL A 153 -35.76 16.90 53.07
CA VAL A 153 -36.29 15.88 52.16
C VAL A 153 -35.28 14.76 51.91
N PHE A 154 -34.02 15.14 51.74
CA PHE A 154 -32.94 14.18 51.57
C PHE A 154 -32.75 13.32 52.82
N VAL A 155 -32.96 13.88 54.00
CA VAL A 155 -32.82 13.08 55.21
C VAL A 155 -34.07 12.25 55.50
N ALA A 156 -35.24 12.83 55.27
CA ALA A 156 -36.48 12.10 55.50
C ALA A 156 -36.54 10.88 54.58
N LEU A 157 -36.00 11.03 53.37
CA LEU A 157 -36.07 9.95 52.40
C LEU A 157 -34.79 9.13 52.30
N GLY A 158 -33.69 9.68 52.81
CA GLY A 158 -32.42 8.95 52.87
C GLY A 158 -31.64 9.01 51.58
N ILE A 159 -32.22 9.69 50.59
CA ILE A 159 -31.67 9.74 49.23
C ILE A 159 -30.45 10.66 49.09
N ASP A 160 -29.57 10.33 48.15
CA ASP A 160 -28.40 11.17 47.90
C ASP A 160 -28.69 12.32 46.94
N TYR A 161 -29.80 12.23 46.21
CA TYR A 161 -30.18 13.25 45.24
C TYR A 161 -31.63 13.13 44.77
N ILE A 162 -32.09 14.13 44.01
CA ILE A 162 -33.41 14.12 43.39
C ILE A 162 -33.29 14.67 41.99
N ASP A 163 -33.69 13.90 41.00
CA ASP A 163 -33.59 14.36 39.62
C ASP A 163 -34.90 15.03 39.19
N ILE A 164 -34.90 16.35 39.12
CA ILE A 164 -36.05 17.11 38.66
C ILE A 164 -35.95 17.43 37.18
N PRO A 165 -36.90 16.91 36.38
CA PRO A 165 -37.00 17.30 34.97
C PRO A 165 -37.37 18.77 34.89
N ILE A 166 -36.89 19.47 33.86
CA ILE A 166 -37.35 20.84 33.64
C ILE A 166 -38.15 20.89 32.34
N THR A 167 -39.22 21.67 32.33
CA THR A 167 -39.99 21.87 31.11
C THR A 167 -39.41 23.03 30.31
N ASN A 168 -39.74 23.10 29.03
CA ASN A 168 -39.39 24.27 28.24
C ASN A 168 -40.14 25.47 28.79
N SER A 169 -39.52 26.65 28.73
CA SER A 169 -40.11 27.84 29.35
C SER A 169 -41.45 28.10 28.68
N ASN A 170 -41.45 27.94 27.36
CA ASN A 170 -42.68 27.89 26.59
C ASN A 170 -43.42 26.61 26.98
N ILE A 171 -44.74 26.71 27.17
CA ILE A 171 -45.52 25.56 27.60
C ILE A 171 -46.27 24.91 26.45
N PHE A 172 -46.30 25.59 25.31
CA PHE A 172 -46.91 25.02 24.12
C PHE A 172 -45.97 24.08 23.38
N ASP A 173 -44.69 24.11 23.76
CA ASP A 173 -43.71 23.20 23.17
C ASP A 173 -43.61 21.90 23.98
N ASP A 174 -44.55 20.99 23.72
CA ASP A 174 -44.54 19.68 24.37
C ASP A 174 -43.60 18.74 23.62
N SER A 175 -42.33 18.77 24.00
CA SER A 175 -41.32 17.94 23.36
C SER A 175 -40.31 17.54 24.42
N SER A 176 -39.39 16.63 24.07
CA SER A 176 -38.45 16.09 25.04
C SER A 176 -37.62 17.21 25.64
N THR A 177 -37.48 17.18 26.96
CA THR A 177 -36.73 18.19 27.70
C THR A 177 -35.25 17.99 27.45
N PRO A 178 -34.52 19.09 27.24
CA PRO A 178 -33.10 19.04 26.86
C PRO A 178 -32.24 18.31 27.89
N TYR A 179 -32.61 18.42 29.17
CA TYR A 179 -31.83 17.87 30.26
C TYR A 179 -32.65 17.80 31.54
N ASN A 180 -32.01 17.44 32.65
CA ASN A 180 -32.70 17.54 33.93
C ASN A 180 -31.76 17.93 35.06
N VAL A 181 -32.26 18.80 35.91
CA VAL A 181 -31.50 19.26 37.05
C VAL A 181 -31.52 18.12 38.06
N ARG A 182 -30.55 18.10 38.96
CA ARG A 182 -30.46 17.07 39.97
C ARG A 182 -29.94 17.70 41.24
N ILE A 183 -30.82 17.88 42.21
CA ILE A 183 -30.40 18.37 43.52
C ILE A 183 -29.61 17.30 44.26
N TRP A 184 -28.54 17.70 44.92
CA TRP A 184 -27.67 16.76 45.62
C TRP A 184 -27.70 17.03 47.12
N HIS A 185 -27.38 16.01 47.92
CA HIS A 185 -27.50 16.18 49.36
C HIS A 185 -26.56 17.24 49.99
N ALA A 186 -25.34 17.38 49.47
CA ALA A 186 -24.39 18.37 50.00
C ALA A 186 -24.32 18.22 51.55
N PRO A 187 -24.47 19.28 52.37
CA PRO A 187 -24.50 20.74 52.51
C PRO A 187 -23.14 21.39 52.82
N THR A 188 -22.25 20.64 53.43
CA THR A 188 -20.89 21.12 53.70
C THR A 188 -20.15 21.29 52.39
N MET A 189 -19.15 22.16 52.37
CA MET A 189 -18.37 22.34 51.15
C MET A 189 -17.71 21.02 50.75
N THR A 190 -17.30 20.24 51.75
CA THR A 190 -16.58 19.01 51.48
C THR A 190 -17.41 18.01 50.70
N GLU A 191 -18.69 17.92 51.05
CA GLU A 191 -19.57 16.96 50.40
C GLU A 191 -19.73 17.36 48.94
N VAL A 192 -19.72 18.68 48.71
CA VAL A 192 -19.82 19.22 47.37
C VAL A 192 -18.59 18.84 46.56
N ASN A 193 -17.42 18.98 47.18
CA ASN A 193 -16.19 18.65 46.49
C ASN A 193 -16.28 17.22 46.03
N HIS A 194 -16.66 16.34 46.96
CA HIS A 194 -16.65 14.91 46.71
C HIS A 194 -17.58 14.58 45.56
N ILE A 195 -18.75 15.19 45.59
CA ILE A 195 -19.73 14.93 44.54
C ILE A 195 -19.17 15.35 43.19
N LEU A 196 -18.56 16.53 43.14
CA LEU A 196 -18.03 17.03 41.87
C LEU A 196 -16.86 16.19 41.35
N ALA A 197 -16.09 15.62 42.27
CA ALA A 197 -15.01 14.72 41.89
C ALA A 197 -15.60 13.45 41.28
N LEU A 198 -16.71 13.01 41.86
CA LEU A 198 -17.37 11.80 41.39
C LEU A 198 -18.15 12.04 40.11
N MET A 199 -18.36 13.31 39.77
CA MET A 199 -19.12 13.66 38.58
C MET A 199 -18.29 13.56 37.32
N ARG A 200 -16.97 13.54 37.49
CA ARG A 200 -16.09 13.33 36.35
C ARG A 200 -16.33 11.93 35.80
N LYS A 201 -16.77 11.04 36.67
CA LYS A 201 -17.10 9.68 36.29
C LYS A 201 -18.42 9.54 35.53
N SER A 202 -19.27 10.58 35.55
CA SER A 202 -20.55 10.51 34.84
C SER A 202 -20.39 10.91 33.37
N THR A 203 -21.48 11.01 32.63
CA THR A 203 -21.36 11.20 31.18
C THR A 203 -21.50 12.65 30.71
N LEU A 204 -22.74 13.14 30.60
CA LEU A 204 -22.96 14.51 30.16
C LEU A 204 -23.52 15.32 31.33
N VAL A 205 -22.62 16.02 32.03
CA VAL A 205 -23.00 16.68 33.28
C VAL A 205 -22.23 17.98 33.52
N SER A 206 -22.94 19.01 34.00
CA SER A 206 -22.38 20.34 34.20
C SER A 206 -23.07 21.13 35.31
N THR A 207 -22.40 22.15 35.83
CA THR A 207 -22.88 22.94 36.97
C THR A 207 -22.50 24.41 36.87
N HIS A 208 -23.32 25.26 37.47
CA HIS A 208 -23.01 26.67 37.61
C HIS A 208 -22.01 26.83 38.72
N SER A 209 -21.32 27.96 38.75
CA SER A 209 -20.30 28.21 39.76
C SER A 209 -20.88 28.19 41.18
N SER A 210 -22.16 28.49 41.30
CA SER A 210 -22.88 28.48 42.57
C SER A 210 -24.33 28.15 42.30
N TRP A 211 -25.07 27.84 43.36
CA TRP A 211 -26.38 27.24 43.17
C TRP A 211 -27.50 27.91 43.96
N HIS A 212 -28.70 27.82 43.42
CA HIS A 212 -29.89 28.38 44.06
C HIS A 212 -30.21 27.59 45.31
N TRP A 213 -30.81 28.27 46.29
CA TRP A 213 -31.09 27.67 47.60
C TRP A 213 -29.81 27.23 48.32
N ASN A 214 -28.66 27.59 47.77
CA ASN A 214 -27.38 27.13 48.29
C ASN A 214 -27.35 25.61 48.36
N VAL A 215 -28.09 24.96 47.47
CA VAL A 215 -28.03 23.51 47.37
C VAL A 215 -27.36 23.12 46.08
N LEU A 216 -26.28 22.34 46.16
CA LEU A 216 -25.58 21.94 44.94
C LEU A 216 -26.51 21.16 44.04
N HIS A 217 -26.56 21.54 42.77
CA HIS A 217 -27.40 20.84 41.80
C HIS A 217 -26.73 20.83 40.43
N THR A 218 -26.83 19.69 39.76
CA THR A 218 -26.14 19.52 38.47
C THR A 218 -27.10 19.24 37.33
N PHE A 219 -26.78 19.75 36.15
CA PHE A 219 -27.58 19.45 34.96
C PHE A 219 -27.07 18.20 34.27
N HIS A 220 -28.00 17.37 33.81
CA HIS A 220 -27.67 16.13 33.11
C HIS A 220 -28.38 16.11 31.77
N TYR A 221 -27.62 15.99 30.70
CA TYR A 221 -28.18 16.17 29.36
C TYR A 221 -28.53 14.88 28.65
N ARG A 222 -29.59 14.92 27.85
CA ARG A 222 -29.94 13.79 27.01
C ARG A 222 -28.91 13.52 25.90
N SER A 223 -28.28 14.58 25.40
CA SER A 223 -27.29 14.47 24.34
C SER A 223 -26.39 15.70 24.28
N GLU A 224 -25.25 15.58 23.60
CA GLU A 224 -24.25 16.63 23.58
C GLU A 224 -24.75 17.90 22.89
N SER A 225 -25.74 17.75 22.00
CA SER A 225 -26.28 18.90 21.29
C SER A 225 -27.04 19.77 22.26
N ASP A 226 -27.85 19.12 23.09
CA ASP A 226 -28.67 19.81 24.07
C ASP A 226 -27.75 20.54 25.05
N MET A 227 -26.65 19.88 25.36
CA MET A 227 -25.66 20.40 26.29
C MET A 227 -24.98 21.63 25.71
N ILE A 228 -24.63 21.54 24.44
CA ILE A 228 -23.97 22.62 23.73
C ILE A 228 -24.91 23.83 23.68
N ASP A 229 -26.21 23.59 23.49
CA ASP A 229 -27.14 24.70 23.44
C ASP A 229 -27.23 25.40 24.80
N HIS A 230 -27.24 24.59 25.87
CA HIS A 230 -27.32 25.16 27.23
C HIS A 230 -26.06 25.97 27.56
N PHE A 231 -24.91 25.42 27.20
CA PHE A 231 -23.64 26.09 27.39
C PHE A 231 -23.59 27.39 26.64
N ALA A 232 -24.01 27.38 25.37
CA ALA A 232 -23.92 28.60 24.57
C ALA A 232 -24.82 29.67 25.15
N ALA A 233 -25.98 29.24 25.66
CA ALA A 233 -26.95 30.17 26.20
C ALA A 233 -26.35 30.86 27.41
N LYS A 234 -25.83 30.03 28.31
CA LYS A 234 -25.29 30.56 29.54
C LYS A 234 -24.01 31.36 29.33
N ILE A 235 -23.29 31.05 28.26
CA ILE A 235 -22.10 31.81 27.89
C ILE A 235 -22.50 33.19 27.45
N LEU A 236 -23.58 33.27 26.66
CA LEU A 236 -24.10 34.57 26.26
C LEU A 236 -24.60 35.38 27.45
N GLU A 237 -25.19 34.70 28.44
CA GLU A 237 -25.62 35.39 29.65
C GLU A 237 -24.47 35.92 30.52
N ASP A 238 -23.41 35.11 30.68
CA ASP A 238 -22.24 35.59 31.42
C ASP A 238 -21.54 36.70 30.67
N TRP A 239 -21.56 36.64 29.35
CA TRP A 239 -20.86 37.64 28.56
C TRP A 239 -21.60 38.94 28.70
N ARG A 240 -22.91 38.87 28.55
CA ARG A 240 -23.76 40.03 28.62
C ARG A 240 -23.70 40.64 30.02
N GLN A 241 -23.49 39.80 31.04
CA GLN A 241 -23.45 40.28 32.42
C GLN A 241 -22.11 40.94 32.79
N LYS A 242 -21.02 40.27 32.44
CA LYS A 242 -19.68 40.80 32.67
C LYS A 242 -19.45 42.07 31.82
N GLU A 243 -20.19 42.18 30.73
CA GLU A 243 -20.14 43.40 29.92
C GLU A 243 -20.58 44.59 30.73
N LYS A 244 -21.57 44.39 31.62
CA LYS A 244 -22.06 45.50 32.43
C LYS A 244 -21.40 45.56 33.80
N LEU A 245 -20.69 44.51 34.16
CA LEU A 245 -19.87 44.54 35.38
C LEU A 245 -18.61 45.36 35.12
N ASP A 246 -18.06 45.19 33.93
CA ASP A 246 -16.87 45.92 33.51
C ASP A 246 -17.18 47.42 33.35
N LYS A 247 -18.43 47.73 33.05
CA LYS A 247 -18.87 49.11 32.88
C LYS A 247 -19.20 49.74 34.23
N GLY A 248 -19.06 48.95 35.29
CA GLY A 248 -19.20 49.44 36.65
C GLY A 248 -20.60 49.42 37.24
N ALA A 249 -21.57 48.93 36.47
CA ALA A 249 -22.96 48.89 36.92
C ALA A 249 -23.15 47.93 38.10
N LEU A 250 -24.06 48.30 39.01
CA LEU A 250 -24.52 47.38 40.04
C LEU A 250 -25.32 46.28 39.35
N VAL A 251 -25.08 45.03 39.71
CA VAL A 251 -25.78 43.91 39.07
C VAL A 251 -26.47 43.01 40.09
N GLU A 252 -27.77 42.80 39.88
CA GLU A 252 -28.58 42.04 40.83
C GLU A 252 -28.55 40.54 40.51
N ALA A 253 -27.56 40.11 39.75
CA ALA A 253 -27.48 38.73 39.28
C ALA A 253 -27.38 37.70 40.41
N ASP A 254 -27.94 36.51 40.16
CA ASP A 254 -27.92 35.41 41.12
C ASP A 254 -26.51 34.89 41.41
N ARG A 255 -25.62 34.98 40.43
CA ARG A 255 -24.26 34.48 40.58
C ARG A 255 -23.27 35.24 39.71
N VAL A 256 -22.04 35.35 40.19
CA VAL A 256 -21.02 36.15 39.55
C VAL A 256 -20.61 35.64 38.17
N ILE A 257 -20.62 34.32 37.99
CA ILE A 257 -20.22 33.71 36.72
C ILE A 257 -21.36 32.86 36.21
N GLN A 258 -21.99 33.28 35.11
CA GLN A 258 -23.13 32.53 34.64
C GLN A 258 -22.81 31.40 33.68
N ARG A 259 -21.53 31.19 33.41
CA ARG A 259 -21.08 30.07 32.58
C ARG A 259 -21.16 28.73 33.31
N LEU A 260 -21.52 27.69 32.57
CA LEU A 260 -21.50 26.32 33.09
C LEU A 260 -20.07 25.76 33.15
N ILE A 261 -19.86 24.79 34.05
CA ILE A 261 -18.59 24.07 34.09
C ILE A 261 -18.81 22.62 33.69
N PRO A 262 -18.20 22.20 32.58
CA PRO A 262 -18.47 20.83 32.13
C PRO A 262 -17.73 19.80 32.96
N LEU A 263 -18.41 19.23 33.97
CA LEU A 263 -17.84 18.17 34.78
C LEU A 263 -17.58 16.92 33.95
N SER A 264 -18.38 16.72 32.90
CA SER A 264 -18.12 15.64 31.95
C SER A 264 -18.87 15.86 30.64
N SER A 265 -18.15 15.76 29.52
CA SER A 265 -18.65 16.30 28.25
C SER A 265 -17.90 15.90 26.99
N SER A 266 -18.51 16.21 25.86
CA SER A 266 -17.86 16.09 24.55
C SER A 266 -16.87 17.24 24.36
N THR A 267 -15.97 17.08 23.40
CA THR A 267 -14.95 18.09 23.12
C THR A 267 -15.50 19.46 22.69
N TYR A 268 -16.63 19.46 21.96
CA TYR A 268 -17.17 20.73 21.47
C TYR A 268 -17.56 21.61 22.64
N VAL A 269 -18.14 21.01 23.67
CA VAL A 269 -18.49 21.76 24.85
C VAL A 269 -17.26 22.27 25.59
N GLN A 270 -16.16 21.50 25.53
CA GLN A 270 -14.93 21.94 26.19
C GLN A 270 -14.40 23.16 25.47
N ARG A 271 -14.46 23.16 24.16
CA ARG A 271 -13.99 24.32 23.41
C ARG A 271 -14.92 25.51 23.57
N LEU A 272 -16.20 25.24 23.83
CA LEU A 272 -17.15 26.32 24.14
C LEU A 272 -16.81 26.97 25.47
N ALA A 273 -16.61 26.14 26.48
CA ALA A 273 -16.32 26.62 27.82
C ALA A 273 -15.00 27.35 27.81
N ALA A 274 -14.09 26.88 26.96
CA ALA A 274 -12.79 27.51 26.81
C ALA A 274 -12.95 28.90 26.22
N ILE A 275 -13.70 29.01 25.13
CA ILE A 275 -13.81 30.32 24.50
C ILE A 275 -14.63 31.25 25.37
N GLY A 276 -15.44 30.68 26.25
CA GLY A 276 -16.39 31.46 27.00
C GLY A 276 -15.75 32.38 28.01
N ALA A 277 -14.66 31.92 28.64
CA ALA A 277 -14.00 32.72 29.68
C ALA A 277 -12.97 33.68 29.12
N LEU A 278 -12.72 33.60 27.81
CA LEU A 278 -11.87 34.55 27.12
C LEU A 278 -12.55 35.92 27.01
N TYR A 279 -13.88 35.92 27.03
CA TYR A 279 -14.70 37.11 26.77
C TYR A 279 -14.28 37.88 25.50
N PRO A 280 -14.20 37.18 24.35
CA PRO A 280 -13.82 37.78 23.05
C PRO A 280 -14.74 38.88 22.53
N ASN A 281 -16.04 38.80 22.81
CA ASN A 281 -17.01 39.69 22.19
C ASN A 281 -16.93 41.15 22.62
N GLU A 282 -17.10 42.05 21.66
CA GLU A 282 -17.27 43.46 21.93
C GLU A 282 -18.69 43.67 22.44
N PHE A 283 -18.90 44.72 23.21
CA PHE A 283 -20.24 45.05 23.70
C PHE A 283 -21.17 45.32 22.52
N THR A 284 -22.37 44.75 22.58
CA THR A 284 -23.32 44.87 21.47
C THR A 284 -24.76 45.01 21.97
N GLU A 285 -25.50 45.91 21.34
CA GLU A 285 -26.88 46.16 21.73
C GLU A 285 -27.89 45.57 20.74
N ASN A 286 -27.40 45.05 19.62
CA ASN A 286 -28.26 44.41 18.62
C ASN A 286 -28.90 43.12 19.10
N VAL A 287 -30.13 42.86 18.67
CA VAL A 287 -30.80 41.60 18.97
C VAL A 287 -30.11 40.44 18.23
N LEU A 288 -29.92 39.33 18.93
CA LEU A 288 -29.27 38.16 18.35
C LEU A 288 -30.27 37.10 17.93
N ASP A 289 -29.97 36.33 16.88
CA ASP A 289 -30.78 35.15 16.58
C ASP A 289 -30.27 33.98 17.43
N LEU A 290 -30.92 33.79 18.58
CA LEU A 290 -30.49 32.82 19.57
C LEU A 290 -30.56 31.40 19.03
N SER A 291 -31.44 31.19 18.05
CA SER A 291 -31.71 29.86 17.53
C SER A 291 -30.46 29.19 16.97
N ARG A 292 -29.52 30.00 16.47
CA ARG A 292 -28.29 29.47 15.90
C ARG A 292 -27.07 29.70 16.77
N LEU A 293 -27.29 30.16 18.01
CA LEU A 293 -26.22 30.66 18.88
C LEU A 293 -25.03 29.71 18.96
N SER A 294 -25.34 28.43 19.17
CA SER A 294 -24.31 27.41 19.35
C SER A 294 -23.35 27.45 18.19
N THR A 295 -23.92 27.41 16.99
CA THR A 295 -23.13 27.39 15.76
C THR A 295 -22.21 28.58 15.79
N ALA A 296 -22.78 29.75 16.07
CA ALA A 296 -22.03 30.99 16.07
C ALA A 296 -20.86 30.86 17.03
N LEU A 297 -21.18 30.45 18.26
CA LEU A 297 -20.16 30.42 19.29
C LEU A 297 -19.09 29.40 18.97
N LEU A 298 -19.47 28.36 18.23
CA LEU A 298 -18.47 27.35 17.87
C LEU A 298 -17.56 27.93 16.81
N GLN A 299 -18.16 28.58 15.81
CA GLN A 299 -17.37 29.12 14.72
C GLN A 299 -16.42 30.18 15.23
N LEU A 300 -16.92 30.99 16.17
CA LEU A 300 -16.11 32.03 16.79
C LEU A 300 -14.88 31.35 17.41
N SER A 301 -15.13 30.28 18.15
CA SER A 301 -14.04 29.59 18.83
C SER A 301 -13.05 29.14 17.78
N ASP A 302 -13.58 28.58 16.70
CA ASP A 302 -12.73 27.99 15.67
C ASP A 302 -11.86 29.06 15.05
N THR A 303 -12.35 30.31 15.01
CA THR A 303 -11.54 31.37 14.43
C THR A 303 -10.66 32.03 15.47
N TYR A 304 -11.11 32.04 16.73
CA TYR A 304 -10.37 32.72 17.77
C TYR A 304 -9.03 32.03 17.91
N TYR A 305 -9.08 30.71 18.00
CA TYR A 305 -7.89 29.89 18.04
C TYR A 305 -7.13 30.00 16.73
N GLN A 306 -7.87 30.18 15.64
CA GLN A 306 -7.28 30.20 14.30
C GLN A 306 -6.38 31.41 14.01
N HIS A 307 -6.70 32.55 14.60
CA HIS A 307 -5.83 33.71 14.44
C HIS A 307 -5.57 34.41 15.77
N ALA A 308 -4.93 33.66 16.67
CA ALA A 308 -4.45 34.20 17.93
C ALA A 308 -2.97 33.91 18.04
N ASN A 309 -2.23 34.82 18.66
CA ASN A 309 -0.80 34.68 18.84
C ASN A 309 -0.52 33.49 19.73
N ASP A 310 0.66 32.91 19.60
CA ASP A 310 0.93 31.57 20.12
C ASP A 310 0.63 31.42 21.62
N GLN A 311 0.87 32.47 22.40
CA GLN A 311 0.65 32.36 23.83
C GLN A 311 -0.85 32.30 24.17
N LEU A 312 -1.65 33.10 23.48
CA LEU A 312 -3.11 33.09 23.68
C LEU A 312 -3.70 31.78 23.23
N ARG A 313 -3.09 31.20 22.20
CA ARG A 313 -3.48 29.90 21.69
C ARG A 313 -3.27 28.87 22.79
N ARG A 314 -2.08 28.87 23.39
CA ARG A 314 -1.80 27.90 24.43
C ARG A 314 -2.69 28.10 25.66
N LEU A 315 -3.04 29.36 25.93
CA LEU A 315 -3.94 29.65 27.05
C LEU A 315 -5.30 29.03 26.77
N TYR A 316 -5.71 29.11 25.51
CA TYR A 316 -6.98 28.55 25.08
C TYR A 316 -6.95 27.04 25.26
N ARG A 317 -5.83 26.42 24.90
CA ARG A 317 -5.68 24.97 25.04
C ARG A 317 -5.72 24.55 26.50
N ARG A 318 -5.15 25.38 27.36
CA ARG A 318 -5.09 25.04 28.77
C ARG A 318 -6.49 25.02 29.30
N MET A 319 -7.27 26.04 28.95
CA MET A 319 -8.65 26.10 29.42
C MET A 319 -9.44 24.95 28.83
N TYR A 320 -9.08 24.57 27.62
CA TYR A 320 -9.76 23.49 26.91
C TYR A 320 -9.52 22.10 27.56
N ASN A 321 -8.32 21.88 28.08
CA ASN A 321 -8.05 20.60 28.77
C ASN A 321 -8.52 20.60 30.21
N ASP A 322 -8.24 21.68 30.94
CA ASP A 322 -8.68 21.78 32.33
C ASP A 322 -10.09 22.32 32.40
N SER A 323 -11.01 21.70 31.67
CA SER A 323 -12.38 22.21 31.54
C SER A 323 -13.17 22.16 32.86
N ARG A 324 -12.79 21.25 33.75
CA ARG A 324 -13.43 21.14 35.06
C ARG A 324 -13.17 22.38 35.91
N THR A 325 -12.06 23.06 35.66
CA THR A 325 -11.77 24.34 36.31
C THR A 325 -12.64 25.48 35.77
N LEU A 326 -13.01 26.42 36.66
CA LEU A 326 -13.70 27.63 36.26
C LEU A 326 -12.73 28.79 36.14
N TYR A 327 -12.35 29.12 34.91
CA TYR A 327 -11.54 30.29 34.69
C TYR A 327 -12.31 31.58 34.96
N MET A 328 -11.67 32.54 35.64
CA MET A 328 -12.34 33.77 36.01
C MET A 328 -11.34 34.92 36.24
N THR A 329 -11.81 36.15 35.98
CA THR A 329 -11.00 37.35 36.15
C THR A 329 -10.80 37.67 37.62
N GLN A 330 -9.76 38.44 37.93
CA GLN A 330 -9.44 38.75 39.31
C GLN A 330 -10.61 39.46 40.01
N ARG A 331 -11.31 40.32 39.26
CA ARG A 331 -12.43 41.07 39.85
C ARG A 331 -13.61 40.16 40.22
N HIS A 332 -13.79 39.10 39.43
CA HIS A 332 -14.82 38.10 39.72
C HIS A 332 -14.48 37.48 41.07
N GLN A 333 -13.23 37.08 41.23
CA GLN A 333 -12.82 36.37 42.43
C GLN A 333 -12.89 37.28 43.62
N GLU A 334 -12.68 38.57 43.38
CA GLU A 334 -12.83 39.55 44.45
C GLU A 334 -14.28 39.56 44.92
N LEU A 335 -15.20 39.52 43.96
CA LEU A 335 -16.63 39.47 44.28
C LEU A 335 -17.01 38.21 45.04
N LEU A 336 -16.41 37.09 44.66
CA LEU A 336 -16.65 35.83 45.35
C LEU A 336 -16.15 35.90 46.78
N LEU A 337 -15.02 36.57 46.98
CA LEU A 337 -14.47 36.72 48.31
C LEU A 337 -15.45 37.50 49.16
N ALA A 338 -16.06 38.52 48.56
CA ALA A 338 -16.99 39.36 49.29
C ALA A 338 -18.23 38.58 49.69
N GLN A 339 -18.82 37.89 48.73
CA GLN A 339 -20.05 37.14 48.98
C GLN A 339 -19.84 35.93 49.89
N ILE A 340 -18.60 35.43 49.96
CA ILE A 340 -18.26 34.40 50.96
C ILE A 340 -18.16 35.02 52.34
N THR A 341 -17.51 36.17 52.44
CA THR A 341 -17.35 36.82 53.74
C THR A 341 -18.72 37.22 54.31
N ALA A 342 -19.65 37.61 53.44
CA ALA A 342 -20.99 37.93 53.90
C ALA A 342 -21.75 36.69 54.40
N ASP A 343 -21.61 35.60 53.66
CA ASP A 343 -22.32 34.35 53.93
C ASP A 343 -21.37 33.17 53.92
N PRO A 344 -20.71 32.91 55.06
CA PRO A 344 -19.61 31.93 55.15
C PRO A 344 -20.05 30.54 54.70
N ASN A 345 -21.32 30.22 54.91
CA ASN A 345 -21.89 28.93 54.54
C ASN A 345 -22.23 28.76 53.06
N ILE A 346 -22.02 29.79 52.27
CA ILE A 346 -22.29 29.68 50.84
C ILE A 346 -21.38 28.66 50.16
N LEU A 347 -21.94 27.93 49.21
CA LEU A 347 -21.17 26.97 48.45
C LEU A 347 -20.83 27.57 47.10
N LEU A 348 -19.55 27.53 46.76
CA LEU A 348 -19.09 27.97 45.45
C LEU A 348 -18.28 26.85 44.82
N TYR A 349 -18.25 26.79 43.50
CA TYR A 349 -17.42 25.80 42.81
C TYR A 349 -15.98 26.04 43.18
N PRO A 350 -15.26 24.98 43.52
CA PRO A 350 -13.97 25.10 44.22
C PRO A 350 -12.76 25.12 43.30
N TYR A 351 -12.80 24.36 42.21
CA TYR A 351 -11.70 24.30 41.26
C TYR A 351 -11.76 25.49 40.31
N THR A 352 -11.03 26.55 40.62
CA THR A 352 -11.04 27.76 39.81
C THR A 352 -9.62 28.26 39.57
N TYR A 353 -9.45 29.04 38.51
CA TYR A 353 -8.13 29.59 38.16
C TYR A 353 -8.27 31.06 37.83
N ILE A 354 -7.61 31.89 38.62
CA ILE A 354 -7.73 33.33 38.48
C ILE A 354 -6.75 33.80 37.43
N PHE A 355 -7.18 34.70 36.55
CA PHE A 355 -6.26 35.31 35.61
C PHE A 355 -5.48 36.41 36.30
N THR A 356 -4.17 36.22 36.44
CA THR A 356 -3.29 37.26 36.95
C THR A 356 -3.30 38.42 35.97
N THR A 357 -3.51 38.07 34.70
CA THR A 357 -3.62 39.06 33.64
C THR A 357 -4.67 38.60 32.62
N ILE A 358 -5.58 39.51 32.30
CA ILE A 358 -6.61 39.24 31.30
C ILE A 358 -5.97 39.18 29.92
N PRO A 359 -6.40 38.23 29.07
CA PRO A 359 -5.86 38.17 27.71
C PRO A 359 -6.21 39.42 26.90
N THR A 360 -5.30 39.83 26.02
CA THR A 360 -5.44 41.10 25.32
C THR A 360 -5.80 40.92 23.84
N SER A 361 -6.71 40.00 23.57
CA SER A 361 -7.13 39.70 22.20
C SER A 361 -7.98 40.81 21.61
N MET A 362 -7.95 40.92 20.29
CA MET A 362 -8.80 41.87 19.58
C MET A 362 -10.28 41.52 19.82
N ASN A 363 -11.09 42.52 20.15
CA ASN A 363 -12.53 42.31 20.27
C ASN A 363 -13.20 42.00 18.94
N TYR A 364 -14.15 41.08 18.95
CA TYR A 364 -14.82 40.67 17.73
C TYR A 364 -16.20 41.33 17.63
N ILE A 365 -16.47 41.95 16.49
CA ILE A 365 -17.82 42.35 16.17
C ILE A 365 -18.56 41.03 16.00
N SER A 366 -19.81 40.99 16.44
CA SER A 366 -20.54 39.74 16.41
C SER A 366 -22.05 39.93 16.33
N ASN A 367 -22.50 40.84 15.47
CA ASN A 367 -23.94 40.95 15.21
C ASN A 367 -24.43 39.77 14.38
N THR A 368 -25.48 39.11 14.85
CA THR A 368 -26.01 37.95 14.13
C THR A 368 -27.45 38.19 13.65
N GLY A 369 -27.87 39.45 13.65
CA GLY A 369 -29.14 39.84 13.07
C GLY A 369 -29.02 40.08 11.58
N GLN A 370 -30.12 40.49 10.94
CA GLN A 370 -30.12 40.74 9.49
C GLN A 370 -29.52 42.09 9.07
N GLY A 371 -29.00 42.13 7.84
CA GLY A 371 -28.41 43.34 7.29
C GLY A 371 -26.99 43.15 6.76
N ARG A 372 -26.80 43.49 5.49
CA ARG A 372 -25.46 43.53 4.92
C ARG A 372 -24.67 44.64 5.57
N ILE A 373 -23.41 44.38 5.89
CA ILE A 373 -22.50 45.46 6.28
C ILE A 373 -22.11 46.29 5.07
N LYS A 374 -21.97 47.60 5.26
CA LYS A 374 -21.49 48.48 4.20
C LYS A 374 -20.17 49.11 4.60
N HIS A 375 -19.09 48.33 4.49
CA HIS A 375 -17.76 48.80 4.86
C HIS A 375 -17.37 49.96 3.96
N SER A 376 -16.64 50.91 4.50
CA SER A 376 -15.94 51.88 3.66
C SER A 376 -14.45 51.68 3.88
N LEU A 377 -13.80 50.97 2.95
CA LEU A 377 -12.41 50.57 3.14
C LEU A 377 -11.46 51.76 3.23
N THR A 378 -10.58 51.73 4.22
CA THR A 378 -9.52 52.74 4.31
C THR A 378 -8.37 52.43 3.34
N VAL A 379 -7.72 53.47 2.85
CA VAL A 379 -6.62 53.31 1.89
C VAL A 379 -5.42 52.58 2.49
N THR A 380 -5.17 52.78 3.78
CA THR A 380 -3.96 52.30 4.44
C THR A 380 -4.24 51.78 5.84
N GLY A 381 -3.30 51.02 6.40
CA GLY A 381 -3.46 50.48 7.73
C GLY A 381 -2.17 49.94 8.33
N ALA A 382 -2.27 49.40 9.55
CA ALA A 382 -1.10 48.89 10.25
C ALA A 382 -0.45 47.68 9.57
N THR A 383 -1.26 46.83 8.95
CA THR A 383 -0.74 45.67 8.24
C THR A 383 0.03 46.10 6.99
N GLU A 384 1.18 45.48 6.75
CA GLU A 384 1.95 45.77 5.54
C GLU A 384 1.97 44.55 4.64
N HIS A 385 1.03 44.50 3.70
CA HIS A 385 0.97 43.40 2.74
C HIS A 385 2.16 43.45 1.79
N ASP A 386 2.61 42.28 1.37
CA ASP A 386 3.70 42.16 0.40
C ASP A 386 3.47 40.92 -0.48
N THR A 387 3.24 41.16 -1.76
CA THR A 387 3.02 40.08 -2.75
C THR A 387 1.90 39.11 -2.38
N VAL A 388 0.78 39.65 -1.92
CA VAL A 388 -0.37 38.82 -1.57
C VAL A 388 -0.97 38.12 -2.78
N ALA A 389 -1.31 36.84 -2.60
CA ALA A 389 -1.85 36.02 -3.67
C ALA A 389 -3.23 36.49 -4.12
N ASP A 390 -3.52 36.33 -5.42
CA ASP A 390 -4.80 36.75 -5.96
C ASP A 390 -5.96 36.02 -5.30
N ILE A 391 -7.01 36.76 -4.93
CA ILE A 391 -8.19 36.16 -4.29
C ILE A 391 -9.33 36.01 -5.30
N VAL A 392 -9.58 34.77 -5.72
CA VAL A 392 -10.71 34.51 -6.61
C VAL A 392 -12.02 34.71 -5.87
N LEU A 393 -12.98 35.35 -6.52
CA LEU A 393 -14.34 35.44 -5.98
C LEU A 393 -15.23 34.41 -6.66
N GLY A 394 -15.97 33.65 -5.87
CA GLY A 394 -16.87 32.67 -6.44
C GLY A 394 -18.05 33.34 -7.11
N GLN A 395 -18.69 32.64 -8.04
CA GLN A 395 -19.92 33.13 -8.65
C GLN A 395 -21.08 33.00 -7.65
N THR A 396 -22.00 33.96 -7.69
CA THR A 396 -23.17 33.93 -6.82
C THR A 396 -24.43 33.62 -7.60
N GLY A 397 -25.41 33.02 -6.92
CA GLY A 397 -26.70 32.74 -7.54
C GLY A 397 -27.51 34.00 -7.66
N GLU A 398 -28.54 33.99 -8.49
CA GLU A 398 -29.49 35.09 -8.58
C GLU A 398 -30.27 35.15 -7.26
N ASP A 399 -30.39 34.01 -6.60
CA ASP A 399 -31.09 33.91 -5.32
C ASP A 399 -30.44 34.75 -4.22
N VAL A 400 -29.12 34.83 -4.24
CA VAL A 400 -28.37 35.63 -3.28
C VAL A 400 -28.31 37.09 -3.69
N ILE A 401 -27.99 37.34 -4.95
CA ILE A 401 -27.89 38.71 -5.46
C ILE A 401 -28.04 38.81 -6.98
N THR A 402 -28.82 39.80 -7.42
CA THR A 402 -28.98 40.08 -8.86
C THR A 402 -28.39 41.43 -9.24
N ILE A 403 -27.91 41.54 -10.48
CA ILE A 403 -27.20 42.75 -10.92
C ILE A 403 -27.89 43.43 -12.12
N SER A 404 -28.92 44.22 -11.85
CA SER A 404 -29.65 44.91 -12.90
C SER A 404 -28.87 46.10 -13.44
N MET A 405 -29.10 46.46 -14.70
CA MET A 405 -28.26 47.46 -15.37
C MET A 405 -28.30 48.88 -14.79
N VAL A 406 -29.45 49.33 -14.31
CA VAL A 406 -29.58 50.74 -13.92
C VAL A 406 -30.40 50.91 -12.65
N GLU A 407 -29.88 51.68 -11.70
CA GLU A 407 -30.59 51.93 -10.45
C GLU A 407 -31.80 52.79 -10.74
N PRO A 408 -32.98 52.32 -10.33
CA PRO A 408 -34.22 53.09 -10.51
C PRO A 408 -34.17 54.36 -9.67
N MET A 409 -34.83 55.41 -10.16
CA MET A 409 -34.93 56.67 -9.44
C MET A 409 -35.71 56.53 -8.13
N SER A 410 -35.32 57.32 -7.13
CA SER A 410 -36.09 57.38 -5.88
C SER A 410 -36.43 58.83 -5.48
N ILE A 411 -37.14 59.53 -6.35
CA ILE A 411 -37.51 60.92 -6.12
C ILE A 411 -38.92 61.09 -5.57
N ALA A 412 -39.22 62.31 -5.11
CA ALA A 412 -40.56 62.69 -4.67
C ALA A 412 -41.50 62.76 -5.86
N VAL A 413 -42.79 62.58 -5.60
CA VAL A 413 -43.80 62.55 -6.66
C VAL A 413 -43.78 63.80 -7.53
N GLU A 414 -43.71 64.97 -6.89
CA GLU A 414 -43.72 66.23 -7.64
C GLU A 414 -42.46 66.40 -8.48
N ASP A 415 -41.38 65.77 -8.03
CA ASP A 415 -40.04 66.07 -8.53
C ASP A 415 -39.89 65.82 -10.03
N MET A 416 -40.63 64.84 -10.53
CA MET A 416 -40.51 64.48 -11.94
C MET A 416 -41.18 65.46 -12.88
N TYR A 417 -42.04 66.33 -12.36
CA TYR A 417 -42.73 67.28 -13.24
C TYR A 417 -41.98 68.59 -13.51
N GLY A 418 -40.89 68.82 -12.78
CA GLY A 418 -40.11 70.05 -12.95
C GLY A 418 -39.30 70.11 -14.22
N TYR A 419 -38.98 71.33 -14.66
CA TYR A 419 -38.28 71.56 -15.90
C TYR A 419 -37.35 72.74 -15.72
N VAL A 420 -36.28 72.81 -16.53
CA VAL A 420 -35.43 74.01 -16.53
C VAL A 420 -35.44 74.64 -17.91
N LEU A 421 -35.36 75.97 -17.96
CA LEU A 421 -35.42 76.64 -19.26
C LEU A 421 -34.28 77.62 -19.49
N ASP A 422 -33.60 77.48 -20.63
CA ASP A 422 -32.53 78.41 -21.00
C ASP A 422 -33.05 79.49 -21.93
N THR A 423 -32.90 80.74 -21.51
CA THR A 423 -33.27 81.89 -22.33
C THR A 423 -32.21 82.23 -23.39
N PRO A 424 -32.64 82.77 -24.54
CA PRO A 424 -31.75 83.30 -25.57
C PRO A 424 -30.91 84.49 -25.09
N THR A 425 -29.68 84.60 -25.55
CA THR A 425 -28.76 85.60 -25.04
C THR A 425 -28.29 86.68 -26.04
N ARG A 426 -28.08 86.31 -27.30
CA ARG A 426 -27.50 87.25 -28.27
C ARG A 426 -28.53 88.05 -29.07
N ASP A 427 -28.24 89.34 -29.24
CA ASP A 427 -29.18 90.28 -29.84
C ASP A 427 -29.25 90.29 -31.37
N ILE A 428 -28.33 89.58 -32.02
CA ILE A 428 -28.29 89.54 -33.48
C ILE A 428 -27.68 88.23 -33.97
N TRP A 429 -27.91 87.91 -35.23
CA TRP A 429 -27.41 86.66 -35.80
C TRP A 429 -26.69 86.90 -37.14
N PRO A 430 -25.43 87.36 -37.08
CA PRO A 430 -24.65 87.69 -38.29
C PRO A 430 -24.46 86.48 -39.20
N ALA A 431 -24.50 86.71 -40.51
CA ALA A 431 -24.42 85.64 -41.50
C ALA A 431 -23.06 84.92 -41.46
N ASP A 432 -22.02 85.67 -41.10
CA ASP A 432 -20.68 85.10 -40.96
C ASP A 432 -20.65 84.04 -39.86
N GLU A 433 -21.44 84.29 -38.81
CA GLU A 433 -21.63 83.29 -37.77
C GLU A 433 -22.50 82.14 -38.28
N GLN A 434 -23.46 82.49 -39.14
CA GLN A 434 -24.40 81.50 -39.64
C GLN A 434 -23.72 80.44 -40.50
N ILE A 435 -22.69 80.83 -41.24
CA ILE A 435 -21.98 79.86 -42.06
C ILE A 435 -21.24 78.86 -41.17
N GLU A 436 -20.71 79.35 -40.06
CA GLU A 436 -19.96 78.53 -39.13
C GLU A 436 -20.88 77.54 -38.44
N GLN A 437 -22.00 78.06 -37.95
CA GLN A 437 -22.96 77.21 -37.25
C GLN A 437 -23.62 76.20 -38.17
N LYS A 438 -23.93 76.62 -39.39
CA LYS A 438 -24.53 75.73 -40.38
C LYS A 438 -23.55 74.62 -40.74
N GLY A 439 -22.26 74.96 -40.78
CA GLY A 439 -21.25 73.98 -41.09
C GLY A 439 -21.09 72.97 -39.97
N ASP A 440 -20.97 73.47 -38.73
CA ASP A 440 -20.77 72.60 -37.58
C ASP A 440 -21.97 71.67 -37.38
N ALA A 441 -23.17 72.21 -37.62
CA ALA A 441 -24.38 71.43 -37.49
C ALA A 441 -24.50 70.38 -38.59
N VAL A 442 -24.15 70.74 -39.82
CA VAL A 442 -24.20 69.79 -40.92
C VAL A 442 -23.23 68.65 -40.69
N ALA A 443 -22.01 68.98 -40.29
CA ALA A 443 -21.00 67.96 -40.05
C ALA A 443 -21.40 67.08 -38.88
N LEU A 444 -22.06 67.68 -37.89
CA LEU A 444 -22.50 66.92 -36.72
C LEU A 444 -23.58 65.93 -37.11
N TYR A 445 -24.56 66.39 -37.88
CA TYR A 445 -25.65 65.52 -38.32
C TYR A 445 -25.16 64.40 -39.24
N ASP A 446 -24.14 64.70 -40.03
CA ASP A 446 -23.58 63.70 -40.95
C ASP A 446 -22.75 62.64 -40.23
N THR A 447 -21.89 63.06 -39.30
CA THR A 447 -21.06 62.12 -38.55
C THR A 447 -21.80 61.49 -37.37
N LYS A 448 -23.00 61.97 -37.11
CA LYS A 448 -23.82 61.55 -35.97
C LYS A 448 -23.17 61.87 -34.63
N THR A 449 -23.92 61.68 -33.55
CA THR A 449 -23.44 61.98 -32.20
C THR A 449 -22.64 60.82 -31.61
N SER A 450 -22.07 61.05 -30.42
CA SER A 450 -21.18 60.09 -29.77
C SER A 450 -21.86 58.76 -29.49
N ARG A 451 -21.16 57.67 -29.79
CA ARG A 451 -21.71 56.33 -29.63
C ARG A 451 -21.96 56.02 -28.16
N ALA A 452 -21.05 56.48 -27.31
CA ALA A 452 -21.17 56.24 -25.88
C ALA A 452 -22.37 57.00 -25.36
N LEU A 453 -22.58 58.18 -25.93
CA LEU A 453 -23.65 59.06 -25.48
C LEU A 453 -24.96 58.35 -25.72
N GLY A 454 -25.12 57.82 -26.93
CA GLY A 454 -26.36 57.16 -27.33
C GLY A 454 -26.54 55.84 -26.62
N MET A 455 -25.43 55.18 -26.26
CA MET A 455 -25.52 53.97 -25.46
C MET A 455 -26.10 54.28 -24.09
N PHE A 456 -25.64 55.37 -23.48
CA PHE A 456 -26.19 55.78 -22.20
C PHE A 456 -27.62 56.24 -22.32
N ASN A 457 -27.92 56.92 -23.43
CA ASN A 457 -29.24 57.45 -23.68
C ASN A 457 -30.26 56.33 -23.82
N ASN A 458 -29.82 55.21 -24.39
CA ASN A 458 -30.70 54.08 -24.63
C ASN A 458 -30.75 53.11 -23.47
N THR A 459 -29.67 53.05 -22.70
CA THR A 459 -29.60 52.17 -21.54
C THR A 459 -30.41 52.73 -20.38
N VAL A 460 -30.26 54.03 -20.15
CA VAL A 460 -30.98 54.70 -19.06
C VAL A 460 -32.30 55.32 -19.55
N ARG A 461 -33.25 54.45 -19.86
CA ARG A 461 -34.59 54.87 -20.22
C ARG A 461 -35.31 55.46 -19.01
N ILE A 462 -36.05 56.55 -19.22
CA ILE A 462 -36.76 57.21 -18.13
C ILE A 462 -37.96 56.42 -17.62
N ASP A 463 -38.53 55.59 -18.48
CA ASP A 463 -39.73 54.85 -18.14
C ASP A 463 -39.35 53.87 -17.05
N ASP A 464 -38.27 53.14 -17.29
CA ASP A 464 -37.75 52.18 -16.32
C ASP A 464 -37.23 52.88 -15.07
N LEU A 465 -36.76 54.12 -15.25
CA LEU A 465 -36.28 54.92 -14.14
C LEU A 465 -37.39 55.31 -13.19
N LEU A 466 -38.59 55.49 -13.73
CA LEU A 466 -39.75 55.93 -12.94
C LEU A 466 -40.72 54.80 -12.60
N SER A 467 -40.46 53.61 -13.14
CA SER A 467 -41.35 52.47 -12.91
C SER A 467 -41.62 52.10 -11.46
N PRO A 468 -40.57 51.99 -10.61
CA PRO A 468 -40.85 51.64 -9.21
C PRO A 468 -41.77 52.65 -8.54
N LEU A 469 -41.64 53.92 -8.93
CA LEU A 469 -42.44 54.96 -8.32
C LEU A 469 -43.89 54.88 -8.75
N LEU A 470 -44.12 54.82 -10.06
CA LEU A 470 -45.48 54.84 -10.59
C LEU A 470 -46.24 53.61 -10.16
N SER A 471 -45.54 52.48 -10.08
CA SER A 471 -46.15 51.23 -9.67
C SER A 471 -46.58 51.26 -8.19
N LEU A 472 -45.78 51.91 -7.35
CA LEU A 472 -46.15 52.10 -5.95
C LEU A 472 -47.38 52.99 -5.75
N VAL A 473 -47.50 54.04 -6.58
CA VAL A 473 -48.69 54.89 -6.55
C VAL A 473 -49.90 54.09 -7.00
N TYR A 474 -49.65 53.15 -7.89
CA TYR A 474 -50.69 52.26 -8.35
C TYR A 474 -51.08 51.30 -7.24
N ARG A 475 -50.09 50.67 -6.63
CA ARG A 475 -50.34 49.66 -5.61
C ARG A 475 -50.99 50.18 -4.33
N THR A 476 -50.64 51.39 -3.90
CA THR A 476 -51.31 51.94 -2.72
C THR A 476 -52.74 52.32 -3.04
N TYR A 477 -53.03 52.56 -4.32
CA TYR A 477 -54.38 52.91 -4.72
C TYR A 477 -55.32 51.72 -4.69
N ILE A 478 -54.89 50.61 -5.27
CA ILE A 478 -55.72 49.42 -5.38
C ILE A 478 -56.01 48.76 -4.03
N LYS A 479 -55.11 48.93 -3.07
CA LYS A 479 -55.38 48.41 -1.73
C LYS A 479 -56.03 49.47 -0.85
N GLY A 480 -56.33 50.62 -1.46
CA GLY A 480 -57.17 51.61 -0.84
C GLY A 480 -56.46 52.52 0.14
N ASP A 481 -55.13 52.39 0.24
CA ASP A 481 -54.35 53.20 1.17
C ASP A 481 -54.40 54.70 0.86
N THR A 482 -54.45 55.05 -0.42
CA THR A 482 -54.64 56.44 -0.82
C THR A 482 -56.11 56.83 -0.73
N MET A 483 -56.37 58.10 -0.48
CA MET A 483 -57.76 58.59 -0.38
C MET A 483 -57.90 60.10 -0.42
N THR A 484 -56.82 60.83 -0.15
CA THR A 484 -56.89 62.28 -0.09
C THR A 484 -55.79 62.96 -0.90
N MET A 485 -56.20 63.78 -1.85
CA MET A 485 -55.29 64.59 -2.66
C MET A 485 -56.09 65.70 -3.34
N THR A 486 -55.44 66.82 -3.60
CA THR A 486 -56.12 67.91 -4.29
C THR A 486 -56.37 67.52 -5.74
N GLN A 487 -57.51 67.94 -6.29
CA GLN A 487 -57.74 67.82 -7.71
C GLN A 487 -56.84 68.82 -8.44
N GLY A 488 -56.26 68.40 -9.55
CA GLY A 488 -55.38 69.24 -10.34
C GLY A 488 -53.94 69.26 -9.80
N SER A 489 -53.73 68.57 -8.69
CA SER A 489 -52.42 68.47 -8.05
C SER A 489 -51.56 67.47 -8.79
N LEU A 490 -50.25 67.59 -8.63
CA LEU A 490 -49.33 66.65 -9.25
C LEU A 490 -49.56 65.21 -8.77
N ASP A 491 -49.94 65.02 -7.52
CA ASP A 491 -50.27 63.68 -7.02
C ASP A 491 -51.53 63.12 -7.69
N HIS A 492 -52.44 64.02 -8.04
CA HIS A 492 -53.63 63.64 -8.79
C HIS A 492 -53.25 63.12 -10.16
N LEU A 493 -52.40 63.90 -10.85
CA LEU A 493 -51.97 63.58 -12.20
C LEU A 493 -51.21 62.26 -12.20
N THR A 494 -50.32 62.11 -11.23
CA THR A 494 -49.52 60.90 -11.18
C THR A 494 -50.41 59.69 -10.86
N LEU A 495 -51.47 59.90 -10.07
CA LEU A 495 -52.42 58.82 -9.84
C LEU A 495 -53.12 58.47 -11.14
N CYS A 496 -53.36 59.47 -11.97
CA CYS A 496 -53.99 59.25 -13.27
C CYS A 496 -53.08 58.51 -14.22
N ALA A 497 -51.77 58.69 -14.05
CA ALA A 497 -50.79 57.99 -14.88
C ALA A 497 -50.49 56.59 -14.35
N ALA A 498 -50.90 56.35 -13.12
CA ALA A 498 -50.61 55.05 -12.48
C ALA A 498 -51.67 54.00 -12.80
N VAL A 499 -52.90 54.46 -12.99
CA VAL A 499 -54.06 53.57 -13.02
C VAL A 499 -54.93 53.83 -14.24
N ASP A 500 -55.25 52.78 -14.98
CA ASP A 500 -56.16 52.91 -16.12
C ASP A 500 -57.61 52.78 -15.68
N SER A 501 -58.14 53.83 -15.06
CA SER A 501 -59.57 53.96 -14.75
C SER A 501 -59.87 55.42 -14.45
N ASP A 502 -61.13 55.81 -14.59
CA ASP A 502 -61.55 57.17 -14.22
C ASP A 502 -61.39 57.34 -12.72
N ILE A 503 -60.93 58.51 -12.30
CA ILE A 503 -60.71 58.77 -10.88
C ILE A 503 -61.58 59.92 -10.39
N THR A 504 -62.80 59.57 -9.98
CA THR A 504 -63.76 60.54 -9.47
C THR A 504 -63.42 61.00 -8.05
N PHE A 505 -63.73 62.25 -7.74
CA PHE A 505 -63.65 62.75 -6.37
C PHE A 505 -65.05 62.90 -5.78
N VAL A 506 -65.19 62.51 -4.50
CA VAL A 506 -66.37 62.88 -3.74
C VAL A 506 -66.02 64.00 -2.78
N GLY A 507 -66.39 65.22 -3.15
CA GLY A 507 -65.94 66.40 -2.43
C GLY A 507 -64.60 66.86 -2.99
N ASN A 508 -64.11 68.00 -2.50
CA ASN A 508 -62.89 68.59 -3.05
C ASN A 508 -61.59 67.81 -2.83
N ARG A 509 -61.53 67.01 -1.76
CA ARG A 509 -60.28 66.33 -1.43
C ARG A 509 -60.35 64.80 -1.37
N MET A 510 -61.49 64.27 -0.94
CA MET A 510 -61.65 62.82 -0.89
C MET A 510 -61.77 62.20 -2.28
N ILE A 511 -61.14 61.06 -2.48
CA ILE A 511 -61.29 60.29 -3.71
C ILE A 511 -62.33 59.20 -3.47
N ALA A 512 -63.20 58.96 -4.44
CA ALA A 512 -64.22 57.92 -4.30
C ALA A 512 -63.56 56.55 -4.26
N PRO A 513 -63.85 55.78 -3.20
CA PRO A 513 -63.29 54.43 -3.08
C PRO A 513 -63.80 53.55 -4.22
N LEU A 514 -62.95 52.64 -4.69
CA LEU A 514 -63.33 51.74 -5.76
C LEU A 514 -64.39 50.76 -5.27
N PRO A 515 -65.36 50.42 -6.14
CA PRO A 515 -66.42 49.49 -5.78
C PRO A 515 -65.83 48.14 -5.42
N GLU A 516 -66.42 47.43 -4.46
CA GLU A 516 -65.82 46.20 -3.98
C GLU A 516 -65.74 45.14 -5.08
N GLY A 517 -64.63 44.41 -5.11
CA GLY A 517 -64.40 43.37 -6.09
C GLY A 517 -63.87 43.87 -7.41
N TYR A 518 -63.60 45.18 -7.50
CA TYR A 518 -63.10 45.76 -8.74
C TYR A 518 -61.72 46.39 -8.60
N ILE A 519 -60.72 45.78 -9.23
CA ILE A 519 -59.36 46.31 -9.21
C ILE A 519 -58.88 46.73 -10.59
N PRO A 520 -58.79 48.05 -10.83
CA PRO A 520 -58.38 48.60 -12.12
C PRO A 520 -56.96 48.21 -12.49
N LYS A 521 -56.73 47.99 -13.77
CA LYS A 521 -55.42 47.59 -14.25
C LYS A 521 -54.43 48.76 -14.23
N PRO A 522 -53.12 48.46 -14.19
CA PRO A 522 -52.13 49.54 -14.29
C PRO A 522 -52.23 50.26 -15.62
N MET A 523 -52.01 51.56 -15.65
CA MET A 523 -51.94 52.28 -16.92
C MET A 523 -50.71 51.81 -17.65
N HIS A 524 -50.83 51.57 -18.95
CA HIS A 524 -49.66 51.17 -19.72
C HIS A 524 -49.03 52.36 -20.43
N ARG A 525 -48.01 52.94 -19.80
CA ARG A 525 -47.28 54.05 -20.40
C ARG A 525 -46.12 53.56 -21.24
N ASN A 526 -45.99 54.11 -22.45
CA ASN A 526 -44.77 53.95 -23.22
C ASN A 526 -43.76 54.99 -22.74
N ASN A 527 -42.54 54.93 -23.26
CA ASN A 527 -41.43 55.67 -22.69
C ASN A 527 -41.66 57.18 -22.67
N SER A 528 -42.34 57.70 -23.67
CA SER A 528 -42.50 59.14 -23.83
C SER A 528 -43.71 59.72 -23.10
N THR A 529 -44.44 58.87 -22.38
CA THR A 529 -45.66 59.29 -21.70
C THR A 529 -45.40 60.34 -20.61
N MET A 530 -44.51 60.00 -19.69
CA MET A 530 -44.30 60.81 -18.52
C MET A 530 -43.75 62.15 -18.95
N LYS A 531 -43.00 62.12 -20.05
CA LYS A 531 -42.42 63.34 -20.59
C LYS A 531 -43.53 64.26 -21.07
N MET A 532 -44.52 63.72 -21.78
CA MET A 532 -45.62 64.53 -22.31
C MET A 532 -46.45 65.11 -21.18
N LEU A 533 -46.60 64.34 -20.11
CA LEU A 533 -47.32 64.84 -18.94
C LEU A 533 -46.53 65.98 -18.32
N SER A 534 -45.20 65.83 -18.35
CA SER A 534 -44.29 66.80 -17.78
C SER A 534 -44.31 68.08 -18.59
N LEU A 535 -44.61 67.95 -19.88
CA LEU A 535 -44.67 69.08 -20.77
C LEU A 535 -46.00 69.77 -20.62
N TYR A 536 -47.04 69.00 -20.30
CA TYR A 536 -48.36 69.57 -20.07
C TYR A 536 -48.28 70.44 -18.82
N VAL A 537 -47.62 69.89 -17.80
CA VAL A 537 -47.38 70.64 -16.58
C VAL A 537 -46.50 71.86 -16.90
N ALA A 538 -45.54 71.65 -17.80
CA ALA A 538 -44.60 72.70 -18.18
C ALA A 538 -45.32 73.88 -18.80
N LEU A 539 -46.37 73.58 -19.56
CA LEU A 539 -47.17 74.60 -20.19
C LEU A 539 -48.07 75.29 -19.18
N LYS A 540 -48.65 74.51 -18.26
CA LYS A 540 -49.51 75.10 -17.25
C LYS A 540 -48.73 76.08 -16.38
N LYS A 541 -47.46 75.76 -16.17
CA LYS A 541 -46.63 76.59 -15.30
C LYS A 541 -46.03 77.76 -16.06
N LEU A 542 -45.74 77.57 -17.34
CA LEU A 542 -45.32 78.69 -18.17
C LEU A 542 -46.44 79.70 -18.37
N GLU A 543 -47.68 79.23 -18.33
CA GLU A 543 -48.85 80.09 -18.44
C GLU A 543 -48.98 81.00 -17.23
N ASN A 544 -48.58 80.51 -16.07
CA ASN A 544 -48.86 81.21 -14.81
C ASN A 544 -47.71 81.24 -13.80
N PHE A 545 -47.16 80.07 -13.47
CA PHE A 545 -46.01 79.93 -12.56
C PHE A 545 -46.35 80.21 -11.08
N ALA A 546 -47.58 80.62 -10.81
CA ALA A 546 -48.08 80.69 -9.45
C ALA A 546 -49.06 79.55 -9.21
N THR A 547 -49.26 78.74 -10.24
CA THR A 547 -50.23 77.66 -10.22
C THR A 547 -49.92 76.60 -9.18
N ASN A 548 -50.97 76.07 -8.56
CA ASN A 548 -50.83 74.90 -7.70
C ASN A 548 -51.67 73.76 -8.26
N SER A 549 -52.76 74.10 -8.94
CA SER A 549 -53.60 73.11 -9.60
C SER A 549 -53.35 73.12 -11.10
N TYR A 550 -52.55 72.17 -11.55
CA TYR A 550 -52.22 72.05 -12.97
C TYR A 550 -53.38 71.38 -13.67
N LEU A 551 -54.35 72.17 -14.09
CA LEU A 551 -55.58 71.64 -14.62
C LEU A 551 -56.00 72.64 -15.68
N MET A 552 -56.56 72.16 -16.79
CA MET A 552 -56.95 73.04 -17.87
C MET A 552 -58.09 73.97 -17.43
N ALA A 553 -58.10 75.19 -17.97
CA ALA A 553 -59.23 76.07 -17.80
C ALA A 553 -60.40 75.48 -18.59
N PRO A 554 -61.64 75.71 -18.15
CA PRO A 554 -62.78 75.18 -18.89
C PRO A 554 -62.84 75.74 -20.30
N ASP A 555 -63.28 74.93 -21.26
CA ASP A 555 -63.39 75.32 -22.67
C ASP A 555 -62.04 75.70 -23.32
N THR A 556 -61.01 74.92 -23.04
CA THR A 556 -59.70 75.11 -23.67
C THR A 556 -59.14 73.78 -24.17
N SER A 557 -58.33 73.84 -25.22
CA SER A 557 -57.88 72.64 -25.92
C SER A 557 -56.37 72.50 -25.97
N ILE A 558 -55.89 71.26 -25.90
CA ILE A 558 -54.48 70.97 -26.12
C ILE A 558 -54.35 69.80 -27.09
N ILE A 559 -53.32 69.85 -27.93
CA ILE A 559 -53.17 68.83 -28.96
C ILE A 559 -51.75 68.27 -29.03
N LEU A 560 -51.56 67.12 -28.38
CA LEU A 560 -50.27 66.41 -28.40
C LEU A 560 -49.97 65.90 -29.81
N LEU A 561 -48.70 65.95 -30.21
CA LEU A 561 -48.26 65.41 -31.50
C LEU A 561 -47.22 64.30 -31.30
N GLY A 562 -46.85 63.63 -32.39
CA GLY A 562 -45.88 62.55 -32.32
C GLY A 562 -46.52 61.17 -32.31
N ALA A 563 -45.72 60.17 -32.64
CA ALA A 563 -46.18 58.78 -32.70
C ALA A 563 -46.56 58.22 -31.33
N GLU A 564 -47.61 57.40 -31.30
CA GLU A 564 -47.98 56.67 -30.08
C GLU A 564 -48.17 57.53 -28.84
N ARG A 565 -48.87 58.65 -28.99
CA ARG A 565 -49.10 59.55 -27.86
C ARG A 565 -50.37 59.27 -27.08
N GLU A 566 -51.06 58.19 -27.44
CA GLU A 566 -52.38 57.87 -26.90
C GLU A 566 -52.46 57.81 -25.37
N PRO A 567 -51.51 57.11 -24.71
CA PRO A 567 -51.62 57.06 -23.25
C PRO A 567 -51.60 58.44 -22.59
N ALA A 568 -50.81 59.36 -23.11
CA ALA A 568 -50.72 60.69 -22.51
C ALA A 568 -52.05 61.41 -22.64
N VAL A 569 -52.79 61.10 -23.70
CA VAL A 569 -54.08 61.70 -23.97
C VAL A 569 -55.12 61.11 -23.03
N ASN A 570 -55.08 59.79 -22.85
CA ASN A 570 -56.03 59.15 -21.93
C ASN A 570 -55.81 59.59 -20.49
N ILE A 571 -54.54 59.82 -20.16
CA ILE A 571 -54.17 60.28 -18.83
C ILE A 571 -54.60 61.72 -18.61
N LEU A 572 -54.31 62.59 -19.58
CA LEU A 572 -54.73 63.98 -19.48
C LEU A 572 -56.25 64.11 -19.44
N ARG A 573 -56.93 63.26 -20.21
CA ARG A 573 -58.38 63.30 -20.25
C ARG A 573 -58.95 62.86 -18.92
N ARG A 574 -58.45 61.75 -18.39
CA ARG A 574 -59.01 61.25 -17.13
C ARG A 574 -58.69 62.20 -15.98
N PHE A 575 -57.56 62.88 -16.10
CA PHE A 575 -57.13 63.88 -15.15
C PHE A 575 -57.98 65.16 -15.17
N ASN A 576 -58.49 65.50 -16.36
CA ASN A 576 -59.32 66.68 -16.53
C ASN A 576 -60.80 66.35 -16.62
N ARG A 577 -61.17 65.16 -16.16
CA ARG A 577 -62.53 64.66 -16.33
C ARG A 577 -63.55 65.56 -15.65
N ASN A 578 -63.15 66.17 -14.54
CA ASN A 578 -64.05 67.05 -13.81
C ASN A 578 -64.14 68.45 -14.38
N VAL A 579 -63.24 68.77 -15.30
CA VAL A 579 -63.27 70.07 -15.97
C VAL A 579 -64.19 70.03 -17.19
N SER A 580 -65.09 71.00 -17.30
CA SER A 580 -66.00 71.06 -18.43
C SER A 580 -65.30 71.45 -19.73
N ASN A 581 -65.73 70.82 -20.83
CA ASN A 581 -65.35 71.23 -22.18
C ASN A 581 -63.85 71.28 -22.49
N VAL A 582 -63.10 70.26 -22.08
CA VAL A 582 -61.68 70.21 -22.47
C VAL A 582 -61.43 69.28 -23.66
N ARG A 583 -60.97 69.86 -24.77
CA ARG A 583 -60.47 69.06 -25.87
C ARG A 583 -59.02 68.67 -25.57
N ILE A 584 -58.75 67.37 -25.65
CA ILE A 584 -57.38 66.89 -25.55
C ILE A 584 -57.12 65.96 -26.73
N ILE A 585 -56.81 66.58 -27.87
CA ILE A 585 -56.56 65.87 -29.13
C ILE A 585 -55.15 65.27 -29.22
N GLY A 586 -55.02 64.17 -29.97
CA GLY A 586 -53.71 63.61 -30.27
C GLY A 586 -53.55 63.34 -31.77
N MET A 587 -52.30 63.44 -32.24
CA MET A 587 -51.99 63.25 -33.66
C MET A 587 -50.77 62.33 -33.85
N GLY A 588 -50.07 62.50 -34.97
CA GLY A 588 -48.82 61.79 -35.21
C GLY A 588 -48.95 60.47 -35.94
N ASP A 589 -47.85 60.00 -36.51
CA ASP A 589 -47.79 58.73 -37.23
C ASP A 589 -47.99 57.55 -36.27
N ARG A 590 -48.49 56.44 -36.80
CA ARG A 590 -48.79 55.25 -35.99
C ARG A 590 -49.79 55.51 -34.86
N ALA A 591 -50.57 56.58 -34.97
CA ALA A 591 -51.62 56.87 -33.99
C ALA A 591 -52.83 55.96 -34.09
N VAL A 592 -53.40 55.63 -32.94
CA VAL A 592 -54.62 54.84 -32.84
C VAL A 592 -55.69 55.76 -32.25
N GLU A 593 -56.96 55.44 -32.43
CA GLU A 593 -58.02 56.23 -31.84
C GLU A 593 -57.87 56.18 -30.33
N PRO A 594 -58.18 57.28 -29.61
CA PRO A 594 -58.67 58.62 -29.97
C PRO A 594 -57.78 59.43 -30.92
N ASN A 595 -56.47 59.25 -30.86
CA ASN A 595 -55.54 60.06 -31.66
C ASN A 595 -55.72 59.88 -33.17
N ILE A 596 -55.81 60.99 -33.90
CA ILE A 596 -55.80 60.97 -35.37
C ILE A 596 -54.40 60.60 -35.85
N ARG A 597 -54.31 59.80 -36.90
CA ARG A 597 -53.00 59.50 -37.49
C ARG A 597 -52.67 60.45 -38.63
N VAL A 598 -51.44 60.94 -38.65
CA VAL A 598 -50.95 61.83 -39.70
C VAL A 598 -49.45 61.67 -39.85
N ARG A 599 -48.92 62.16 -40.94
CA ARG A 599 -47.49 62.12 -41.18
C ARG A 599 -47.02 63.53 -41.51
N VAL A 600 -45.78 63.85 -41.14
CA VAL A 600 -45.18 65.12 -41.54
C VAL A 600 -44.66 65.04 -42.98
N PRO A 601 -44.89 66.10 -43.79
CA PRO A 601 -45.70 67.31 -43.56
C PRO A 601 -47.18 66.99 -43.41
N PHE A 602 -47.87 67.78 -42.59
CA PHE A 602 -49.30 67.60 -42.38
C PHE A 602 -50.02 67.85 -43.69
N PRO A 603 -51.16 67.18 -43.91
CA PRO A 603 -51.86 67.36 -45.18
C PRO A 603 -52.22 68.83 -45.34
N ILE A 604 -52.09 69.33 -46.57
CA ILE A 604 -52.16 70.76 -46.79
C ILE A 604 -53.55 71.34 -46.51
N ASP A 605 -54.57 70.52 -46.69
CA ASP A 605 -55.94 70.90 -46.38
C ASP A 605 -56.21 71.01 -44.88
N LYS A 606 -55.43 70.30 -44.08
CA LYS A 606 -55.63 70.22 -42.62
C LYS A 606 -55.38 71.55 -41.89
N ASN A 607 -56.16 71.80 -40.85
CA ASN A 607 -56.07 73.04 -40.11
C ASN A 607 -56.27 72.84 -38.61
N ILE A 608 -55.24 72.37 -37.93
CA ILE A 608 -55.29 72.21 -36.47
C ILE A 608 -55.20 73.55 -35.76
N SER A 609 -55.82 73.64 -34.59
CA SER A 609 -55.75 74.85 -33.76
C SER A 609 -56.12 74.56 -32.32
N ALA A 610 -55.47 75.23 -31.38
CA ALA A 610 -55.64 74.98 -29.96
C ALA A 610 -55.03 76.08 -29.10
N ASP A 611 -55.35 76.10 -27.82
CA ASP A 611 -54.73 77.06 -26.91
C ASP A 611 -53.36 76.57 -26.44
N PHE A 612 -53.07 75.31 -26.73
CA PHE A 612 -51.79 74.70 -26.37
C PHE A 612 -51.38 73.68 -27.42
N ILE A 613 -50.08 73.53 -27.61
CA ILE A 613 -49.53 72.56 -28.55
C ILE A 613 -48.28 71.93 -27.95
N ILE A 614 -48.14 70.61 -28.13
CA ILE A 614 -46.94 69.92 -27.66
C ILE A 614 -46.44 68.98 -28.74
N CYS A 615 -45.43 69.40 -29.49
CA CYS A 615 -44.87 68.52 -30.50
C CYS A 615 -43.75 67.65 -29.96
N ASP A 616 -43.85 66.36 -30.24
CA ASP A 616 -42.85 65.39 -29.81
C ASP A 616 -42.47 64.54 -31.00
N ILE A 617 -42.76 65.04 -32.19
CA ILE A 617 -42.51 64.30 -33.43
C ILE A 617 -41.02 64.02 -33.62
N ASN A 618 -40.69 62.78 -33.95
CA ASN A 618 -39.31 62.41 -34.23
C ASN A 618 -38.85 62.81 -35.63
N SER A 619 -37.57 63.13 -35.75
CA SER A 619 -36.98 63.36 -37.05
C SER A 619 -36.90 62.02 -37.77
N TYR A 620 -37.10 62.04 -39.08
CA TYR A 620 -36.96 60.84 -39.90
C TYR A 620 -35.51 60.34 -39.80
N GLU A 621 -35.35 59.04 -39.62
CA GLU A 621 -34.04 58.46 -39.28
C GLU A 621 -32.95 58.59 -40.35
N ASP A 622 -33.34 58.60 -41.62
CA ASP A 622 -32.36 58.70 -42.69
C ASP A 622 -32.79 59.66 -43.80
N GLN A 623 -32.31 60.89 -43.71
CA GLN A 623 -32.59 61.90 -44.72
C GLN A 623 -31.46 62.94 -44.77
N SER A 624 -31.41 63.69 -45.85
CA SER A 624 -30.40 64.73 -46.02
C SER A 624 -30.59 65.76 -44.93
N PHE A 625 -29.52 66.43 -44.52
CA PHE A 625 -29.63 67.42 -43.46
C PHE A 625 -30.62 68.51 -43.85
N GLU A 626 -30.59 68.92 -45.12
CA GLU A 626 -31.50 69.97 -45.58
C GLU A 626 -32.94 69.48 -45.49
N SER A 627 -33.11 68.17 -45.64
CA SER A 627 -34.41 67.55 -45.56
C SER A 627 -34.97 67.62 -44.13
N MET A 628 -34.15 67.25 -43.14
CA MET A 628 -34.59 67.34 -41.75
C MET A 628 -34.80 68.79 -41.38
N PHE A 629 -34.04 69.67 -42.01
CA PHE A 629 -34.12 71.10 -41.72
C PHE A 629 -35.48 71.62 -42.14
N SER A 630 -35.85 71.37 -43.39
CA SER A 630 -37.13 71.84 -43.88
C SER A 630 -38.26 71.17 -43.11
N GLU A 631 -38.04 69.92 -42.71
CA GLU A 631 -39.09 69.18 -42.01
C GLU A 631 -39.38 69.77 -40.64
N THR A 632 -38.35 69.91 -39.81
CA THR A 632 -38.53 70.45 -38.47
C THR A 632 -38.90 71.94 -38.48
N ILE A 633 -38.47 72.65 -39.52
CA ILE A 633 -38.89 74.04 -39.66
C ILE A 633 -40.39 74.06 -39.92
N SER A 634 -40.86 73.18 -40.80
CA SER A 634 -42.28 73.11 -41.12
C SER A 634 -43.09 72.69 -39.91
N VAL A 635 -42.52 71.82 -39.09
CA VAL A 635 -43.15 71.37 -37.86
C VAL A 635 -43.31 72.55 -36.90
N VAL A 636 -42.25 73.31 -36.72
CA VAL A 636 -42.27 74.46 -35.83
C VAL A 636 -43.27 75.50 -36.35
N THR A 637 -43.38 75.63 -37.67
CA THR A 637 -44.29 76.59 -38.26
C THR A 637 -45.72 76.18 -37.96
N THR A 638 -45.99 74.88 -38.11
CA THR A 638 -47.34 74.36 -37.89
C THR A 638 -47.72 74.55 -36.44
N CYS A 639 -46.82 74.16 -35.54
CA CYS A 639 -47.08 74.24 -34.11
C CYS A 639 -47.24 75.69 -33.64
N ALA A 640 -46.50 76.59 -34.26
CA ALA A 640 -46.54 77.99 -33.87
C ALA A 640 -47.81 78.66 -34.35
N SER A 641 -48.19 78.40 -35.59
CA SER A 641 -49.43 78.96 -36.13
C SER A 641 -50.66 78.36 -35.45
N ALA A 642 -50.57 77.10 -35.04
CA ALA A 642 -51.72 76.41 -34.44
C ALA A 642 -52.15 76.95 -33.08
N ALA A 643 -51.19 77.41 -32.29
CA ALA A 643 -51.44 77.74 -30.89
C ALA A 643 -50.59 78.92 -30.41
N THR A 644 -51.13 79.70 -29.50
CA THR A 644 -50.37 80.80 -28.90
C THR A 644 -49.25 80.30 -28.00
N ARG A 645 -49.38 79.08 -27.49
CA ARG A 645 -48.39 78.53 -26.56
C ARG A 645 -47.87 77.14 -26.94
N ALA A 646 -47.08 77.10 -28.02
CA ALA A 646 -46.45 75.88 -28.49
C ALA A 646 -45.28 75.42 -27.63
N LEU A 647 -45.00 74.13 -27.66
CA LEU A 647 -43.78 73.57 -27.10
C LEU A 647 -43.32 72.46 -28.03
N VAL A 648 -42.39 72.76 -28.92
CA VAL A 648 -42.00 71.79 -29.95
C VAL A 648 -40.61 71.19 -29.74
N LYS A 649 -40.49 69.87 -29.85
CA LYS A 649 -39.20 69.21 -29.67
C LYS A 649 -38.23 69.52 -30.78
N ILE A 650 -36.97 69.74 -30.43
CA ILE A 650 -35.92 69.80 -31.42
C ILE A 650 -34.99 68.62 -31.17
N ASN A 651 -35.02 67.68 -32.11
CA ASN A 651 -34.18 66.50 -32.09
C ASN A 651 -32.71 66.80 -32.30
N HIS A 652 -32.42 67.87 -33.04
CA HIS A 652 -31.05 68.23 -33.34
C HIS A 652 -30.82 69.71 -33.06
N PRO A 653 -30.77 70.07 -31.77
CA PRO A 653 -30.77 71.47 -31.32
C PRO A 653 -29.42 72.14 -31.50
N SER A 654 -29.00 72.30 -32.75
CA SER A 654 -27.76 73.00 -33.04
C SER A 654 -27.97 74.49 -32.78
N GLU A 655 -26.90 75.26 -32.71
CA GLU A 655 -27.05 76.70 -32.63
C GLU A 655 -27.76 77.17 -33.90
N TYR A 656 -27.36 76.57 -35.03
CA TYR A 656 -27.90 76.95 -36.33
C TYR A 656 -29.37 76.58 -36.48
N MET A 657 -29.73 75.39 -36.02
CA MET A 657 -31.09 74.90 -36.17
C MET A 657 -32.07 75.74 -35.36
N ILE A 658 -31.74 75.98 -34.10
CA ILE A 658 -32.60 76.74 -33.21
C ILE A 658 -32.66 78.21 -33.62
N ASN A 659 -31.51 78.78 -33.97
CA ASN A 659 -31.49 80.16 -34.39
C ASN A 659 -32.26 80.37 -35.69
N SER A 660 -32.17 79.39 -36.59
CA SER A 660 -32.96 79.46 -37.82
C SER A 660 -34.45 79.30 -37.52
N VAL A 661 -34.77 78.57 -36.46
CA VAL A 661 -36.15 78.50 -36.01
C VAL A 661 -36.63 79.87 -35.56
N ILE A 662 -35.76 80.60 -34.86
CA ILE A 662 -36.09 81.95 -34.43
C ILE A 662 -36.25 82.86 -35.65
N GLU A 663 -35.45 82.63 -36.67
CA GLU A 663 -35.55 83.44 -37.88
C GLU A 663 -36.87 83.17 -38.59
N ARG A 664 -37.25 81.91 -38.60
CA ARG A 664 -38.47 81.50 -39.29
C ARG A 664 -39.68 82.11 -38.61
N LEU A 665 -39.72 82.04 -37.28
CA LEU A 665 -40.81 82.65 -36.54
C LEU A 665 -40.80 84.17 -36.69
N SER A 666 -39.60 84.74 -36.81
CA SER A 666 -39.47 86.19 -36.94
C SER A 666 -40.00 86.70 -38.28
N GLN A 667 -39.81 85.92 -39.34
CA GLN A 667 -40.35 86.31 -40.63
C GLN A 667 -41.80 85.86 -40.77
N LEU A 668 -42.24 84.99 -39.87
CA LEU A 668 -43.61 84.53 -39.86
C LEU A 668 -44.55 85.52 -39.20
N GLY A 669 -44.19 85.98 -38.01
CA GLY A 669 -45.04 86.87 -37.24
C GLY A 669 -44.67 88.34 -37.19
N GLY A 670 -43.58 88.70 -37.87
CA GLY A 670 -43.06 90.06 -37.76
C GLY A 670 -42.21 90.21 -36.51
N VAL A 671 -42.85 90.55 -35.40
CA VAL A 671 -42.18 90.64 -34.11
C VAL A 671 -41.72 89.25 -33.66
N PHE A 672 -40.58 89.19 -32.97
CA PHE A 672 -40.06 87.92 -32.46
C PHE A 672 -40.99 87.28 -31.42
N TYR A 673 -41.10 85.97 -31.47
CA TYR A 673 -41.79 85.20 -30.44
C TYR A 673 -40.91 85.09 -29.20
N HIS A 674 -41.52 84.95 -28.02
CA HIS A 674 -40.77 84.75 -26.79
C HIS A 674 -40.39 83.28 -26.62
N THR A 675 -39.39 82.85 -27.37
CA THR A 675 -38.91 81.48 -27.30
C THR A 675 -38.08 81.18 -26.04
N ALA A 676 -38.06 79.91 -25.64
CA ALA A 676 -37.20 79.45 -24.54
C ALA A 676 -36.82 78.00 -24.76
N LEU A 677 -35.70 77.56 -24.19
CA LEU A 677 -35.25 76.18 -24.37
C LEU A 677 -35.47 75.33 -23.12
N LEU A 678 -36.65 74.73 -23.06
CA LEU A 678 -37.06 73.88 -21.95
C LEU A 678 -36.47 72.47 -22.01
N LYS A 679 -36.26 71.91 -20.82
CA LYS A 679 -35.82 70.54 -20.64
C LYS A 679 -36.45 70.00 -19.36
N THR A 680 -37.41 69.09 -19.54
CA THR A 680 -38.16 68.48 -18.45
C THR A 680 -37.40 67.34 -17.74
N ALA A 681 -37.76 67.06 -16.50
CA ALA A 681 -37.14 65.99 -15.71
C ALA A 681 -37.68 64.60 -16.03
N SER A 682 -38.75 64.53 -16.81
CA SER A 682 -39.28 63.25 -17.28
C SER A 682 -38.65 62.79 -18.60
N GLN A 683 -37.72 63.59 -19.11
CA GLN A 683 -36.90 63.18 -20.25
C GLN A 683 -35.88 62.14 -19.82
N ASN A 684 -35.46 61.29 -20.75
CA ASN A 684 -34.33 60.41 -20.48
C ASN A 684 -33.14 61.32 -20.21
N PRO A 685 -32.39 61.03 -19.14
CA PRO A 685 -31.39 61.95 -18.61
C PRO A 685 -30.31 62.36 -19.63
N TYR A 686 -29.94 61.44 -20.51
CA TYR A 686 -28.88 61.72 -21.48
C TYR A 686 -29.36 62.28 -22.81
N SER A 687 -30.67 62.44 -22.96
CA SER A 687 -31.22 62.93 -24.21
C SER A 687 -30.77 64.35 -24.47
N TYR A 688 -30.31 64.62 -25.69
CA TYR A 688 -29.92 65.98 -26.06
C TYR A 688 -31.06 66.67 -26.76
N GLU A 689 -32.14 65.94 -27.01
CA GLU A 689 -33.32 66.54 -27.62
C GLU A 689 -33.86 67.56 -26.64
N THR A 690 -34.23 68.74 -27.10
CA THR A 690 -34.70 69.76 -26.15
C THR A 690 -35.92 70.48 -26.67
N TYR A 691 -36.87 70.74 -25.79
CA TYR A 691 -38.10 71.39 -26.23
C TYR A 691 -37.92 72.89 -26.34
N ILE A 692 -38.66 73.49 -27.27
CA ILE A 692 -38.61 74.93 -27.39
C ILE A 692 -40.02 75.51 -27.23
N TYR A 693 -40.17 76.25 -26.14
CA TYR A 693 -41.36 77.03 -25.83
C TYR A 693 -41.41 78.20 -26.78
N ILE A 694 -42.61 78.54 -27.25
CA ILE A 694 -42.81 79.58 -28.25
C ILE A 694 -44.08 80.34 -27.94
N THR A 695 -44.01 81.66 -27.86
CA THR A 695 -45.19 82.47 -27.61
C THR A 695 -45.01 83.91 -28.10
N PRO A 696 -46.04 84.45 -28.79
CA PRO A 696 -46.09 85.89 -29.06
C PRO A 696 -46.20 86.70 -27.77
N ILE A 697 -45.58 87.88 -27.73
CA ILE A 697 -45.77 88.82 -26.62
C ILE A 697 -45.75 90.25 -27.17
N ALA A 698 -46.41 91.16 -26.47
CA ALA A 698 -46.49 92.55 -26.90
C ALA A 698 -45.12 93.24 -26.90
N ALA A 699 -44.27 92.86 -25.96
CA ALA A 699 -42.91 93.42 -25.89
C ALA A 699 -42.08 92.96 -27.07
N ALA A 700 -41.30 93.87 -27.64
CA ALA A 700 -40.35 93.47 -28.69
C ALA A 700 -39.19 92.78 -28.00
N VAL A 701 -38.91 91.54 -28.40
CA VAL A 701 -37.85 90.78 -27.76
C VAL A 701 -36.48 91.41 -28.00
N ARG A 702 -35.71 91.53 -26.92
CA ARG A 702 -34.31 91.91 -27.02
C ARG A 702 -33.50 90.67 -26.73
N PHE A 703 -32.37 90.54 -27.41
CA PHE A 703 -31.61 89.29 -27.42
C PHE A 703 -32.50 88.07 -27.77
N PRO A 704 -33.16 88.12 -28.95
CA PRO A 704 -33.95 86.99 -29.46
C PRO A 704 -33.17 85.70 -29.71
N PHE A 705 -31.91 85.82 -30.13
CA PHE A 705 -31.13 84.67 -30.57
C PHE A 705 -30.29 83.99 -29.50
N TYR A 706 -30.08 82.68 -29.68
CA TYR A 706 -29.20 81.90 -28.80
C TYR A 706 -27.75 81.88 -29.29
N SER A 707 -26.83 81.74 -28.34
CA SER A 707 -25.46 81.38 -28.66
C SER A 707 -24.79 80.85 -27.40
N ASN A 708 -24.00 79.80 -27.56
CA ASN A 708 -23.30 79.20 -26.44
C ASN A 708 -24.25 78.83 -25.29
N SER A 709 -25.45 78.38 -25.65
CA SER A 709 -26.45 77.96 -24.67
C SER A 709 -26.16 76.57 -24.13
N ALA A 710 -26.65 76.28 -22.92
CA ALA A 710 -26.42 74.99 -22.26
C ALA A 710 -27.07 73.81 -23.00
N MET A 711 -28.36 73.95 -23.29
CA MET A 711 -29.10 72.88 -23.95
C MET A 711 -28.48 72.61 -25.31
N ILE A 712 -28.03 73.68 -25.95
CA ILE A 712 -27.39 73.54 -27.25
C ILE A 712 -26.05 72.85 -27.14
N ASN A 713 -25.28 73.24 -26.12
CA ASN A 713 -23.94 72.70 -25.92
C ASN A 713 -23.98 71.22 -25.67
N ARG A 714 -25.04 70.76 -25.02
CA ARG A 714 -25.15 69.35 -24.68
C ARG A 714 -25.14 68.52 -25.97
N TYR A 715 -25.74 69.06 -27.03
CA TYR A 715 -25.78 68.37 -28.31
C TYR A 715 -24.51 68.61 -29.11
N MET A 716 -24.06 69.86 -29.15
CA MET A 716 -22.93 70.23 -30.00
C MET A 716 -21.66 69.52 -29.59
N THR A 717 -21.50 69.30 -28.29
CA THR A 717 -20.28 68.71 -27.76
C THR A 717 -20.26 67.19 -27.79
N ALA A 718 -21.40 66.59 -28.11
CA ALA A 718 -21.48 65.15 -28.29
C ALA A 718 -21.03 64.80 -29.71
N VAL A 719 -19.78 65.15 -30.02
CA VAL A 719 -19.18 64.84 -31.30
C VAL A 719 -18.93 63.34 -31.33
N ALA A 720 -18.87 62.76 -32.53
CA ALA A 720 -18.65 61.33 -32.64
C ALA A 720 -17.31 60.97 -32.01
N ASP A 721 -17.35 59.95 -31.16
CA ASP A 721 -16.25 59.66 -30.25
C ASP A 721 -15.07 58.95 -30.91
N ASP A 722 -13.88 59.16 -30.34
CA ASP A 722 -12.66 58.54 -30.82
C ASP A 722 -12.56 57.02 -30.59
N GLU A 723 -13.20 56.53 -29.54
CA GLU A 723 -12.95 55.17 -29.07
C GLU A 723 -14.21 54.45 -28.56
N MET A 724 -14.35 53.17 -28.87
CA MET A 724 -15.57 52.44 -28.55
C MET A 724 -15.84 52.47 -27.04
N PRO A 725 -17.10 52.75 -26.66
CA PRO A 725 -17.50 53.04 -25.26
C PRO A 725 -17.22 51.91 -24.28
N ILE A 726 -16.82 52.25 -23.06
CA ILE A 726 -16.54 51.26 -22.04
C ILE A 726 -17.78 50.55 -21.48
N ILE A 727 -17.63 49.25 -21.24
CA ILE A 727 -18.71 48.41 -20.78
C ILE A 727 -18.38 47.85 -19.40
N PRO A 728 -19.25 48.09 -18.42
CA PRO A 728 -18.97 47.78 -17.01
C PRO A 728 -18.71 46.30 -16.74
N SER A 729 -17.45 45.96 -16.50
CA SER A 729 -17.06 44.59 -16.19
C SER A 729 -17.44 44.19 -14.76
N ILE A 730 -17.64 42.89 -14.55
CA ILE A 730 -17.81 42.36 -13.21
C ILE A 730 -16.60 41.49 -12.88
N HIS A 731 -15.56 42.12 -12.34
CA HIS A 731 -14.32 41.44 -11.98
C HIS A 731 -14.51 40.44 -10.85
N THR A 732 -13.83 39.31 -10.97
CA THR A 732 -13.94 38.25 -9.97
C THR A 732 -12.64 38.03 -9.22
N VAL A 733 -11.52 37.98 -9.93
CA VAL A 733 -10.22 37.91 -9.28
C VAL A 733 -9.85 39.24 -8.61
N ILE A 734 -9.24 39.17 -7.44
CA ILE A 734 -8.76 40.37 -6.75
C ILE A 734 -7.24 40.31 -6.63
N LYS A 735 -6.54 40.78 -7.65
CA LYS A 735 -5.09 40.89 -7.58
C LYS A 735 -4.68 41.94 -6.54
N GLY A 736 -3.58 41.70 -5.84
CA GLY A 736 -3.10 42.63 -4.85
C GLY A 736 -2.29 43.78 -5.44
N HIS A 737 -2.81 44.99 -5.32
CA HIS A 737 -2.10 46.20 -5.74
C HIS A 737 -1.67 46.20 -7.21
N SER A 738 -2.52 45.64 -8.07
CA SER A 738 -2.29 45.66 -9.51
C SER A 738 -3.14 46.76 -10.15
N ASN A 739 -2.51 47.66 -10.90
CA ASN A 739 -3.21 48.84 -11.41
C ASN A 739 -4.27 48.55 -12.48
N THR A 740 -4.13 47.42 -13.16
CA THR A 740 -4.98 47.10 -14.30
C THR A 740 -6.38 46.60 -13.90
N TYR A 741 -7.35 47.50 -13.97
CA TYR A 741 -8.76 47.17 -13.73
C TYR A 741 -9.69 48.13 -14.47
N SER A 742 -10.48 47.60 -15.38
CA SER A 742 -11.44 48.42 -16.11
C SER A 742 -12.58 48.79 -15.17
N PRO A 743 -13.27 49.90 -15.44
CA PRO A 743 -14.37 50.30 -14.55
C PRO A 743 -15.45 49.24 -14.50
N GLY A 744 -16.04 49.04 -13.32
CA GLY A 744 -17.01 47.98 -13.10
C GLY A 744 -17.20 47.65 -11.63
N LEU A 745 -17.16 46.35 -11.30
CA LEU A 745 -17.44 45.89 -9.94
C LEU A 745 -16.61 44.69 -9.52
N PHE A 746 -16.74 44.33 -8.25
CA PHE A 746 -16.27 43.07 -7.71
C PHE A 746 -17.47 42.45 -7.03
N CYS A 747 -18.22 41.65 -7.78
CA CYS A 747 -19.30 40.88 -7.21
C CYS A 747 -18.82 39.44 -7.12
N GLY A 748 -19.02 38.81 -5.98
CA GLY A 748 -18.59 37.43 -5.82
C GLY A 748 -18.65 36.98 -4.38
N CYS A 749 -18.04 35.84 -4.09
CA CYS A 749 -18.06 35.34 -2.73
C CYS A 749 -16.79 34.56 -2.39
N VAL A 750 -16.48 34.50 -1.11
CA VAL A 750 -15.26 33.86 -0.66
C VAL A 750 -15.44 33.39 0.79
N ASP A 751 -14.73 32.35 1.19
CA ASP A 751 -14.86 31.80 2.54
C ASP A 751 -14.56 32.89 3.55
N VAL A 752 -15.27 32.86 4.67
CA VAL A 752 -15.24 33.96 5.64
C VAL A 752 -13.83 34.21 6.14
N GLN A 753 -13.00 33.17 6.17
CA GLN A 753 -11.63 33.32 6.60
C GLN A 753 -10.79 34.17 5.66
N SER A 754 -11.09 34.11 4.37
CA SER A 754 -10.36 34.90 3.39
C SER A 754 -10.98 36.29 3.23
N ALA A 755 -12.13 36.48 3.85
CA ALA A 755 -12.83 37.76 3.82
C ALA A 755 -12.03 38.96 4.34
N PRO A 756 -11.33 38.82 5.48
CA PRO A 756 -10.52 39.96 5.90
C PRO A 756 -9.51 40.32 4.84
N LEU A 757 -9.00 39.31 4.15
CA LEU A 757 -7.98 39.51 3.12
C LEU A 757 -8.58 40.19 1.91
N ALA A 758 -9.76 39.74 1.49
CA ALA A 758 -10.40 40.25 0.29
C ALA A 758 -10.74 41.73 0.46
N LEU A 759 -11.18 42.11 1.65
CA LEU A 759 -11.48 43.49 1.94
C LEU A 759 -10.21 44.32 1.93
N SER A 760 -9.14 43.72 2.41
CA SER A 760 -7.86 44.39 2.49
C SER A 760 -7.24 44.61 1.11
N GLN A 761 -7.61 43.77 0.15
CA GLN A 761 -7.11 43.94 -1.21
C GLN A 761 -8.02 44.81 -2.05
N LEU A 762 -9.30 44.79 -1.70
CA LEU A 762 -10.30 45.56 -2.43
C LEU A 762 -10.07 47.05 -2.28
N LYS A 763 -9.51 47.45 -1.15
CA LYS A 763 -9.37 48.86 -0.80
C LYS A 763 -8.46 49.59 -1.78
N SER A 764 -7.65 48.82 -2.50
CA SER A 764 -6.76 49.38 -3.50
C SER A 764 -7.57 49.94 -4.65
N TYR A 765 -8.79 49.42 -4.85
CA TYR A 765 -9.62 49.87 -5.96
C TYR A 765 -10.98 50.43 -5.55
N CYS A 766 -11.58 49.84 -4.53
CA CYS A 766 -12.94 50.15 -4.12
C CYS A 766 -13.02 51.05 -2.89
N SER A 767 -13.78 52.13 -2.96
CA SER A 767 -13.94 53.02 -1.82
C SER A 767 -14.72 52.37 -0.68
N GLU A 768 -15.63 51.49 -1.05
CA GLU A 768 -16.52 50.82 -0.09
C GLU A 768 -17.02 49.51 -0.68
N ALA A 769 -17.29 48.55 0.17
CA ALA A 769 -17.64 47.20 -0.30
C ALA A 769 -18.64 46.54 0.63
N THR A 770 -19.89 46.44 0.18
CA THR A 770 -20.89 45.75 0.99
C THR A 770 -20.60 44.26 1.05
N THR A 771 -20.77 43.67 2.24
CA THR A 771 -20.59 42.23 2.41
C THR A 771 -21.66 41.65 3.31
N TRP A 772 -21.88 40.34 3.15
CA TRP A 772 -22.81 39.62 4.04
C TRP A 772 -22.67 38.11 3.89
N ARG A 773 -23.34 37.36 4.76
CA ARG A 773 -23.48 35.93 4.57
C ARG A 773 -24.97 35.66 4.39
N VAL A 774 -25.31 34.61 3.68
CA VAL A 774 -26.72 34.25 3.53
C VAL A 774 -27.32 33.74 4.86
N ASP A 775 -26.50 33.07 5.66
CA ASP A 775 -26.99 32.43 6.88
C ASP A 775 -25.80 32.04 7.75
N SER A 776 -26.08 31.69 9.00
CA SER A 776 -25.04 31.24 9.92
C SER A 776 -24.43 29.91 9.46
N ASP A 777 -25.22 29.12 8.73
CA ASP A 777 -24.72 27.86 8.21
C ASP A 777 -23.72 28.03 7.06
N ASP A 778 -24.07 28.82 6.04
CA ASP A 778 -23.17 29.02 4.90
C ASP A 778 -21.91 29.77 5.29
N ASN A 779 -20.77 29.29 4.82
CA ASN A 779 -19.48 29.85 5.22
C ASN A 779 -18.96 30.97 4.32
N LEU A 780 -19.65 31.23 3.22
CA LEU A 780 -19.14 32.19 2.25
C LEU A 780 -19.70 33.60 2.42
N VAL A 781 -18.81 34.56 2.63
CA VAL A 781 -19.18 35.95 2.58
C VAL A 781 -19.28 36.37 1.12
N ASN A 782 -20.45 36.85 0.74
CA ASN A 782 -20.64 37.59 -0.50
C ASN A 782 -20.16 39.02 -0.36
N ILE A 783 -19.63 39.55 -1.46
CA ILE A 783 -19.07 40.89 -1.54
C ILE A 783 -19.51 41.53 -2.85
N ILE A 784 -19.97 42.77 -2.76
CA ILE A 784 -20.12 43.62 -3.93
C ILE A 784 -19.35 44.90 -3.69
N ALA A 785 -18.59 45.32 -4.69
CA ALA A 785 -17.72 46.47 -4.52
C ALA A 785 -17.47 47.25 -5.81
N ARG A 786 -17.98 48.48 -5.87
CA ARG A 786 -17.77 49.33 -7.03
C ARG A 786 -16.30 49.71 -7.13
N ILE A 787 -15.78 49.78 -8.36
CA ILE A 787 -14.43 50.30 -8.56
C ILE A 787 -14.49 51.82 -8.71
N ASP A 788 -14.05 52.54 -7.69
CA ASP A 788 -13.94 54.00 -7.81
C ASP A 788 -12.55 54.41 -8.26
N PRO A 789 -12.48 55.14 -9.38
CA PRO A 789 -11.24 55.68 -9.95
C PRO A 789 -10.48 56.56 -8.97
N ALA A 790 -11.17 57.28 -8.10
CA ALA A 790 -10.52 58.18 -7.16
C ALA A 790 -9.60 57.41 -6.21
N ARG A 791 -10.10 56.28 -5.73
CA ARG A 791 -9.31 55.42 -4.86
C ARG A 791 -8.13 54.87 -5.61
N ILE A 792 -8.30 54.62 -6.90
CA ILE A 792 -7.18 54.17 -7.72
C ILE A 792 -6.13 55.28 -7.86
N ALA A 793 -6.58 56.52 -7.94
CA ALA A 793 -5.69 57.65 -8.03
C ALA A 793 -4.90 57.83 -6.75
N LEU A 794 -5.50 57.44 -5.62
CA LEU A 794 -4.80 57.58 -4.33
C LEU A 794 -3.86 56.42 -4.06
N GLU A 795 -4.35 55.20 -4.28
CA GLU A 795 -3.64 53.99 -3.86
C GLU A 795 -2.48 53.60 -4.76
N PHE A 796 -2.42 54.17 -5.96
CA PHE A 796 -1.35 53.81 -6.88
C PHE A 796 -0.25 54.85 -7.09
N ARG A 797 -0.22 55.87 -6.23
CA ARG A 797 0.88 56.84 -6.26
C ARG A 797 2.21 56.26 -5.81
N THR A 798 2.17 55.24 -4.94
CA THR A 798 3.40 54.60 -4.46
C THR A 798 3.20 53.09 -4.38
N ARG A 799 4.31 52.37 -4.28
CA ARG A 799 4.30 50.90 -4.27
C ARG A 799 3.83 50.31 -2.93
N SER A 800 3.75 51.14 -1.90
CA SER A 800 3.30 50.69 -0.59
C SER A 800 1.88 50.14 -0.61
N ASN A 801 1.64 49.07 0.15
CA ASN A 801 0.34 48.43 0.20
C ASN A 801 -0.02 48.02 1.63
N THR A 802 -0.85 48.85 2.27
CA THR A 802 -1.22 48.63 3.66
C THR A 802 -2.74 48.72 3.87
N SER A 803 -3.24 48.07 4.92
CA SER A 803 -4.68 48.00 5.15
C SER A 803 -5.02 47.73 6.61
N ALA A 804 -6.27 48.00 6.99
CA ALA A 804 -6.75 47.67 8.33
C ALA A 804 -7.19 46.20 8.39
N TYR A 805 -6.27 45.32 8.01
CA TYR A 805 -6.57 43.91 7.82
C TYR A 805 -7.01 43.22 9.11
N HIS A 806 -6.40 43.59 10.23
CA HIS A 806 -6.78 43.04 11.52
C HIS A 806 -8.17 43.51 11.93
N GLU A 807 -8.49 44.75 11.58
CA GLU A 807 -9.80 45.31 11.92
C GLU A 807 -10.84 44.51 11.18
N TYR A 808 -10.49 44.09 9.97
CA TYR A 808 -11.38 43.26 9.17
C TYR A 808 -11.41 41.85 9.72
N GLN A 809 -10.33 41.45 10.40
CA GLN A 809 -10.27 40.15 11.03
C GLN A 809 -11.26 40.10 12.16
N ARG A 810 -11.50 41.26 12.77
CA ARG A 810 -12.38 41.34 13.93
C ARG A 810 -13.81 40.93 13.59
N TYR A 811 -14.13 40.96 12.30
CA TYR A 811 -15.49 40.66 11.84
C TYR A 811 -15.78 39.17 11.77
N VAL A 812 -14.75 38.38 11.49
CA VAL A 812 -14.96 36.96 11.29
C VAL A 812 -15.42 36.26 12.56
N PRO A 813 -16.51 35.48 12.48
CA PRO A 813 -17.32 35.31 11.26
C PRO A 813 -18.63 36.09 11.28
N ASN A 814 -19.08 36.49 12.47
CA ASN A 814 -20.39 37.14 12.60
C ASN A 814 -20.43 38.63 12.30
N GLY A 815 -19.26 39.28 12.20
CA GLY A 815 -19.23 40.72 12.01
C GLY A 815 -19.54 41.19 10.61
N LEU A 816 -19.17 40.40 9.60
CA LEU A 816 -19.62 40.64 8.23
C LEU A 816 -21.08 40.24 8.24
N GLY A 817 -21.89 40.90 7.42
CA GLY A 817 -23.32 40.92 7.67
C GLY A 817 -24.08 39.64 7.39
N PHE A 818 -25.38 39.68 7.67
CA PHE A 818 -26.26 38.56 7.38
C PHE A 818 -27.49 39.05 6.61
N LYS A 819 -27.93 38.29 5.61
CA LYS A 819 -29.16 38.61 4.88
C LYS A 819 -29.68 37.43 4.09
N VAL A 820 -30.89 36.96 4.40
CA VAL A 820 -31.49 35.86 3.66
C VAL A 820 -32.15 36.33 2.37
N ARG A 821 -32.75 37.51 2.44
CA ARG A 821 -33.49 38.07 1.31
C ARG A 821 -32.56 38.46 0.16
N LYS A 822 -33.06 38.31 -1.07
CA LYS A 822 -32.30 38.65 -2.26
C LYS A 822 -31.97 40.14 -2.31
N THR A 823 -30.76 40.47 -2.71
CA THR A 823 -30.35 41.85 -2.84
C THR A 823 -30.12 42.19 -4.31
N ARG A 824 -30.62 43.34 -4.75
CA ARG A 824 -30.32 43.78 -6.11
C ARG A 824 -29.37 44.98 -6.14
N GLU A 825 -28.36 44.87 -6.99
CA GLU A 825 -27.38 45.94 -7.15
C GLU A 825 -27.29 46.31 -8.63
N PHE A 826 -26.63 47.43 -8.91
CA PHE A 826 -26.72 48.00 -10.24
C PHE A 826 -25.36 48.34 -10.84
N ARG A 827 -25.23 48.09 -12.15
CA ARG A 827 -24.03 48.48 -12.88
C ARG A 827 -23.88 49.99 -12.87
N TYR A 828 -25.01 50.70 -12.80
CA TYR A 828 -24.98 52.16 -12.74
C TYR A 828 -25.80 52.73 -11.57
N MET A 829 -25.09 53.10 -10.50
CA MET A 829 -25.71 53.66 -9.30
C MET A 829 -26.12 55.14 -9.45
N HIS A 830 -27.17 55.53 -8.73
CA HIS A 830 -27.52 56.93 -8.59
C HIS A 830 -26.51 57.70 -7.74
N ARG A 831 -26.19 58.93 -8.15
CA ARG A 831 -25.43 59.86 -7.32
C ARG A 831 -25.95 61.26 -7.61
N GLU A 832 -25.79 62.19 -6.66
CA GLU A 832 -26.35 63.54 -6.78
C GLU A 832 -25.75 64.28 -7.97
N VAL A 833 -26.52 65.20 -8.53
CA VAL A 833 -26.12 65.89 -9.75
C VAL A 833 -24.84 66.69 -9.55
N THR A 834 -24.68 67.25 -8.36
CA THR A 834 -23.51 68.05 -8.05
C THR A 834 -22.25 67.19 -8.09
N PHE A 835 -22.38 65.94 -7.68
CA PHE A 835 -21.26 65.01 -7.66
C PHE A 835 -20.82 64.70 -9.08
N ILE A 836 -21.81 64.45 -9.93
CA ILE A 836 -21.54 64.14 -11.33
C ILE A 836 -20.86 65.35 -11.95
N HIS A 837 -21.27 66.52 -11.51
CA HIS A 837 -20.67 67.75 -12.01
C HIS A 837 -19.21 67.85 -11.61
N LYS A 838 -18.92 67.52 -10.35
CA LYS A 838 -17.56 67.59 -9.86
C LYS A 838 -16.71 66.62 -10.63
N LEU A 839 -17.28 65.46 -10.95
CA LEU A 839 -16.55 64.45 -11.71
C LEU A 839 -16.25 64.93 -13.12
N MET A 840 -17.20 65.63 -13.73
CA MET A 840 -16.99 66.17 -15.07
C MET A 840 -15.88 67.21 -15.05
N MET A 841 -15.84 67.98 -13.97
CA MET A 841 -14.77 68.96 -13.82
C MET A 841 -13.43 68.25 -13.67
N TYR A 842 -13.41 67.19 -12.88
CA TYR A 842 -12.18 66.46 -12.61
C TYR A 842 -11.66 65.77 -13.87
N ALA A 843 -12.58 65.36 -14.74
CA ALA A 843 -12.19 64.78 -16.02
C ALA A 843 -11.64 65.87 -16.94
N LEU A 844 -12.26 67.03 -16.92
CA LEU A 844 -11.86 68.12 -17.79
C LEU A 844 -10.43 68.53 -17.42
N ILE A 845 -10.21 68.69 -16.12
CA ILE A 845 -8.91 69.09 -15.60
C ILE A 845 -7.85 67.98 -15.66
N ARG A 846 -8.28 66.72 -15.58
CA ARG A 846 -7.33 65.62 -15.72
C ARG A 846 -6.82 65.57 -17.15
N GLU A 847 -7.77 65.64 -18.09
CA GLU A 847 -7.44 65.60 -19.51
C GLU A 847 -6.61 66.81 -19.88
N GLN A 848 -6.78 67.93 -19.16
CA GLN A 848 -5.91 69.08 -19.42
C GLN A 848 -4.49 68.95 -18.83
N ILE A 849 -4.39 68.44 -17.61
CA ILE A 849 -3.10 68.31 -16.92
C ILE A 849 -2.17 67.28 -17.58
N SER A 850 -2.74 66.24 -18.17
CA SER A 850 -1.93 65.21 -18.81
C SER A 850 -1.18 65.76 -20.03
N LEU A 851 -1.76 66.78 -20.66
CA LEU A 851 -1.17 67.35 -21.87
C LEU A 851 0.03 68.26 -21.59
N THR A 852 -0.05 69.03 -20.51
CA THR A 852 0.99 70.01 -20.19
C THR A 852 2.31 69.38 -19.67
N GLU A 853 3.43 70.00 -20.02
CA GLU A 853 4.76 69.45 -19.73
C GLU A 853 5.50 70.17 -18.61
N ASN A 854 6.41 69.44 -17.95
CA ASN A 854 7.28 69.95 -16.90
C ASN A 854 6.56 70.49 -15.67
N MET A 855 5.50 69.82 -15.25
CA MET A 855 4.76 70.25 -14.07
C MET A 855 5.15 69.44 -12.85
N THR A 856 5.92 70.05 -11.95
CA THR A 856 6.43 69.35 -10.78
C THR A 856 5.34 68.89 -9.80
N GLN A 857 4.26 69.65 -9.68
CA GLN A 857 3.25 69.37 -8.65
C GLN A 857 1.86 69.94 -8.93
N VAL A 858 0.86 69.29 -8.37
CA VAL A 858 -0.49 69.82 -8.39
C VAL A 858 -0.87 70.26 -6.99
N VAL A 859 -1.29 71.51 -6.84
CA VAL A 859 -1.68 72.00 -5.52
C VAL A 859 -3.17 72.34 -5.47
N SER A 860 -3.96 71.44 -4.88
CA SER A 860 -5.38 71.71 -4.72
C SER A 860 -5.64 72.51 -3.45
N ILE A 861 -6.31 73.64 -3.60
CA ILE A 861 -6.66 74.47 -2.45
C ILE A 861 -8.09 74.15 -2.03
N GLY A 862 -8.27 73.87 -0.75
CA GLY A 862 -9.60 73.65 -0.21
C GLY A 862 -10.16 72.28 -0.56
N GLY A 863 -9.31 71.42 -1.09
CA GLY A 863 -9.74 70.09 -1.51
C GLY A 863 -9.89 69.13 -0.35
N ARG A 864 -11.03 69.19 0.33
CA ARG A 864 -11.27 68.33 1.49
C ARG A 864 -11.33 66.86 1.09
N ASN A 865 -10.84 66.00 1.97
CA ASN A 865 -10.79 64.56 1.72
C ASN A 865 -10.06 64.20 0.43
N LEU A 866 -9.08 65.01 0.06
CA LEU A 866 -8.32 64.82 -1.18
C LEU A 866 -9.24 64.74 -2.39
N ALA A 867 -10.31 65.54 -2.39
CA ALA A 867 -11.37 65.38 -3.37
C ALA A 867 -10.89 65.50 -4.82
N ASP A 868 -9.89 66.34 -5.05
CA ASP A 868 -9.40 66.62 -6.39
C ASP A 868 -8.37 65.60 -6.91
N ILE A 869 -8.03 64.60 -6.08
CA ILE A 869 -6.87 63.75 -6.35
C ILE A 869 -6.95 62.93 -7.64
N SER A 870 -8.16 62.66 -8.11
CA SER A 870 -8.30 61.90 -9.35
C SER A 870 -7.64 62.64 -10.52
N VAL A 871 -7.62 63.98 -10.42
CA VAL A 871 -7.07 64.80 -11.48
C VAL A 871 -5.56 64.61 -11.69
N VAL A 872 -4.84 64.37 -10.60
CA VAL A 872 -3.38 64.39 -10.62
C VAL A 872 -2.72 63.03 -10.93
N PRO A 873 -1.87 62.99 -11.97
CA PRO A 873 -1.19 61.78 -12.45
C PRO A 873 -0.29 61.16 -11.40
N LEU A 874 -0.22 59.84 -11.39
CA LEU A 874 0.29 59.08 -10.26
C LEU A 874 1.72 59.37 -9.83
N ASN A 875 2.55 59.87 -10.75
CA ASN A 875 3.95 60.19 -10.44
C ASN A 875 4.17 61.58 -9.83
N MET A 876 3.37 62.56 -10.25
CA MET A 876 3.54 63.94 -9.81
C MET A 876 3.14 64.14 -8.35
N LYS A 877 3.88 64.96 -7.62
CA LYS A 877 3.55 65.24 -6.23
C LYS A 877 2.28 66.08 -6.09
N TYR A 878 1.49 65.74 -5.06
CA TYR A 878 0.17 66.33 -4.88
C TYR A 878 0.06 67.02 -3.53
N VAL A 879 0.03 68.34 -3.55
CA VAL A 879 -0.11 69.15 -2.35
C VAL A 879 -1.57 69.54 -2.11
N VAL A 880 -2.03 69.38 -0.88
CA VAL A 880 -3.36 69.84 -0.49
C VAL A 880 -3.23 71.00 0.50
N ILE A 881 -4.03 72.04 0.31
CA ILE A 881 -4.01 73.16 1.24
C ILE A 881 -5.41 73.45 1.77
N ASP A 882 -5.81 72.70 2.79
CA ASP A 882 -7.13 72.85 3.40
C ASP A 882 -7.08 72.56 4.90
N PRO A 883 -7.59 73.50 5.71
CA PRO A 883 -7.58 73.34 7.17
C PRO A 883 -8.33 72.09 7.61
N ALA A 884 -9.41 71.77 6.89
CA ALA A 884 -10.28 70.66 7.28
C ALA A 884 -9.66 69.27 7.17
N THR A 885 -8.78 69.06 6.19
CA THR A 885 -8.20 67.74 5.98
C THR A 885 -7.30 67.31 7.14
N ARG A 886 -7.47 66.07 7.58
CA ARG A 886 -6.73 65.56 8.73
C ARG A 886 -6.03 64.28 8.35
N ILE A 887 -4.70 64.29 8.43
CA ILE A 887 -3.93 63.12 8.04
C ILE A 887 -2.79 62.89 9.02
N GLU A 888 -2.53 61.61 9.31
CA GLU A 888 -1.31 61.19 9.99
C GLU A 888 -0.15 61.42 9.03
N THR A 889 1.00 61.84 9.53
CA THR A 889 2.13 62.18 8.67
C THR A 889 2.62 60.96 7.89
N LEU A 890 2.51 59.80 8.53
CA LEU A 890 2.95 58.54 7.94
C LEU A 890 2.12 58.18 6.71
N THR A 891 0.87 58.65 6.66
CA THR A 891 -0.02 58.35 5.54
C THR A 891 0.35 59.17 4.30
N GLN A 892 0.58 60.46 4.51
CA GLN A 892 0.99 61.33 3.42
C GLN A 892 2.35 60.84 2.94
N GLU A 893 3.16 60.34 3.87
CA GLU A 893 4.45 59.79 3.49
C GLU A 893 4.24 58.52 2.67
N LYS A 894 3.23 57.74 3.04
CA LYS A 894 2.92 56.49 2.36
C LYS A 894 2.43 56.69 0.94
N LYS A 895 1.75 57.80 0.68
CA LYS A 895 1.16 58.03 -0.63
C LYS A 895 1.67 59.25 -1.39
N ASN A 896 2.78 59.84 -0.92
CA ASN A 896 3.37 61.02 -1.54
C ASN A 896 2.43 62.24 -1.63
N ILE A 897 1.44 62.28 -0.75
CA ILE A 897 0.63 63.48 -0.55
C ILE A 897 1.41 64.48 0.33
N GLU A 898 1.12 65.77 0.18
CA GLU A 898 1.68 66.76 1.09
C GLU A 898 0.59 67.71 1.55
N VAL A 899 0.01 67.41 2.71
CA VAL A 899 -0.99 68.28 3.31
C VAL A 899 -0.36 69.45 4.09
N GLN A 900 -1.02 70.60 4.06
CA GLN A 900 -0.64 71.75 4.86
C GLN A 900 -1.91 72.32 5.48
N SER A 901 -2.20 71.93 6.71
CA SER A 901 -3.49 72.22 7.31
C SER A 901 -3.59 73.64 7.86
N ARG A 902 -3.49 74.61 6.95
CA ARG A 902 -3.71 76.01 7.28
C ARG A 902 -4.63 76.60 6.23
N PRO A 903 -5.41 77.63 6.60
CA PRO A 903 -6.25 78.24 5.56
C PRO A 903 -5.36 78.86 4.49
N PHE A 904 -5.80 78.77 3.24
CA PHE A 904 -5.03 79.38 2.16
C PHE A 904 -5.08 80.89 2.28
N GLN A 905 -3.95 81.54 2.09
CA GLN A 905 -3.91 82.99 2.25
C GLN A 905 -4.13 83.70 0.92
N PHE A 906 -5.31 84.29 0.77
CA PHE A 906 -5.69 84.93 -0.49
C PHE A 906 -5.16 86.35 -0.66
N ASP A 907 -4.50 86.90 0.35
CA ASP A 907 -3.80 88.17 0.17
C ASP A 907 -2.67 87.98 -0.84
N ALA A 908 -2.54 88.92 -1.78
CA ALA A 908 -1.68 88.74 -2.95
C ALA A 908 -0.18 88.64 -2.65
N ALA A 909 0.29 89.32 -1.62
CA ALA A 909 1.72 89.39 -1.34
C ALA A 909 2.28 88.10 -0.74
N ASN A 910 1.60 87.58 0.27
CA ASN A 910 2.07 86.40 0.99
C ASN A 910 1.62 85.07 0.37
N MET A 911 0.87 85.15 -0.72
CA MET A 911 0.45 83.95 -1.44
C MET A 911 1.62 83.39 -2.23
N ASP A 912 2.35 82.47 -1.63
CA ASP A 912 3.59 81.96 -2.22
C ASP A 912 3.31 80.87 -3.26
N LEU A 913 3.13 81.29 -4.51
CA LEU A 913 2.93 80.34 -5.61
C LEU A 913 4.24 79.86 -6.22
N GLU A 914 4.37 78.54 -6.39
CA GLU A 914 5.55 77.95 -7.03
C GLU A 914 5.48 77.99 -8.56
N ASN A 915 6.64 78.04 -9.19
CA ASN A 915 6.75 77.83 -10.63
C ASN A 915 6.53 76.37 -10.96
N ASN A 916 6.07 76.08 -12.18
CA ASN A 916 5.83 74.71 -12.63
C ASN A 916 4.81 73.96 -11.77
N SER A 917 3.76 74.66 -11.34
CA SER A 917 2.76 74.05 -10.47
C SER A 917 1.35 74.28 -11.01
N ILE A 918 0.44 73.35 -10.69
CA ILE A 918 -0.94 73.46 -11.14
C ILE A 918 -1.90 73.61 -9.96
N TYR A 919 -2.25 74.85 -9.65
CA TYR A 919 -3.20 75.14 -8.59
C TYR A 919 -4.65 74.82 -8.97
N LEU A 920 -5.42 74.35 -8.00
CA LEU A 920 -6.78 73.90 -8.24
C LEU A 920 -7.70 74.54 -7.22
N PHE A 921 -8.42 75.56 -7.63
CA PHE A 921 -9.35 76.23 -6.74
C PHE A 921 -10.78 75.81 -7.05
N ILE A 922 -10.95 74.54 -7.37
CA ILE A 922 -12.26 74.01 -7.73
C ILE A 922 -13.25 74.14 -6.56
N ALA A 923 -14.34 74.85 -6.81
CA ALA A 923 -15.45 74.99 -5.87
C ALA A 923 -15.05 75.42 -4.47
N VAL A 924 -14.11 76.37 -4.37
CA VAL A 924 -13.67 76.82 -3.04
C VAL A 924 -13.79 78.32 -2.81
N ILE A 925 -13.65 79.12 -3.86
CA ILE A 925 -13.60 80.57 -3.67
C ILE A 925 -14.91 81.17 -3.16
N MET A 926 -16.02 80.50 -3.46
CA MET A 926 -17.34 81.02 -3.07
C MET A 926 -17.54 81.02 -1.56
N ASN A 927 -16.89 80.09 -0.87
CA ASN A 927 -17.08 79.92 0.56
C ASN A 927 -15.87 80.30 1.39
N GLU A 928 -16.13 80.88 2.56
CA GLU A 928 -15.10 81.08 3.57
C GLU A 928 -14.72 79.70 4.10
N PRO A 929 -13.50 79.55 4.65
CA PRO A 929 -13.03 78.22 5.06
C PRO A 929 -13.96 77.54 6.06
N ASN A 930 -14.63 78.32 6.89
CA ASN A 930 -15.57 77.78 7.87
C ASN A 930 -16.89 77.32 7.23
N GLY A 931 -17.06 77.64 5.95
CA GLY A 931 -18.23 77.21 5.21
C GLY A 931 -19.27 78.29 4.95
N ALA A 932 -19.13 79.44 5.61
CA ALA A 932 -20.00 80.59 5.35
C ALA A 932 -19.76 81.16 3.95
N ALA A 933 -20.83 81.53 3.26
CA ALA A 933 -20.72 82.09 1.92
C ALA A 933 -20.04 83.45 1.90
N THR A 934 -19.12 83.63 0.96
CA THR A 934 -18.49 84.93 0.73
C THR A 934 -19.34 85.81 -0.17
N PRO A 935 -19.36 87.12 0.09
CA PRO A 935 -19.98 88.06 -0.84
C PRO A 935 -19.24 88.01 -2.17
N ALA A 936 -19.92 88.20 -3.29
CA ALA A 936 -19.32 87.99 -4.60
C ALA A 936 -18.11 88.88 -4.85
N ARG A 937 -18.14 90.08 -4.30
CA ARG A 937 -17.03 91.02 -4.44
C ARG A 937 -15.77 90.42 -3.82
N MET A 938 -15.94 89.68 -2.73
CA MET A 938 -14.84 88.99 -2.08
C MET A 938 -14.23 87.90 -2.97
N GLN A 939 -15.08 87.22 -3.74
CA GLN A 939 -14.61 86.22 -4.70
C GLN A 939 -13.83 86.89 -5.82
N MET A 940 -14.30 88.05 -6.26
CA MET A 940 -13.60 88.80 -7.30
C MET A 940 -12.24 89.25 -6.77
N ASP A 941 -12.20 89.58 -5.48
CA ASP A 941 -10.93 89.91 -4.83
C ASP A 941 -10.01 88.69 -4.80
N LYS A 942 -10.59 87.52 -4.62
CA LYS A 942 -9.82 86.28 -4.57
C LYS A 942 -9.16 86.00 -5.92
N ILE A 943 -9.97 86.05 -6.98
CA ILE A 943 -9.45 85.81 -8.32
C ILE A 943 -8.44 86.89 -8.74
N ARG A 944 -8.66 88.11 -8.27
CA ARG A 944 -7.73 89.20 -8.56
C ARG A 944 -6.38 88.89 -7.94
N ASN A 945 -6.40 88.53 -6.67
CA ASN A 945 -5.17 88.24 -5.97
C ASN A 945 -4.44 87.03 -6.53
N VAL A 946 -5.19 86.03 -6.99
CA VAL A 946 -4.55 84.83 -7.51
C VAL A 946 -3.96 85.03 -8.91
N ALA A 947 -4.63 85.83 -9.74
CA ALA A 947 -4.07 86.17 -11.04
C ALA A 947 -2.86 87.10 -10.90
N THR A 948 -2.96 88.08 -10.01
CA THR A 948 -1.86 89.01 -9.76
C THR A 948 -0.64 88.28 -9.18
N ALA A 949 -0.90 87.31 -8.31
CA ALA A 949 0.16 86.46 -7.80
C ALA A 949 0.72 85.56 -8.89
N MET A 950 -0.12 85.21 -9.86
CA MET A 950 0.32 84.37 -10.98
C MET A 950 1.09 85.16 -12.02
N LEU A 951 1.05 86.48 -11.91
CA LEU A 951 1.69 87.35 -12.91
C LEU A 951 3.21 87.22 -12.97
N THR A 952 3.85 86.84 -11.86
CA THR A 952 5.31 86.69 -11.84
C THR A 952 5.78 85.29 -12.19
N ARG A 953 5.02 84.27 -11.79
CA ARG A 953 5.40 82.88 -12.00
C ARG A 953 5.41 82.47 -13.46
N THR A 954 6.37 81.63 -13.83
CA THR A 954 6.41 81.02 -15.15
C THR A 954 5.88 79.59 -15.10
N ASN A 955 5.27 79.16 -16.20
CA ASN A 955 4.75 77.79 -16.33
C ASN A 955 3.66 77.43 -15.31
N CYS A 956 3.21 78.42 -14.54
CA CYS A 956 2.12 78.20 -13.59
C CYS A 956 0.75 78.11 -14.28
N VAL A 957 -0.13 77.29 -13.75
CA VAL A 957 -1.48 77.12 -14.28
C VAL A 957 -2.48 77.01 -13.12
N ALA A 958 -3.63 77.65 -13.26
CA ALA A 958 -4.63 77.57 -12.20
C ALA A 958 -6.06 77.39 -12.73
N TYR A 959 -6.83 76.56 -12.04
CA TYR A 959 -8.20 76.28 -12.41
C TYR A 959 -9.15 76.77 -11.32
N ILE A 960 -9.74 77.94 -11.56
CA ILE A 960 -10.63 78.54 -10.57
C ILE A 960 -12.09 78.40 -11.00
N SER A 961 -12.74 77.34 -10.53
CA SER A 961 -14.17 77.16 -10.79
C SER A 961 -15.00 78.18 -9.99
N PHE A 962 -16.05 78.69 -10.61
CA PHE A 962 -16.94 79.67 -9.97
C PHE A 962 -18.31 79.66 -10.64
N TYR A 963 -19.35 79.83 -9.84
CA TYR A 963 -20.71 79.95 -10.38
C TYR A 963 -20.96 81.27 -11.13
N GLU A 964 -21.70 81.20 -12.23
CA GLU A 964 -22.04 82.38 -13.02
C GLU A 964 -23.45 82.91 -12.71
N ALA A 965 -23.63 84.22 -12.81
CA ALA A 965 -24.89 84.87 -12.44
C ALA A 965 -26.09 84.45 -13.29
N GLY A 966 -25.83 84.05 -14.54
CA GLY A 966 -26.90 83.78 -15.48
C GLY A 966 -27.80 82.67 -14.99
N ILE A 967 -27.21 81.68 -14.31
CA ILE A 967 -27.97 80.52 -13.84
C ILE A 967 -29.12 80.98 -12.94
N ILE A 968 -28.91 82.07 -12.20
CA ILE A 968 -29.91 82.54 -11.27
C ILE A 968 -31.18 82.90 -12.04
N THR A 969 -31.02 83.67 -13.12
CA THR A 969 -32.20 84.13 -13.85
C THR A 969 -32.90 82.95 -14.47
N ARG A 970 -32.16 81.90 -14.78
CA ARG A 970 -32.77 80.70 -15.34
C ARG A 970 -33.52 79.95 -14.24
N LEU A 971 -32.90 79.85 -13.06
CA LEU A 971 -33.50 79.09 -11.97
C LEU A 971 -34.75 79.77 -11.41
N ASP A 972 -34.82 81.10 -11.55
CA ASP A 972 -36.02 81.83 -11.19
C ASP A 972 -37.18 81.49 -12.12
N GLN A 973 -36.87 81.10 -13.35
CA GLN A 973 -37.89 80.75 -14.34
C GLN A 973 -38.33 79.28 -14.21
N SER A 974 -37.37 78.41 -13.92
CA SER A 974 -37.59 76.98 -13.85
C SER A 974 -38.28 76.50 -12.58
N THR A 975 -39.00 75.38 -12.67
CA THR A 975 -39.64 74.79 -11.50
C THR A 975 -38.80 73.71 -10.84
N ALA A 976 -37.86 73.15 -11.59
CA ALA A 976 -37.00 72.11 -11.04
C ALA A 976 -36.18 72.73 -9.92
N HIS A 977 -36.05 71.99 -8.82
CA HIS A 977 -35.27 72.46 -7.68
C HIS A 977 -34.92 71.32 -6.72
N LYS A 978 -34.71 70.13 -7.28
CA LYS A 978 -34.41 68.95 -6.49
C LYS A 978 -33.08 69.07 -5.76
N THR A 979 -32.13 69.75 -6.38
CA THR A 979 -30.78 69.80 -5.82
C THR A 979 -30.10 71.14 -6.07
N ILE A 980 -30.58 71.87 -7.07
CA ILE A 980 -30.08 73.21 -7.32
C ILE A 980 -31.27 74.16 -7.30
N ARG A 981 -31.21 75.20 -6.46
CA ARG A 981 -32.29 76.17 -6.40
C ARG A 981 -31.81 77.51 -5.85
N VAL A 982 -32.40 78.60 -6.31
CA VAL A 982 -32.07 79.91 -5.74
C VAL A 982 -32.71 80.13 -4.36
N GLU A 983 -32.03 80.93 -3.54
CA GLU A 983 -32.53 81.31 -2.21
C GLU A 983 -32.24 82.78 -2.01
N GLU A 984 -33.24 83.62 -2.29
CA GLU A 984 -33.08 85.08 -2.27
C GLU A 984 -31.99 85.53 -3.23
N GLY A 985 -31.84 84.81 -4.34
CA GLY A 985 -30.87 85.16 -5.38
C GLY A 985 -29.52 84.46 -5.35
N ARG A 986 -29.22 83.73 -4.29
CA ARG A 986 -28.00 82.93 -4.24
C ARG A 986 -28.30 81.47 -4.47
N LEU A 987 -27.64 80.84 -5.44
CA LEU A 987 -27.90 79.42 -5.70
C LEU A 987 -27.42 78.54 -4.54
N LYS A 988 -28.17 77.49 -4.26
CA LYS A 988 -27.87 76.58 -3.17
C LYS A 988 -27.60 75.17 -3.68
N VAL A 989 -26.33 74.81 -3.76
CA VAL A 989 -25.93 73.44 -3.98
C VAL A 989 -26.30 72.66 -2.71
N ALA A 990 -26.60 71.38 -2.85
CA ALA A 990 -27.04 70.56 -1.71
C ALA A 990 -25.98 70.49 -0.61
N ASN A 991 -26.45 70.56 0.63
CA ASN A 991 -25.58 70.54 1.81
C ASN A 991 -24.54 71.67 1.82
N TYR A 992 -24.92 72.82 1.28
CA TYR A 992 -24.06 74.00 1.29
C TYR A 992 -24.89 75.25 1.45
N VAL A 993 -24.32 76.26 2.08
CA VAL A 993 -24.98 77.56 2.21
C VAL A 993 -25.08 78.17 0.81
N PRO A 994 -26.22 78.82 0.51
CA PRO A 994 -26.32 79.48 -0.80
C PRO A 994 -25.26 80.56 -0.95
N VAL A 995 -24.71 80.70 -2.15
CA VAL A 995 -23.58 81.59 -2.38
C VAL A 995 -23.83 82.60 -3.50
N ASP A 996 -23.34 83.81 -3.32
CA ASP A 996 -23.45 84.84 -4.36
C ASP A 996 -22.62 84.47 -5.59
N THR A 997 -23.13 84.80 -6.77
CA THR A 997 -22.48 84.42 -8.02
C THR A 997 -21.87 85.61 -8.77
N LEU A 998 -20.80 85.35 -9.51
CA LEU A 998 -20.11 86.38 -10.29
C LEU A 998 -20.65 86.52 -11.72
N VAL A 999 -20.51 87.72 -12.29
CA VAL A 999 -20.81 87.93 -13.71
C VAL A 999 -19.57 87.64 -14.56
N GLU A 1000 -19.73 86.81 -15.59
CA GLU A 1000 -18.58 86.37 -16.39
C GLU A 1000 -17.90 87.51 -17.14
N ALA A 1001 -18.70 88.48 -17.59
CA ALA A 1001 -18.14 89.59 -18.35
C ALA A 1001 -17.24 90.43 -17.47
N ASP A 1002 -17.66 90.63 -16.23
CA ASP A 1002 -16.86 91.37 -15.25
C ASP A 1002 -15.59 90.60 -14.86
N VAL A 1003 -15.69 89.27 -14.81
CA VAL A 1003 -14.56 88.43 -14.45
C VAL A 1003 -13.49 88.42 -15.54
N THR A 1004 -13.91 88.25 -16.78
CA THR A 1004 -12.99 88.34 -17.89
C THR A 1004 -12.46 89.75 -18.06
N LEU A 1005 -13.27 90.73 -17.66
CA LEU A 1005 -12.85 92.14 -17.74
C LEU A 1005 -11.68 92.41 -16.79
N MET A 1006 -11.85 92.04 -15.52
CA MET A 1006 -10.75 92.22 -14.58
C MET A 1006 -9.56 91.32 -14.94
N LEU A 1007 -9.86 90.15 -15.48
CA LEU A 1007 -8.81 89.21 -15.87
C LEU A 1007 -7.97 89.74 -17.01
N ARG A 1008 -8.58 90.55 -17.87
CA ARG A 1008 -7.84 91.14 -18.98
C ARG A 1008 -7.16 92.47 -18.61
N ASP A 1009 -7.73 93.21 -17.66
CA ASP A 1009 -6.99 94.37 -17.14
C ASP A 1009 -5.74 93.92 -16.36
N ILE A 1010 -5.83 92.75 -15.72
CA ILE A 1010 -4.67 92.14 -15.07
C ILE A 1010 -3.62 91.72 -16.10
N GLY A 1011 -4.07 91.35 -17.29
CA GLY A 1011 -3.18 91.03 -18.40
C GLY A 1011 -2.68 89.60 -18.48
N ILE A 1012 -3.06 88.75 -17.53
CA ILE A 1012 -2.74 87.34 -17.63
C ILE A 1012 -3.56 86.66 -18.73
N THR A 1013 -2.94 85.74 -19.46
CA THR A 1013 -3.66 84.91 -20.41
C THR A 1013 -4.61 83.97 -19.67
N HIS A 1014 -5.82 83.79 -20.19
CA HIS A 1014 -6.82 82.98 -19.51
C HIS A 1014 -7.85 82.39 -20.46
N GLU A 1015 -8.43 81.27 -20.06
CA GLU A 1015 -9.47 80.62 -20.86
C GLU A 1015 -10.63 80.14 -19.99
N ILE A 1016 -11.80 80.75 -20.18
CA ILE A 1016 -13.01 80.21 -19.60
C ILE A 1016 -13.32 78.88 -20.29
N ILE A 1017 -13.67 77.87 -19.51
CA ILE A 1017 -13.99 76.54 -20.05
C ILE A 1017 -15.00 75.84 -19.16
N ARG A 1018 -15.76 74.93 -19.74
CA ARG A 1018 -16.65 74.07 -18.97
C ARG A 1018 -16.50 72.64 -19.44
N PRO A 1019 -16.81 71.68 -18.55
CA PRO A 1019 -16.87 70.29 -19.00
C PRO A 1019 -17.96 70.15 -20.06
N SER A 1020 -17.74 69.30 -21.04
CA SER A 1020 -18.71 69.09 -22.09
C SER A 1020 -19.30 67.69 -21.96
N THR A 1021 -20.07 67.28 -22.95
CA THR A 1021 -20.64 65.93 -22.98
C THR A 1021 -19.62 64.77 -22.88
N PRO A 1022 -18.50 64.84 -23.64
CA PRO A 1022 -17.57 63.71 -23.53
C PRO A 1022 -17.09 63.51 -22.09
N GLU A 1023 -16.94 64.61 -21.35
CA GLU A 1023 -16.55 64.54 -19.96
C GLU A 1023 -17.64 63.88 -19.11
N LEU A 1024 -18.89 64.10 -19.50
CA LEU A 1024 -20.03 63.51 -18.80
C LEU A 1024 -19.96 62.01 -18.98
N ILE A 1025 -19.80 61.59 -20.24
CA ILE A 1025 -19.78 60.16 -20.54
C ILE A 1025 -18.57 59.47 -19.92
N ASP A 1026 -17.44 60.18 -19.86
CA ASP A 1026 -16.22 59.62 -19.27
C ASP A 1026 -16.40 59.45 -17.77
N ALA A 1027 -16.98 60.47 -17.13
CA ALA A 1027 -17.19 60.40 -15.69
C ALA A 1027 -18.19 59.31 -15.32
N CYS A 1028 -19.28 59.23 -16.08
CA CYS A 1028 -20.36 58.30 -15.76
C CYS A 1028 -19.93 56.87 -16.03
N SER A 1029 -19.34 56.63 -17.19
CA SER A 1029 -18.88 55.29 -17.51
C SER A 1029 -17.74 54.84 -16.61
N ASN A 1030 -16.89 55.78 -16.19
CA ASN A 1030 -15.76 55.40 -15.34
C ASN A 1030 -16.13 55.13 -13.89
N TYR A 1031 -17.04 55.93 -13.35
CA TYR A 1031 -17.47 55.75 -11.96
C TYR A 1031 -18.61 54.75 -11.77
N GLY A 1032 -19.19 54.27 -12.86
CA GLY A 1032 -20.35 53.38 -12.76
C GLY A 1032 -21.60 54.12 -12.34
N ILE A 1033 -21.73 55.36 -12.80
CA ILE A 1033 -22.80 56.24 -12.38
C ILE A 1033 -23.79 56.53 -13.50
N ARG A 1034 -25.08 56.47 -13.20
CA ARG A 1034 -26.09 57.02 -14.11
C ARG A 1034 -26.67 58.34 -13.59
N LEU A 1035 -26.86 59.28 -14.51
CA LEU A 1035 -27.43 60.59 -14.20
C LEU A 1035 -28.89 60.46 -13.76
N GLY A 1036 -29.28 61.27 -12.78
CA GLY A 1036 -30.64 61.22 -12.28
C GLY A 1036 -31.60 61.78 -13.30
N SER A 1037 -32.89 61.53 -13.12
CA SER A 1037 -33.91 62.04 -14.02
C SER A 1037 -33.94 63.56 -13.95
N THR A 1038 -34.05 64.08 -12.73
CA THR A 1038 -34.02 65.52 -12.50
C THR A 1038 -32.64 66.06 -12.82
N GLY A 1039 -31.65 65.19 -12.63
CA GLY A 1039 -30.29 65.55 -12.93
C GLY A 1039 -30.13 65.82 -14.40
N GLY A 1040 -30.87 65.08 -15.23
CA GLY A 1040 -30.75 65.27 -16.67
C GLY A 1040 -31.22 66.64 -17.08
N ALA A 1041 -32.26 67.13 -16.42
CA ALA A 1041 -32.79 68.44 -16.74
C ALA A 1041 -31.83 69.51 -16.24
N VAL A 1042 -31.46 69.44 -14.97
CA VAL A 1042 -30.68 70.51 -14.37
C VAL A 1042 -29.19 70.56 -14.77
N LEU A 1043 -28.63 69.43 -15.18
CA LEU A 1043 -27.17 69.31 -15.37
C LEU A 1043 -26.57 70.19 -16.47
N ASP A 1044 -27.29 70.37 -17.57
CA ASP A 1044 -26.75 71.16 -18.66
C ASP A 1044 -26.63 72.63 -18.25
N VAL A 1045 -27.66 73.13 -17.59
CA VAL A 1045 -27.67 74.52 -17.12
C VAL A 1045 -26.69 74.72 -15.98
N PHE A 1046 -26.69 73.79 -15.03
CA PHE A 1046 -25.81 73.89 -13.86
C PHE A 1046 -24.34 73.81 -14.25
N ASN A 1047 -24.06 73.00 -15.26
CA ASN A 1047 -22.69 72.81 -15.70
C ASN A 1047 -22.21 73.97 -16.57
N HIS A 1048 -23.07 74.42 -17.47
CA HIS A 1048 -22.68 75.51 -18.35
C HIS A 1048 -22.43 76.81 -17.59
N TYR A 1049 -23.15 77.00 -16.49
CA TYR A 1049 -23.04 78.22 -15.71
C TYR A 1049 -22.20 78.04 -14.46
N SER A 1050 -21.34 77.04 -14.49
CA SER A 1050 -20.29 76.92 -13.49
C SER A 1050 -18.95 76.72 -14.21
N PRO A 1051 -18.48 77.79 -14.89
CA PRO A 1051 -17.23 77.78 -15.66
C PRO A 1051 -16.00 77.59 -14.78
N VAL A 1052 -14.99 76.92 -15.31
CA VAL A 1052 -13.67 76.92 -14.69
C VAL A 1052 -12.86 78.01 -15.37
N ILE A 1053 -12.10 78.77 -14.60
CA ILE A 1053 -11.18 79.74 -15.21
C ILE A 1053 -9.78 79.17 -15.27
N LYS A 1054 -9.31 78.91 -16.48
CA LYS A 1054 -7.96 78.39 -16.67
C LYS A 1054 -6.97 79.54 -16.89
N LEU A 1055 -6.40 80.03 -15.79
CA LEU A 1055 -5.26 80.94 -15.87
C LEU A 1055 -4.02 80.14 -16.22
N VAL A 1056 -3.08 80.75 -16.93
CA VAL A 1056 -1.90 80.04 -17.41
C VAL A 1056 -0.72 80.99 -17.60
N ARG A 1057 0.50 80.45 -17.54
CA ARG A 1057 1.71 81.26 -17.75
C ARG A 1057 2.72 80.53 -18.63
N LYS B 135 -45.04 -15.67 64.66
CA LYS B 135 -45.61 -16.95 65.08
C LYS B 135 -44.90 -17.44 66.34
N VAL B 136 -44.29 -18.63 66.25
CA VAL B 136 -43.56 -19.18 67.40
C VAL B 136 -42.32 -18.34 67.75
N ILE B 137 -42.09 -18.15 69.05
CA ILE B 137 -40.95 -17.35 69.51
C ILE B 137 -39.63 -18.01 69.14
N PHE B 138 -38.68 -17.22 68.66
CA PHE B 138 -37.36 -17.75 68.32
C PHE B 138 -36.25 -16.71 68.50
N ASN B 139 -35.42 -16.93 69.51
CA ASN B 139 -34.32 -16.03 69.80
C ASN B 139 -33.10 -16.40 68.98
N GLY B 140 -33.10 -16.00 67.72
CA GLY B 140 -31.97 -16.21 66.84
C GLY B 140 -32.34 -15.76 65.46
N LEU B 141 -31.34 -15.54 64.61
CA LEU B 141 -31.63 -15.16 63.23
C LEU B 141 -32.38 -16.31 62.56
N ASP B 142 -33.46 -16.00 61.85
CA ASP B 142 -34.27 -17.03 61.23
C ASP B 142 -33.88 -17.19 59.76
N VAL B 143 -32.72 -17.79 59.54
CA VAL B 143 -32.13 -17.88 58.22
C VAL B 143 -32.97 -18.70 57.24
N ASN B 144 -33.00 -18.28 55.98
CA ASN B 144 -33.66 -19.06 54.93
C ASN B 144 -32.84 -19.17 53.65
N THR B 145 -32.32 -18.05 53.17
CA THR B 145 -31.44 -18.06 52.00
C THR B 145 -30.03 -18.59 52.34
N GLU B 146 -29.38 -19.19 51.35
CA GLU B 146 -27.96 -19.55 51.45
C GLU B 146 -27.23 -19.02 50.23
N VAL B 147 -26.66 -17.82 50.34
CA VAL B 147 -25.87 -17.24 49.24
C VAL B 147 -24.63 -18.07 48.92
N GLN B 148 -24.37 -18.25 47.64
CA GLN B 148 -23.10 -18.81 47.19
C GLN B 148 -22.02 -17.74 47.24
N PRO B 149 -20.76 -18.14 47.35
CA PRO B 149 -19.66 -17.17 47.24
C PRO B 149 -19.71 -16.57 45.84
N LEU B 150 -19.33 -15.31 45.68
CA LEU B 150 -19.48 -14.66 44.38
C LEU B 150 -18.46 -15.12 43.34
N SER B 151 -17.39 -15.78 43.80
CA SER B 151 -16.37 -16.29 42.90
C SER B 151 -15.68 -17.52 43.48
N ASP B 152 -15.19 -18.39 42.61
CA ASP B 152 -14.44 -19.55 43.05
C ASP B 152 -12.96 -19.30 42.83
N ASP B 153 -12.51 -18.14 43.33
CA ASP B 153 -11.20 -17.62 42.97
C ASP B 153 -10.01 -18.49 43.41
N PHE B 154 -10.15 -19.24 44.50
CA PHE B 154 -9.01 -19.95 45.05
C PHE B 154 -9.23 -21.42 45.31
N LYS B 155 -8.22 -22.22 44.96
CA LYS B 155 -8.20 -23.64 45.30
C LYS B 155 -7.41 -23.86 46.61
N GLN B 156 -8.14 -23.98 47.72
CA GLN B 156 -7.52 -24.19 49.02
C GLN B 156 -6.82 -25.55 49.16
N ILE B 157 -5.61 -25.53 49.72
CA ILE B 157 -4.75 -26.71 49.80
C ILE B 157 -3.89 -26.59 51.05
N SER B 158 -3.36 -27.70 51.54
CA SER B 158 -2.81 -27.71 52.88
C SER B 158 -1.29 -27.74 52.92
N ASP B 159 -0.70 -28.58 52.10
CA ASP B 159 0.74 -28.79 52.17
C ASP B 159 1.26 -28.58 50.75
N PRO B 160 1.48 -27.31 50.39
CA PRO B 160 1.76 -26.81 49.04
C PRO B 160 3.02 -27.39 48.44
N LYS B 161 3.00 -27.66 47.14
CA LYS B 161 4.18 -28.20 46.47
C LYS B 161 4.87 -27.11 45.65
N GLY B 162 6.19 -27.09 45.69
CA GLY B 162 6.96 -26.05 45.05
C GLY B 162 7.03 -26.19 43.53
N TYR B 163 7.38 -25.12 42.85
CA TYR B 163 7.67 -25.24 41.42
C TYR B 163 9.00 -25.97 41.24
N LEU B 164 9.96 -25.65 42.10
CA LEU B 164 11.22 -26.36 42.12
C LEU B 164 11.31 -27.48 43.16
N THR B 165 12.30 -28.35 43.00
CA THR B 165 12.52 -29.42 43.94
C THR B 165 13.95 -29.95 43.72
N TYR B 166 14.57 -30.49 44.76
CA TYR B 166 15.87 -31.15 44.57
C TYR B 166 15.72 -32.52 43.89
N SER B 167 16.71 -32.87 43.09
CA SER B 167 16.82 -34.20 42.51
C SER B 167 18.21 -34.65 42.86
N VAL B 168 18.40 -35.95 43.00
CA VAL B 168 19.70 -36.44 43.39
C VAL B 168 20.00 -37.81 42.82
N LYS B 169 21.12 -37.92 42.14
CA LYS B 169 21.61 -39.21 41.70
C LYS B 169 22.68 -39.70 42.66
N TYR B 170 22.49 -40.89 43.21
CA TYR B 170 23.42 -41.48 44.17
C TYR B 170 24.41 -42.38 43.45
N GLU B 171 25.61 -42.52 44.01
CA GLU B 171 26.55 -43.51 43.54
C GLU B 171 26.28 -44.80 44.30
N ASP B 172 25.69 -45.78 43.62
CA ASP B 172 25.15 -46.96 44.27
C ASP B 172 26.23 -47.72 45.05
N GLN B 173 27.47 -47.63 44.58
CA GLN B 173 28.59 -48.24 45.27
C GLN B 173 28.85 -47.67 46.68
N PHE B 174 28.61 -46.37 46.87
CA PHE B 174 28.86 -45.75 48.17
C PHE B 174 27.62 -45.54 49.03
N THR B 175 26.44 -45.72 48.43
CA THR B 175 25.20 -45.48 49.14
C THR B 175 24.69 -46.73 49.87
N LYS B 176 24.28 -46.56 51.13
CA LYS B 176 23.51 -47.60 51.82
C LYS B 176 22.04 -47.33 51.53
N LYS B 177 21.40 -48.22 50.78
CA LYS B 177 20.01 -48.02 50.37
C LYS B 177 19.11 -48.00 51.59
N ASP B 178 19.53 -48.67 52.66
CA ASP B 178 18.78 -48.70 53.91
C ASP B 178 18.64 -47.28 54.48
N LYS B 179 17.45 -46.98 55.02
CA LYS B 179 17.14 -45.65 55.54
C LYS B 179 17.96 -45.25 56.76
N LEU B 180 18.33 -43.97 56.82
CA LEU B 180 18.96 -43.42 58.01
C LEU B 180 17.89 -42.88 58.95
N ARG B 181 18.16 -42.89 60.25
CA ARG B 181 17.26 -42.25 61.20
C ARG B 181 17.91 -41.96 62.56
N ALA B 182 17.50 -40.83 63.15
CA ALA B 182 17.92 -40.45 64.49
C ALA B 182 16.78 -40.72 65.46
N SER B 183 16.69 -39.89 66.50
CA SER B 183 15.58 -39.97 67.43
C SER B 183 14.32 -39.63 66.65
N GLU B 184 13.18 -40.15 67.10
CA GLU B 184 11.94 -39.96 66.38
C GLU B 184 11.67 -38.47 66.25
N ALA B 185 12.03 -37.73 67.29
CA ALA B 185 11.73 -36.30 67.35
C ALA B 185 12.41 -35.56 66.23
N ASP B 186 13.71 -35.78 66.09
CA ASP B 186 14.53 -35.09 65.10
C ASP B 186 14.48 -35.71 63.71
N ASP B 187 14.16 -37.00 63.59
CA ASP B 187 13.93 -37.60 62.27
C ASP B 187 12.63 -37.10 61.67
N ARG B 188 11.73 -36.62 62.52
CA ARG B 188 10.46 -36.10 62.05
C ARG B 188 10.70 -34.84 61.24
N ILE B 189 11.84 -34.19 61.49
CA ILE B 189 12.14 -32.91 60.91
C ILE B 189 13.30 -33.06 59.95
N VAL B 190 14.45 -33.39 60.52
CA VAL B 190 15.68 -33.55 59.80
C VAL B 190 15.58 -34.68 58.77
N GLY B 191 14.72 -35.64 59.07
CA GLY B 191 14.62 -36.89 58.34
C GLY B 191 14.73 -36.88 56.83
N PRO B 192 13.67 -36.40 56.14
CA PRO B 192 13.66 -36.49 54.68
C PRO B 192 14.87 -35.79 54.04
N THR B 193 15.32 -34.71 54.65
CA THR B 193 16.53 -34.03 54.19
C THR B 193 17.75 -34.93 54.31
N VAL B 194 17.82 -35.66 55.41
CA VAL B 194 18.93 -36.57 55.66
C VAL B 194 18.93 -37.69 54.63
N ASN B 195 17.76 -38.23 54.33
CA ASN B 195 17.66 -39.29 53.33
C ASN B 195 17.89 -38.84 51.90
N LEU B 196 17.58 -37.59 51.60
CA LEU B 196 17.80 -37.11 50.23
C LEU B 196 19.28 -36.91 50.00
N PHE B 197 19.93 -36.28 50.97
CA PHE B 197 21.34 -35.91 50.82
C PHE B 197 22.16 -36.90 51.61
N LYS B 198 21.76 -38.16 51.50
CA LYS B 198 22.40 -39.27 52.19
C LYS B 198 23.77 -39.50 51.59
N TYR B 199 24.63 -40.16 52.35
CA TYR B 199 26.00 -40.38 51.92
C TYR B 199 26.02 -41.06 50.56
N GLY B 200 26.94 -40.61 49.71
CA GLY B 200 27.10 -41.18 48.39
C GLY B 200 26.25 -40.56 47.29
N ALA B 201 25.48 -39.52 47.62
CA ALA B 201 24.73 -38.80 46.60
C ALA B 201 25.71 -38.20 45.58
N ALA B 202 25.65 -38.70 44.35
CA ALA B 202 26.69 -38.35 43.38
C ALA B 202 26.54 -36.91 42.96
N VAL B 203 25.30 -36.51 42.64
CA VAL B 203 25.07 -35.13 42.22
C VAL B 203 23.65 -34.67 42.53
N VAL B 204 23.52 -33.40 42.92
CA VAL B 204 22.22 -32.85 43.34
C VAL B 204 21.80 -31.63 42.55
N ASN B 205 20.79 -31.81 41.71
CA ASN B 205 20.24 -30.76 40.86
C ASN B 205 18.99 -30.08 41.40
N ILE B 206 18.71 -28.89 40.89
CA ILE B 206 17.47 -28.18 41.21
C ILE B 206 16.52 -28.23 40.00
N ASP B 207 15.61 -29.19 40.01
CA ASP B 207 14.74 -29.44 38.87
C ASP B 207 13.38 -28.77 39.05
N LEU B 208 12.67 -28.58 37.95
CA LEU B 208 11.24 -28.29 38.03
C LEU B 208 10.51 -29.48 38.66
N ASN B 209 9.50 -29.19 39.46
CA ASN B 209 8.79 -30.21 40.20
C ASN B 209 7.79 -30.98 39.36
N ARG B 210 8.12 -32.23 39.04
CA ARG B 210 7.23 -33.07 38.25
C ARG B 210 5.90 -33.28 38.97
N ASP B 211 5.94 -33.32 40.30
CA ASP B 211 4.72 -33.53 41.07
C ASP B 211 3.77 -32.37 40.89
N PHE B 212 4.31 -31.20 40.57
CA PHE B 212 3.46 -30.03 40.33
C PHE B 212 3.15 -29.82 38.86
N PHE B 213 4.20 -29.84 38.04
CA PHE B 213 4.02 -29.82 36.60
C PHE B 213 3.81 -31.26 36.13
N ASP B 214 2.66 -31.80 36.51
CA ASP B 214 2.30 -33.18 36.24
C ASP B 214 2.08 -33.40 34.75
N THR B 215 1.95 -34.66 34.36
CA THR B 215 1.64 -35.00 32.98
C THR B 215 0.27 -34.45 32.57
N ALA B 216 -0.56 -34.13 33.56
CA ALA B 216 -1.84 -33.47 33.33
C ALA B 216 -1.65 -32.06 32.76
N THR B 217 -0.49 -31.47 33.02
CA THR B 217 -0.11 -30.17 32.44
C THR B 217 0.35 -30.36 31.00
N GLY B 218 0.55 -31.61 30.60
CA GLY B 218 1.04 -31.95 29.28
C GLY B 218 2.56 -31.96 29.22
N ILE B 219 3.18 -31.51 30.32
CA ILE B 219 4.64 -31.33 30.39
C ILE B 219 5.37 -32.65 30.56
N ASP B 220 6.59 -32.74 30.04
CA ASP B 220 7.40 -33.96 30.20
C ASP B 220 8.79 -33.61 30.67
N LEU B 221 8.97 -33.61 31.99
CA LEU B 221 10.19 -33.08 32.59
C LEU B 221 11.39 -34.03 32.69
N THR B 222 11.20 -35.28 32.29
CA THR B 222 12.23 -36.31 32.52
C THR B 222 13.55 -35.98 31.85
N LYS B 223 13.49 -35.18 30.79
CA LYS B 223 14.66 -34.81 30.01
C LYS B 223 15.44 -33.64 30.62
N GLY B 224 14.87 -33.04 31.66
CA GLY B 224 15.51 -31.90 32.31
C GLY B 224 15.03 -30.55 31.81
N ILE B 225 14.15 -30.56 30.82
CA ILE B 225 13.46 -29.35 30.40
C ILE B 225 11.97 -29.67 30.23
N PRO B 226 11.09 -28.66 30.37
CA PRO B 226 9.69 -28.93 30.05
C PRO B 226 9.56 -29.26 28.57
N LEU B 227 8.65 -30.15 28.19
CA LEU B 227 8.47 -30.48 26.78
C LEU B 227 7.04 -30.80 26.41
N VAL B 228 6.26 -29.78 26.07
CA VAL B 228 4.87 -30.00 25.68
C VAL B 228 4.73 -30.26 24.17
N GLN B 229 4.30 -31.46 23.83
CA GLN B 229 4.16 -31.84 22.43
C GLN B 229 2.95 -31.21 21.77
N ASP B 230 3.06 -30.94 20.47
CA ASP B 230 1.94 -30.49 19.65
C ASP B 230 1.31 -29.18 20.13
N LEU B 231 2.14 -28.16 20.35
CA LEU B 231 1.63 -26.84 20.72
C LEU B 231 2.14 -25.77 19.75
N LEU B 232 3.43 -25.48 19.77
CA LEU B 232 4.01 -24.49 18.84
C LEU B 232 4.78 -25.15 17.70
N VAL B 233 4.22 -26.23 17.16
CA VAL B 233 4.90 -26.99 16.12
C VAL B 233 5.07 -26.16 14.86
N PRO B 234 6.31 -26.10 14.33
CA PRO B 234 6.72 -25.50 13.04
C PRO B 234 6.15 -26.19 11.81
N ILE B 235 5.87 -25.43 10.76
CA ILE B 235 5.41 -25.98 9.49
C ILE B 235 6.61 -26.16 8.54
N GLY B 236 6.43 -26.96 7.49
CA GLY B 236 7.33 -26.91 6.35
C GLY B 236 8.70 -27.47 6.62
N VAL B 237 8.78 -28.36 7.59
CA VAL B 237 10.05 -28.95 7.99
C VAL B 237 9.91 -30.46 8.01
N THR B 238 11.03 -31.16 7.93
CA THR B 238 11.04 -32.61 7.99
C THR B 238 10.58 -33.09 9.36
N ALA B 239 10.04 -34.31 9.41
CA ALA B 239 9.61 -34.88 10.69
C ALA B 239 10.79 -34.99 11.64
N GLY B 240 10.53 -34.71 12.91
CA GLY B 240 11.55 -34.70 13.94
C GLY B 240 12.17 -33.33 14.16
N ALA B 241 11.88 -32.40 13.27
CA ALA B 241 12.38 -31.03 13.41
C ALA B 241 11.48 -30.22 14.32
N GLU B 242 10.34 -30.79 14.66
CA GLU B 242 9.40 -30.17 15.58
C GLU B 242 9.90 -30.14 17.01
N GLN B 243 10.84 -31.04 17.33
CA GLN B 243 11.18 -31.37 18.72
C GLN B 243 11.73 -30.23 19.57
N SER B 244 12.44 -29.29 18.97
CA SER B 244 13.00 -28.18 19.76
C SER B 244 11.91 -27.24 20.25
N ALA B 245 10.83 -27.13 19.48
CA ALA B 245 9.75 -26.20 19.82
C ALA B 245 8.96 -26.70 21.02
N GLU B 246 9.11 -27.99 21.32
CA GLU B 246 8.50 -28.60 22.49
C GLU B 246 9.05 -27.92 23.74
N TYR B 247 10.25 -27.36 23.62
CA TYR B 247 10.87 -26.63 24.72
C TYR B 247 10.15 -25.31 25.00
N VAL B 248 9.93 -24.55 23.94
CA VAL B 248 9.23 -23.27 24.07
C VAL B 248 7.82 -23.50 24.57
N SER B 249 7.20 -24.56 24.05
CA SER B 249 5.85 -24.94 24.45
C SER B 249 5.84 -25.33 25.92
N GLY B 250 6.94 -25.92 26.38
CA GLY B 250 7.03 -26.31 27.77
C GLY B 250 7.18 -25.11 28.68
N LEU B 251 7.96 -24.13 28.25
CA LEU B 251 8.11 -22.91 29.05
C LEU B 251 6.78 -22.18 29.11
N LEU B 252 6.02 -22.24 28.03
CA LEU B 252 4.72 -21.61 28.01
C LEU B 252 3.78 -22.30 29.00
N MET B 253 3.68 -23.62 28.93
CA MET B 253 2.76 -24.29 29.84
C MET B 253 3.18 -24.16 31.29
N VAL B 254 4.48 -24.03 31.54
CA VAL B 254 4.94 -23.74 32.89
C VAL B 254 4.44 -22.35 33.29
N LEU B 255 4.57 -21.41 32.37
CA LEU B 255 4.21 -20.03 32.63
C LEU B 255 2.71 -19.86 32.87
N PHE B 256 1.93 -20.69 32.19
CA PHE B 256 0.48 -20.65 32.23
C PHE B 256 0.03 -21.30 33.52
N LYS B 257 0.68 -22.41 33.83
CA LYS B 257 0.39 -23.16 35.05
C LYS B 257 0.75 -22.33 36.28
N VAL B 258 1.71 -21.41 36.14
CA VAL B 258 2.04 -20.50 37.22
C VAL B 258 1.09 -19.30 37.25
N MET B 259 0.74 -18.80 36.07
CA MET B 259 -0.18 -17.66 35.92
C MET B 259 -1.57 -18.00 36.47
N THR B 260 -1.90 -19.28 36.44
CA THR B 260 -3.18 -19.75 36.96
C THR B 260 -3.06 -20.58 38.25
N ASP B 261 -1.95 -20.43 38.98
CA ASP B 261 -1.77 -21.15 40.24
C ASP B 261 -2.56 -20.44 41.33
N ASN B 262 -3.87 -20.67 41.35
CA ASN B 262 -4.76 -19.98 42.28
C ASN B 262 -4.90 -20.75 43.59
N ARG B 263 -3.78 -21.30 44.05
CA ARG B 263 -3.78 -22.01 45.32
C ARG B 263 -3.76 -21.07 46.51
N LEU B 264 -4.38 -21.53 47.59
CA LEU B 264 -4.48 -20.73 48.80
C LEU B 264 -4.18 -21.66 49.95
N VAL B 265 -3.00 -21.50 50.53
CA VAL B 265 -2.56 -22.38 51.61
C VAL B 265 -3.41 -22.27 52.89
N ILE B 266 -3.80 -23.42 53.43
CA ILE B 266 -4.49 -23.53 54.69
C ILE B 266 -3.52 -24.31 55.56
N VAL B 267 -3.55 -24.10 56.87
CA VAL B 267 -2.60 -24.83 57.71
C VAL B 267 -2.87 -26.34 57.71
N GLY B 268 -1.81 -27.12 57.57
CA GLY B 268 -1.95 -28.56 57.43
C GLY B 268 -1.74 -29.26 58.75
N GLU B 269 -1.46 -30.56 58.69
CA GLU B 269 -1.07 -31.29 59.89
C GLU B 269 0.25 -30.70 60.34
N THR B 270 0.38 -30.44 61.64
CA THR B 270 1.55 -29.73 62.18
C THR B 270 1.94 -30.21 63.58
N THR B 271 3.17 -30.70 63.73
CA THR B 271 3.70 -31.07 65.05
C THR B 271 4.18 -29.86 65.86
N THR B 272 4.11 -29.99 67.18
CA THR B 272 4.71 -29.03 68.11
C THR B 272 5.50 -29.82 69.13
N PRO B 273 6.71 -30.27 68.75
CA PRO B 273 7.53 -31.18 69.56
C PRO B 273 7.88 -30.57 70.90
N MET B 274 7.89 -31.38 71.96
CA MET B 274 8.33 -30.88 73.25
C MET B 274 9.82 -30.59 73.05
N SER B 275 10.29 -29.44 73.52
CA SER B 275 11.60 -28.92 73.14
C SER B 275 12.77 -29.81 73.55
N ASN B 276 12.63 -30.48 74.69
CA ASN B 276 13.73 -31.27 75.24
C ASN B 276 14.13 -32.43 74.35
N THR B 277 13.21 -32.86 73.48
CA THR B 277 13.48 -34.00 72.60
C THR B 277 14.31 -33.64 71.38
N LEU B 278 14.45 -32.34 71.11
CA LEU B 278 15.15 -31.91 69.90
C LEU B 278 16.59 -31.52 70.17
N SER B 279 17.49 -32.06 69.36
CA SER B 279 18.91 -31.74 69.48
C SER B 279 19.02 -30.26 69.24
N THR B 280 19.91 -29.60 69.96
CA THR B 280 19.86 -28.15 70.07
C THR B 280 19.98 -27.46 68.71
N VAL B 281 20.67 -28.11 67.78
CA VAL B 281 20.85 -27.52 66.46
C VAL B 281 19.51 -27.39 65.73
N VAL B 282 18.61 -28.34 65.99
CA VAL B 282 17.29 -28.34 65.36
C VAL B 282 16.38 -27.38 66.11
N ASN B 283 16.55 -27.32 67.41
CA ASN B 283 15.76 -26.43 68.25
C ASN B 283 16.04 -24.97 67.92
N ASN B 284 17.28 -24.67 67.52
CA ASN B 284 17.62 -23.31 67.12
C ASN B 284 16.92 -22.89 65.85
N VAL B 285 16.64 -23.87 65.00
CA VAL B 285 15.98 -23.65 63.72
C VAL B 285 14.45 -23.60 63.84
N LEU B 286 13.90 -24.56 64.56
CA LEU B 286 12.46 -24.70 64.67
C LEU B 286 11.84 -23.60 65.50
N ARG B 287 10.67 -23.15 65.08
CA ARG B 287 9.97 -22.12 65.83
C ARG B 287 8.60 -22.66 66.24
N THR B 288 8.53 -23.22 67.44
CA THR B 288 7.36 -23.93 67.94
C THR B 288 6.88 -25.03 66.99
N THR B 289 5.90 -24.72 66.15
CA THR B 289 5.30 -25.70 65.26
C THR B 289 5.98 -25.79 63.89
N TYR B 290 5.57 -26.78 63.11
CA TYR B 290 6.05 -26.97 61.75
C TYR B 290 5.13 -27.97 61.06
N HIS B 291 5.03 -27.91 59.74
CA HIS B 291 4.19 -28.89 59.04
C HIS B 291 4.75 -30.29 59.13
N ASN B 292 3.87 -31.28 59.26
CA ASN B 292 4.30 -32.67 59.32
C ASN B 292 5.02 -33.03 58.05
N ASN B 293 4.60 -32.38 56.97
CA ASN B 293 5.22 -32.55 55.68
C ASN B 293 6.32 -31.52 55.48
N VAL B 294 7.32 -31.55 56.36
CA VAL B 294 8.54 -30.79 56.16
C VAL B 294 9.17 -31.33 54.90
N GLY B 295 9.62 -30.43 54.05
CA GLY B 295 10.24 -30.85 52.81
C GLY B 295 11.71 -31.03 53.09
N VAL B 296 12.48 -31.25 52.04
CA VAL B 296 13.93 -31.22 52.17
C VAL B 296 14.48 -29.80 52.21
N ASN B 297 15.58 -29.63 52.92
CA ASN B 297 16.36 -28.40 52.87
C ASN B 297 17.71 -28.62 53.52
N PRO B 298 18.80 -28.35 52.79
CA PRO B 298 20.17 -28.74 53.17
C PRO B 298 20.58 -28.14 54.50
N ALA B 299 20.00 -27.01 54.90
CA ALA B 299 20.31 -26.41 56.18
C ALA B 299 19.96 -27.33 57.34
N LEU B 300 19.04 -28.25 57.11
CA LEU B 300 18.73 -29.28 58.10
C LEU B 300 19.81 -30.36 58.24
N LEU B 301 20.70 -30.46 57.26
CA LEU B 301 21.79 -31.45 57.31
C LEU B 301 22.78 -31.10 58.39
N ARG B 302 22.72 -29.85 58.85
CA ARG B 302 23.73 -29.35 59.77
C ARG B 302 23.81 -30.22 61.02
N ASP B 303 25.04 -30.56 61.40
CA ASP B 303 25.30 -31.46 62.52
C ASP B 303 24.47 -32.76 62.47
N PHE B 304 24.18 -33.25 61.26
CA PHE B 304 23.48 -34.53 61.09
C PHE B 304 24.08 -35.36 59.96
N THR B 305 24.58 -34.70 58.94
CA THR B 305 25.28 -35.38 57.86
C THR B 305 26.63 -35.89 58.36
N GLN B 306 27.03 -37.07 57.90
CA GLN B 306 28.31 -37.63 58.31
C GLN B 306 29.47 -37.09 57.49
N VAL B 307 29.16 -36.42 56.38
CA VAL B 307 30.17 -35.85 55.52
C VAL B 307 30.71 -34.56 56.13
N ASN B 308 31.98 -34.58 56.51
CA ASN B 308 32.54 -33.52 57.33
C ASN B 308 32.64 -32.18 56.64
N TRP B 309 33.11 -32.17 55.41
CA TRP B 309 33.32 -30.89 54.73
C TRP B 309 31.99 -30.18 54.53
N LEU B 310 30.95 -30.97 54.31
CA LEU B 310 29.65 -30.42 53.98
C LEU B 310 29.05 -29.78 55.21
N ASN B 311 29.19 -30.48 56.32
CA ASN B 311 28.71 -30.01 57.61
C ASN B 311 29.46 -28.75 58.04
N ARG B 312 30.74 -28.70 57.70
CA ARG B 312 31.55 -27.53 58.02
C ARG B 312 31.06 -26.36 57.20
N ASP B 313 30.88 -26.60 55.91
CA ASP B 313 30.53 -25.53 54.98
C ASP B 313 29.18 -24.95 55.35
N ILE B 314 28.23 -25.85 55.57
CA ILE B 314 26.86 -25.44 55.91
C ILE B 314 26.85 -24.72 57.26
N THR B 315 27.69 -25.17 58.18
CA THR B 315 27.78 -24.49 59.46
C THR B 315 28.32 -23.08 59.29
N ASN B 316 29.22 -22.91 58.33
CA ASN B 316 29.79 -21.59 58.07
C ASN B 316 28.75 -20.68 57.45
N MET B 317 28.01 -21.20 56.47
CA MET B 317 27.01 -20.41 55.78
C MET B 317 25.94 -19.98 56.76
N LEU B 318 25.53 -20.91 57.62
CA LEU B 318 24.52 -20.61 58.62
C LEU B 318 25.01 -19.68 59.73
N GLN B 319 26.31 -19.69 59.98
CA GLN B 319 26.87 -18.82 61.03
C GLN B 319 27.22 -17.44 60.51
N GLN B 320 26.99 -17.22 59.23
CA GLN B 320 27.13 -15.89 58.66
C GLN B 320 26.02 -15.00 59.18
N ALA B 321 26.28 -13.69 59.24
CA ALA B 321 25.24 -12.74 59.59
C ALA B 321 24.13 -12.70 58.54
N GLY B 322 24.50 -12.91 57.28
CA GLY B 322 23.59 -12.68 56.18
C GLY B 322 22.57 -13.76 55.94
N THR B 323 22.72 -14.91 56.58
CA THR B 323 21.87 -16.06 56.28
C THR B 323 21.48 -16.86 57.51
N LYS B 324 20.17 -17.08 57.67
CA LYS B 324 19.63 -17.74 58.86
C LYS B 324 18.44 -18.58 58.50
N TYR B 325 18.60 -19.90 58.57
CA TYR B 325 17.53 -20.86 58.32
C TYR B 325 16.52 -20.90 59.45
N GLY B 326 15.28 -21.21 59.11
CA GLY B 326 14.22 -21.29 60.11
C GLY B 326 13.06 -22.13 59.62
N LEU B 327 12.33 -22.72 60.56
CA LEU B 327 11.20 -23.55 60.20
C LEU B 327 9.93 -23.07 60.91
N GLY B 328 9.31 -22.01 60.37
CA GLY B 328 8.20 -21.33 61.04
C GLY B 328 7.12 -22.34 61.34
N LEU B 329 6.20 -22.06 62.25
CA LEU B 329 5.57 -20.76 62.55
C LEU B 329 6.40 -19.57 63.00
N THR B 330 6.13 -18.43 62.39
CA THR B 330 6.73 -17.16 62.79
C THR B 330 5.66 -16.09 63.11
N GLU B 331 4.88 -15.69 62.11
CA GLU B 331 3.94 -14.57 62.29
C GLU B 331 2.48 -14.98 62.50
N THR B 332 2.02 -14.97 63.74
CA THR B 332 0.59 -15.04 64.05
C THR B 332 -0.12 -13.68 63.86
N ARG B 333 -1.40 -13.70 63.53
CA ARG B 333 -2.21 -12.48 63.43
C ARG B 333 -3.64 -12.75 63.90
N LEU B 334 -3.93 -12.42 65.16
CA LEU B 334 -5.28 -12.61 65.70
C LEU B 334 -6.28 -11.55 65.19
N ASP B 335 -7.56 -11.88 65.17
CA ASP B 335 -8.59 -10.90 64.82
C ASP B 335 -8.73 -9.85 65.90
N TYR B 336 -9.15 -8.65 65.49
CA TYR B 336 -9.33 -7.56 66.43
C TYR B 336 -10.57 -7.74 67.33
N VAL B 337 -11.52 -8.56 66.90
CA VAL B 337 -12.73 -8.71 67.68
C VAL B 337 -12.77 -10.05 68.39
N ARG B 338 -12.69 -11.12 67.62
CA ARG B 338 -12.72 -12.45 68.21
C ARG B 338 -11.47 -12.80 69.04
N LEU B 339 -10.37 -12.09 68.76
CA LEU B 339 -9.09 -12.37 69.40
C LEU B 339 -8.55 -13.80 69.20
N VAL B 340 -8.84 -14.40 68.05
CA VAL B 340 -8.26 -15.71 67.72
C VAL B 340 -7.37 -15.58 66.50
N LYS B 341 -6.38 -16.47 66.34
CA LYS B 341 -5.43 -16.39 65.22
C LYS B 341 -6.06 -16.59 63.85
N THR B 342 -5.58 -15.84 62.85
CA THR B 342 -6.21 -15.84 61.54
C THR B 342 -5.22 -16.28 60.46
N ILE B 343 -4.38 -15.35 60.01
CA ILE B 343 -3.31 -15.69 59.08
C ILE B 343 -2.01 -15.91 59.85
N VAL B 344 -1.34 -17.01 59.58
CA VAL B 344 -0.10 -17.33 60.25
C VAL B 344 1.01 -17.60 59.23
N GLY B 345 2.23 -17.21 59.56
CA GLY B 345 3.33 -17.30 58.62
C GLY B 345 4.25 -18.46 58.92
N HIS B 346 4.12 -19.54 58.16
CA HIS B 346 4.99 -20.68 58.37
C HIS B 346 6.15 -20.65 57.41
N ALA B 347 7.36 -20.77 57.93
CA ALA B 347 8.53 -20.81 57.08
C ALA B 347 8.75 -22.24 56.60
N LEU B 348 8.07 -22.58 55.52
CA LEU B 348 8.16 -23.86 54.85
C LEU B 348 9.46 -24.04 54.07
N ASN B 349 9.81 -25.30 53.86
CA ASN B 349 10.83 -25.64 52.88
C ASN B 349 10.19 -25.68 51.52
N ILE B 350 10.33 -24.59 50.76
CA ILE B 350 9.66 -24.47 49.47
C ILE B 350 10.39 -23.45 48.61
N ASP B 351 10.32 -23.59 47.28
CA ASP B 351 10.96 -22.64 46.36
C ASP B 351 10.34 -21.25 46.49
N HIS B 352 11.15 -20.20 46.33
CA HIS B 352 10.65 -18.84 46.49
C HIS B 352 9.60 -18.41 45.45
N PHE B 353 9.59 -19.05 44.29
CA PHE B 353 8.58 -18.73 43.30
C PHE B 353 7.18 -19.10 43.78
N ALA B 354 7.01 -20.36 44.18
CA ALA B 354 5.69 -20.84 44.60
C ALA B 354 5.25 -20.08 45.82
N ALA B 355 6.20 -19.80 46.68
CA ALA B 355 5.89 -19.06 47.89
C ALA B 355 5.39 -17.69 47.51
N SER B 356 6.01 -17.09 46.50
CA SER B 356 5.61 -15.75 46.09
C SER B 356 4.23 -15.73 45.50
N VAL B 357 3.87 -16.80 44.78
CA VAL B 357 2.52 -16.87 44.20
C VAL B 357 1.46 -17.12 45.26
N LEU B 358 1.75 -18.06 46.17
CA LEU B 358 0.85 -18.33 47.28
C LEU B 358 0.58 -17.06 48.10
N ASN B 359 1.65 -16.34 48.40
CA ASN B 359 1.54 -15.07 49.12
C ASN B 359 0.80 -13.99 48.34
N ILE B 360 0.93 -13.99 47.02
CA ILE B 360 0.23 -13.02 46.18
C ILE B 360 -1.25 -13.26 46.31
N ASN B 361 -1.63 -14.53 46.23
CA ASN B 361 -3.04 -14.89 46.31
C ASN B 361 -3.64 -14.54 47.66
N LEU B 362 -2.94 -14.90 48.74
CA LEU B 362 -3.46 -14.65 50.07
C LEU B 362 -3.53 -13.16 50.34
N ARG B 363 -2.54 -12.44 49.86
CA ARG B 363 -2.48 -11.00 50.09
C ARG B 363 -3.68 -10.40 49.40
N ALA B 364 -4.00 -10.92 48.23
CA ALA B 364 -5.20 -10.45 47.53
C ALA B 364 -6.41 -10.67 48.41
N LEU B 365 -6.57 -11.87 48.91
CA LEU B 365 -7.80 -12.20 49.66
C LEU B 365 -7.96 -11.40 50.95
N MET B 366 -6.86 -11.10 51.62
CA MET B 366 -6.95 -10.41 52.90
C MET B 366 -7.00 -8.90 52.76
N GLU B 367 -6.33 -8.37 51.74
CA GLU B 367 -6.26 -6.92 51.60
C GLU B 367 -7.51 -6.32 50.95
N ALA B 368 -8.40 -7.17 50.45
CA ALA B 368 -9.64 -6.71 49.82
C ALA B 368 -10.60 -6.06 50.80
N ASN B 369 -10.55 -6.48 52.06
CA ASN B 369 -11.49 -6.03 53.08
C ASN B 369 -12.93 -6.21 52.64
N VAL B 370 -13.16 -7.31 51.92
CA VAL B 370 -14.48 -7.69 51.47
C VAL B 370 -14.83 -8.98 52.20
N THR B 371 -15.74 -8.90 53.16
CA THR B 371 -16.20 -10.09 53.85
C THR B 371 -17.35 -10.72 53.09
N ALA B 372 -17.79 -11.90 53.55
CA ALA B 372 -18.90 -12.61 52.92
C ALA B 372 -20.19 -11.79 53.00
N ASP B 373 -20.27 -10.89 53.97
CA ASP B 373 -21.46 -10.06 54.15
C ASP B 373 -21.80 -9.26 52.88
N ASP B 374 -20.78 -8.91 52.12
CA ASP B 374 -20.93 -8.17 50.87
C ASP B 374 -21.67 -8.95 49.76
N ARG B 375 -21.77 -10.26 49.91
CA ARG B 375 -22.59 -11.05 48.99
C ARG B 375 -24.04 -10.57 49.04
N ILE B 376 -24.44 -10.01 50.19
CA ILE B 376 -25.79 -9.48 50.34
C ILE B 376 -26.06 -8.43 49.27
N LYS B 377 -25.04 -7.64 48.93
CA LYS B 377 -25.25 -6.60 47.93
C LYS B 377 -25.63 -7.16 46.56
N ALA B 378 -25.10 -8.33 46.22
CA ALA B 378 -25.54 -9.00 44.99
C ALA B 378 -26.96 -9.51 45.14
N LEU B 379 -27.26 -10.03 46.33
CA LEU B 379 -28.55 -10.62 46.60
C LEU B 379 -29.64 -9.59 46.49
N GLN B 380 -29.34 -8.35 46.88
CA GLN B 380 -30.33 -7.31 46.78
C GLN B 380 -30.61 -7.02 45.32
N ALA B 381 -29.57 -7.12 44.50
CA ALA B 381 -29.68 -6.79 43.09
C ALA B 381 -30.58 -7.78 42.38
N HIS B 382 -30.44 -9.05 42.75
CA HIS B 382 -31.17 -10.13 42.11
C HIS B 382 -32.47 -10.41 42.84
N SER B 383 -32.81 -9.53 43.78
CA SER B 383 -34.07 -9.62 44.50
C SER B 383 -35.06 -8.50 44.24
N MET B 384 -36.33 -8.79 44.52
CA MET B 384 -37.41 -7.84 44.37
C MET B 384 -37.05 -6.59 45.15
N ILE B 385 -37.36 -5.43 44.61
CA ILE B 385 -36.93 -4.17 45.20
C ILE B 385 -37.42 -4.07 46.64
N SER B 386 -36.56 -3.57 47.51
CA SER B 386 -36.81 -3.51 48.94
C SER B 386 -37.06 -4.85 49.63
N THR B 387 -36.34 -5.91 49.26
CA THR B 387 -36.19 -7.03 50.19
C THR B 387 -35.16 -6.60 51.20
N GLN B 388 -35.29 -7.10 52.43
CA GLN B 388 -34.28 -6.84 53.43
C GLN B 388 -33.49 -8.11 53.66
N PHE B 389 -32.22 -7.97 54.04
CA PHE B 389 -31.44 -9.13 54.41
C PHE B 389 -30.84 -8.94 55.79
N HIS B 390 -30.73 -10.03 56.54
CA HIS B 390 -30.22 -9.93 57.90
C HIS B 390 -29.10 -10.93 58.14
N GLY B 391 -28.14 -10.53 58.98
CA GLY B 391 -27.20 -11.44 59.60
C GLY B 391 -26.27 -12.13 58.62
N PRO B 392 -25.37 -12.98 59.13
CA PRO B 392 -25.09 -13.11 60.56
C PRO B 392 -23.87 -12.30 61.01
N ASN B 393 -23.40 -11.36 60.20
CA ASN B 393 -22.25 -10.53 60.57
C ASN B 393 -21.01 -11.34 60.93
N GLN B 394 -20.63 -12.25 60.05
CA GLN B 394 -19.50 -13.13 60.31
C GLN B 394 -18.19 -12.36 60.49
N GLY B 395 -18.08 -11.21 59.84
CA GLY B 395 -16.92 -10.36 60.01
C GLY B 395 -15.67 -10.81 59.27
N ALA B 396 -14.52 -10.31 59.73
CA ALA B 396 -13.25 -10.46 59.01
C ALA B 396 -12.90 -11.94 58.86
N LEU B 397 -13.45 -12.74 59.74
CA LEU B 397 -13.20 -14.18 59.74
C LEU B 397 -13.68 -14.90 58.49
N ARG B 398 -14.54 -14.26 57.71
CA ARG B 398 -14.92 -14.89 56.44
C ARG B 398 -14.72 -13.94 55.26
N PRO B 399 -13.45 -13.70 54.91
CA PRO B 399 -13.02 -12.84 53.81
C PRO B 399 -13.34 -13.44 52.44
N GLU B 400 -13.43 -12.60 51.43
CA GLU B 400 -13.55 -13.05 50.04
C GLU B 400 -12.98 -11.99 49.10
N LEU B 401 -12.69 -12.40 47.87
CA LEU B 401 -12.24 -11.44 46.86
C LEU B 401 -13.38 -10.55 46.42
N ALA B 402 -13.05 -9.29 46.13
CA ALA B 402 -14.03 -8.33 45.64
C ALA B 402 -14.52 -8.75 44.26
N PHE B 403 -15.79 -8.51 43.97
CA PHE B 403 -16.33 -8.81 42.65
C PHE B 403 -15.55 -8.01 41.60
N ASP B 404 -14.92 -8.72 40.65
CA ASP B 404 -14.02 -8.08 39.68
C ASP B 404 -14.80 -7.47 38.53
N HIS B 405 -15.32 -6.26 38.75
CA HIS B 405 -16.21 -5.60 37.80
C HIS B 405 -15.56 -5.44 36.44
N ASP B 406 -14.34 -4.92 36.45
CA ASP B 406 -13.63 -4.57 35.23
C ASP B 406 -13.44 -5.78 34.32
N HIS B 407 -12.85 -6.82 34.88
CA HIS B 407 -12.58 -8.02 34.11
C HIS B 407 -13.85 -8.70 33.59
N ILE B 408 -14.92 -8.70 34.39
CA ILE B 408 -16.15 -9.35 33.95
C ILE B 408 -16.79 -8.57 32.80
N ILE B 409 -16.82 -7.25 32.89
CA ILE B 409 -17.41 -6.50 31.78
C ILE B 409 -16.59 -6.68 30.52
N ARG B 410 -15.28 -6.82 30.68
CA ARG B 410 -14.45 -7.06 29.52
C ARG B 410 -14.83 -8.38 28.88
N CYS B 411 -14.88 -9.43 29.70
CA CYS B 411 -15.12 -10.78 29.17
C CYS B 411 -16.51 -10.86 28.55
N LEU B 412 -17.42 -10.03 29.06
CA LEU B 412 -18.77 -10.01 28.56
C LEU B 412 -18.81 -9.40 27.18
N MET B 413 -18.14 -8.27 27.04
CA MET B 413 -18.18 -7.58 25.74
C MET B 413 -17.50 -8.46 24.71
N LEU B 414 -16.46 -9.15 25.16
CA LEU B 414 -15.72 -10.03 24.28
C LEU B 414 -16.60 -11.20 23.82
N ALA B 415 -17.27 -11.84 24.77
CA ALA B 415 -18.07 -13.01 24.42
C ALA B 415 -19.23 -12.60 23.54
N ALA B 416 -19.78 -11.42 23.82
CA ALA B 416 -20.93 -10.93 23.05
C ALA B 416 -20.47 -10.68 21.63
N ALA B 417 -19.20 -10.31 21.47
CA ALA B 417 -18.64 -10.22 20.13
C ALA B 417 -18.53 -11.61 19.49
N ASN B 418 -17.96 -12.57 20.22
CA ASN B 418 -17.77 -13.92 19.67
C ASN B 418 -19.03 -14.75 19.58
N TYR B 419 -19.94 -14.55 20.53
CA TYR B 419 -21.07 -15.43 20.70
C TYR B 419 -22.36 -14.65 20.82
N PRO B 420 -22.94 -14.24 19.68
CA PRO B 420 -24.17 -13.48 19.68
C PRO B 420 -25.24 -14.26 20.41
N ARG B 421 -25.13 -15.58 20.38
CA ARG B 421 -26.11 -16.44 21.02
C ARG B 421 -26.11 -16.25 22.53
N LEU B 422 -25.11 -15.52 23.04
CA LEU B 422 -25.06 -15.21 24.46
C LEU B 422 -26.32 -14.48 24.84
N GLU B 423 -26.86 -13.74 23.88
CA GLU B 423 -28.09 -12.98 24.08
C GLU B 423 -29.13 -13.92 24.62
N GLY B 424 -29.26 -15.06 23.95
CA GLY B 424 -30.34 -15.98 24.24
C GLY B 424 -30.13 -16.63 25.58
N ILE B 425 -28.90 -16.58 26.09
CA ILE B 425 -28.65 -17.15 27.42
C ILE B 425 -29.18 -16.20 28.47
N ILE B 426 -28.83 -14.93 28.34
CA ILE B 426 -29.24 -13.94 29.32
C ILE B 426 -30.76 -13.81 29.31
N VAL B 427 -31.32 -13.86 28.10
CA VAL B 427 -32.76 -13.73 27.99
C VAL B 427 -33.35 -14.88 28.76
N GLN B 428 -32.74 -16.05 28.60
CA GLN B 428 -33.30 -17.25 29.19
C GLN B 428 -33.35 -17.05 30.68
N ILE B 429 -32.29 -16.46 31.24
CA ILE B 429 -32.25 -16.22 32.68
C ILE B 429 -33.39 -15.31 33.05
N ASN B 430 -33.51 -14.19 32.34
CA ASN B 430 -34.55 -13.23 32.69
C ASN B 430 -35.91 -13.86 32.51
N THR B 431 -36.04 -14.72 31.49
CA THR B 431 -37.34 -15.32 31.23
C THR B 431 -37.75 -16.08 32.47
N GLY B 432 -36.80 -16.84 33.02
CA GLY B 432 -37.10 -17.70 34.13
C GLY B 432 -37.53 -16.86 35.31
N TYR B 433 -36.89 -15.70 35.47
CA TYR B 433 -37.24 -14.86 36.59
C TYR B 433 -38.67 -14.39 36.48
N VAL B 434 -39.04 -13.98 35.28
CA VAL B 434 -40.39 -13.50 35.06
C VAL B 434 -41.30 -14.67 35.39
N ALA B 435 -40.90 -15.87 34.96
CA ALA B 435 -41.75 -17.03 35.11
C ALA B 435 -41.94 -17.33 36.57
N SER B 436 -40.93 -17.03 37.38
CA SER B 436 -41.03 -17.34 38.80
C SER B 436 -41.67 -16.21 39.57
N ALA B 437 -41.70 -15.02 38.99
CA ALA B 437 -42.25 -13.87 39.72
C ALA B 437 -43.77 -14.00 39.73
N ASN B 438 -44.26 -14.91 38.89
CA ASN B 438 -45.66 -15.21 38.81
C ASN B 438 -46.54 -14.00 38.48
N VAL B 439 -46.02 -13.07 37.70
CA VAL B 439 -46.79 -11.87 37.33
C VAL B 439 -47.96 -12.15 36.42
N ILE B 440 -47.79 -13.12 35.54
CA ILE B 440 -48.80 -13.32 34.51
C ILE B 440 -48.85 -14.78 34.10
N ARG B 441 -50.08 -15.32 34.06
CA ARG B 441 -50.24 -16.72 33.71
C ARG B 441 -51.21 -16.85 32.55
N PRO B 442 -50.90 -17.78 31.61
CA PRO B 442 -51.76 -18.12 30.49
C PRO B 442 -53.06 -18.72 31.02
N VAL B 443 -54.16 -18.49 30.33
CA VAL B 443 -55.43 -19.04 30.78
C VAL B 443 -56.28 -19.49 29.61
N SER B 444 -57.19 -20.42 29.84
CA SER B 444 -58.11 -20.91 28.80
C SER B 444 -59.16 -19.88 28.35
N GLU B 445 -59.58 -19.01 29.28
CA GLU B 445 -60.66 -18.05 29.02
C GLU B 445 -60.29 -17.04 27.94
N LYS B 446 -61.25 -16.67 27.11
CA LYS B 446 -61.00 -15.73 26.03
C LYS B 446 -61.95 -14.53 26.08
N ARG B 447 -61.52 -13.47 26.74
CA ARG B 447 -62.31 -12.24 26.80
C ARG B 447 -61.93 -11.34 25.63
N TYR B 448 -61.75 -11.95 24.46
CA TYR B 448 -61.35 -11.23 23.25
C TYR B 448 -62.40 -10.27 22.76
N PHE B 449 -63.66 -10.60 23.03
CA PHE B 449 -64.77 -9.79 22.55
C PHE B 449 -65.73 -9.44 23.68
N PRO B 450 -66.47 -8.33 23.52
CA PRO B 450 -67.62 -8.04 24.38
C PRO B 450 -68.65 -9.14 24.17
N GLU B 451 -69.40 -9.50 25.21
CA GLU B 451 -70.27 -10.67 25.12
C GLU B 451 -71.24 -10.54 23.94
N ASN B 452 -71.49 -11.68 23.30
CA ASN B 452 -72.38 -11.81 22.14
C ASN B 452 -71.95 -11.06 20.87
N LEU B 453 -70.90 -10.26 20.95
CA LEU B 453 -70.39 -9.62 19.74
C LEU B 453 -69.75 -10.60 18.75
N GLU B 454 -69.17 -11.67 19.27
CA GLU B 454 -68.47 -12.63 18.42
C GLU B 454 -69.43 -13.30 17.43
N GLN B 455 -70.69 -13.44 17.83
CA GLN B 455 -71.72 -14.03 16.98
C GLN B 455 -72.41 -13.02 16.09
N ASN B 456 -72.24 -11.73 16.38
CA ASN B 456 -72.89 -10.68 15.60
C ASN B 456 -72.38 -10.65 14.16
N GLN B 457 -73.30 -10.58 13.20
CA GLN B 457 -72.92 -10.56 11.77
C GLN B 457 -72.48 -9.19 11.28
N SER B 458 -72.80 -8.15 12.04
CA SER B 458 -72.31 -6.83 11.72
C SER B 458 -70.80 -6.75 11.94
N ALA B 459 -70.32 -7.48 12.94
CA ALA B 459 -68.94 -7.36 13.39
C ALA B 459 -67.96 -8.27 12.66
N ALA B 460 -68.42 -8.96 11.62
CA ALA B 460 -67.68 -10.08 11.07
C ALA B 460 -66.29 -9.78 10.53
N ARG B 461 -66.12 -8.63 9.86
CA ARG B 461 -64.80 -8.32 9.33
C ARG B 461 -63.86 -7.99 10.48
N LEU B 462 -64.40 -7.28 11.46
CA LEU B 462 -63.62 -6.95 12.65
C LEU B 462 -63.22 -8.23 13.35
N VAL B 463 -64.21 -9.08 13.59
CA VAL B 463 -63.99 -10.33 14.30
C VAL B 463 -62.94 -11.20 13.60
N SER B 464 -63.04 -11.32 12.29
CA SER B 464 -62.04 -12.09 11.55
C SER B 464 -60.66 -11.44 11.67
N ALA B 465 -60.62 -10.11 11.80
CA ALA B 465 -59.35 -9.41 11.94
C ALA B 465 -58.69 -9.67 13.31
N VAL B 466 -59.46 -9.49 14.37
CA VAL B 466 -58.95 -9.67 15.71
C VAL B 466 -58.54 -11.11 15.89
N LYS B 467 -59.33 -12.02 15.32
CA LYS B 467 -59.01 -13.43 15.39
C LYS B 467 -57.73 -13.73 14.61
N ALA B 468 -57.51 -12.99 13.53
CA ALA B 468 -56.28 -13.18 12.74
C ALA B 468 -55.07 -12.76 13.55
N ARG B 469 -55.19 -11.69 14.31
CA ARG B 469 -54.05 -11.23 15.10
C ARG B 469 -53.82 -12.09 16.34
N ALA B 470 -54.89 -12.33 17.11
CA ALA B 470 -54.79 -12.96 18.42
C ALA B 470 -54.35 -14.41 18.36
N SER B 471 -54.75 -15.12 17.30
CA SER B 471 -54.35 -16.50 17.10
C SER B 471 -52.86 -16.64 16.80
N GLU B 472 -52.30 -15.60 16.20
CA GLU B 472 -50.91 -15.62 15.75
C GLU B 472 -49.90 -15.69 16.90
N ALA B 473 -50.28 -15.15 18.05
CA ALA B 473 -49.40 -15.12 19.23
C ALA B 473 -49.16 -16.50 19.85
N ASP B 474 -47.91 -16.76 20.21
CA ASP B 474 -47.55 -17.97 20.95
C ASP B 474 -47.48 -17.64 22.44
N ILE B 475 -48.45 -18.14 23.20
CA ILE B 475 -48.68 -17.68 24.57
C ILE B 475 -47.48 -17.93 25.47
N SER B 476 -46.78 -19.03 25.19
CA SER B 476 -45.66 -19.46 26.02
C SER B 476 -44.56 -18.42 26.04
N SER B 477 -44.50 -17.63 24.96
CA SER B 477 -43.45 -16.63 24.78
C SER B 477 -43.72 -15.29 25.48
N ILE B 478 -44.87 -15.16 26.14
CA ILE B 478 -45.20 -13.91 26.84
C ILE B 478 -44.09 -13.51 27.81
N HIS B 479 -43.67 -14.47 28.63
CA HIS B 479 -42.61 -14.21 29.60
C HIS B 479 -41.39 -13.73 28.87
N LEU B 480 -41.05 -14.42 27.77
CA LEU B 480 -39.86 -14.06 27.02
C LEU B 480 -40.00 -12.64 26.49
N ALA B 481 -41.20 -12.29 26.04
CA ALA B 481 -41.44 -10.97 25.45
C ALA B 481 -41.13 -9.93 26.51
N ILE B 482 -41.40 -10.28 27.76
CA ILE B 482 -41.17 -9.40 28.89
C ILE B 482 -39.69 -9.34 29.21
N ALA B 483 -39.06 -10.52 29.23
CA ALA B 483 -37.67 -10.61 29.64
C ALA B 483 -36.77 -9.86 28.66
N ARG B 484 -37.16 -9.85 27.39
CA ARG B 484 -36.29 -9.24 26.40
C ARG B 484 -36.44 -7.72 26.43
N GLU B 485 -37.36 -7.24 27.25
CA GLU B 485 -37.39 -5.81 27.51
C GLU B 485 -36.13 -5.39 28.27
N VAL B 486 -35.62 -6.27 29.13
CA VAL B 486 -34.44 -5.92 29.95
C VAL B 486 -33.19 -6.70 29.58
N SER B 487 -33.32 -7.67 28.68
CA SER B 487 -32.18 -8.42 28.20
C SER B 487 -31.37 -7.57 27.24
N PRO B 488 -30.03 -7.61 27.35
CA PRO B 488 -29.17 -6.94 26.37
C PRO B 488 -29.35 -7.54 24.97
N MET B 489 -29.30 -6.68 23.95
CA MET B 489 -29.51 -7.13 22.58
C MET B 489 -28.21 -7.04 21.82
N PHE B 490 -27.67 -8.17 21.40
CA PHE B 490 -26.50 -8.16 20.55
C PHE B 490 -27.01 -8.33 19.15
N ASN B 491 -27.49 -9.53 18.86
CA ASN B 491 -28.10 -9.75 17.57
C ASN B 491 -29.39 -8.91 17.43
N VAL B 492 -29.42 -8.09 16.37
CA VAL B 492 -30.50 -7.11 16.14
C VAL B 492 -31.85 -7.77 15.81
N HIS B 493 -32.91 -7.26 16.43
CA HIS B 493 -34.26 -7.77 16.23
C HIS B 493 -34.92 -7.25 14.96
N GLU B 494 -35.87 -8.02 14.45
CA GLU B 494 -36.72 -7.58 13.34
C GLU B 494 -38.17 -7.90 13.68
N LEU B 495 -39.08 -7.05 13.25
CA LEU B 495 -40.50 -7.31 13.41
C LEU B 495 -40.90 -8.49 12.55
N LYS B 496 -41.71 -9.40 13.09
CA LYS B 496 -42.28 -10.48 12.28
C LYS B 496 -43.22 -9.84 11.27
N LYS B 497 -43.13 -10.27 10.02
CA LYS B 497 -43.81 -9.56 8.93
C LYS B 497 -45.31 -9.53 9.12
N ILE B 498 -45.92 -8.39 8.77
CA ILE B 498 -47.37 -8.25 8.83
C ILE B 498 -47.94 -7.84 7.48
N ALA B 499 -48.67 -8.75 6.86
CA ALA B 499 -49.31 -8.45 5.60
C ALA B 499 -50.69 -7.87 5.86
N GLU B 500 -50.80 -6.55 5.72
CA GLU B 500 -52.10 -5.89 5.83
C GLU B 500 -52.26 -4.84 4.74
N SER B 501 -53.43 -4.84 4.10
CA SER B 501 -53.72 -3.91 3.02
C SER B 501 -54.40 -2.65 3.52
N PHE B 502 -55.07 -2.76 4.66
CA PHE B 502 -55.91 -1.69 5.19
C PHE B 502 -57.04 -1.24 4.27
N GLU B 503 -57.82 -2.19 3.75
CA GLU B 503 -59.09 -1.84 3.10
C GLU B 503 -60.05 -1.35 4.19
N ASP B 504 -60.70 -2.31 4.84
CA ASP B 504 -61.76 -2.04 5.81
C ASP B 504 -61.17 -1.44 7.07
N PRO B 505 -61.94 -0.60 7.79
CA PRO B 505 -61.63 0.10 9.05
C PRO B 505 -61.23 -0.83 10.18
N SER B 506 -61.74 -2.06 10.14
CA SER B 506 -61.38 -3.08 11.10
C SER B 506 -59.86 -3.26 11.16
N SER B 507 -59.18 -2.87 10.07
CA SER B 507 -57.74 -3.02 9.95
C SER B 507 -57.02 -2.24 11.04
N ILE B 508 -57.73 -1.31 11.66
CA ILE B 508 -57.18 -0.53 12.76
C ILE B 508 -56.63 -1.45 13.85
N VAL B 509 -57.12 -2.69 13.89
CA VAL B 509 -56.66 -3.66 14.88
C VAL B 509 -55.15 -3.69 14.87
N VAL B 510 -54.59 -3.79 13.66
CA VAL B 510 -53.14 -3.85 13.53
C VAL B 510 -52.46 -2.63 14.17
N VAL B 511 -52.99 -1.45 13.89
CA VAL B 511 -52.41 -0.23 14.43
C VAL B 511 -52.43 -0.32 15.95
N LEU B 512 -53.58 -0.73 16.49
CA LEU B 512 -53.77 -0.75 17.93
C LEU B 512 -52.79 -1.73 18.56
N GLU B 513 -52.52 -2.81 17.83
CA GLU B 513 -51.57 -3.84 18.26
C GLU B 513 -50.24 -3.14 18.52
N PHE B 514 -49.78 -2.36 17.53
CA PHE B 514 -48.50 -1.69 17.67
C PHE B 514 -48.52 -0.74 18.85
N ILE B 515 -49.64 -0.07 19.03
CA ILE B 515 -49.70 0.94 20.08
C ILE B 515 -49.54 0.24 21.41
N LEU B 516 -50.20 -0.91 21.56
CA LEU B 516 -50.12 -1.67 22.80
C LEU B 516 -48.70 -2.15 23.00
N PHE B 517 -48.07 -2.54 21.91
CA PHE B 517 -46.69 -2.98 21.95
C PHE B 517 -45.77 -1.82 22.30
N ALA B 518 -46.16 -0.60 21.92
CA ALA B 518 -45.40 0.59 22.28
C ALA B 518 -45.55 0.90 23.75
N LEU B 519 -46.60 0.37 24.37
CA LEU B 519 -46.93 0.70 25.76
C LEU B 519 -46.40 -0.34 26.71
N PHE B 520 -46.71 -1.59 26.41
CA PHE B 520 -46.22 -2.72 27.19
C PHE B 520 -44.72 -2.90 27.07
N PHE B 521 -44.20 -2.70 25.85
CA PHE B 521 -42.81 -2.98 25.59
C PHE B 521 -42.14 -1.85 24.84
N PRO B 522 -42.00 -0.68 25.48
CA PRO B 522 -41.46 0.49 24.78
C PRO B 522 -40.07 0.23 24.22
N THR B 523 -39.28 -0.55 24.94
CA THR B 523 -37.89 -0.80 24.55
C THR B 523 -37.80 -1.58 23.26
N GLU B 524 -38.47 -2.73 23.25
CA GLU B 524 -38.42 -3.64 22.13
C GLU B 524 -39.02 -2.98 20.90
N PHE B 525 -40.04 -2.17 21.16
CA PHE B 525 -40.68 -1.43 20.12
C PHE B 525 -39.70 -0.44 19.56
N ASN B 526 -38.86 0.11 20.43
CA ASN B 526 -37.88 1.05 19.94
C ASN B 526 -36.93 0.32 19.03
N ARG B 527 -36.69 -0.94 19.35
CA ARG B 527 -35.79 -1.76 18.52
C ARG B 527 -36.38 -2.12 17.16
N ILE B 528 -37.71 -2.15 17.04
CA ILE B 528 -38.29 -2.54 15.74
C ILE B 528 -39.16 -1.49 15.05
N LYS B 529 -39.11 -0.26 15.56
CA LYS B 529 -40.07 0.76 15.16
C LYS B 529 -39.98 1.17 13.69
N GLY B 530 -38.84 0.95 13.04
CA GLY B 530 -38.75 1.28 11.63
C GLY B 530 -39.55 0.28 10.81
N ASP B 531 -39.34 -0.98 11.14
CA ASP B 531 -40.05 -2.07 10.49
C ASP B 531 -41.56 -1.95 10.76
N ILE B 532 -41.92 -1.41 11.92
CA ILE B 532 -43.30 -1.01 12.17
C ILE B 532 -43.75 0.17 11.28
N GLN B 533 -42.84 1.12 11.05
CA GLN B 533 -43.19 2.30 10.28
C GLN B 533 -43.48 1.93 8.83
N ASN B 534 -42.91 0.82 8.35
CA ASN B 534 -43.28 0.35 7.02
C ASN B 534 -44.74 -0.08 6.92
N VAL B 535 -45.29 -0.58 8.01
CA VAL B 535 -46.69 -0.99 8.02
C VAL B 535 -47.55 0.27 8.13
N LEU B 536 -47.17 1.13 9.06
CA LEU B 536 -47.96 2.33 9.29
C LEU B 536 -47.99 3.23 8.07
N LEU B 537 -46.92 3.23 7.28
CA LEU B 537 -46.90 4.07 6.09
C LEU B 537 -47.96 3.62 5.10
N LEU B 538 -48.20 2.32 5.05
CA LEU B 538 -49.27 1.78 4.22
C LEU B 538 -50.63 2.19 4.76
N PHE B 539 -50.78 2.08 6.09
CA PHE B 539 -52.05 2.45 6.71
C PHE B 539 -52.36 3.95 6.46
N PHE B 540 -51.32 4.77 6.44
CA PHE B 540 -51.48 6.20 6.31
C PHE B 540 -51.70 6.60 4.86
N SER B 541 -51.02 5.93 3.94
CA SER B 541 -51.17 6.25 2.54
C SER B 541 -52.54 5.84 2.09
N ARG B 542 -53.09 4.83 2.76
CA ARG B 542 -54.42 4.37 2.42
C ARG B 542 -55.49 5.27 3.01
N TRP B 543 -55.37 5.56 4.32
CA TRP B 543 -56.39 6.36 5.01
C TRP B 543 -56.21 7.89 4.89
N TYR B 544 -54.97 8.35 4.83
CA TYR B 544 -54.70 9.78 4.80
C TYR B 544 -53.74 10.11 3.68
N PRO B 545 -54.19 10.00 2.43
CA PRO B 545 -53.31 10.10 1.26
C PRO B 545 -52.58 11.43 1.20
N VAL B 546 -53.24 12.49 1.63
CA VAL B 546 -52.70 13.83 1.50
C VAL B 546 -51.69 14.13 2.61
N GLU B 547 -52.05 13.75 3.84
CA GLU B 547 -51.16 13.95 4.96
C GLU B 547 -49.90 13.13 4.71
N TYR B 548 -50.10 11.94 4.14
CA TYR B 548 -49.00 11.04 3.80
C TYR B 548 -48.13 11.64 2.71
N GLY B 549 -48.77 12.37 1.79
CA GLY B 549 -48.03 12.98 0.70
C GLY B 549 -47.07 13.97 1.30
N ILE B 550 -47.60 14.83 2.16
CA ILE B 550 -46.78 15.86 2.79
C ILE B 550 -45.63 15.23 3.60
N PHE B 551 -46.01 14.27 4.43
CA PHE B 551 -45.08 13.67 5.37
C PHE B 551 -43.93 12.99 4.67
N VAL B 552 -44.24 12.14 3.70
CA VAL B 552 -43.18 11.36 3.07
C VAL B 552 -42.41 12.23 2.10
N GLN B 553 -43.01 13.33 1.67
CA GLN B 553 -42.23 14.28 0.90
C GLN B 553 -41.19 14.94 1.79
N ARG B 554 -41.49 15.10 3.08
CA ARG B 554 -40.47 15.62 4.01
C ARG B 554 -39.29 14.68 4.16
N GLY B 555 -39.55 13.39 4.03
CA GLY B 555 -38.52 12.36 4.17
C GLY B 555 -39.01 11.17 4.96
N ALA B 556 -38.67 9.96 4.50
CA ALA B 556 -39.02 8.73 5.20
C ALA B 556 -38.28 8.60 6.52
N THR B 557 -37.07 9.17 6.57
CA THR B 557 -36.21 9.08 7.75
C THR B 557 -35.66 10.45 8.15
N TYR B 558 -34.78 10.46 9.14
CA TYR B 558 -34.02 11.67 9.46
C TYR B 558 -32.77 11.31 10.21
N THR B 559 -31.82 12.25 10.23
CA THR B 559 -30.62 12.08 11.04
C THR B 559 -30.52 13.29 11.94
N ILE B 560 -29.67 13.22 12.97
CA ILE B 560 -29.48 14.36 13.85
C ILE B 560 -28.08 14.98 13.66
N ASN B 561 -28.05 16.19 13.09
CA ASN B 561 -26.80 16.93 12.91
C ASN B 561 -26.23 17.37 14.25
N ALA B 562 -24.95 17.72 14.27
CA ALA B 562 -24.27 18.03 15.53
C ALA B 562 -24.96 19.20 16.26
N ALA B 563 -25.65 20.04 15.49
CA ALA B 563 -26.47 21.11 16.05
C ALA B 563 -27.69 20.53 16.76
N GLY B 564 -27.98 19.26 16.48
CA GLY B 564 -29.08 18.55 17.12
C GLY B 564 -30.45 18.69 16.48
N GLU B 565 -30.52 19.46 15.39
CA GLU B 565 -31.75 19.55 14.61
C GLU B 565 -31.93 18.26 13.83
N PHE B 566 -33.18 17.87 13.59
CA PHE B 566 -33.42 16.70 12.75
C PHE B 566 -33.38 17.14 11.30
N GLU B 567 -32.66 16.40 10.47
CA GLU B 567 -32.65 16.68 9.03
C GLU B 567 -33.21 15.47 8.31
N PHE B 568 -34.35 15.67 7.65
CA PHE B 568 -35.05 14.58 7.00
C PHE B 568 -34.52 14.26 5.61
N SER B 569 -34.65 13.00 5.22
CA SER B 569 -34.04 12.50 4.00
C SER B 569 -34.64 13.17 2.77
N GLY B 570 -35.88 13.60 2.87
CA GLY B 570 -36.55 14.22 1.75
C GLY B 570 -36.87 13.19 0.69
N ARG B 571 -36.85 11.93 1.08
CA ARG B 571 -36.98 10.85 0.11
C ARG B 571 -37.79 9.69 0.65
N ASN B 572 -38.73 9.20 -0.14
CA ASN B 572 -39.43 7.96 0.13
C ASN B 572 -38.48 6.77 0.03
N GLU B 573 -38.57 5.87 1.00
CA GLU B 573 -37.78 4.62 1.01
C GLU B 573 -38.17 3.77 2.22
N LYS B 574 -38.29 2.46 2.00
CA LYS B 574 -38.57 1.55 3.10
C LYS B 574 -37.40 1.46 4.07
N TRP B 575 -37.73 1.35 5.35
CA TRP B 575 -36.75 1.06 6.40
C TRP B 575 -36.29 -0.38 6.28
N ASP B 576 -35.02 -0.64 6.60
CA ASP B 576 -34.54 -2.00 6.85
C ASP B 576 -33.83 -1.92 8.18
N GLN B 577 -33.80 -3.02 8.91
CA GLN B 577 -33.26 -3.00 10.25
C GLN B 577 -31.75 -2.79 10.28
N ALA B 578 -31.09 -2.94 9.13
CA ALA B 578 -29.69 -2.59 9.00
C ALA B 578 -29.49 -1.17 9.53
N LEU B 579 -30.37 -0.30 9.09
CA LEU B 579 -30.28 1.10 9.37
C LEU B 579 -30.34 1.36 10.87
N TYR B 580 -30.90 0.41 11.62
CA TYR B 580 -31.10 0.61 13.05
C TYR B 580 -29.80 0.93 13.71
N LEU B 581 -28.71 0.36 13.20
CA LEU B 581 -27.42 0.67 13.81
C LEU B 581 -26.76 1.91 13.23
N SER B 582 -27.39 2.50 12.23
CA SER B 582 -26.81 3.64 11.55
C SER B 582 -27.17 4.95 12.23
N GLU B 583 -26.95 6.05 11.52
CA GLU B 583 -27.26 7.38 12.02
C GLU B 583 -28.70 7.77 11.72
N HIS B 584 -29.42 6.86 11.07
CA HIS B 584 -30.78 7.13 10.58
C HIS B 584 -31.90 6.74 11.55
N PHE B 585 -33.00 7.50 11.53
CA PHE B 585 -34.16 7.16 12.36
C PHE B 585 -35.38 7.16 11.48
N PRO B 586 -36.37 6.30 11.80
CA PRO B 586 -37.66 6.37 11.09
C PRO B 586 -38.30 7.72 11.37
N ALA B 587 -38.90 8.35 10.36
CA ALA B 587 -39.42 9.71 10.55
C ALA B 587 -40.80 9.80 11.20
N LEU B 588 -41.51 8.68 11.32
CA LEU B 588 -42.82 8.72 11.97
C LEU B 588 -42.64 9.05 13.43
N PHE B 589 -41.47 8.68 13.95
CA PHE B 589 -41.20 8.76 15.38
C PHE B 589 -40.42 9.99 15.81
N SER B 590 -40.22 10.92 14.87
CA SER B 590 -39.49 12.15 15.15
C SER B 590 -40.20 13.06 16.16
N ASP B 591 -41.54 13.00 16.16
CA ASP B 591 -42.37 13.92 16.95
C ASP B 591 -42.11 15.39 16.61
N VAL B 592 -41.62 15.64 15.40
CA VAL B 592 -41.43 16.99 14.91
C VAL B 592 -42.69 17.37 14.15
N PRO B 593 -43.40 18.39 14.64
CA PRO B 593 -44.72 18.74 14.08
C PRO B 593 -44.60 19.16 12.62
N LEU B 594 -45.59 18.82 11.82
CA LEU B 594 -45.56 19.15 10.41
C LEU B 594 -46.95 19.59 9.95
N ALA B 595 -47.05 20.80 9.42
CA ALA B 595 -48.34 21.34 9.01
C ALA B 595 -48.97 20.52 7.89
N GLY B 596 -50.27 20.27 8.01
CA GLY B 596 -51.01 19.58 6.99
C GLY B 596 -50.94 18.07 7.11
N ALA B 597 -50.11 17.59 8.03
CA ALA B 597 -50.04 16.16 8.33
C ALA B 597 -50.23 15.95 9.82
N ASN B 598 -51.04 16.80 10.43
CA ASN B 598 -51.22 16.80 11.87
C ASN B 598 -51.82 15.50 12.38
N THR B 599 -52.71 14.90 11.59
CA THR B 599 -53.40 13.70 12.03
C THR B 599 -52.44 12.53 12.17
N ILE B 600 -51.50 12.45 11.22
CA ILE B 600 -50.46 11.43 11.27
C ILE B 600 -49.55 11.64 12.47
N ILE B 601 -49.19 12.90 12.71
CA ILE B 601 -48.32 13.23 13.83
C ILE B 601 -48.98 12.90 15.17
N ALA B 602 -50.30 13.07 15.23
CA ALA B 602 -51.05 12.82 16.46
C ALA B 602 -51.15 11.32 16.73
N ILE B 603 -51.53 10.61 15.68
CA ILE B 603 -51.66 9.16 15.76
C ILE B 603 -50.30 8.64 16.15
N MET B 604 -49.26 9.35 15.72
CA MET B 604 -47.93 8.98 16.16
C MET B 604 -47.64 9.28 17.62
N ARG B 605 -48.19 10.37 18.14
CA ARG B 605 -47.93 10.72 19.53
C ARG B 605 -48.52 9.66 20.43
N LEU B 606 -49.49 8.91 19.91
CA LEU B 606 -50.02 7.79 20.70
C LEU B 606 -48.97 6.75 21.07
N PHE B 607 -47.90 6.66 20.28
CA PHE B 607 -46.88 5.64 20.51
C PHE B 607 -45.87 5.96 21.62
N THR B 608 -45.90 7.18 22.16
CA THR B 608 -44.90 7.55 23.15
C THR B 608 -45.11 6.79 24.45
N PRO B 609 -44.02 6.22 24.98
CA PRO B 609 -43.97 5.35 26.17
C PRO B 609 -44.41 6.07 27.44
N GLN B 610 -45.03 5.31 28.33
CA GLN B 610 -45.61 5.85 29.55
C GLN B 610 -44.76 5.69 30.81
N GLY B 611 -43.53 5.22 30.65
CA GLY B 611 -42.69 4.88 31.79
C GLY B 611 -41.69 5.94 32.15
N PHE B 612 -40.53 5.50 32.63
CA PHE B 612 -39.47 6.42 33.09
C PHE B 612 -38.14 5.71 33.05
N LEU B 613 -37.07 6.49 33.14
CA LEU B 613 -35.72 5.96 33.05
C LEU B 613 -35.11 5.78 34.43
N ARG B 614 -35.28 4.60 35.00
CA ARG B 614 -34.70 4.23 36.28
C ARG B 614 -33.21 4.04 36.21
N THR B 615 -32.51 4.47 37.24
CA THR B 615 -31.10 4.14 37.42
C THR B 615 -30.95 2.70 37.95
N ASP B 616 -29.89 2.00 37.56
CA ASP B 616 -29.67 0.64 38.09
C ASP B 616 -28.89 0.63 39.42
N ASP B 617 -29.52 1.12 40.49
CA ASP B 617 -28.84 1.37 41.76
C ASP B 617 -28.16 0.15 42.37
N LEU B 618 -28.93 -0.92 42.54
CA LEU B 618 -28.46 -2.12 43.21
C LEU B 618 -27.41 -2.88 42.42
N ALA B 619 -27.46 -2.77 41.09
CA ALA B 619 -26.43 -3.38 40.23
C ALA B 619 -25.15 -2.58 40.27
N ILE B 620 -25.26 -1.33 40.74
CA ILE B 620 -24.09 -0.48 40.89
C ILE B 620 -23.43 -0.74 42.24
N ALA B 621 -24.24 -0.87 43.29
CA ALA B 621 -23.70 -1.18 44.61
C ALA B 621 -23.02 -2.55 44.59
N ALA B 622 -23.48 -3.42 43.70
CA ALA B 622 -22.94 -4.75 43.56
C ALA B 622 -21.67 -4.80 42.70
N ASN B 623 -21.34 -3.68 42.08
CA ASN B 623 -20.26 -3.62 41.08
C ASN B 623 -20.50 -4.60 39.93
N PHE B 624 -21.77 -4.84 39.63
CA PHE B 624 -22.13 -5.67 38.50
C PHE B 624 -21.73 -4.98 37.22
N PRO B 625 -21.26 -5.77 36.25
CA PRO B 625 -20.73 -5.15 35.03
C PRO B 625 -21.80 -4.34 34.32
N ARG B 626 -21.42 -3.18 33.83
CA ARG B 626 -22.32 -2.29 33.11
C ARG B 626 -21.47 -1.55 32.10
N ALA B 627 -21.82 -1.66 30.82
CA ALA B 627 -21.04 -1.00 29.78
C ALA B 627 -21.12 0.54 29.85
N SER B 628 -22.27 1.07 30.27
CA SER B 628 -22.48 2.51 30.29
C SER B 628 -21.77 3.19 31.46
N ARG B 629 -21.35 4.43 31.27
CA ARG B 629 -20.72 5.18 32.34
C ARG B 629 -21.74 5.48 33.43
N ASN B 630 -23.01 5.63 33.04
CA ASN B 630 -24.11 5.64 34.00
C ASN B 630 -25.26 4.70 33.60
N PRO B 631 -25.26 3.48 34.19
CA PRO B 631 -26.24 2.45 33.80
C PRO B 631 -27.69 2.88 34.09
N GLN B 632 -28.60 2.53 33.18
CA GLN B 632 -29.99 2.95 33.27
C GLN B 632 -30.87 2.00 32.48
N THR B 633 -32.09 1.80 32.95
CA THR B 633 -33.05 1.03 32.20
C THR B 633 -34.38 1.78 32.16
N TYR B 634 -35.16 1.56 31.12
CA TYR B 634 -36.44 2.21 31.01
C TYR B 634 -37.50 1.27 31.51
N ILE B 635 -38.05 1.57 32.69
CA ILE B 635 -39.23 0.88 33.15
C ILE B 635 -40.44 1.41 32.38
N PRO B 636 -41.24 0.49 31.80
CA PRO B 636 -42.37 0.78 30.92
C PRO B 636 -43.47 1.64 31.54
N TYR B 637 -43.67 1.53 32.85
CA TYR B 637 -44.72 2.27 33.54
C TYR B 637 -44.42 2.41 35.03
N THR B 638 -44.70 3.58 35.57
CA THR B 638 -44.52 3.83 36.98
C THR B 638 -45.64 3.17 37.80
N ASN B 639 -45.33 2.83 39.05
CA ASN B 639 -46.33 2.35 40.01
C ASN B 639 -47.34 3.47 40.28
N GLN B 640 -48.61 3.12 40.45
CA GLN B 640 -49.63 4.16 40.69
C GLN B 640 -50.65 3.82 41.78
N ARG B 641 -50.25 3.94 43.05
CA ARG B 641 -51.06 3.39 44.15
C ARG B 641 -52.16 4.28 44.74
N GLY B 642 -51.87 5.55 44.96
CA GLY B 642 -52.81 6.39 45.67
C GLY B 642 -54.07 6.72 44.90
N THR B 643 -53.96 6.80 43.58
CA THR B 643 -55.02 7.30 42.72
C THR B 643 -56.28 6.45 42.70
N VAL B 644 -57.42 7.11 42.63
CA VAL B 644 -58.69 6.47 42.32
C VAL B 644 -58.60 5.87 40.92
N THR B 645 -57.82 6.53 40.05
CA THR B 645 -57.77 6.16 38.64
C THR B 645 -56.33 5.92 38.16
N ASN B 646 -56.15 4.82 37.44
CA ASN B 646 -54.85 4.43 36.91
C ASN B 646 -54.45 5.25 35.69
N GLU B 647 -53.37 6.01 35.80
CA GLU B 647 -52.99 6.97 34.76
C GLU B 647 -52.59 6.30 33.43
N PHE B 648 -52.02 5.11 33.53
CA PHE B 648 -51.66 4.33 32.36
C PHE B 648 -52.92 3.92 31.61
N ALA B 649 -53.89 3.43 32.36
CA ALA B 649 -55.17 3.04 31.80
C ALA B 649 -55.87 4.23 31.16
N SER B 650 -55.79 5.38 31.83
CA SER B 650 -56.46 6.57 31.32
C SER B 650 -55.80 7.02 30.03
N ARG B 651 -54.50 6.81 29.95
CA ARG B 651 -53.79 7.12 28.71
C ARG B 651 -54.29 6.20 27.62
N PHE B 652 -54.57 4.95 27.97
CA PHE B 652 -55.14 4.05 26.97
C PHE B 652 -56.55 4.46 26.55
N ARG B 653 -57.30 5.07 27.47
CA ARG B 653 -58.60 5.61 27.11
C ARG B 653 -58.47 6.75 26.13
N THR B 654 -57.42 7.56 26.25
CA THR B 654 -57.27 8.67 25.29
C THR B 654 -56.80 8.19 23.93
N ILE B 655 -55.90 7.23 23.95
CA ILE B 655 -55.43 6.62 22.72
C ILE B 655 -56.64 6.05 22.01
N VAL B 656 -57.42 5.26 22.75
CA VAL B 656 -58.57 4.61 22.13
C VAL B 656 -59.64 5.61 21.66
N ALA B 657 -59.79 6.73 22.36
CA ALA B 657 -60.76 7.73 21.91
C ALA B 657 -60.30 8.25 20.56
N THR B 658 -59.00 8.39 20.43
CA THR B 658 -58.46 8.94 19.19
C THR B 658 -58.66 7.96 18.03
N LEU B 659 -58.27 6.72 18.26
CA LEU B 659 -58.43 5.70 17.24
C LEU B 659 -59.91 5.54 16.90
N ALA B 660 -60.77 5.81 17.87
CA ALA B 660 -62.19 5.63 17.67
C ALA B 660 -62.69 6.69 16.72
N ASN B 661 -62.30 7.94 16.96
CA ASN B 661 -62.73 9.00 16.06
C ASN B 661 -62.11 8.81 14.66
N VAL B 662 -60.96 8.14 14.63
CA VAL B 662 -60.27 7.82 13.38
C VAL B 662 -61.00 6.76 12.54
N VAL B 663 -61.34 5.64 13.18
CA VAL B 663 -62.04 4.55 12.55
C VAL B 663 -63.42 5.04 12.14
N ASN B 664 -63.99 5.91 12.96
CA ASN B 664 -65.29 6.49 12.67
C ASN B 664 -65.19 7.34 11.41
N GLU B 665 -64.19 8.22 11.36
CA GLU B 665 -64.05 9.12 10.21
C GLU B 665 -63.87 8.29 8.93
N ARG B 666 -63.19 7.16 9.07
CA ARG B 666 -63.07 6.27 7.94
C ARG B 666 -64.41 5.68 7.54
N ALA B 667 -65.16 5.20 8.51
CA ALA B 667 -66.42 4.52 8.22
C ALA B 667 -67.40 5.46 7.55
N VAL B 668 -67.43 6.72 7.99
CA VAL B 668 -68.28 7.68 7.29
C VAL B 668 -67.73 7.98 5.90
N GLN B 669 -66.41 7.88 5.74
CA GLN B 669 -65.85 8.08 4.40
C GLN B 669 -66.28 6.97 3.45
N ASP B 670 -66.51 5.79 4.00
CA ASP B 670 -66.81 4.59 3.21
C ASP B 670 -68.26 4.14 3.36
N ASP B 671 -69.10 5.02 3.89
CA ASP B 671 -70.54 4.77 4.02
C ASP B 671 -70.89 3.44 4.73
N MET B 672 -70.07 3.09 5.72
CA MET B 672 -70.24 1.84 6.47
C MET B 672 -71.52 1.82 7.30
N GLN B 673 -72.12 0.63 7.39
CA GLN B 673 -73.39 0.45 8.08
C GLN B 673 -73.28 0.73 9.57
N LYS B 674 -74.35 1.27 10.15
CA LYS B 674 -74.31 1.75 11.52
C LYS B 674 -73.99 0.63 12.50
N ALA B 675 -74.48 -0.57 12.18
CA ALA B 675 -74.34 -1.69 13.10
C ALA B 675 -72.87 -2.05 13.29
N THR B 676 -72.14 -2.15 12.19
CA THR B 676 -70.75 -2.55 12.26
C THR B 676 -69.92 -1.49 12.96
N ARG B 677 -70.31 -0.23 12.80
CA ARG B 677 -69.59 0.85 13.47
C ARG B 677 -69.80 0.77 14.97
N SER B 678 -71.03 0.50 15.37
CA SER B 678 -71.35 0.41 16.79
C SER B 678 -70.59 -0.77 17.37
N CYS B 679 -70.39 -1.78 16.55
CA CYS B 679 -69.68 -2.95 17.00
C CYS B 679 -68.19 -2.69 17.18
N THR B 680 -67.60 -1.92 16.27
CA THR B 680 -66.20 -1.54 16.46
C THR B 680 -66.04 -0.70 17.72
N LYS B 681 -67.01 0.17 17.98
CA LYS B 681 -66.94 1.01 19.16
C LYS B 681 -67.09 0.20 20.45
N GLN B 682 -68.00 -0.78 20.42
CA GLN B 682 -68.21 -1.61 21.60
C GLN B 682 -66.94 -2.39 21.85
N TRP B 683 -66.26 -2.77 20.78
CA TRP B 683 -65.01 -3.51 20.92
C TRP B 683 -63.90 -2.66 21.51
N LEU B 684 -63.80 -1.41 21.06
CA LEU B 684 -62.85 -0.47 21.62
C LEU B 684 -63.12 -0.20 23.12
N ARG B 685 -64.39 -0.04 23.47
CA ARG B 685 -64.73 0.23 24.86
C ARG B 685 -64.34 -0.97 25.69
N HIS B 686 -64.55 -2.15 25.12
CA HIS B 686 -64.26 -3.35 25.84
C HIS B 686 -62.77 -3.40 26.10
N LEU B 687 -62.00 -2.94 25.11
CA LEU B 687 -60.56 -2.93 25.26
C LEU B 687 -60.19 -1.99 26.40
N GLU B 688 -60.91 -0.87 26.49
CA GLU B 688 -60.64 0.08 27.54
C GLU B 688 -60.89 -0.53 28.90
N THR B 689 -61.98 -1.27 29.03
CA THR B 689 -62.29 -1.85 30.35
C THR B 689 -61.27 -2.91 30.70
N GLN B 690 -60.78 -3.60 29.67
CA GLN B 690 -59.87 -4.70 29.90
C GLN B 690 -58.53 -4.15 30.36
N PHE B 691 -58.08 -3.12 29.67
CA PHE B 691 -56.86 -2.44 30.03
C PHE B 691 -56.96 -1.82 31.42
N ASP B 692 -58.14 -1.30 31.77
CA ASP B 692 -58.36 -0.74 33.11
C ASP B 692 -58.30 -1.82 34.15
N ASN B 693 -58.63 -3.06 33.77
CA ASN B 693 -58.53 -4.16 34.71
C ASN B 693 -57.10 -4.57 34.97
N ILE B 694 -56.34 -4.76 33.91
CA ILE B 694 -55.00 -5.30 34.05
C ILE B 694 -53.98 -4.23 34.42
N ALA B 695 -54.38 -2.96 34.34
CA ALA B 695 -53.42 -1.86 34.41
C ALA B 695 -52.73 -1.85 35.75
N VAL B 696 -53.46 -2.19 36.80
CA VAL B 696 -52.84 -2.20 38.11
C VAL B 696 -51.76 -3.28 38.17
N ALA B 697 -52.03 -4.42 37.53
CA ALA B 697 -51.09 -5.52 37.52
C ALA B 697 -49.85 -5.15 36.78
N HIS B 698 -50.00 -4.29 35.78
CA HIS B 698 -48.82 -3.88 35.05
C HIS B 698 -48.04 -2.83 35.83
N THR B 699 -48.67 -1.69 36.05
CA THR B 699 -48.00 -0.57 36.67
C THR B 699 -47.51 -0.89 38.07
N ASP B 700 -48.35 -1.57 38.85
CA ASP B 700 -48.08 -1.71 40.27
C ASP B 700 -47.42 -3.05 40.67
N HIS B 701 -47.22 -3.95 39.70
CA HIS B 701 -46.63 -5.25 40.01
C HIS B 701 -45.48 -5.60 39.07
N LEU B 702 -45.77 -5.60 37.78
CA LEU B 702 -44.80 -5.99 36.74
C LEU B 702 -43.63 -5.04 36.67
N SER B 703 -43.89 -3.78 37.02
CA SER B 703 -42.87 -2.76 36.97
C SER B 703 -41.76 -3.08 37.95
N VAL B 704 -42.11 -3.67 39.08
CA VAL B 704 -41.08 -3.97 40.05
C VAL B 704 -40.28 -5.14 39.55
N VAL B 705 -40.91 -6.02 38.77
CA VAL B 705 -40.17 -7.15 38.25
C VAL B 705 -39.13 -6.58 37.31
N TYR B 706 -39.53 -5.57 36.55
CA TYR B 706 -38.60 -4.94 35.61
C TYR B 706 -37.48 -4.27 36.37
N ALA B 707 -37.85 -3.60 37.46
CA ALA B 707 -36.91 -2.82 38.23
C ALA B 707 -35.88 -3.69 38.95
N THR B 708 -36.25 -4.90 39.35
CA THR B 708 -35.21 -5.80 39.84
C THR B 708 -34.38 -6.28 38.66
N MET B 709 -35.05 -6.69 37.59
CA MET B 709 -34.36 -7.36 36.50
C MET B 709 -33.35 -6.44 35.85
N SER B 710 -33.54 -5.14 36.03
CA SER B 710 -32.58 -4.17 35.53
C SER B 710 -31.25 -4.32 36.25
N ASN B 711 -31.29 -4.77 37.50
CA ASN B 711 -30.08 -4.95 38.30
C ASN B 711 -29.50 -6.35 38.27
N PHE B 712 -30.05 -7.24 37.45
CA PHE B 712 -29.44 -8.55 37.30
C PHE B 712 -28.04 -8.36 36.73
N MET B 713 -27.12 -9.22 37.14
CA MET B 713 -25.71 -9.00 36.90
C MET B 713 -25.36 -8.95 35.42
N LEU B 714 -26.04 -9.76 34.62
CA LEU B 714 -25.70 -9.83 33.20
C LEU B 714 -26.48 -8.89 32.28
N ASN B 715 -27.41 -8.11 32.82
CA ASN B 715 -28.17 -7.16 31.99
C ASN B 715 -27.38 -5.88 31.75
N PHE B 716 -26.16 -6.05 31.26
CA PHE B 716 -25.11 -5.03 31.35
C PHE B 716 -25.22 -3.78 30.45
N THR B 717 -26.04 -3.83 29.41
CA THR B 717 -26.11 -2.70 28.46
C THR B 717 -27.19 -1.68 28.81
N ASN B 718 -27.12 -0.51 28.17
CA ASN B 718 -28.24 0.44 28.19
C ASN B 718 -29.16 0.19 27.01
N ASN B 719 -30.42 -0.09 27.29
CA ASN B 719 -31.34 -0.50 26.23
C ASN B 719 -32.15 0.61 25.53
N PHE B 720 -32.49 1.66 26.26
CA PHE B 720 -33.46 2.63 25.77
C PHE B 720 -33.55 3.78 26.74
N SER B 721 -33.40 5.01 26.23
CA SER B 721 -33.47 6.21 27.06
C SER B 721 -34.91 6.63 27.27
N GLY B 722 -35.82 5.96 26.59
CA GLY B 722 -37.24 6.30 26.69
C GLY B 722 -37.69 7.36 25.71
N ASN B 723 -36.76 7.88 24.93
CA ASN B 723 -37.11 8.82 23.88
C ASN B 723 -36.87 8.22 22.51
N HIS B 724 -37.93 7.81 21.83
CA HIS B 724 -37.80 7.15 20.54
C HIS B 724 -37.13 8.02 19.49
N ALA B 725 -37.33 9.33 19.59
CA ALA B 725 -36.85 10.25 18.56
C ALA B 725 -35.34 10.31 18.40
N THR B 726 -34.60 10.14 19.49
CA THR B 726 -33.16 10.41 19.47
C THR B 726 -32.30 9.29 20.05
N PHE B 727 -32.86 8.10 20.23
CA PHE B 727 -32.07 7.06 20.86
C PHE B 727 -31.43 6.09 19.88
N LYS B 728 -30.11 6.08 19.87
CA LYS B 728 -29.36 5.00 19.25
C LYS B 728 -28.56 4.34 20.36
N PRO B 729 -28.46 3.01 20.33
CA PRO B 729 -27.67 2.30 21.32
C PRO B 729 -26.21 2.69 21.20
N ASP B 730 -25.48 2.77 22.32
CA ASP B 730 -24.03 2.93 22.24
C ASP B 730 -23.49 1.66 21.59
N GLN B 731 -22.52 1.79 20.69
CA GLN B 731 -22.07 0.65 19.92
C GLN B 731 -20.61 0.37 20.14
N TYR B 732 -20.34 -0.64 20.94
CA TYR B 732 -18.97 -1.07 21.15
C TYR B 732 -18.55 -2.16 20.16
N VAL B 733 -17.26 -2.19 19.85
CA VAL B 733 -16.66 -3.20 19.00
C VAL B 733 -15.34 -3.63 19.61
N ILE B 734 -14.86 -4.82 19.21
CA ILE B 734 -13.63 -5.35 19.75
C ILE B 734 -12.60 -5.25 18.65
N THR B 735 -11.87 -4.14 18.65
CA THR B 735 -10.99 -3.81 17.57
C THR B 735 -9.55 -4.29 17.76
N SER B 736 -9.15 -5.28 16.98
CA SER B 736 -7.74 -5.57 16.77
C SER B 736 -7.18 -4.59 15.73
N PRO B 737 -5.99 -4.03 15.99
CA PRO B 737 -5.25 -3.20 15.05
C PRO B 737 -4.94 -3.95 13.76
N GLU B 738 -4.76 -5.27 13.87
CA GLU B 738 -4.59 -6.11 12.70
C GLU B 738 -5.90 -6.29 11.93
N GLY B 739 -6.69 -7.28 12.33
CA GLY B 739 -7.92 -7.60 11.63
C GLY B 739 -9.10 -6.68 11.92
N SER B 740 -10.20 -6.90 11.20
CA SER B 740 -11.39 -6.05 11.31
C SER B 740 -12.04 -6.11 12.69
N TYR B 741 -12.59 -4.99 13.12
CA TYR B 741 -13.32 -4.93 14.39
C TYR B 741 -14.63 -5.75 14.37
N LYS B 742 -15.02 -6.29 15.53
CA LYS B 742 -16.25 -7.07 15.63
C LYS B 742 -17.26 -6.39 16.52
N PRO B 743 -18.31 -5.81 15.92
CA PRO B 743 -19.32 -5.11 16.71
C PRO B 743 -20.02 -6.07 17.65
N ILE B 744 -20.38 -5.61 18.84
CA ILE B 744 -21.15 -6.45 19.75
C ILE B 744 -22.57 -6.56 19.21
N ILE B 745 -23.09 -5.45 18.71
CA ILE B 745 -24.43 -5.44 18.13
C ILE B 745 -24.31 -5.42 16.61
N GLU B 746 -24.96 -6.36 15.95
CA GLU B 746 -25.12 -6.30 14.49
C GLU B 746 -26.20 -7.25 13.95
N ARG B 747 -26.59 -7.05 12.69
CA ARG B 747 -27.41 -8.02 12.00
C ARG B 747 -26.53 -9.16 11.46
N GLN B 748 -26.08 -10.04 12.34
CA GLN B 748 -25.17 -11.11 11.95
C GLN B 748 -25.89 -12.38 11.50
N GLY B 749 -27.22 -12.34 11.46
CA GLY B 749 -27.99 -13.44 10.91
C GLY B 749 -28.20 -14.62 11.85
N GLU B 750 -27.78 -14.48 13.10
CA GLU B 750 -28.15 -15.43 14.13
C GLU B 750 -29.57 -15.11 14.58
N THR B 751 -30.47 -16.09 14.53
CA THR B 751 -31.81 -15.82 15.01
C THR B 751 -31.91 -16.11 16.50
N VAL B 752 -30.86 -16.74 17.03
CA VAL B 752 -30.84 -17.19 18.42
C VAL B 752 -32.05 -18.07 18.71
N ASP B 753 -32.25 -19.07 17.85
CA ASP B 753 -33.40 -19.96 17.92
C ASP B 753 -34.71 -19.18 17.78
N GLY B 754 -34.70 -18.21 16.86
CA GLY B 754 -35.91 -17.49 16.50
C GLY B 754 -36.27 -16.33 17.41
N LEU B 755 -35.44 -16.09 18.43
CA LEU B 755 -35.73 -15.08 19.45
C LEU B 755 -35.76 -13.63 18.93
N THR B 756 -35.02 -13.35 17.85
CA THR B 756 -34.92 -11.98 17.33
C THR B 756 -36.09 -11.56 16.47
N ILE B 757 -36.97 -12.50 16.13
CA ILE B 757 -38.16 -12.15 15.37
C ILE B 757 -39.28 -11.81 16.34
N ILE B 758 -39.66 -10.53 16.36
CA ILE B 758 -40.56 -10.00 17.37
C ILE B 758 -42.02 -10.10 16.93
N ASP B 759 -42.83 -10.84 17.67
CA ASP B 759 -44.26 -10.94 17.36
C ASP B 759 -45.04 -10.00 18.26
N THR B 760 -45.57 -8.94 17.66
CA THR B 760 -46.35 -7.95 18.39
C THR B 760 -47.69 -8.50 18.92
N SER B 761 -48.25 -9.49 18.23
CA SER B 761 -49.60 -10.00 18.52
C SER B 761 -49.69 -10.62 19.92
N ILE B 762 -48.52 -10.77 20.54
CA ILE B 762 -48.43 -11.26 21.91
C ILE B 762 -49.21 -10.34 22.85
N VAL B 763 -49.42 -9.09 22.44
CA VAL B 763 -50.20 -8.18 23.28
C VAL B 763 -51.66 -8.59 23.43
N TRP B 764 -52.21 -9.30 22.46
CA TRP B 764 -53.61 -9.69 22.56
C TRP B 764 -53.93 -10.60 23.73
N PRO B 765 -53.15 -11.68 23.91
CA PRO B 765 -53.33 -12.44 25.15
C PRO B 765 -53.08 -11.63 26.43
N ILE B 766 -52.14 -10.70 26.39
CA ILE B 766 -51.77 -9.93 27.57
C ILE B 766 -52.91 -9.05 28.10
N LEU B 767 -53.68 -8.45 27.19
CA LEU B 767 -54.95 -7.83 27.57
C LEU B 767 -56.03 -8.90 27.78
N CYS B 768 -56.43 -9.50 26.66
CA CYS B 768 -57.68 -10.24 26.60
C CYS B 768 -57.69 -11.68 27.12
N GLN B 769 -56.54 -12.26 27.48
CA GLN B 769 -56.58 -13.61 28.06
C GLN B 769 -55.43 -14.06 28.98
N CYS B 770 -55.16 -13.30 30.04
CA CYS B 770 -54.09 -13.67 30.97
C CYS B 770 -54.38 -13.21 32.37
N THR B 771 -54.34 -14.13 33.33
CA THR B 771 -54.56 -13.78 34.72
C THR B 771 -53.33 -13.08 35.30
N TYR B 772 -53.57 -12.22 36.30
CA TYR B 772 -52.48 -11.66 37.08
C TYR B 772 -52.88 -11.76 38.54
N PRO B 773 -51.91 -11.98 39.43
CA PRO B 773 -52.18 -12.00 40.88
C PRO B 773 -52.79 -10.71 41.43
N LEU B 774 -52.40 -9.57 40.90
CA LEU B 774 -52.98 -8.30 41.36
C LEU B 774 -54.43 -8.07 40.95
N VAL B 775 -54.83 -8.63 39.82
CA VAL B 775 -56.20 -8.49 39.32
C VAL B 775 -57.10 -9.58 39.90
N ARG B 776 -57.50 -9.43 41.15
CA ARG B 776 -58.41 -10.38 41.77
C ARG B 776 -59.83 -9.84 41.78
N GLN B 777 -60.81 -10.73 41.61
CA GLN B 777 -62.20 -10.34 41.50
C GLN B 777 -63.16 -11.51 41.74
N SER B 786 -62.67 -11.08 45.05
CA SER B 786 -61.21 -10.95 45.08
C SER B 786 -60.55 -12.08 45.87
N ILE B 787 -59.86 -12.96 45.15
CA ILE B 787 -59.22 -14.12 45.75
C ILE B 787 -58.05 -13.76 46.67
N MET B 788 -57.43 -12.61 46.41
CA MET B 788 -56.25 -12.14 47.14
C MET B 788 -55.09 -13.15 47.17
N GLU B 789 -54.68 -13.62 46.00
CA GLU B 789 -53.55 -14.53 45.88
C GLU B 789 -52.28 -13.84 46.37
N GLU B 790 -51.49 -14.52 47.20
CA GLU B 790 -50.27 -13.93 47.73
C GLU B 790 -49.21 -13.75 46.65
N ILE B 791 -48.52 -12.61 46.68
CA ILE B 791 -47.46 -12.29 45.73
C ILE B 791 -46.28 -13.24 45.89
N VAL B 792 -45.60 -13.56 44.80
CA VAL B 792 -44.39 -14.36 44.90
C VAL B 792 -43.14 -13.50 44.78
N TYR B 793 -42.19 -13.71 45.70
CA TYR B 793 -40.90 -13.05 45.60
C TYR B 793 -39.83 -14.13 45.55
N PRO B 794 -39.35 -14.46 44.34
CA PRO B 794 -38.40 -15.56 44.06
C PRO B 794 -37.04 -15.37 44.73
N ASP B 795 -36.38 -16.46 45.13
CA ASP B 795 -35.04 -16.38 45.72
C ASP B 795 -34.13 -15.76 44.70
N PRO B 796 -33.34 -14.79 45.14
CA PRO B 796 -32.29 -14.21 44.29
C PRO B 796 -31.30 -15.29 43.85
N SER B 797 -31.09 -16.28 44.71
CA SER B 797 -29.97 -17.19 44.54
C SER B 797 -29.97 -17.94 43.22
N THR B 798 -31.16 -18.21 42.68
CA THR B 798 -31.20 -19.03 41.48
C THR B 798 -30.68 -18.26 40.26
N THR B 799 -31.29 -17.10 40.03
CA THR B 799 -30.89 -16.29 38.88
C THR B 799 -29.48 -15.80 39.09
N LEU B 800 -29.13 -15.56 40.34
CA LEU B 800 -27.81 -15.04 40.65
C LEU B 800 -26.76 -16.06 40.27
N SER B 801 -26.93 -17.27 40.81
CA SER B 801 -25.95 -18.33 40.63
C SER B 801 -25.87 -18.78 39.18
N GLN B 802 -26.97 -18.73 38.44
CA GLN B 802 -26.85 -19.00 37.01
C GLN B 802 -26.13 -17.88 36.22
N SER B 803 -26.28 -16.64 36.69
CA SER B 803 -25.50 -15.55 36.11
C SER B 803 -24.01 -15.78 36.34
N LEU B 804 -23.66 -16.12 37.57
CA LEU B 804 -22.26 -16.37 37.94
C LEU B 804 -21.72 -17.56 37.18
N SER B 805 -22.60 -18.55 36.95
CA SER B 805 -22.20 -19.74 36.22
C SER B 805 -21.81 -19.34 34.80
N VAL B 806 -22.59 -18.43 34.22
CA VAL B 806 -22.26 -17.94 32.90
C VAL B 806 -20.94 -17.20 32.90
N ALA B 807 -20.76 -16.30 33.87
CA ALA B 807 -19.57 -15.47 33.90
C ALA B 807 -18.30 -16.32 33.99
N GLN B 808 -18.29 -17.26 34.93
CA GLN B 808 -17.11 -18.11 35.11
C GLN B 808 -16.88 -18.99 33.89
N VAL B 809 -17.98 -19.39 33.26
CA VAL B 809 -17.84 -20.21 32.06
C VAL B 809 -17.12 -19.43 30.98
N LEU B 810 -17.45 -18.14 30.87
CA LEU B 810 -16.88 -17.32 29.81
C LEU B 810 -15.42 -16.99 30.04
N SER B 811 -15.06 -16.68 31.29
CA SER B 811 -13.65 -16.36 31.52
C SER B 811 -12.79 -17.61 31.28
N LYS B 812 -13.24 -18.73 31.82
CA LYS B 812 -12.47 -19.96 31.69
C LYS B 812 -12.40 -20.36 30.23
N LEU B 813 -13.41 -19.95 29.47
CA LEU B 813 -13.46 -20.22 28.04
C LEU B 813 -12.40 -19.43 27.30
N THR B 814 -12.32 -18.13 27.57
CA THR B 814 -11.38 -17.29 26.86
C THR B 814 -9.92 -17.52 27.21
N LEU B 815 -9.66 -18.12 28.38
CA LEU B 815 -8.29 -18.09 28.94
C LEU B 815 -7.14 -18.53 28.03
N PRO B 816 -7.22 -19.72 27.39
CA PRO B 816 -6.08 -20.08 26.54
C PRO B 816 -5.75 -19.10 25.40
N ASP B 817 -6.76 -18.49 24.79
CA ASP B 817 -6.53 -17.58 23.65
C ASP B 817 -5.89 -16.33 24.15
N ALA B 818 -6.41 -15.85 25.28
CA ALA B 818 -5.98 -14.61 25.87
C ALA B 818 -4.52 -14.70 26.31
N PHE B 819 -4.12 -15.88 26.77
CA PHE B 819 -2.77 -16.05 27.28
C PHE B 819 -1.79 -15.98 26.14
N ILE B 820 -2.08 -16.71 25.07
CA ILE B 820 -1.17 -16.80 23.93
C ILE B 820 -1.00 -15.42 23.27
N ASN B 821 -2.10 -14.69 23.19
CA ASN B 821 -2.08 -13.36 22.59
C ASN B 821 -1.32 -12.36 23.43
N MET B 822 -1.20 -12.66 24.72
CA MET B 822 -0.38 -11.87 25.61
C MET B 822 1.08 -12.02 25.25
N ILE B 823 1.44 -13.20 24.76
CA ILE B 823 2.83 -13.52 24.49
C ILE B 823 3.21 -12.83 23.19
N LEU B 824 2.30 -12.92 22.23
CA LEU B 824 2.58 -12.52 20.86
C LEU B 824 2.38 -11.05 20.64
N SER B 825 1.97 -10.34 21.68
CA SER B 825 1.53 -8.94 21.55
C SER B 825 2.65 -8.08 21.01
N GLY B 826 3.89 -8.46 21.30
CA GLY B 826 5.02 -7.77 20.71
C GLY B 826 5.37 -8.25 19.32
N GLY B 827 4.80 -9.38 18.92
CA GLY B 827 5.30 -10.11 17.76
C GLY B 827 4.98 -9.55 16.39
N ASP B 828 3.95 -8.71 16.29
CA ASP B 828 3.64 -8.03 15.04
C ASP B 828 4.83 -7.13 14.71
N SER B 829 5.22 -7.11 13.45
CA SER B 829 6.49 -6.50 13.07
C SER B 829 6.41 -5.84 11.72
N VAL B 830 7.24 -4.84 11.51
CA VAL B 830 7.22 -4.10 10.25
C VAL B 830 8.56 -4.18 9.53
N VAL B 831 8.51 -4.22 8.20
CA VAL B 831 9.71 -4.15 7.38
C VAL B 831 10.35 -2.77 7.51
N MET B 832 11.67 -2.72 7.64
CA MET B 832 12.37 -1.48 7.97
C MET B 832 13.75 -1.42 7.34
N ARG B 833 13.88 -0.61 6.29
CA ARG B 833 15.20 -0.36 5.73
C ARG B 833 15.99 0.51 6.69
N THR B 834 17.25 0.19 6.91
CA THR B 834 18.11 1.05 7.71
C THR B 834 19.28 1.53 6.88
N TYR B 835 19.12 2.73 6.31
CA TYR B 835 20.18 3.35 5.55
C TYR B 835 21.30 3.83 6.46
N GLN B 836 22.55 3.60 6.05
CA GLN B 836 23.70 4.00 6.85
C GLN B 836 24.16 5.40 6.49
N THR B 837 24.81 6.09 7.44
CA THR B 837 25.20 7.46 7.23
C THR B 837 26.55 7.79 7.85
N GLU B 838 27.38 6.78 8.00
CA GLU B 838 28.70 7.00 8.57
C GLU B 838 29.69 6.02 7.95
N ALA B 839 30.97 6.40 7.96
CA ALA B 839 32.01 5.66 7.27
C ALA B 839 32.15 4.22 7.76
N ASP B 840 31.84 3.99 9.03
CA ASP B 840 32.01 2.66 9.61
C ASP B 840 30.76 2.18 10.33
N ASP B 841 29.59 2.52 9.79
CA ASP B 841 28.32 2.07 10.38
C ASP B 841 28.18 0.55 10.30
N ASP B 842 27.75 -0.05 11.41
CA ASP B 842 27.37 -1.46 11.43
C ASP B 842 26.01 -1.60 10.75
N LEU B 843 25.68 -2.80 10.31
CA LEU B 843 24.46 -3.01 9.52
C LEU B 843 23.19 -2.61 10.27
N ASP B 844 23.18 -2.78 11.59
CA ASP B 844 22.08 -2.28 12.42
C ASP B 844 22.05 -0.76 12.54
N GLU B 845 23.21 -0.14 12.41
CA GLU B 845 23.36 1.31 12.58
C GLU B 845 22.82 2.12 11.39
N GLY B 846 22.45 3.37 11.66
CA GLY B 846 22.01 4.27 10.61
C GLY B 846 20.65 4.87 10.90
N ILE B 847 19.98 5.36 9.86
CA ILE B 847 18.65 5.93 10.00
C ILE B 847 17.58 4.90 9.63
N ARG B 848 16.82 4.45 10.64
CA ARG B 848 15.72 3.53 10.41
C ARG B 848 14.60 4.22 9.67
N MET B 849 14.01 3.53 8.69
CA MET B 849 12.84 4.05 8.00
C MET B 849 11.95 2.95 7.43
N THR B 850 10.68 3.28 7.32
CA THR B 850 9.68 2.35 6.84
C THR B 850 8.72 3.06 5.89
N THR B 851 8.14 2.28 4.98
CA THR B 851 7.16 2.81 4.06
C THR B 851 5.88 3.17 4.81
N TYR B 852 5.14 4.14 4.29
CA TYR B 852 3.91 4.64 4.90
C TYR B 852 2.86 3.53 5.01
N ASP B 853 2.91 2.59 4.07
CA ASP B 853 1.99 1.45 4.07
C ASP B 853 2.16 0.59 5.32
N GLN B 854 3.41 0.28 5.67
CA GLN B 854 3.68 -0.48 6.89
C GLN B 854 3.28 0.31 8.14
N TYR B 855 3.35 1.63 8.05
CA TYR B 855 2.94 2.50 9.14
C TYR B 855 1.43 2.40 9.38
N LEU B 856 0.65 2.52 8.30
CA LEU B 856 -0.80 2.40 8.42
C LEU B 856 -1.24 0.99 8.83
N SER B 857 -0.47 -0.01 8.43
CA SER B 857 -0.87 -1.39 8.64
C SER B 857 -0.61 -1.91 10.03
N HIS B 858 0.12 -1.12 10.82
CA HIS B 858 0.51 -1.54 12.15
C HIS B 858 0.56 -0.40 13.16
N ILE B 859 1.48 0.53 12.92
CA ILE B 859 1.77 1.60 13.86
C ILE B 859 0.64 2.60 14.15
N ARG B 860 -0.17 2.91 13.15
CA ARG B 860 -1.15 3.97 13.32
C ARG B 860 -2.31 3.60 14.23
N GLU B 861 -2.91 2.44 13.98
CA GLU B 861 -4.05 2.00 14.77
C GLU B 861 -3.60 1.82 16.20
N ARG B 862 -2.36 1.37 16.37
CA ARG B 862 -1.81 1.20 17.70
C ARG B 862 -1.60 2.55 18.40
N LEU B 863 -1.22 3.57 17.64
CA LEU B 863 -1.16 4.91 18.21
C LEU B 863 -2.56 5.38 18.61
N HIS B 864 -3.58 5.01 17.84
CA HIS B 864 -4.94 5.39 18.18
C HIS B 864 -5.32 4.75 19.51
N ILE B 865 -4.93 3.51 19.68
CA ILE B 865 -5.21 2.81 20.92
C ILE B 865 -4.46 3.39 22.11
N THR B 866 -3.25 3.89 21.90
CA THR B 866 -2.48 4.48 23.01
C THR B 866 -2.88 5.93 23.26
N ASN B 867 -3.74 6.48 22.40
CA ASN B 867 -4.37 7.78 22.64
C ASN B 867 -3.37 8.92 22.73
N VAL B 868 -2.64 9.15 21.64
CA VAL B 868 -1.62 10.17 21.60
C VAL B 868 -1.82 11.01 20.35
N PRO B 869 -1.27 12.23 20.34
CA PRO B 869 -1.30 13.01 19.09
C PRO B 869 -0.51 12.28 18.02
N ASP B 870 -0.92 12.39 16.76
CA ASP B 870 -0.21 11.75 15.67
C ASP B 870 1.17 12.38 15.52
N PRO B 871 2.16 11.57 15.13
CA PRO B 871 3.55 12.06 15.00
C PRO B 871 3.65 13.16 13.95
N ILE B 872 4.53 14.12 14.19
CA ILE B 872 4.70 15.25 13.28
C ILE B 872 5.28 14.84 11.94
N TYR B 873 4.79 15.46 10.88
CA TYR B 873 5.48 15.42 9.60
C TYR B 873 6.78 16.21 9.70
N ILE B 874 7.86 15.67 9.16
CA ILE B 874 9.10 16.44 9.10
C ILE B 874 9.31 17.01 7.71
N THR B 875 9.67 18.28 7.65
CA THR B 875 9.68 19.02 6.38
C THR B 875 11.05 19.56 5.97
N GLY B 876 12.10 19.22 6.71
CA GLY B 876 13.42 19.72 6.38
C GLY B 876 13.62 21.12 6.94
N ALA B 877 12.59 21.61 7.63
CA ALA B 877 12.71 22.79 8.47
C ALA B 877 12.68 22.31 9.91
N SER B 878 12.61 20.99 10.07
CA SER B 878 12.40 20.37 11.37
C SER B 878 13.64 20.36 12.25
N THR B 879 13.54 21.01 13.41
CA THR B 879 14.60 21.03 14.41
C THR B 879 14.61 19.68 15.10
N PRO B 880 15.80 19.21 15.53
CA PRO B 880 15.82 18.00 16.36
C PRO B 880 14.96 18.20 17.60
N ASP B 881 14.87 19.43 18.09
CA ASP B 881 14.04 19.75 19.25
C ASP B 881 12.57 19.44 18.98
N GLN B 882 12.14 19.65 17.74
CA GLN B 882 10.76 19.38 17.36
C GLN B 882 10.47 17.88 17.23
N ILE B 883 11.45 17.15 16.70
CA ILE B 883 11.35 15.70 16.60
C ILE B 883 11.30 15.08 17.98
N ALA B 884 12.05 15.68 18.89
CA ALA B 884 12.09 15.22 20.27
C ALA B 884 10.73 15.46 20.90
N ALA B 885 10.21 16.68 20.73
CA ALA B 885 8.94 17.05 21.35
C ALA B 885 7.83 16.14 20.82
N SER B 886 7.96 15.77 19.55
CA SER B 886 7.00 14.87 18.92
C SER B 886 7.08 13.49 19.56
N VAL B 887 8.30 12.97 19.70
CA VAL B 887 8.47 11.62 20.22
C VAL B 887 8.02 11.54 21.68
N GLN B 888 8.32 12.55 22.47
CA GLN B 888 7.91 12.52 23.87
C GLN B 888 6.42 12.80 24.00
N ALA B 889 5.82 13.35 22.95
CA ALA B 889 4.37 13.48 22.91
C ALA B 889 3.69 12.15 22.59
N THR B 890 4.25 11.39 21.65
CA THR B 890 3.65 10.11 21.23
C THR B 890 4.29 8.86 21.87
N HIS B 891 5.43 9.04 22.55
CA HIS B 891 6.15 7.95 23.23
C HIS B 891 6.61 6.84 22.30
N VAL B 892 6.73 7.16 21.02
CA VAL B 892 7.15 6.19 20.02
C VAL B 892 8.11 6.88 19.09
N ALA B 893 9.29 6.31 18.92
CA ALA B 893 10.32 6.95 18.11
C ALA B 893 9.94 6.85 16.64
N VAL B 894 9.06 7.76 16.21
CA VAL B 894 8.50 7.73 14.85
C VAL B 894 8.15 9.15 14.39
N VAL B 895 8.43 9.42 13.13
CA VAL B 895 7.96 10.64 12.49
C VAL B 895 7.60 10.33 11.03
N LEU B 896 6.49 10.90 10.57
CA LEU B 896 6.16 10.83 9.17
C LEU B 896 7.04 11.82 8.42
N TYR B 897 7.74 11.36 7.40
CA TYR B 897 8.39 12.29 6.48
C TYR B 897 7.35 12.98 5.59
N GLN B 898 7.58 14.26 5.26
CA GLN B 898 6.67 14.99 4.37
C GLN B 898 7.33 15.47 3.07
N SER B 899 8.25 16.42 3.18
CA SER B 899 8.97 16.96 2.03
C SER B 899 10.42 17.15 2.36
N GLY B 900 11.27 17.07 1.35
CA GLY B 900 12.71 17.21 1.56
C GLY B 900 13.07 18.66 1.70
N VAL B 901 14.32 18.92 2.10
CA VAL B 901 15.20 17.83 2.49
C VAL B 901 15.60 17.98 3.96
N ILE B 902 15.64 16.85 4.66
CA ILE B 902 15.97 16.85 6.09
C ILE B 902 17.41 17.32 6.31
N ASN B 903 17.58 18.20 7.30
CA ASN B 903 18.86 18.82 7.59
C ASN B 903 19.77 17.93 8.43
N GLY B 904 21.04 18.30 8.53
CA GLY B 904 22.02 17.50 9.24
C GLY B 904 21.79 17.26 10.72
N PRO B 905 21.54 18.34 11.51
CA PRO B 905 21.27 18.07 12.93
C PRO B 905 20.09 17.15 13.18
N ALA B 906 19.05 17.26 12.34
CA ALA B 906 17.89 16.38 12.48
C ALA B 906 18.27 14.96 12.15
N SER B 907 19.14 14.80 11.16
CA SER B 907 19.56 13.47 10.73
C SER B 907 20.37 12.80 11.83
N THR B 908 21.23 13.58 12.46
CA THR B 908 22.02 13.05 13.56
C THR B 908 21.12 12.75 14.73
N TYR B 909 20.03 13.50 14.86
CA TYR B 909 19.09 13.18 15.93
C TYR B 909 18.39 11.85 15.66
N LEU B 910 17.88 11.69 14.44
CA LEU B 910 17.15 10.50 14.04
C LEU B 910 18.05 9.27 14.10
N ARG B 911 19.33 9.47 13.81
CA ARG B 911 20.28 8.38 13.84
C ARG B 911 20.66 8.03 15.28
N GLU B 912 21.03 9.04 16.06
CA GLU B 912 21.47 8.82 17.43
C GLU B 912 20.34 8.27 18.30
N ASN B 913 19.11 8.61 17.96
CA ASN B 913 17.95 8.24 18.77
C ASN B 913 17.08 7.13 18.20
N GLU B 914 17.51 6.51 17.12
CA GLU B 914 16.81 5.39 16.50
C GLU B 914 15.37 5.72 16.13
N VAL B 915 15.11 7.00 15.85
CA VAL B 915 13.80 7.42 15.37
C VAL B 915 13.49 6.82 13.99
N LEU B 916 12.25 6.37 13.80
CA LEU B 916 11.83 5.73 12.56
C LEU B 916 11.12 6.70 11.62
N VAL B 917 11.84 7.18 10.60
CA VAL B 917 11.22 8.02 9.56
C VAL B 917 10.28 7.20 8.66
N VAL B 918 9.18 7.81 8.22
CA VAL B 918 8.17 7.06 7.48
C VAL B 918 7.94 7.60 6.07
N MET B 919 8.70 7.06 5.12
CA MET B 919 8.67 7.54 3.74
C MET B 919 7.38 7.15 3.05
N PRO B 920 6.84 8.07 2.24
CA PRO B 920 5.74 7.71 1.35
C PRO B 920 6.16 6.59 0.39
N ASP B 921 7.43 6.58 0.01
CA ASP B 921 7.98 5.57 -0.88
C ASP B 921 9.50 5.57 -0.81
N TYR B 922 10.15 4.57 -1.39
CA TYR B 922 11.62 4.55 -1.43
C TYR B 922 12.20 5.07 -2.75
N TYR B 923 11.47 5.97 -3.42
CA TYR B 923 11.81 6.38 -4.78
C TYR B 923 13.19 7.03 -4.97
N ASP B 924 13.62 7.81 -3.98
CA ASP B 924 14.95 8.40 -4.01
C ASP B 924 15.28 8.90 -2.61
N VAL B 925 15.55 7.96 -1.72
CA VAL B 925 15.66 8.23 -0.29
C VAL B 925 16.79 9.18 0.12
N VAL B 926 17.95 9.05 -0.53
CA VAL B 926 19.10 9.88 -0.19
C VAL B 926 18.91 11.35 -0.59
N SER B 927 18.12 11.58 -1.63
CA SER B 927 17.79 12.95 -2.01
C SER B 927 16.97 13.64 -0.92
N ARG B 928 16.22 12.85 -0.15
CA ARG B 928 15.39 13.38 0.94
C ARG B 928 16.18 13.89 2.15
N PHE B 929 17.42 13.42 2.29
CA PHE B 929 18.29 13.91 3.34
C PHE B 929 19.38 14.78 2.76
N ALA B 930 19.74 15.84 3.46
CA ALA B 930 20.95 16.58 3.13
C ALA B 930 22.10 15.96 3.89
N ASN B 931 22.83 15.05 3.24
CA ASN B 931 23.94 14.37 3.89
C ASN B 931 25.31 14.99 3.59
N ALA B 932 25.88 15.65 4.59
CA ALA B 932 27.21 16.25 4.45
C ALA B 932 28.29 15.18 4.25
N ASN B 933 28.08 14.02 4.86
CA ASN B 933 29.05 12.92 4.77
C ASN B 933 29.14 12.35 3.38
N LEU B 934 28.06 12.48 2.61
CA LEU B 934 27.92 11.79 1.33
C LEU B 934 28.17 10.30 1.53
N GLN B 935 27.87 9.83 2.73
CA GLN B 935 28.03 8.43 3.09
C GLN B 935 26.74 7.69 2.77
N MET B 936 25.63 8.41 2.87
CA MET B 936 24.33 7.84 2.53
C MET B 936 24.24 7.59 1.04
N ASN B 937 23.69 6.43 0.67
CA ASN B 937 23.56 6.05 -0.73
C ASN B 937 22.33 5.20 -0.94
N ASN B 938 21.64 5.37 -2.06
CA ASN B 938 20.36 4.70 -2.27
C ASN B 938 20.48 3.18 -2.25
N ASN B 939 21.64 2.67 -2.62
CA ASN B 939 21.91 1.24 -2.54
C ASN B 939 22.51 0.79 -1.21
N ARG B 940 22.82 1.75 -0.33
CA ARG B 940 23.47 1.43 0.93
C ARG B 940 22.50 1.44 2.11
N TYR B 941 21.90 0.28 2.39
CA TYR B 941 20.89 0.15 3.45
C TYR B 941 20.83 -1.30 3.90
N HIS B 942 20.05 -1.56 4.93
CA HIS B 942 19.78 -2.95 5.29
C HIS B 942 18.34 -3.18 5.73
N GLU B 943 17.60 -3.95 4.93
CA GLU B 943 16.23 -4.30 5.27
C GLU B 943 16.20 -5.23 6.49
N SER B 944 15.26 -5.00 7.41
CA SER B 944 15.17 -5.81 8.62
C SER B 944 13.81 -5.69 9.29
N VAL B 945 13.40 -6.72 10.01
CA VAL B 945 12.14 -6.68 10.75
C VAL B 945 12.24 -5.82 12.01
N LEU B 946 11.10 -5.25 12.43
CA LEU B 946 11.05 -4.40 13.60
C LEU B 946 9.77 -4.69 14.38
N GLU B 947 9.92 -5.43 15.47
CA GLU B 947 8.78 -5.86 16.28
C GLU B 947 8.06 -4.66 16.88
N ILE B 948 6.75 -4.78 17.04
CA ILE B 948 5.98 -3.71 17.66
C ILE B 948 6.45 -3.47 19.11
N ALA B 949 6.91 -4.53 19.75
CA ALA B 949 7.52 -4.44 21.07
C ALA B 949 8.82 -3.62 21.03
N ASP B 950 9.43 -3.52 19.86
CA ASP B 950 10.64 -2.72 19.70
C ASP B 950 10.26 -1.26 19.45
N ILE B 951 8.95 -1.01 19.40
CA ILE B 951 8.43 0.36 19.24
C ILE B 951 7.61 0.76 20.46
N PHE B 952 6.41 0.22 20.57
CA PHE B 952 5.54 0.42 21.72
C PHE B 952 6.04 -0.34 22.94
N ASP B 953 5.85 0.24 24.13
CA ASP B 953 6.18 -0.44 25.38
C ASP B 953 5.18 -0.01 26.45
N GLN B 954 3.91 -0.33 26.22
CA GLN B 954 2.83 -0.01 27.15
C GLN B 954 2.51 -1.20 28.05
N ALA B 955 2.23 -0.93 29.32
CA ALA B 955 2.16 -1.98 30.32
C ALA B 955 1.04 -3.01 30.16
N ASP B 956 -0.13 -2.57 29.71
CA ASP B 956 -1.26 -3.50 29.55
C ASP B 956 -1.75 -3.49 28.12
N PHE B 957 -0.94 -2.93 27.24
CA PHE B 957 -1.17 -3.04 25.81
C PHE B 957 -0.26 -4.12 25.22
N ILE B 958 1.05 -3.97 25.40
CA ILE B 958 2.03 -4.85 24.79
C ILE B 958 3.00 -5.43 25.80
N GLN B 959 2.92 -6.73 26.04
CA GLN B 959 3.87 -7.37 26.95
C GLN B 959 5.29 -7.29 26.37
N THR B 960 6.15 -6.57 27.07
CA THR B 960 7.49 -6.32 26.60
C THR B 960 8.52 -6.71 27.65
N SER B 961 8.15 -7.67 28.50
CA SER B 961 9.08 -8.25 29.45
C SER B 961 10.16 -9.00 28.67
N ASP B 962 11.42 -8.85 29.09
CA ASP B 962 12.54 -9.48 28.40
C ASP B 962 12.38 -11.00 28.40
N ALA B 963 11.70 -11.51 29.41
CA ALA B 963 11.37 -12.93 29.51
C ALA B 963 10.50 -13.36 28.34
N VAL B 964 9.39 -12.67 28.15
CA VAL B 964 8.47 -12.97 27.06
C VAL B 964 9.16 -12.70 25.72
N ARG B 965 10.07 -11.73 25.72
CA ARG B 965 10.80 -11.38 24.52
C ARG B 965 11.68 -12.53 24.06
N GLN B 966 12.45 -13.08 24.99
CA GLN B 966 13.40 -14.14 24.64
C GLN B 966 12.66 -15.45 24.42
N LEU B 967 11.51 -15.54 25.06
CA LEU B 967 10.63 -16.67 24.85
C LEU B 967 10.14 -16.67 23.40
N ARG B 968 9.76 -15.50 22.88
CA ARG B 968 9.39 -15.36 21.47
C ARG B 968 10.60 -15.58 20.57
N ALA B 969 11.77 -15.19 21.06
CA ALA B 969 12.99 -15.36 20.29
C ALA B 969 13.20 -16.84 20.02
N LEU B 970 12.79 -17.67 20.99
CA LEU B 970 12.85 -19.11 20.81
C LEU B 970 11.87 -19.67 19.77
N MET B 971 10.77 -18.96 19.52
CA MET B 971 9.70 -19.50 18.69
C MET B 971 10.02 -19.68 17.21
N PRO B 972 9.50 -20.75 16.60
CA PRO B 972 9.59 -20.97 15.16
C PRO B 972 8.74 -19.92 14.48
N THR B 973 9.04 -19.61 13.22
CA THR B 973 8.18 -18.68 12.49
C THR B 973 6.76 -19.27 12.52
N LEU B 974 5.79 -18.41 12.79
CA LEU B 974 4.41 -18.83 13.03
C LEU B 974 3.42 -18.28 12.02
N SER B 975 2.48 -19.12 11.60
CA SER B 975 1.30 -18.66 10.86
C SER B 975 0.15 -18.56 11.84
N THR B 976 -0.94 -17.92 11.43
CA THR B 976 -2.12 -17.82 12.29
C THR B 976 -2.77 -19.17 12.57
N SER B 977 -2.67 -20.09 11.62
CA SER B 977 -3.15 -21.46 11.87
C SER B 977 -2.34 -22.17 12.97
N GLN B 978 -1.06 -21.85 13.05
CA GLN B 978 -0.21 -22.41 14.09
C GLN B 978 -0.59 -21.84 15.43
N ILE B 979 -0.84 -20.53 15.45
CA ILE B 979 -1.21 -19.87 16.69
C ILE B 979 -2.53 -20.45 17.18
N ARG B 980 -3.44 -20.69 16.25
CA ARG B 980 -4.74 -21.23 16.57
C ARG B 980 -4.56 -22.64 17.11
N HIS B 981 -3.61 -23.36 16.55
CA HIS B 981 -3.32 -24.71 16.99
C HIS B 981 -2.75 -24.72 18.40
N ALA B 982 -1.99 -23.67 18.73
CA ALA B 982 -1.39 -23.56 20.06
C ALA B 982 -2.47 -23.31 21.08
N ILE B 983 -3.38 -22.41 20.73
CA ILE B 983 -4.49 -22.11 21.60
C ILE B 983 -5.34 -23.36 21.81
N GLU B 984 -5.62 -24.08 20.73
CA GLU B 984 -6.45 -25.28 20.80
C GLU B 984 -5.77 -26.39 21.61
N ARG B 985 -4.44 -26.39 21.61
CA ARG B 985 -3.69 -27.32 22.44
C ARG B 985 -3.78 -26.95 23.90
N ILE B 986 -3.58 -25.67 24.22
CA ILE B 986 -3.65 -25.26 25.61
C ILE B 986 -5.03 -25.55 26.16
N ALA B 987 -6.05 -25.35 25.32
CA ALA B 987 -7.43 -25.62 25.70
C ALA B 987 -7.61 -27.11 25.90
N GLN B 988 -6.89 -27.90 25.12
CA GLN B 988 -6.98 -29.35 25.24
C GLN B 988 -6.42 -29.75 26.59
N ILE B 989 -5.27 -29.18 26.91
CA ILE B 989 -4.54 -29.47 28.13
C ILE B 989 -5.23 -29.03 29.41
N THR B 990 -5.97 -27.92 29.33
CA THR B 990 -6.49 -27.30 30.54
C THR B 990 -8.00 -27.32 30.70
N ASP B 991 -8.71 -27.98 29.78
CA ASP B 991 -10.15 -28.14 29.90
C ASP B 991 -10.43 -28.83 31.23
N VAL B 992 -11.41 -28.33 31.99
CA VAL B 992 -11.70 -28.78 33.37
C VAL B 992 -13.17 -29.13 33.73
N ASP B 993 -14.01 -29.48 32.77
CA ASP B 993 -15.42 -29.74 33.07
C ASP B 993 -16.10 -28.45 33.52
N SER B 994 -17.43 -28.41 33.39
CA SER B 994 -18.21 -27.29 33.91
C SER B 994 -19.09 -27.75 35.04
N THR B 995 -19.94 -26.83 35.46
CA THR B 995 -21.09 -27.13 36.27
C THR B 995 -22.22 -27.29 35.28
N ASP B 996 -23.15 -28.19 35.58
CA ASP B 996 -24.21 -28.52 34.64
C ASP B 996 -24.83 -27.33 33.90
N TYR B 997 -24.98 -26.20 34.59
CA TYR B 997 -25.48 -25.01 33.92
C TYR B 997 -24.47 -24.49 32.89
N GLY B 998 -23.19 -24.65 33.17
CA GLY B 998 -22.16 -24.24 32.24
C GLY B 998 -22.04 -25.14 31.03
N LYS B 999 -22.39 -26.41 31.19
CA LYS B 999 -22.44 -27.31 30.07
C LYS B 999 -23.61 -26.89 29.20
N LEU B 1000 -24.72 -26.54 29.84
CA LEU B 1000 -25.89 -26.12 29.07
C LEU B 1000 -25.62 -24.83 28.31
N THR B 1001 -24.88 -23.93 28.93
CA THR B 1001 -24.57 -22.67 28.26
C THR B 1001 -23.52 -22.84 27.14
N LEU B 1002 -22.52 -23.68 27.36
CA LEU B 1002 -21.52 -23.90 26.33
C LEU B 1002 -22.17 -24.62 25.15
N ARG B 1003 -23.12 -25.48 25.45
CA ARG B 1003 -23.84 -26.15 24.39
C ARG B 1003 -24.67 -25.13 23.63
N PHE B 1004 -25.26 -24.19 24.37
CA PHE B 1004 -26.12 -23.20 23.74
C PHE B 1004 -25.38 -22.21 22.86
N LEU B 1005 -24.16 -21.86 23.26
CA LEU B 1005 -23.36 -20.91 22.49
C LEU B 1005 -22.92 -21.48 21.16
N GLY B 1006 -22.92 -22.81 21.06
CA GLY B 1006 -22.58 -23.47 19.82
C GLY B 1006 -21.08 -23.56 19.63
N THR B 1007 -20.65 -24.08 18.48
CA THR B 1007 -19.23 -24.28 18.22
C THR B 1007 -18.49 -22.95 18.27
N LEU B 1008 -17.36 -22.96 18.96
CA LEU B 1008 -16.61 -21.74 19.21
C LEU B 1008 -15.65 -21.48 18.07
N THR B 1009 -16.16 -20.96 16.96
CA THR B 1009 -15.34 -20.76 15.77
C THR B 1009 -14.21 -19.77 16.02
N ARG B 1010 -14.49 -18.75 16.84
CA ARG B 1010 -13.50 -17.74 17.23
C ARG B 1010 -12.70 -17.17 16.07
N SER B 1011 -13.39 -16.79 15.00
CA SER B 1011 -12.75 -16.18 13.84
C SER B 1011 -12.17 -14.81 14.19
N LEU B 1012 -12.69 -14.19 15.24
CA LEU B 1012 -12.23 -12.86 15.64
C LEU B 1012 -10.77 -12.88 16.06
N LYS B 1013 -10.01 -11.92 15.55
CA LYS B 1013 -8.58 -11.83 15.81
C LYS B 1013 -8.34 -11.03 17.08
N MET B 1014 -7.88 -11.69 18.13
CA MET B 1014 -7.70 -11.01 19.43
C MET B 1014 -6.33 -10.38 19.64
N GLN B 1015 -5.47 -10.47 18.64
CA GLN B 1015 -4.14 -9.89 18.76
C GLN B 1015 -4.27 -8.38 19.02
N ASN B 1016 -3.77 -7.95 20.18
CA ASN B 1016 -3.84 -6.55 20.61
C ASN B 1016 -5.23 -5.92 20.63
N ALA B 1017 -6.27 -6.75 20.80
CA ALA B 1017 -7.65 -6.26 20.70
C ALA B 1017 -8.05 -5.33 21.84
N GLN B 1018 -9.03 -4.47 21.60
CA GLN B 1018 -9.51 -3.51 22.60
C GLN B 1018 -11.01 -3.32 22.46
N ILE B 1019 -11.63 -2.73 23.48
CA ILE B 1019 -13.05 -2.41 23.40
C ILE B 1019 -13.27 -0.92 23.13
N ARG B 1020 -13.82 -0.59 21.97
CA ARG B 1020 -13.94 0.80 21.57
C ARG B 1020 -15.25 1.07 20.87
N ARG B 1021 -15.85 2.23 21.12
CA ARG B 1021 -17.05 2.59 20.37
C ARG B 1021 -16.75 2.87 18.89
N ILE B 1022 -17.57 2.33 17.99
CA ILE B 1022 -17.62 2.86 16.64
C ILE B 1022 -18.48 4.11 16.62
N ARG B 1023 -18.19 5.01 15.69
CA ARG B 1023 -19.14 6.04 15.34
C ARG B 1023 -20.18 5.30 14.52
N PRO B 1024 -21.45 5.79 14.53
CA PRO B 1024 -22.50 5.14 13.75
C PRO B 1024 -22.10 5.13 12.27
N ASP B 1025 -21.31 6.13 11.88
CA ASP B 1025 -20.77 6.27 10.53
C ASP B 1025 -19.89 5.08 10.10
N GLY B 1026 -19.41 4.30 11.08
CA GLY B 1026 -18.57 3.14 10.80
C GLY B 1026 -17.09 3.27 11.14
N THR B 1027 -16.63 4.47 11.47
CA THR B 1027 -15.27 4.66 11.98
C THR B 1027 -15.14 4.24 13.44
N VAL B 1028 -13.93 3.85 13.85
CA VAL B 1028 -13.63 3.51 15.25
C VAL B 1028 -13.17 4.74 16.04
N LEU B 1029 -13.92 5.09 17.08
CA LEU B 1029 -13.57 6.21 17.95
C LEU B 1029 -12.43 5.86 18.90
N ARG B 1030 -11.64 6.87 19.26
CA ARG B 1030 -10.61 6.70 20.28
C ARG B 1030 -11.30 6.56 21.62
N TYR B 1031 -10.62 5.94 22.58
CA TYR B 1031 -11.13 5.90 23.95
C TYR B 1031 -11.37 7.31 24.48
N ASP B 1032 -12.45 7.49 25.22
CA ASP B 1032 -12.74 8.81 25.77
C ASP B 1032 -13.07 8.72 27.23
N ASP B 1033 -12.12 9.14 28.08
CA ASP B 1033 -12.48 9.51 29.43
C ASP B 1033 -13.43 10.65 29.15
N GLN B 1034 -14.51 10.70 29.91
CA GLN B 1034 -15.70 11.55 29.66
C GLN B 1034 -16.84 10.82 28.95
N ILE B 1035 -16.63 9.56 28.58
CA ILE B 1035 -17.75 8.76 28.06
C ILE B 1035 -17.58 7.23 28.13
N ASP B 1036 -16.49 6.70 27.61
CA ASP B 1036 -16.24 5.26 27.73
C ASP B 1036 -15.83 4.94 29.18
N ILE B 1037 -16.19 3.76 29.70
CA ILE B 1037 -15.83 3.41 31.07
C ILE B 1037 -14.35 3.02 31.23
N GLU B 1038 -13.80 3.23 32.43
CA GLU B 1038 -12.37 3.11 32.64
C GLU B 1038 -11.92 1.70 32.33
N ALA B 1039 -12.83 0.77 32.54
CA ALA B 1039 -12.52 -0.65 32.37
C ALA B 1039 -12.18 -1.00 30.93
N PHE B 1040 -12.60 -0.15 29.99
CA PHE B 1040 -12.36 -0.37 28.55
C PHE B 1040 -11.04 0.19 27.99
N ARG B 1041 -10.37 1.05 28.75
CA ARG B 1041 -9.17 1.69 28.22
C ARG B 1041 -8.06 0.70 27.86
N TRP B 1042 -7.93 -0.38 28.62
CA TRP B 1042 -6.98 -1.45 28.27
C TRP B 1042 -7.61 -2.80 28.53
N SER B 1043 -7.43 -3.72 27.57
CA SER B 1043 -7.90 -5.09 27.69
C SER B 1043 -7.16 -5.85 28.78
N ARG B 1044 -5.92 -5.44 29.03
CA ARG B 1044 -5.03 -6.15 29.92
C ARG B 1044 -4.93 -7.59 29.41
N TYR B 1045 -4.81 -7.71 28.10
CA TYR B 1045 -4.68 -8.99 27.41
C TYR B 1045 -5.86 -9.92 27.71
N PHE B 1046 -6.91 -9.33 28.26
CA PHE B 1046 -8.07 -10.09 28.75
C PHE B 1046 -7.74 -11.16 29.80
N LEU B 1047 -6.90 -10.77 30.75
CA LEU B 1047 -6.58 -11.61 31.91
C LEU B 1047 -6.89 -10.88 33.23
N ASP B 1048 -7.22 -11.64 34.27
CA ASP B 1048 -7.50 -11.09 35.60
C ASP B 1048 -6.24 -10.50 36.25
N GLU B 1049 -6.41 -9.55 37.16
CA GLU B 1049 -5.27 -8.89 37.80
C GLU B 1049 -4.39 -9.87 38.60
N LEU B 1050 -5.00 -10.85 39.24
CA LEU B 1050 -4.22 -11.88 39.93
C LEU B 1050 -3.42 -12.71 38.96
N GLN B 1051 -3.97 -12.90 37.76
CA GLN B 1051 -3.24 -13.64 36.74
C GLN B 1051 -2.01 -12.89 36.32
N LEU B 1052 -2.14 -11.58 36.07
CA LEU B 1052 -0.96 -10.80 35.72
C LEU B 1052 0.07 -10.74 36.85
N ARG B 1053 -0.43 -10.67 38.09
CA ARG B 1053 0.49 -10.62 39.23
C ARG B 1053 1.29 -11.91 39.38
N ARG B 1054 0.62 -13.07 39.28
CA ARG B 1054 1.34 -14.34 39.34
C ARG B 1054 2.24 -14.48 38.13
N LEU B 1055 1.78 -13.88 37.04
CA LEU B 1055 2.45 -14.01 35.76
C LEU B 1055 3.84 -13.40 35.86
N SER B 1056 3.97 -12.27 36.56
CA SER B 1056 5.32 -11.69 36.67
C SER B 1056 6.32 -12.62 37.41
N VAL B 1057 5.81 -13.30 38.42
CA VAL B 1057 6.59 -14.29 39.16
C VAL B 1057 6.95 -15.45 38.24
N GLY B 1058 6.04 -15.77 37.34
CA GLY B 1058 6.25 -16.87 36.43
C GLY B 1058 7.39 -16.50 35.52
N LEU B 1059 7.40 -15.24 35.11
CA LEU B 1059 8.44 -14.74 34.24
C LEU B 1059 9.79 -14.77 34.94
N ARG B 1060 9.80 -14.54 36.25
CA ARG B 1060 11.06 -14.72 36.97
C ARG B 1060 11.48 -16.19 36.94
N LEU B 1061 10.51 -17.10 37.02
CA LEU B 1061 10.82 -18.53 37.06
C LEU B 1061 11.35 -19.04 35.74
N ILE B 1062 10.86 -18.45 34.66
CA ILE B 1062 11.04 -18.97 33.32
C ILE B 1062 12.33 -18.46 32.68
N THR B 1063 13.10 -17.69 33.46
CA THR B 1063 14.38 -17.18 32.98
C THR B 1063 15.50 -17.48 33.94
N ASN B 1064 15.20 -18.27 34.96
CA ASN B 1064 16.24 -18.66 35.90
C ASN B 1064 17.18 -19.55 35.15
N PRO B 1065 18.50 -19.31 35.33
CA PRO B 1065 19.53 -20.05 34.59
C PRO B 1065 19.42 -21.55 34.85
N ARG B 1066 19.01 -21.92 36.06
CA ARG B 1066 18.93 -23.33 36.43
C ARG B 1066 17.94 -24.15 35.59
N ILE B 1067 16.84 -23.51 35.21
CA ILE B 1067 15.85 -24.15 34.34
C ILE B 1067 16.34 -24.33 32.89
N ALA B 1068 17.32 -23.52 32.48
CA ALA B 1068 17.70 -23.41 31.07
C ALA B 1068 18.57 -24.55 30.59
N ARG B 1069 18.04 -25.76 30.67
CA ARG B 1069 18.82 -26.96 30.43
C ARG B 1069 18.69 -27.49 29.01
N ARG B 1070 18.17 -26.65 28.13
CA ARG B 1070 18.26 -26.91 26.70
C ARG B 1070 19.56 -26.28 26.26
N PHE B 1071 20.48 -27.09 25.75
CA PHE B 1071 21.82 -26.61 25.42
C PHE B 1071 22.04 -26.48 23.91
N ASN B 1072 22.78 -25.45 23.51
CA ASN B 1072 22.98 -25.16 22.09
C ASN B 1072 24.39 -25.38 21.57
N GLY B 1073 24.52 -26.27 20.59
CA GLY B 1073 25.78 -26.45 19.88
C GLY B 1073 26.71 -27.44 20.54
N VAL B 1074 27.41 -28.22 19.73
CA VAL B 1074 28.41 -29.15 20.24
C VAL B 1074 29.75 -29.05 19.51
N ARG B 1075 30.81 -29.24 20.27
CA ARG B 1075 32.18 -29.36 19.78
C ARG B 1075 32.47 -30.82 19.49
N ILE B 1076 32.88 -31.16 18.27
CA ILE B 1076 33.39 -32.50 18.03
C ILE B 1076 34.90 -32.43 18.05
N MET B 1077 35.50 -33.37 18.79
CA MET B 1077 36.94 -33.38 19.02
C MET B 1077 37.37 -34.76 19.49
N TYR B 1078 38.31 -35.37 18.78
CA TYR B 1078 38.83 -36.70 19.11
C TYR B 1078 39.77 -36.56 20.28
N LEU B 1079 39.54 -37.31 21.35
CA LEU B 1079 40.16 -36.99 22.61
C LEU B 1079 39.91 -38.07 23.68
N THR B 1080 40.96 -38.48 24.37
CA THR B 1080 40.81 -39.51 25.40
C THR B 1080 39.98 -38.94 26.53
N ASP B 1081 39.14 -39.78 27.12
CA ASP B 1081 38.24 -39.33 28.19
C ASP B 1081 38.63 -39.87 29.56
N ASP B 1082 39.86 -39.63 29.97
CA ASP B 1082 40.26 -39.85 31.36
C ASP B 1082 39.64 -38.77 32.23
N ASP B 1083 39.22 -39.13 33.44
CA ASP B 1083 38.62 -38.19 34.40
C ASP B 1083 37.50 -37.31 33.85
N PRO B 1084 36.36 -37.92 33.47
CA PRO B 1084 35.22 -37.13 32.96
C PRO B 1084 34.62 -36.14 33.96
N ASP B 1085 34.19 -35.00 33.43
CA ASP B 1085 33.36 -34.05 34.17
C ASP B 1085 32.50 -33.36 33.14
N PRO B 1086 31.18 -33.29 33.38
CA PRO B 1086 30.21 -32.74 32.44
C PRO B 1086 30.48 -31.27 32.08
N ASP B 1087 31.07 -30.52 33.01
CA ASP B 1087 31.37 -29.11 32.76
C ASP B 1087 32.64 -28.87 31.92
N PHE B 1088 33.37 -29.94 31.59
CA PHE B 1088 34.57 -29.82 30.77
C PHE B 1088 34.27 -29.57 29.30
N VAL B 1089 34.81 -28.47 28.77
CA VAL B 1089 34.78 -28.19 27.33
C VAL B 1089 36.20 -28.05 26.83
N PRO B 1090 36.68 -29.04 26.07
CA PRO B 1090 38.11 -29.01 25.72
C PRO B 1090 38.51 -27.77 24.93
N ASP B 1091 39.65 -27.19 25.25
CA ASP B 1091 40.09 -25.96 24.60
C ASP B 1091 40.68 -26.30 23.24
N VAL B 1092 40.55 -25.38 22.29
CA VAL B 1092 41.21 -25.57 21.00
C VAL B 1092 42.68 -25.26 21.18
N PRO B 1093 43.55 -26.22 20.82
CA PRO B 1093 44.99 -26.08 21.02
C PRO B 1093 45.55 -24.91 20.22
N GLU B 1094 46.61 -24.28 20.73
CA GLU B 1094 47.24 -23.18 20.03
C GLU B 1094 47.68 -23.63 18.64
N GLY B 1095 47.53 -22.75 17.66
CA GLY B 1095 47.93 -23.05 16.30
C GLY B 1095 46.88 -23.66 15.40
N TYR B 1096 45.69 -23.91 15.92
CA TYR B 1096 44.55 -24.25 15.07
C TYR B 1096 44.04 -23.02 14.35
N VAL B 1097 43.47 -23.24 13.17
CA VAL B 1097 43.00 -22.15 12.34
C VAL B 1097 41.48 -22.14 12.27
N ALA B 1098 40.87 -21.04 12.70
CA ALA B 1098 39.43 -20.89 12.58
C ALA B 1098 39.06 -20.90 11.10
N VAL B 1099 38.04 -21.67 10.76
CA VAL B 1099 37.66 -21.87 9.36
C VAL B 1099 36.15 -22.05 9.28
N GLN B 1100 35.44 -21.04 8.76
CA GLN B 1100 34.01 -21.19 8.56
C GLN B 1100 33.75 -22.29 7.56
N TYR B 1101 32.83 -23.18 7.87
CA TYR B 1101 32.40 -24.18 6.91
C TYR B 1101 31.59 -23.49 5.82
N ALA B 1102 31.72 -23.99 4.60
CA ALA B 1102 30.86 -23.61 3.49
C ALA B 1102 30.97 -24.74 2.49
N HIS B 1103 29.93 -24.97 1.71
CA HIS B 1103 29.89 -26.14 0.84
C HIS B 1103 31.05 -26.13 -0.13
N ARG B 1104 31.53 -24.94 -0.48
CA ARG B 1104 32.53 -24.79 -1.52
C ARG B 1104 33.92 -25.31 -1.09
N LEU B 1105 34.12 -25.48 0.21
CA LEU B 1105 35.39 -26.00 0.72
C LEU B 1105 35.66 -27.46 0.35
N PHE B 1106 34.61 -28.19 0.03
CA PHE B 1106 34.73 -29.61 -0.27
C PHE B 1106 34.26 -29.92 -1.68
N SER B 1107 34.95 -30.86 -2.33
CA SER B 1107 34.53 -31.30 -3.66
C SER B 1107 35.19 -32.61 -3.97
N SER B 1108 34.58 -33.44 -4.81
CA SER B 1108 35.28 -34.62 -5.28
C SER B 1108 36.41 -34.16 -6.19
N SER B 1109 37.53 -34.88 -6.16
CA SER B 1109 38.61 -34.60 -7.08
C SER B 1109 39.50 -35.83 -7.23
N LEU B 1110 40.02 -36.01 -8.44
CA LEU B 1110 40.92 -37.11 -8.72
C LEU B 1110 42.23 -36.95 -7.98
N ALA B 1111 42.69 -38.04 -7.37
CA ALA B 1111 43.99 -38.09 -6.71
C ALA B 1111 44.39 -39.54 -6.55
N ASN B 1112 45.52 -39.92 -7.14
CA ASN B 1112 46.05 -41.27 -7.03
C ASN B 1112 45.04 -42.36 -7.41
N LYS B 1113 44.41 -42.22 -8.56
CA LYS B 1113 43.44 -43.19 -9.08
C LYS B 1113 42.18 -43.38 -8.24
N ARG B 1114 41.80 -42.38 -7.44
CA ARG B 1114 40.55 -42.44 -6.69
C ARG B 1114 39.96 -41.04 -6.60
N ASN B 1115 38.62 -40.95 -6.65
CA ASN B 1115 37.96 -39.65 -6.55
C ASN B 1115 37.71 -39.27 -5.11
N ARG B 1116 38.73 -38.74 -4.46
CA ARG B 1116 38.64 -38.45 -3.04
C ARG B 1116 37.88 -37.16 -2.77
N VAL B 1117 37.19 -37.11 -1.62
CA VAL B 1117 36.44 -35.90 -1.22
C VAL B 1117 37.39 -34.88 -0.62
N THR B 1118 38.00 -34.08 -1.49
CA THR B 1118 39.02 -33.15 -1.10
C THR B 1118 38.47 -31.91 -0.38
N TYR B 1119 39.31 -31.36 0.51
CA TYR B 1119 39.04 -30.12 1.23
C TYR B 1119 40.13 -29.10 0.90
N THR B 1120 39.74 -27.94 0.41
CA THR B 1120 40.69 -26.88 0.09
C THR B 1120 40.70 -25.83 1.20
N HIS B 1121 41.87 -25.57 1.77
CA HIS B 1121 42.00 -24.76 2.98
C HIS B 1121 42.07 -23.28 2.62
N PRO B 1122 41.08 -22.49 3.08
CA PRO B 1122 40.93 -21.09 2.66
C PRO B 1122 42.12 -20.15 2.93
N PRO B 1123 42.88 -20.35 4.02
CA PRO B 1123 44.15 -19.60 4.05
C PRO B 1123 45.06 -19.94 2.88
N THR B 1124 45.77 -21.06 2.94
CA THR B 1124 46.77 -21.40 1.93
C THR B 1124 46.19 -21.64 0.54
N GLY B 1125 44.96 -22.13 0.47
CA GLY B 1125 44.32 -22.45 -0.80
C GLY B 1125 44.56 -23.89 -1.21
N MET B 1126 45.52 -24.55 -0.55
CA MET B 1126 45.92 -25.92 -0.91
C MET B 1126 44.83 -26.95 -0.64
N ALA B 1127 44.66 -27.87 -1.60
CA ALA B 1127 43.68 -28.95 -1.48
C ALA B 1127 44.25 -30.16 -0.72
N TYR B 1128 43.39 -30.79 0.07
CA TYR B 1128 43.80 -31.88 0.94
C TYR B 1128 42.91 -33.07 0.68
N PRO B 1129 43.31 -33.90 -0.30
CA PRO B 1129 42.53 -35.02 -0.85
C PRO B 1129 42.16 -36.05 0.22
N SER B 1130 43.02 -36.20 1.22
CA SER B 1130 42.78 -37.18 2.26
C SER B 1130 42.60 -36.50 3.62
N PRO B 1131 41.75 -37.08 4.49
CA PRO B 1131 41.59 -36.64 5.88
C PRO B 1131 42.89 -36.66 6.66
N THR B 1132 43.80 -37.58 6.34
CA THR B 1132 45.00 -37.81 7.16
C THR B 1132 46.05 -36.67 7.27
N GLY B 1133 46.26 -35.90 6.21
CA GLY B 1133 47.33 -34.91 6.26
C GLY B 1133 46.93 -33.48 6.55
N ARG B 1134 45.64 -33.25 6.78
CA ARG B 1134 45.09 -31.90 6.79
C ARG B 1134 45.61 -31.05 7.93
N PRO B 1135 45.71 -29.72 7.71
CA PRO B 1135 46.19 -28.78 8.71
C PRO B 1135 45.26 -28.76 9.92
N HIS B 1136 45.80 -28.51 11.11
CA HIS B 1136 44.97 -28.37 12.30
C HIS B 1136 43.95 -27.28 12.06
N VAL B 1137 42.68 -27.64 12.14
CA VAL B 1137 41.59 -26.75 11.74
C VAL B 1137 40.45 -26.76 12.75
N HIS B 1138 40.08 -25.57 13.21
CA HIS B 1138 38.98 -25.37 14.14
C HIS B 1138 37.75 -24.95 13.34
N MET B 1139 37.25 -25.85 12.49
CA MET B 1139 36.10 -25.53 11.64
C MET B 1139 34.77 -25.32 12.37
N THR B 1140 34.04 -24.27 11.99
CA THR B 1140 32.74 -24.01 12.56
C THR B 1140 31.64 -24.23 11.53
N ILE B 1141 30.63 -24.99 11.93
CA ILE B 1141 29.50 -25.27 11.06
C ILE B 1141 28.26 -24.63 11.65
N ASN B 1142 27.96 -23.41 11.20
CA ASN B 1142 26.79 -22.68 11.67
C ASN B 1142 25.46 -23.37 11.32
N GLU B 1143 25.46 -24.14 10.25
CA GLU B 1143 24.25 -24.84 9.81
C GLU B 1143 24.59 -26.06 8.94
N ARG B 1144 24.20 -27.24 9.40
CA ARG B 1144 24.46 -28.49 8.67
C ARG B 1144 23.75 -28.64 7.32
N ALA B 1145 22.63 -27.94 7.13
CA ALA B 1145 21.75 -28.19 6.00
C ALA B 1145 22.40 -27.99 4.63
N GLY B 1146 22.16 -28.96 3.74
CA GLY B 1146 22.69 -28.94 2.40
C GLY B 1146 24.07 -29.56 2.29
N MET B 1147 24.63 -29.98 3.41
CA MET B 1147 25.95 -30.60 3.43
C MET B 1147 25.87 -31.99 2.81
N SER B 1148 26.88 -32.37 2.04
CA SER B 1148 26.91 -33.72 1.50
C SER B 1148 27.16 -34.69 2.65
N LYS B 1149 26.50 -35.84 2.64
CA LYS B 1149 26.76 -36.83 3.66
C LYS B 1149 28.22 -37.33 3.59
N LEU B 1150 28.76 -37.42 2.38
CA LEU B 1150 30.15 -37.81 2.20
C LEU B 1150 31.06 -36.77 2.80
N VAL B 1151 30.60 -35.52 2.78
CA VAL B 1151 31.41 -34.43 3.32
C VAL B 1151 31.38 -34.41 4.83
N ALA B 1152 30.20 -34.66 5.40
CA ALA B 1152 30.09 -34.77 6.86
C ALA B 1152 30.95 -35.91 7.38
N ASP B 1153 30.97 -37.02 6.63
CA ASP B 1153 31.78 -38.18 6.99
C ASP B 1153 33.26 -37.84 6.87
N ASN B 1154 33.61 -37.09 5.83
CA ASN B 1154 35.00 -36.70 5.64
C ASN B 1154 35.48 -35.75 6.73
N ILE B 1155 34.57 -34.91 7.20
CA ILE B 1155 34.89 -33.94 8.24
C ILE B 1155 35.12 -34.68 9.55
N ILE B 1156 34.25 -35.63 9.89
CA ILE B 1156 34.46 -36.38 11.13
C ILE B 1156 35.77 -37.17 11.02
N ALA B 1157 36.05 -37.65 9.82
CA ALA B 1157 37.30 -38.39 9.62
C ALA B 1157 38.49 -37.47 9.80
N SER B 1158 38.34 -36.20 9.46
CA SER B 1158 39.40 -35.24 9.66
C SER B 1158 39.52 -34.95 11.15
N VAL B 1159 38.38 -35.04 11.84
CA VAL B 1159 38.32 -34.75 13.25
C VAL B 1159 39.16 -35.78 13.96
N ILE B 1160 39.14 -36.99 13.41
CA ILE B 1160 39.87 -38.10 13.99
C ILE B 1160 41.34 -38.24 13.53
N LYS B 1161 41.58 -38.11 12.23
CA LYS B 1161 42.91 -38.36 11.68
C LYS B 1161 43.79 -37.12 11.53
N SER B 1162 43.18 -35.95 11.53
CA SER B 1162 43.95 -34.71 11.48
C SER B 1162 43.72 -33.89 12.73
N ASN B 1163 42.95 -34.44 13.65
CA ASN B 1163 42.58 -33.76 14.91
C ASN B 1163 41.90 -32.44 14.66
N TRP B 1164 40.97 -32.42 13.70
CA TRP B 1164 40.15 -31.24 13.53
C TRP B 1164 39.30 -31.05 14.77
N VAL B 1165 39.02 -29.79 15.09
CA VAL B 1165 38.10 -29.44 16.16
C VAL B 1165 36.89 -28.76 15.53
N VAL B 1166 35.78 -29.47 15.39
CA VAL B 1166 34.68 -28.93 14.61
C VAL B 1166 33.44 -28.58 15.43
N ASP B 1167 33.17 -27.30 15.55
CA ASP B 1167 32.08 -26.84 16.40
C ASP B 1167 30.79 -26.58 15.59
N ILE B 1168 29.83 -27.50 15.73
CA ILE B 1168 28.51 -27.43 15.10
C ILE B 1168 27.50 -26.64 15.94
N LEU B 1169 27.24 -25.39 15.54
CA LEU B 1169 26.41 -24.51 16.34
C LEU B 1169 24.91 -24.72 16.15
N ASP B 1170 24.55 -25.46 15.12
CA ASP B 1170 23.15 -25.74 14.78
C ASP B 1170 22.41 -26.62 15.82
N ILE B 1171 23.14 -27.48 16.51
CA ILE B 1171 22.56 -28.50 17.38
C ILE B 1171 21.92 -28.01 18.68
N GLU B 1172 20.78 -28.60 19.04
CA GLU B 1172 20.17 -28.43 20.36
C GLU B 1172 19.99 -29.79 21.04
N TYR B 1173 20.25 -29.85 22.34
CA TYR B 1173 20.29 -31.12 23.03
C TYR B 1173 20.05 -30.92 24.52
N THR B 1174 19.49 -31.94 25.16
CA THR B 1174 19.41 -32.02 26.61
C THR B 1174 20.54 -32.92 27.09
N ALA B 1175 20.86 -32.81 28.36
CA ALA B 1175 21.95 -33.58 28.94
C ALA B 1175 21.52 -34.33 30.19
N GLU B 1176 22.15 -35.48 30.42
CA GLU B 1176 21.91 -36.25 31.63
C GLU B 1176 23.27 -36.53 32.22
N VAL B 1177 23.42 -36.27 33.50
CA VAL B 1177 24.68 -36.55 34.17
C VAL B 1177 24.60 -37.89 34.88
N MET B 1178 25.06 -38.93 34.19
CA MET B 1178 25.17 -40.27 34.77
C MET B 1178 26.21 -40.33 35.90
N THR B 1179 25.89 -41.10 36.94
CA THR B 1179 26.85 -41.42 37.98
C THR B 1179 27.69 -42.56 37.43
N PRO B 1180 28.94 -42.71 37.90
CA PRO B 1180 29.82 -43.78 37.42
C PRO B 1180 29.22 -45.18 37.61
N SER B 1181 28.45 -45.36 38.67
CA SER B 1181 27.77 -46.63 38.93
C SER B 1181 26.74 -47.01 37.86
N GLU B 1182 26.13 -46.03 37.20
CA GLU B 1182 25.13 -46.36 36.18
C GLU B 1182 25.66 -46.44 34.75
N GLY B 1183 26.83 -45.83 34.49
CA GLY B 1183 27.44 -45.93 33.18
C GLY B 1183 26.61 -45.26 32.11
N TYR B 1184 27.06 -45.32 30.86
CA TYR B 1184 26.30 -44.72 29.77
C TYR B 1184 25.19 -45.62 29.25
N THR B 1185 23.94 -45.21 29.49
CA THR B 1185 22.77 -45.94 29.03
C THR B 1185 22.35 -45.60 27.58
N GLN B 1186 23.00 -44.60 26.99
CA GLN B 1186 22.72 -44.20 25.62
C GLN B 1186 23.98 -43.71 24.94
N HIS B 1187 23.97 -43.73 23.62
CA HIS B 1187 25.09 -43.20 22.86
C HIS B 1187 24.56 -42.46 21.63
N VAL B 1188 25.13 -41.29 21.35
CA VAL B 1188 24.73 -40.53 20.17
C VAL B 1188 25.76 -40.68 19.05
N ASP B 1189 25.40 -41.38 17.96
CA ASP B 1189 26.30 -41.53 16.83
C ASP B 1189 26.60 -40.18 16.18
N ALA B 1190 27.86 -39.97 15.81
CA ALA B 1190 28.27 -38.75 15.15
C ALA B 1190 27.54 -38.61 13.81
N GLU B 1191 27.16 -39.75 13.24
CA GLU B 1191 26.43 -39.78 11.99
C GLU B 1191 25.10 -39.03 12.12
N SER B 1192 24.33 -39.39 13.15
CA SER B 1192 23.04 -38.73 13.38
C SER B 1192 23.21 -37.28 13.78
N ILE B 1193 24.30 -36.97 14.48
CA ILE B 1193 24.57 -35.59 14.85
C ILE B 1193 24.85 -34.72 13.64
N MET B 1194 25.59 -35.27 12.66
CA MET B 1194 25.88 -34.53 11.44
C MET B 1194 24.78 -34.60 10.39
N THR B 1195 23.79 -35.46 10.59
CA THR B 1195 22.78 -35.66 9.56
C THR B 1195 21.32 -35.48 9.97
N ALA B 1196 21.06 -35.21 11.26
CA ALA B 1196 19.69 -34.92 11.66
C ALA B 1196 19.25 -33.55 11.16
N PRO B 1197 17.96 -33.41 10.84
CA PRO B 1197 17.40 -32.11 10.48
C PRO B 1197 17.50 -31.17 11.68
N LYS B 1198 17.69 -29.88 11.44
CA LYS B 1198 17.76 -28.92 12.53
C LYS B 1198 16.43 -28.96 13.26
N GLY B 1199 16.48 -28.83 14.59
CA GLY B 1199 15.29 -28.95 15.40
C GLY B 1199 15.08 -30.32 16.02
N LYS B 1200 15.88 -31.30 15.61
CA LYS B 1200 15.94 -32.54 16.35
C LYS B 1200 16.55 -32.20 17.69
N LEU B 1201 16.02 -32.79 18.75
CA LEU B 1201 16.56 -32.53 20.08
C LEU B 1201 17.29 -33.77 20.56
N PHE B 1202 18.62 -33.68 20.64
CA PHE B 1202 19.46 -34.82 21.04
C PHE B 1202 19.47 -35.02 22.55
N HIS B 1203 19.72 -36.23 23.00
CA HIS B 1203 19.95 -36.40 24.43
C HIS B 1203 21.30 -37.03 24.72
N LEU B 1204 22.30 -36.16 24.88
CA LEU B 1204 23.64 -36.62 25.26
C LEU B 1204 23.71 -36.95 26.75
N GLN B 1205 24.60 -37.88 27.10
CA GLN B 1205 24.81 -38.21 28.50
C GLN B 1205 26.27 -38.04 28.84
N PHE B 1206 26.54 -37.63 30.07
CA PHE B 1206 27.91 -37.38 30.50
C PHE B 1206 28.13 -38.03 31.87
N MET B 1207 29.29 -38.65 32.04
CA MET B 1207 29.67 -39.24 33.30
C MET B 1207 30.29 -38.16 34.17
N ASP B 1208 29.91 -38.13 35.46
CA ASP B 1208 30.73 -37.43 36.45
C ASP B 1208 31.69 -38.46 37.03
N GLY B 1209 32.97 -38.27 36.75
CA GLY B 1209 33.98 -39.26 37.09
C GLY B 1209 34.55 -39.10 38.49
N LEU B 1210 34.03 -38.14 39.24
CA LEU B 1210 34.60 -37.82 40.54
C LEU B 1210 34.55 -39.00 41.51
N LEU B 1211 33.43 -39.73 41.50
CA LEU B 1211 33.26 -40.83 42.43
C LEU B 1211 33.70 -42.19 41.85
N ARG B 1212 34.45 -42.16 40.75
CA ARG B 1212 34.90 -43.40 40.12
C ARG B 1212 35.92 -44.10 41.03
N PRO B 1213 35.80 -45.43 41.15
CA PRO B 1213 36.70 -46.21 41.99
C PRO B 1213 38.15 -46.14 41.53
N GLU B 1214 39.09 -46.10 42.46
CA GLU B 1214 40.50 -46.25 42.14
C GLU B 1214 40.83 -47.73 41.92
N PRO B 1215 41.68 -48.04 40.92
CA PRO B 1215 42.17 -49.41 40.65
C PRO B 1215 43.05 -49.93 41.79
N SER B 1216 43.03 -51.24 42.01
CA SER B 1216 43.93 -51.84 42.99
C SER B 1216 45.40 -51.69 42.58
N ALA B 1217 46.28 -51.51 43.57
CA ALA B 1217 47.66 -51.13 43.33
C ALA B 1217 48.46 -52.16 42.55
N PHE B 1218 48.09 -53.43 42.67
CA PHE B 1218 48.86 -54.50 42.05
C PHE B 1218 48.18 -55.10 40.84
N ASP B 1219 46.92 -54.70 40.60
CA ASP B 1219 46.17 -55.24 39.47
C ASP B 1219 46.79 -54.83 38.14
N PRO B 1220 46.90 -55.78 37.20
CA PRO B 1220 47.48 -55.57 35.88
C PRO B 1220 46.68 -54.55 35.08
N PRO B 1221 47.37 -53.73 34.26
CA PRO B 1221 46.70 -52.78 33.39
C PRO B 1221 45.79 -53.49 32.41
N ALA B 1222 44.64 -52.91 32.11
CA ALA B 1222 43.76 -53.43 31.06
C ALA B 1222 44.11 -52.78 29.73
N SER B 1223 43.89 -53.50 28.64
CA SER B 1223 44.04 -52.91 27.32
C SER B 1223 42.87 -51.99 27.03
N GLY B 1224 43.11 -50.95 26.23
CA GLY B 1224 42.03 -50.06 25.84
C GLY B 1224 42.18 -48.64 26.34
N GLU B 1225 41.43 -47.73 25.73
CA GLU B 1225 41.48 -46.32 26.02
C GLU B 1225 40.06 -45.80 25.82
N ASP B 1226 39.45 -45.24 26.85
CA ASP B 1226 38.13 -44.62 26.70
C ASP B 1226 38.25 -43.29 25.95
N MET B 1227 37.27 -42.99 25.10
CA MET B 1227 37.33 -41.79 24.26
C MET B 1227 35.99 -41.08 24.19
N ARG B 1228 36.02 -39.77 24.00
CA ARG B 1228 34.80 -38.98 23.88
C ARG B 1228 34.88 -38.04 22.69
N LEU B 1229 34.01 -38.25 21.71
CA LEU B 1229 34.06 -37.46 20.48
C LEU B 1229 33.23 -36.18 20.58
N ILE B 1230 32.08 -36.25 21.24
CA ILE B 1230 31.20 -35.08 21.35
C ILE B 1230 31.35 -34.37 22.69
N TYR B 1231 31.39 -33.05 22.62
CA TYR B 1231 31.52 -32.19 23.79
C TYR B 1231 30.55 -31.02 23.74
N PRO B 1232 30.18 -30.50 24.91
CA PRO B 1232 29.43 -29.25 25.06
C PRO B 1232 30.26 -28.01 24.68
N LEU B 1233 29.60 -26.92 24.30
CA LEU B 1233 30.26 -25.61 24.26
C LEU B 1233 30.00 -24.72 25.49
N GLN B 1234 29.17 -25.20 26.40
CA GLN B 1234 28.71 -24.41 27.54
C GLN B 1234 28.81 -25.25 28.80
N PRO B 1235 28.80 -24.61 29.98
CA PRO B 1235 28.72 -25.47 31.16
C PRO B 1235 27.42 -26.28 31.12
N ILE B 1236 27.47 -27.54 31.51
CA ILE B 1236 26.33 -28.44 31.37
C ILE B 1236 25.53 -28.54 32.68
N SER B 1237 26.22 -28.66 33.80
CA SER B 1237 25.56 -28.76 35.09
C SER B 1237 25.22 -27.39 35.65
N VAL B 1238 24.21 -26.77 35.05
CA VAL B 1238 23.71 -25.48 35.50
C VAL B 1238 22.70 -25.60 36.63
N ALA B 1239 22.08 -26.77 36.75
CA ALA B 1239 21.06 -27.00 37.78
C ALA B 1239 21.68 -27.54 39.05
N ARG B 1240 22.99 -27.75 39.03
CA ARG B 1240 23.65 -28.44 40.12
C ARG B 1240 23.69 -27.61 41.39
N SER B 1241 23.03 -28.13 42.43
CA SER B 1241 23.10 -27.52 43.75
C SER B 1241 24.27 -28.06 44.56
N MET B 1242 24.47 -29.37 44.50
CA MET B 1242 25.48 -30.03 45.34
C MET B 1242 26.18 -31.14 44.59
N ARG B 1243 27.33 -31.57 45.10
CA ARG B 1243 28.11 -32.58 44.42
C ARG B 1243 29.04 -33.32 45.37
N ALA B 1244 29.20 -34.62 45.13
CA ALA B 1244 30.12 -35.46 45.88
C ALA B 1244 29.89 -35.45 47.38
N ILE B 1245 28.66 -35.73 47.80
CA ILE B 1245 28.37 -35.81 49.22
C ILE B 1245 28.96 -37.12 49.77
N VAL B 1246 30.29 -37.12 49.93
CA VAL B 1246 31.02 -38.26 50.47
C VAL B 1246 32.27 -37.72 51.14
N ASN B 1247 32.89 -38.53 51.99
CA ASN B 1247 34.20 -38.22 52.55
C ASN B 1247 35.31 -38.79 51.69
N HIS B 1248 36.44 -38.09 51.64
CA HIS B 1248 37.64 -38.70 51.08
C HIS B 1248 38.54 -39.09 52.23
N ASN B 1249 39.11 -40.29 52.16
CA ASN B 1249 39.94 -40.80 53.26
C ASN B 1249 41.29 -40.09 53.45
N GLU B 1250 41.77 -39.39 52.43
CA GLU B 1250 42.99 -38.62 52.56
C GLU B 1250 42.78 -37.11 52.73
N VAL B 1251 42.16 -36.47 51.74
CA VAL B 1251 42.01 -35.00 51.74
C VAL B 1251 40.80 -34.48 52.51
N ASP B 1252 40.90 -33.24 53.01
CA ASP B 1252 39.87 -32.65 53.86
C ASP B 1252 38.52 -32.52 53.16
N ARG B 1253 38.54 -32.23 51.86
CA ARG B 1253 37.34 -32.37 51.02
C ARG B 1253 37.72 -32.84 49.64
N PRO B 1254 36.86 -33.66 49.01
CA PRO B 1254 37.14 -34.16 47.66
C PRO B 1254 37.16 -32.99 46.70
N ARG B 1255 38.03 -33.06 45.69
CA ARG B 1255 38.09 -31.98 44.72
C ARG B 1255 36.80 -31.94 43.90
N GLY B 1256 36.28 -30.75 43.66
CA GLY B 1256 35.06 -30.62 42.87
C GLY B 1256 33.77 -30.83 43.64
N ALA B 1257 33.89 -31.07 44.94
CA ALA B 1257 32.71 -31.14 45.81
C ALA B 1257 32.07 -29.76 45.88
N VAL B 1258 30.74 -29.73 45.89
CA VAL B 1258 30.01 -28.47 45.82
C VAL B 1258 29.02 -28.34 46.97
N ALA B 1259 29.29 -27.40 47.87
CA ALA B 1259 28.34 -27.08 48.93
C ALA B 1259 27.16 -26.31 48.36
N PRO B 1260 25.99 -26.46 48.98
CA PRO B 1260 24.80 -25.70 48.59
C PRO B 1260 25.01 -24.20 48.79
N SER B 1261 24.42 -23.36 47.94
CA SER B 1261 24.55 -21.91 48.06
C SER B 1261 23.85 -21.43 49.32
N SER B 1262 24.34 -20.34 49.89
CA SER B 1262 23.79 -19.84 51.15
C SER B 1262 22.33 -19.42 50.98
N TYR B 1263 21.97 -19.09 49.75
CA TYR B 1263 20.63 -18.64 49.43
C TYR B 1263 19.58 -19.74 49.51
N GLU B 1264 19.99 -21.00 49.34
CA GLU B 1264 19.06 -22.12 49.44
C GLU B 1264 18.52 -22.19 50.86
N MET B 1265 19.32 -21.68 51.79
CA MET B 1265 19.01 -21.79 53.22
C MET B 1265 18.66 -20.48 53.95
N ASP B 1266 18.66 -19.32 53.28
CA ASP B 1266 18.25 -18.09 53.97
C ASP B 1266 16.75 -17.97 53.90
N THR B 1267 16.08 -18.39 54.96
CA THR B 1267 14.63 -18.37 54.99
C THR B 1267 14.12 -16.92 54.86
N GLY B 1268 14.95 -15.97 55.28
CA GLY B 1268 14.62 -14.57 55.20
C GLY B 1268 13.39 -14.17 55.99
N THR B 1269 12.57 -13.31 55.40
CA THR B 1269 11.34 -12.84 56.02
C THR B 1269 10.28 -12.59 54.95
N LEU B 1270 9.02 -12.85 55.29
CA LEU B 1270 7.92 -12.28 54.51
C LEU B 1270 7.96 -10.78 54.83
N SER B 1271 7.79 -9.95 53.82
CA SER B 1271 7.77 -8.51 54.04
C SER B 1271 6.32 -8.08 54.19
N ARG B 1272 6.10 -6.83 54.58
CA ARG B 1272 4.75 -6.31 54.76
C ARG B 1272 3.98 -6.35 53.45
N ASN B 1273 4.70 -6.24 52.34
CA ASN B 1273 4.07 -6.31 51.03
C ASN B 1273 3.56 -7.69 50.65
N GLY B 1274 4.19 -8.70 51.20
CA GLY B 1274 3.98 -10.06 50.73
C GLY B 1274 5.16 -10.53 49.90
N ASP B 1275 6.04 -9.60 49.55
CA ASP B 1275 7.28 -9.95 48.88
C ASP B 1275 8.21 -10.71 49.82
N LEU B 1276 8.84 -11.77 49.32
CA LEU B 1276 9.85 -12.47 50.10
C LEU B 1276 11.17 -11.74 50.05
N LEU B 1277 11.93 -11.84 51.13
CA LEU B 1277 13.24 -11.22 51.23
C LEU B 1277 14.22 -12.18 51.87
N TYR B 1278 15.48 -12.08 51.47
CA TYR B 1278 16.58 -12.69 52.18
C TYR B 1278 16.84 -11.89 53.46
N SER B 1279 17.64 -12.43 54.36
CA SER B 1279 18.02 -11.73 55.58
C SER B 1279 18.92 -10.53 55.25
N PRO B 1280 18.83 -9.47 56.05
CA PRO B 1280 19.70 -8.30 55.83
C PRO B 1280 21.17 -8.69 55.98
N VAL B 1281 22.03 -8.16 55.11
CA VAL B 1281 23.45 -8.53 55.09
C VAL B 1281 24.23 -7.81 56.19
N ALA B 1282 23.69 -6.69 56.65
CA ALA B 1282 24.30 -5.89 57.70
C ALA B 1282 23.18 -5.12 58.37
N ASN B 1283 23.43 -4.62 59.57
CA ASN B 1283 22.37 -3.96 60.33
C ASN B 1283 21.89 -2.66 59.67
N GLY B 1284 20.58 -2.44 59.74
CA GLY B 1284 19.97 -1.23 59.22
C GLY B 1284 19.62 -1.35 57.75
N GLN B 1285 20.03 -2.46 57.14
CA GLN B 1285 19.70 -2.72 55.75
C GLN B 1285 18.41 -3.50 55.69
N VAL B 1286 17.58 -3.20 54.71
CA VAL B 1286 16.49 -4.11 54.38
C VAL B 1286 17.12 -5.28 53.64
N GLY B 1287 16.48 -6.45 53.70
CA GLY B 1287 16.97 -7.58 52.93
C GLY B 1287 16.68 -7.46 51.44
N ILE B 1288 17.42 -8.22 50.63
CA ILE B 1288 17.18 -8.28 49.21
C ILE B 1288 15.96 -9.13 48.93
N PRO B 1289 15.04 -8.62 48.10
CA PRO B 1289 13.91 -9.44 47.68
C PRO B 1289 14.40 -10.66 46.93
N LYS B 1290 13.76 -11.79 47.17
CA LYS B 1290 14.23 -13.03 46.59
C LYS B 1290 13.98 -13.09 45.09
N LEU B 1291 12.99 -12.34 44.62
CA LEU B 1291 12.68 -12.29 43.19
C LEU B 1291 13.53 -11.26 42.44
N GLU B 1292 14.20 -10.39 43.19
CA GLU B 1292 15.07 -9.37 42.59
C GLU B 1292 16.25 -10.04 41.89
N VAL B 1293 16.62 -11.23 42.35
CA VAL B 1293 17.89 -11.86 42.00
C VAL B 1293 17.71 -13.33 41.63
N ASP B 1294 18.72 -13.90 40.96
CA ASP B 1294 18.55 -15.21 40.33
C ASP B 1294 18.82 -16.46 41.20
N HIS B 1295 19.28 -16.27 42.44
CA HIS B 1295 19.54 -17.43 43.29
C HIS B 1295 18.24 -18.11 43.67
N ILE B 1296 18.31 -19.42 43.90
CA ILE B 1296 17.14 -20.15 44.39
C ILE B 1296 17.14 -20.22 45.91
N SER B 1297 16.01 -19.90 46.51
CA SER B 1297 15.85 -19.97 47.96
C SER B 1297 14.83 -21.03 48.30
N PHE B 1298 15.27 -22.06 49.02
CA PHE B 1298 14.38 -23.18 49.31
C PHE B 1298 13.70 -23.14 50.66
N SER B 1299 13.98 -22.13 51.45
CA SER B 1299 13.21 -21.90 52.65
C SER B 1299 12.54 -20.55 52.51
N ASN B 1300 11.24 -20.51 52.74
CA ASN B 1300 10.49 -19.29 52.59
C ASN B 1300 9.35 -19.23 53.55
N VAL B 1301 8.97 -18.03 53.96
CA VAL B 1301 7.76 -17.88 54.77
C VAL B 1301 6.50 -17.74 53.92
N VAL B 1302 5.73 -18.82 53.86
CA VAL B 1302 4.42 -18.79 53.26
C VAL B 1302 3.37 -18.46 54.33
N SER B 1303 2.64 -17.37 54.13
CA SER B 1303 1.51 -17.04 54.97
C SER B 1303 0.39 -17.97 54.59
N MET B 1304 -0.46 -18.33 55.55
CA MET B 1304 -1.54 -19.26 55.30
C MET B 1304 -2.61 -19.06 56.33
N MET B 1305 -3.87 -19.18 55.94
CA MET B 1305 -4.94 -19.02 56.89
C MET B 1305 -5.11 -20.24 57.77
N THR B 1306 -5.52 -19.98 59.02
CA THR B 1306 -5.78 -21.03 59.99
C THR B 1306 -7.21 -21.49 59.83
N ALA B 1307 -7.61 -22.45 60.66
CA ALA B 1307 -8.95 -23.00 60.59
C ALA B 1307 -10.01 -21.93 60.82
N ASN B 1308 -9.69 -20.91 61.60
CA ASN B 1308 -10.67 -19.90 61.99
C ASN B 1308 -11.13 -19.09 60.80
N ILE B 1309 -10.18 -18.58 60.02
CA ILE B 1309 -10.50 -18.00 58.73
C ILE B 1309 -10.99 -19.10 57.80
N ARG B 1310 -12.07 -18.82 57.08
CA ARG B 1310 -12.59 -19.72 56.08
C ARG B 1310 -13.14 -18.85 54.97
N THR B 1311 -13.02 -19.30 53.73
CA THR B 1311 -13.57 -18.55 52.61
C THR B 1311 -14.26 -19.47 51.61
N GLY B 1312 -15.28 -18.95 50.94
CA GLY B 1312 -15.94 -19.71 49.90
C GLY B 1312 -17.03 -20.63 50.43
N ASP B 1313 -17.23 -20.66 51.74
CA ASP B 1313 -18.38 -21.34 52.30
C ASP B 1313 -19.66 -20.60 51.88
N ASP B 1314 -20.72 -21.35 51.62
CA ASP B 1314 -22.02 -20.73 51.38
C ASP B 1314 -22.49 -20.10 52.69
N MET B 1315 -23.13 -18.93 52.60
CA MET B 1315 -23.48 -18.15 53.79
C MET B 1315 -24.99 -18.00 53.94
N ALA B 1316 -25.49 -18.21 55.16
CA ALA B 1316 -26.94 -18.11 55.41
C ALA B 1316 -27.44 -16.72 55.81
N VAL B 1317 -28.66 -16.39 55.37
CA VAL B 1317 -29.29 -15.11 55.70
C VAL B 1317 -30.82 -15.21 55.78
N GLU B 1318 -31.41 -14.35 56.62
CA GLU B 1318 -32.85 -14.18 56.63
C GLU B 1318 -33.26 -13.15 55.57
N ARG B 1319 -33.61 -13.62 54.39
CA ARG B 1319 -34.26 -12.79 53.40
C ARG B 1319 -35.66 -12.46 53.85
N VAL B 1320 -36.09 -11.22 53.68
CA VAL B 1320 -37.43 -10.81 54.08
C VAL B 1320 -38.11 -9.95 53.02
N ASN B 1321 -39.26 -10.46 52.56
CA ASN B 1321 -39.99 -9.88 51.44
C ASN B 1321 -40.71 -8.61 51.81
N PRO B 1322 -40.95 -7.73 50.84
CA PRO B 1322 -41.77 -6.52 51.07
C PRO B 1322 -43.18 -6.94 51.48
N ASP B 1323 -43.81 -6.20 52.40
CA ASP B 1323 -45.10 -6.61 52.94
C ASP B 1323 -46.24 -6.56 51.91
N ASP B 1324 -46.12 -5.66 50.93
CA ASP B 1324 -47.15 -5.50 49.88
C ASP B 1324 -46.49 -4.97 48.63
N VAL B 1325 -46.73 -5.62 47.50
CA VAL B 1325 -46.03 -5.27 46.26
C VAL B 1325 -46.38 -3.89 45.75
N ARG B 1326 -47.62 -3.45 46.00
CA ARG B 1326 -48.07 -2.15 45.54
C ARG B 1326 -47.34 -0.99 46.22
N ALA B 1327 -46.84 -1.23 47.42
CA ALA B 1327 -46.19 -0.19 48.22
C ALA B 1327 -44.74 0.06 47.83
N ILE B 1328 -44.18 -0.84 47.04
CA ILE B 1328 -42.76 -0.78 46.66
C ILE B 1328 -42.42 0.46 45.83
N ASN B 1329 -41.26 1.06 46.08
CA ASN B 1329 -40.84 2.26 45.36
C ASN B 1329 -39.75 2.02 44.35
N ILE B 1330 -40.16 1.88 43.10
CA ILE B 1330 -39.26 1.69 41.97
C ILE B 1330 -38.41 2.93 41.73
N ARG B 1331 -38.97 4.09 42.06
CA ARG B 1331 -38.53 5.32 41.42
C ARG B 1331 -37.38 6.07 42.03
N ASN B 1332 -37.56 6.57 43.25
CA ASN B 1332 -36.78 7.74 43.67
C ASN B 1332 -35.28 7.64 43.71
N ALA B 1333 -34.67 8.75 43.31
CA ALA B 1333 -33.23 8.90 43.17
C ALA B 1333 -32.48 8.66 44.49
N LYS C 74 28.25 -73.06 -74.08
CA LYS C 74 27.81 -72.23 -72.98
C LYS C 74 27.62 -70.77 -73.42
N ILE C 75 26.48 -70.18 -73.07
CA ILE C 75 26.20 -68.78 -73.39
C ILE C 75 27.02 -67.79 -72.55
N ALA C 76 27.45 -66.70 -73.18
CA ALA C 76 28.14 -65.61 -72.48
C ALA C 76 27.16 -64.88 -71.58
N THR C 77 27.62 -64.42 -70.42
CA THR C 77 26.74 -63.76 -69.45
C THR C 77 27.36 -62.56 -68.78
N ALA C 78 26.52 -61.79 -68.10
CA ALA C 78 26.93 -60.56 -67.45
C ALA C 78 26.40 -60.52 -66.03
N SER C 79 27.12 -59.84 -65.15
CA SER C 79 26.72 -59.80 -63.74
C SER C 79 27.09 -58.47 -63.11
N SER C 80 26.56 -58.21 -61.93
CA SER C 80 26.86 -56.95 -61.24
C SER C 80 27.37 -57.18 -59.83
N ALA C 81 28.05 -56.19 -59.30
CA ALA C 81 28.49 -56.22 -57.93
C ALA C 81 28.54 -54.80 -57.43
N ARG C 82 28.41 -54.64 -56.12
CA ARG C 82 28.59 -53.34 -55.50
C ARG C 82 29.15 -53.64 -54.12
N GLN C 83 29.94 -52.74 -53.58
CA GLN C 83 30.57 -53.03 -52.29
C GLN C 83 29.54 -53.10 -51.14
N ALA C 84 29.72 -54.10 -50.28
CA ALA C 84 28.78 -54.35 -49.19
C ALA C 84 28.92 -53.34 -48.05
N ASP C 85 27.80 -53.02 -47.41
CA ASP C 85 27.83 -52.24 -46.16
C ASP C 85 28.21 -53.15 -44.99
N VAL C 86 28.88 -52.59 -43.98
CA VAL C 86 29.17 -53.36 -42.77
C VAL C 86 29.05 -52.53 -41.47
N GLU C 87 28.40 -51.38 -41.56
CA GLU C 87 28.46 -50.37 -40.50
C GLU C 87 27.66 -50.76 -39.27
N LYS C 88 28.30 -51.48 -38.35
CA LYS C 88 27.67 -51.89 -37.09
C LYS C 88 27.66 -50.80 -36.01
N PRO C 89 26.71 -50.85 -35.07
CA PRO C 89 26.87 -50.02 -33.87
C PRO C 89 28.14 -50.41 -33.13
N ALA C 90 28.82 -49.44 -32.53
CA ALA C 90 30.11 -49.68 -31.88
C ALA C 90 29.98 -50.72 -30.77
N ASP C 91 30.92 -51.65 -30.73
CA ASP C 91 30.89 -52.70 -29.71
C ASP C 91 31.19 -52.14 -28.32
N VAL C 92 30.48 -52.66 -27.32
CA VAL C 92 30.78 -52.35 -25.94
C VAL C 92 31.75 -53.38 -25.36
N THR C 93 33.05 -53.13 -25.47
CA THR C 93 34.08 -53.95 -24.83
C THR C 93 34.21 -53.62 -23.35
N PHE C 94 34.60 -54.60 -22.55
CA PHE C 94 34.89 -54.35 -21.14
C PHE C 94 36.40 -54.24 -20.85
N THR C 95 37.22 -54.79 -21.73
CA THR C 95 38.67 -54.70 -21.62
C THR C 95 39.18 -53.29 -21.92
N ILE C 96 40.36 -52.96 -21.41
CA ILE C 96 41.00 -51.68 -21.67
C ILE C 96 42.45 -51.91 -22.02
N GLU C 97 43.00 -51.11 -22.95
CA GLU C 97 44.36 -51.39 -23.43
C GLU C 97 45.50 -50.75 -22.65
N ASN C 98 45.24 -49.66 -21.93
CA ASN C 98 46.31 -48.94 -21.22
C ASN C 98 46.04 -48.79 -19.75
N VAL C 99 47.10 -48.60 -18.97
CA VAL C 99 46.92 -48.40 -17.53
C VAL C 99 46.30 -47.04 -17.27
N ASP C 100 46.50 -46.12 -18.21
CA ASP C 100 45.96 -44.76 -18.10
C ASP C 100 44.45 -44.74 -18.22
N ASP C 101 43.89 -45.71 -18.96
CA ASP C 101 42.47 -45.74 -19.30
C ASP C 101 41.55 -46.00 -18.10
N VAL C 102 40.36 -45.42 -18.14
CA VAL C 102 39.36 -45.65 -17.09
C VAL C 102 38.90 -47.11 -17.11
N GLY C 103 38.81 -47.72 -15.93
CA GLY C 103 38.42 -49.11 -15.83
C GLY C 103 36.96 -49.29 -16.16
N ILE C 104 36.58 -50.47 -16.61
CA ILE C 104 35.18 -50.71 -16.95
C ILE C 104 34.61 -51.91 -16.21
N MET C 105 35.34 -53.02 -16.19
CA MET C 105 34.93 -54.19 -15.44
C MET C 105 34.97 -53.78 -13.98
N GLN C 106 34.16 -54.42 -13.15
CA GLN C 106 34.15 -54.09 -11.72
C GLN C 106 35.50 -54.42 -11.08
N GLN C 107 36.17 -53.40 -10.56
CA GLN C 107 37.49 -53.59 -9.94
C GLN C 107 37.43 -54.22 -8.56
N LYS C 108 38.45 -55.00 -8.22
CA LYS C 108 38.59 -55.54 -6.87
C LYS C 108 38.97 -54.42 -5.91
N LYS C 109 38.41 -54.46 -4.69
CA LYS C 109 38.59 -53.38 -3.72
C LYS C 109 39.04 -53.91 -2.37
N PRO C 110 39.72 -53.06 -1.59
CA PRO C 110 40.05 -53.38 -0.19
C PRO C 110 38.78 -53.55 0.63
N PRO C 111 38.80 -54.44 1.65
CA PRO C 111 37.65 -54.61 2.55
C PRO C 111 37.35 -53.31 3.28
N THR C 112 36.07 -53.01 3.51
CA THR C 112 35.67 -51.69 3.98
C THR C 112 35.06 -51.68 5.40
N VAL C 113 35.92 -51.76 6.41
CA VAL C 113 35.47 -51.72 7.80
C VAL C 113 34.78 -50.41 8.08
N VAL C 114 33.62 -50.47 8.72
CA VAL C 114 32.89 -49.26 9.07
C VAL C 114 32.97 -48.97 10.56
N GLN C 115 33.87 -48.05 10.91
CA GLN C 115 33.93 -47.51 12.25
C GLN C 115 32.65 -46.74 12.43
N SER C 116 32.01 -46.86 13.58
CA SER C 116 30.80 -46.08 13.82
C SER C 116 30.91 -45.32 15.11
N ARG C 117 31.75 -44.28 15.07
CA ARG C 117 32.09 -43.53 16.26
C ARG C 117 30.87 -42.81 16.85
N THR C 118 30.72 -42.90 18.16
CA THR C 118 29.58 -42.30 18.86
C THR C 118 30.06 -41.20 19.81
N ASP C 119 29.22 -40.87 20.79
CA ASP C 119 29.58 -39.87 21.78
C ASP C 119 30.82 -40.30 22.54
N VAL C 120 30.84 -41.58 22.90
CA VAL C 120 31.91 -42.17 23.69
C VAL C 120 32.11 -43.63 23.31
N PHE C 121 33.36 -44.08 23.36
CA PHE C 121 33.71 -45.43 22.91
C PHE C 121 35.09 -45.80 23.39
N ASN C 122 35.36 -47.10 23.49
CA ASN C 122 36.65 -47.57 23.97
C ASN C 122 37.49 -48.09 22.83
N GLU C 123 38.28 -47.22 22.20
CA GLU C 123 39.06 -47.69 21.05
C GLU C 123 40.13 -48.70 21.49
N GLN C 124 40.21 -49.82 20.76
CA GLN C 124 41.24 -50.82 21.01
C GLN C 124 41.75 -51.29 19.67
N PHE C 125 43.01 -51.73 19.63
CA PHE C 125 43.63 -52.01 18.36
C PHE C 125 44.21 -53.41 18.23
N ALA C 126 43.79 -54.29 19.13
CA ALA C 126 44.13 -55.70 18.99
C ALA C 126 43.47 -56.17 17.71
N ASN C 127 44.13 -57.08 17.01
CA ASN C 127 43.63 -57.64 15.74
C ASN C 127 43.16 -56.60 14.71
N GLU C 128 43.86 -55.48 14.65
CA GLU C 128 43.69 -54.55 13.55
C GLU C 128 44.32 -55.21 12.32
N ALA C 129 43.69 -55.05 11.16
CA ALA C 129 44.22 -55.64 9.94
C ALA C 129 45.47 -54.91 9.46
N LEU C 130 46.43 -55.66 8.91
CA LEU C 130 47.65 -55.07 8.38
C LEU C 130 47.57 -54.74 6.89
N HIS C 131 46.66 -55.42 6.19
CA HIS C 131 46.40 -55.15 4.78
C HIS C 131 45.77 -53.78 4.66
N PRO C 132 45.90 -53.16 3.47
CA PRO C 132 45.21 -51.88 3.26
C PRO C 132 43.70 -52.04 3.47
N THR C 133 43.08 -51.04 4.08
CA THR C 133 41.70 -51.14 4.53
C THR C 133 41.01 -49.80 4.44
N THR C 134 39.72 -49.80 4.13
CA THR C 134 38.96 -48.55 4.10
C THR C 134 38.19 -48.28 5.38
N LYS C 135 38.75 -47.46 6.26
CA LYS C 135 37.97 -46.93 7.37
C LYS C 135 36.90 -46.00 6.81
N VAL C 136 35.67 -46.13 7.31
CA VAL C 136 34.56 -45.29 6.88
C VAL C 136 33.65 -45.10 8.08
N ILE C 137 33.22 -43.87 8.32
CA ILE C 137 32.49 -43.58 9.56
C ILE C 137 30.95 -43.71 9.49
N PHE C 138 30.38 -43.53 8.31
CA PHE C 138 28.92 -43.56 8.19
C PHE C 138 28.46 -44.85 7.51
N ASN C 139 27.21 -45.24 7.74
CA ASN C 139 26.65 -46.41 7.08
C ASN C 139 26.14 -46.17 5.65
N GLY C 140 25.42 -45.06 5.47
CA GLY C 140 24.66 -44.87 4.25
C GLY C 140 25.33 -44.01 3.20
N LEU C 141 26.49 -44.44 2.74
CA LEU C 141 27.29 -43.62 1.83
C LEU C 141 27.08 -43.91 0.34
N ASP C 142 25.94 -44.52 0.01
CA ASP C 142 25.56 -44.71 -1.38
C ASP C 142 24.71 -43.53 -1.85
N VAL C 143 25.08 -42.34 -1.39
CA VAL C 143 24.23 -41.15 -1.47
C VAL C 143 23.97 -40.54 -2.86
N ASN C 144 24.86 -40.79 -3.82
CA ASN C 144 24.66 -40.27 -5.18
C ASN C 144 23.71 -41.16 -5.96
N THR C 145 22.42 -40.97 -5.71
CA THR C 145 21.40 -41.80 -6.35
C THR C 145 20.93 -41.27 -7.70
N GLU C 146 20.76 -39.95 -7.82
CA GLU C 146 20.02 -39.41 -8.96
C GLU C 146 20.83 -39.39 -10.25
N VAL C 147 20.59 -40.39 -11.11
CA VAL C 147 21.34 -40.56 -12.34
C VAL C 147 21.03 -39.50 -13.40
N GLN C 148 22.06 -39.08 -14.14
CA GLN C 148 21.91 -38.07 -15.19
C GLN C 148 22.25 -38.67 -16.54
N PRO C 149 21.23 -39.03 -17.31
CA PRO C 149 21.45 -39.63 -18.63
C PRO C 149 22.17 -38.67 -19.56
N LEU C 150 23.04 -39.20 -20.41
CA LEU C 150 23.64 -38.41 -21.47
C LEU C 150 22.66 -38.26 -22.63
N SER C 151 22.74 -37.15 -23.35
CA SER C 151 21.97 -36.99 -24.58
C SER C 151 22.54 -37.89 -25.67
N ASP C 152 21.69 -38.44 -26.52
CA ASP C 152 22.16 -39.28 -27.63
C ASP C 152 22.46 -38.42 -28.85
N ASP C 153 23.43 -37.52 -28.70
CA ASP C 153 23.77 -36.59 -29.76
C ASP C 153 24.34 -37.28 -31.01
N PHE C 154 25.03 -38.40 -30.80
CA PHE C 154 25.70 -39.08 -31.92
C PHE C 154 25.38 -40.55 -32.01
N LYS C 155 25.57 -41.10 -33.19
CA LYS C 155 25.31 -42.50 -33.46
C LYS C 155 26.66 -43.21 -33.61
N GLN C 156 27.25 -43.62 -32.48
CA GLN C 156 28.55 -44.26 -32.51
C GLN C 156 28.44 -45.55 -33.28
N ILE C 157 29.38 -45.78 -34.20
CA ILE C 157 29.38 -46.94 -35.07
C ILE C 157 30.79 -47.27 -35.47
N SER C 158 31.00 -48.49 -35.93
CA SER C 158 32.32 -48.90 -36.40
C SER C 158 32.25 -49.23 -37.89
N ASP C 159 33.38 -49.12 -38.58
CA ASP C 159 33.50 -49.53 -39.98
C ASP C 159 32.48 -48.82 -40.90
N PRO C 160 32.59 -47.49 -41.02
CA PRO C 160 31.58 -46.59 -41.59
C PRO C 160 31.26 -46.83 -43.06
N LYS C 161 30.01 -46.59 -43.44
CA LYS C 161 29.64 -46.61 -44.85
C LYS C 161 29.68 -45.22 -45.46
N GLY C 162 30.20 -45.13 -46.68
CA GLY C 162 30.30 -43.86 -47.36
C GLY C 162 29.00 -43.38 -47.98
N TYR C 163 28.97 -42.15 -48.46
CA TYR C 163 27.82 -41.66 -49.20
C TYR C 163 27.85 -42.24 -50.60
N LEU C 164 29.06 -42.48 -51.09
CA LEU C 164 29.26 -43.04 -52.40
C LEU C 164 29.86 -44.44 -52.30
N THR C 165 29.53 -45.28 -53.26
CA THR C 165 30.19 -46.58 -53.42
C THR C 165 30.43 -46.87 -54.89
N TYR C 166 31.49 -47.65 -55.15
CA TYR C 166 31.69 -48.27 -56.45
C TYR C 166 30.64 -49.35 -56.80
N SER C 167 30.13 -49.31 -58.04
CA SER C 167 29.32 -50.38 -58.60
C SER C 167 30.16 -50.93 -59.71
N VAL C 168 29.83 -52.12 -60.19
CA VAL C 168 30.68 -52.74 -61.19
C VAL C 168 29.99 -53.85 -61.98
N LYS C 169 30.00 -53.70 -63.30
CA LYS C 169 29.39 -54.68 -64.19
C LYS C 169 30.46 -55.51 -64.89
N TYR C 170 30.22 -56.82 -64.94
CA TYR C 170 31.16 -57.79 -65.48
C TYR C 170 30.61 -58.50 -66.69
N GLU C 171 31.50 -58.68 -67.66
CA GLU C 171 31.31 -59.59 -68.78
C GLU C 171 32.03 -60.85 -68.37
N ASP C 172 31.29 -61.87 -67.98
CA ASP C 172 31.89 -63.02 -67.31
C ASP C 172 32.76 -63.91 -68.21
N GLN C 173 32.62 -63.80 -69.54
CA GLN C 173 33.39 -64.64 -70.47
C GLN C 173 34.91 -64.40 -70.44
N PHE C 174 35.30 -63.24 -69.93
CA PHE C 174 36.71 -62.94 -69.74
C PHE C 174 37.21 -63.46 -68.40
N THR C 175 38.32 -64.19 -68.44
CA THR C 175 38.97 -64.70 -67.22
C THR C 175 40.43 -64.97 -67.50
N LYS C 176 41.30 -64.37 -66.70
CA LYS C 176 42.72 -64.65 -66.85
C LYS C 176 42.97 -66.12 -66.55
N LYS C 177 43.73 -66.77 -67.42
CA LYS C 177 44.02 -68.19 -67.28
C LYS C 177 44.95 -68.44 -66.09
N ASP C 178 46.02 -67.65 -65.98
CA ASP C 178 46.94 -67.74 -64.86
C ASP C 178 46.21 -67.40 -63.57
N LYS C 179 46.51 -68.12 -62.50
CA LYS C 179 45.80 -67.91 -61.25
C LYS C 179 46.72 -67.27 -60.19
N LEU C 180 46.46 -66.02 -59.85
CA LEU C 180 47.31 -65.29 -58.90
C LEU C 180 47.21 -65.83 -57.46
N ARG C 181 48.34 -65.87 -56.77
CA ARG C 181 48.37 -66.39 -55.40
C ARG C 181 49.07 -65.41 -54.48
N ALA C 182 48.29 -64.51 -53.90
CA ALA C 182 48.79 -63.60 -52.88
C ALA C 182 48.96 -64.34 -51.55
N SER C 183 49.81 -63.81 -50.69
CA SER C 183 49.88 -64.28 -49.32
C SER C 183 48.56 -63.98 -48.63
N GLU C 184 48.23 -64.75 -47.60
CA GLU C 184 46.94 -64.62 -46.94
C GLU C 184 46.71 -63.22 -46.38
N ALA C 185 47.79 -62.55 -45.97
CA ALA C 185 47.68 -61.19 -45.41
C ALA C 185 47.35 -60.19 -46.50
N ASP C 186 48.11 -60.26 -47.59
CA ASP C 186 47.91 -59.37 -48.72
C ASP C 186 46.52 -59.64 -49.29
N ASP C 187 46.04 -60.87 -49.19
CA ASP C 187 44.67 -61.17 -49.61
C ASP C 187 43.65 -60.56 -48.64
N ARG C 188 43.99 -60.53 -47.36
CA ARG C 188 43.10 -59.94 -46.35
C ARG C 188 42.92 -58.45 -46.57
N ILE C 189 43.93 -57.79 -47.11
CA ILE C 189 43.84 -56.34 -47.31
C ILE C 189 43.39 -56.00 -48.73
N VAL C 190 44.21 -56.43 -49.67
CA VAL C 190 44.01 -56.18 -51.08
C VAL C 190 42.77 -56.89 -51.66
N GLY C 191 42.34 -57.96 -51.01
CA GLY C 191 41.34 -58.85 -51.59
C GLY C 191 39.96 -58.32 -51.93
N PRO C 192 39.30 -57.63 -50.99
CA PRO C 192 37.96 -57.08 -51.29
C PRO C 192 37.97 -56.15 -52.48
N THR C 193 39.08 -55.44 -52.68
CA THR C 193 39.24 -54.62 -53.87
C THR C 193 39.27 -55.50 -55.12
N VAL C 194 40.11 -56.52 -55.07
CA VAL C 194 40.42 -57.37 -56.21
C VAL C 194 39.25 -58.22 -56.69
N ASN C 195 38.42 -58.66 -55.75
CA ASN C 195 37.20 -59.39 -56.10
C ASN C 195 36.21 -58.48 -56.78
N LEU C 196 36.25 -57.19 -56.44
CA LEU C 196 35.32 -56.23 -57.03
C LEU C 196 35.76 -55.83 -58.42
N PHE C 197 37.04 -55.54 -58.57
CA PHE C 197 37.56 -55.07 -59.83
C PHE C 197 38.22 -56.22 -60.56
N LYS C 198 37.51 -57.35 -60.59
CA LYS C 198 38.04 -58.58 -61.19
C LYS C 198 38.09 -58.50 -62.71
N TYR C 199 38.94 -59.33 -63.29
CA TYR C 199 39.15 -59.36 -64.74
C TYR C 199 37.80 -59.58 -65.40
N GLY C 200 37.57 -58.89 -66.52
CA GLY C 200 36.32 -59.00 -67.23
C GLY C 200 35.23 -58.09 -66.70
N ALA C 201 35.58 -57.16 -65.82
CA ALA C 201 34.63 -56.15 -65.36
C ALA C 201 34.40 -55.14 -66.47
N ALA C 202 33.16 -55.05 -66.93
CA ALA C 202 32.84 -54.13 -68.00
C ALA C 202 33.07 -52.71 -67.54
N VAL C 203 32.30 -52.25 -66.56
CA VAL C 203 32.51 -50.87 -66.09
C VAL C 203 32.35 -50.70 -64.59
N VAL C 204 33.25 -49.90 -64.03
CA VAL C 204 33.13 -49.44 -62.66
C VAL C 204 32.52 -48.06 -62.61
N ASN C 205 31.48 -47.94 -61.78
CA ASN C 205 30.73 -46.72 -61.52
C ASN C 205 30.90 -46.21 -60.09
N ILE C 206 30.58 -44.94 -59.87
CA ILE C 206 30.56 -44.36 -58.53
C ILE C 206 29.17 -43.81 -58.21
N ASP C 207 28.30 -44.70 -57.75
CA ASP C 207 26.93 -44.32 -57.46
C ASP C 207 26.87 -43.85 -56.01
N LEU C 208 25.78 -43.19 -55.63
CA LEU C 208 25.52 -42.95 -54.21
C LEU C 208 25.23 -44.27 -53.48
N ASN C 209 25.71 -44.39 -52.25
CA ASN C 209 25.50 -45.59 -51.45
C ASN C 209 24.04 -45.85 -51.16
N ARG C 210 23.45 -46.81 -51.86
CA ARG C 210 22.04 -47.12 -51.65
C ARG C 210 21.80 -47.63 -50.23
N ASP C 211 22.81 -48.26 -49.64
CA ASP C 211 22.69 -48.78 -48.28
C ASP C 211 22.56 -47.66 -47.26
N PHE C 212 23.19 -46.52 -47.55
CA PHE C 212 23.14 -45.38 -46.62
C PHE C 212 21.94 -44.50 -46.82
N PHE C 213 21.71 -44.08 -48.05
CA PHE C 213 20.45 -43.42 -48.42
C PHE C 213 19.41 -44.48 -48.69
N ASP C 214 18.88 -45.03 -47.60
CA ASP C 214 18.02 -46.19 -47.63
C ASP C 214 16.62 -45.86 -48.13
N THR C 215 15.79 -46.88 -48.26
CA THR C 215 14.36 -46.70 -48.49
C THR C 215 13.69 -46.03 -47.28
N ALA C 216 14.39 -46.05 -46.15
CA ALA C 216 13.92 -45.34 -44.96
C ALA C 216 13.84 -43.83 -45.17
N THR C 217 14.71 -43.32 -46.05
CA THR C 217 14.71 -41.89 -46.38
C THR C 217 13.72 -41.58 -47.50
N GLY C 218 13.07 -42.62 -48.01
CA GLY C 218 12.15 -42.46 -49.11
C GLY C 218 12.87 -42.48 -50.45
N ILE C 219 14.19 -42.69 -50.42
CA ILE C 219 15.00 -42.61 -51.64
C ILE C 219 15.11 -43.93 -52.40
N ASP C 220 14.92 -43.87 -53.71
CA ASP C 220 15.23 -44.98 -54.59
C ASP C 220 16.49 -44.62 -55.35
N LEU C 221 17.28 -45.62 -55.70
CA LEU C 221 18.53 -45.36 -56.38
C LEU C 221 18.79 -46.37 -57.49
N THR C 222 17.76 -47.12 -57.87
CA THR C 222 17.92 -48.19 -58.86
C THR C 222 18.34 -47.62 -60.21
N LYS C 223 17.61 -46.62 -60.68
CA LYS C 223 18.07 -45.78 -61.77
C LYS C 223 19.16 -44.97 -61.10
N GLY C 224 20.16 -44.50 -61.85
CA GLY C 224 21.36 -44.00 -61.21
C GLY C 224 21.12 -42.84 -60.25
N ILE C 225 20.14 -42.02 -60.57
CA ILE C 225 19.75 -40.87 -59.75
C ILE C 225 18.92 -41.18 -58.48
N PRO C 226 19.03 -40.32 -57.44
CA PRO C 226 18.14 -40.33 -56.29
C PRO C 226 16.72 -40.01 -56.73
N LEU C 227 15.72 -40.62 -56.10
CA LEU C 227 14.31 -40.28 -56.40
C LEU C 227 13.48 -40.35 -55.12
N VAL C 228 12.56 -39.41 -54.96
CA VAL C 228 11.66 -39.42 -53.82
C VAL C 228 10.25 -39.04 -54.25
N GLN C 229 9.30 -39.94 -53.99
CA GLN C 229 7.91 -39.69 -54.35
C GLN C 229 7.16 -38.78 -53.37
N ASP C 230 6.17 -38.08 -53.90
CA ASP C 230 5.24 -37.27 -53.10
C ASP C 230 5.89 -36.12 -52.33
N LEU C 231 7.04 -35.64 -52.80
CA LEU C 231 7.69 -34.49 -52.16
C LEU C 231 7.31 -33.22 -52.89
N LEU C 232 7.83 -33.04 -54.10
CA LEU C 232 7.40 -31.93 -54.96
C LEU C 232 6.31 -32.44 -55.90
N VAL C 233 5.06 -32.14 -55.59
CA VAL C 233 3.94 -32.71 -56.36
C VAL C 233 2.89 -31.69 -56.76
N PRO C 234 2.13 -32.01 -57.82
CA PRO C 234 0.93 -31.24 -58.16
C PRO C 234 -0.10 -31.34 -57.05
N ILE C 235 -0.87 -30.28 -56.84
CA ILE C 235 -1.94 -30.29 -55.86
C ILE C 235 -3.30 -30.51 -56.54
N GLY C 236 -4.14 -31.33 -55.94
CA GLY C 236 -5.45 -31.61 -56.50
C GLY C 236 -5.47 -32.76 -57.50
N VAL C 237 -4.30 -33.33 -57.80
CA VAL C 237 -4.22 -34.49 -58.69
C VAL C 237 -3.06 -35.38 -58.28
N THR C 238 -3.14 -36.67 -58.61
CA THR C 238 -2.04 -37.57 -58.34
C THR C 238 -0.87 -37.23 -59.24
N ALA C 239 0.33 -37.22 -58.67
CA ALA C 239 1.54 -37.00 -59.45
C ALA C 239 1.72 -38.18 -60.39
N GLY C 240 2.18 -37.93 -61.60
CA GLY C 240 2.37 -39.00 -62.56
C GLY C 240 3.52 -39.88 -62.12
N ALA C 241 3.50 -41.12 -62.56
CA ALA C 241 4.57 -42.06 -62.24
C ALA C 241 5.85 -41.67 -62.98
N GLU C 242 6.98 -42.01 -62.38
CA GLU C 242 8.29 -41.76 -62.99
C GLU C 242 8.50 -40.30 -63.36
N GLN C 243 7.96 -39.39 -62.55
CA GLN C 243 8.10 -37.95 -62.75
C GLN C 243 9.54 -37.49 -62.51
N SER C 244 10.01 -36.58 -63.36
CA SER C 244 11.38 -36.06 -63.30
C SER C 244 11.61 -35.23 -62.04
N ALA C 245 10.54 -34.64 -61.53
CA ALA C 245 10.62 -33.84 -60.32
C ALA C 245 11.12 -34.67 -59.15
N GLU C 246 10.89 -35.98 -59.22
CA GLU C 246 11.31 -36.89 -58.15
C GLU C 246 12.80 -36.76 -57.94
N TYR C 247 13.54 -36.53 -59.04
CA TYR C 247 14.99 -36.43 -58.94
C TYR C 247 15.39 -35.26 -58.08
N VAL C 248 14.73 -34.12 -58.29
CA VAL C 248 15.03 -32.96 -57.48
C VAL C 248 14.68 -33.24 -56.01
N SER C 249 13.57 -33.96 -55.80
CA SER C 249 13.14 -34.31 -54.46
C SER C 249 14.22 -35.18 -53.85
N GLY C 250 14.80 -36.03 -54.70
CA GLY C 250 15.78 -36.98 -54.22
C GLY C 250 16.95 -36.18 -53.69
N LEU C 251 17.34 -35.12 -54.40
CA LEU C 251 18.50 -34.37 -53.98
C LEU C 251 18.28 -33.74 -52.61
N LEU C 252 17.08 -33.25 -52.34
CA LEU C 252 16.83 -32.62 -51.06
C LEU C 252 17.00 -33.67 -49.98
N MET C 253 16.42 -34.84 -50.21
CA MET C 253 16.43 -35.86 -49.17
C MET C 253 17.80 -36.48 -49.07
N VAL C 254 18.66 -36.24 -50.05
CA VAL C 254 20.03 -36.64 -49.89
C VAL C 254 20.68 -35.62 -48.98
N LEU C 255 20.50 -34.35 -49.32
CA LEU C 255 21.14 -33.26 -48.59
C LEU C 255 20.68 -33.28 -47.13
N PHE C 256 19.37 -33.44 -46.95
CA PHE C 256 18.79 -33.54 -45.63
C PHE C 256 19.42 -34.69 -44.89
N LYS C 257 19.46 -35.86 -45.54
CA LYS C 257 19.97 -37.06 -44.87
C LYS C 257 21.45 -36.91 -44.57
N VAL C 258 22.12 -35.99 -45.27
CA VAL C 258 23.52 -35.70 -44.98
C VAL C 258 23.65 -34.63 -43.90
N MET C 259 22.78 -33.63 -43.92
CA MET C 259 22.82 -32.57 -42.91
C MET C 259 22.56 -33.14 -41.51
N THR C 260 21.87 -34.28 -41.49
CA THR C 260 21.44 -34.92 -40.26
C THR C 260 22.26 -36.19 -39.97
N ASP C 261 23.37 -36.36 -40.68
CA ASP C 261 24.24 -37.53 -40.50
C ASP C 261 25.11 -37.34 -39.27
N ASN C 262 24.64 -37.86 -38.14
CA ASN C 262 25.37 -37.72 -36.88
C ASN C 262 26.12 -38.99 -36.46
N ARG C 263 26.69 -39.70 -37.43
CA ARG C 263 27.51 -40.86 -37.09
C ARG C 263 28.82 -40.42 -36.49
N LEU C 264 29.28 -41.17 -35.49
CA LEU C 264 30.53 -40.91 -34.80
C LEU C 264 31.35 -42.19 -34.87
N VAL C 265 32.48 -42.14 -35.58
CA VAL C 265 33.29 -43.34 -35.76
C VAL C 265 34.03 -43.86 -34.52
N ILE C 266 34.03 -45.19 -34.37
CA ILE C 266 34.76 -45.87 -33.33
C ILE C 266 35.61 -46.89 -34.04
N VAL C 267 36.82 -47.14 -33.56
CA VAL C 267 37.67 -48.12 -34.23
C VAL C 267 37.04 -49.50 -34.11
N GLY C 268 36.99 -50.20 -35.24
CA GLY C 268 36.41 -51.53 -35.30
C GLY C 268 37.50 -52.54 -35.08
N GLU C 269 37.24 -53.79 -35.46
CA GLU C 269 38.29 -54.80 -35.38
C GLU C 269 39.44 -54.37 -36.28
N THR C 270 40.66 -54.59 -35.81
CA THR C 270 41.85 -54.23 -36.58
C THR C 270 42.80 -55.42 -36.68
N THR C 271 43.79 -55.30 -37.55
CA THR C 271 44.87 -56.28 -37.65
C THR C 271 46.19 -55.52 -37.76
N THR C 272 47.26 -56.15 -37.28
CA THR C 272 48.57 -55.52 -37.37
C THR C 272 49.48 -56.53 -38.02
N PRO C 273 49.41 -56.61 -39.37
CA PRO C 273 50.25 -57.58 -40.08
C PRO C 273 51.71 -57.30 -39.82
N MET C 274 52.49 -58.36 -39.67
CA MET C 274 53.93 -58.24 -39.60
C MET C 274 54.39 -57.91 -41.00
N SER C 275 55.48 -57.14 -41.12
CA SER C 275 55.89 -56.64 -42.41
C SER C 275 56.18 -57.76 -43.39
N ASN C 276 56.73 -58.86 -42.89
CA ASN C 276 57.18 -59.93 -43.77
C ASN C 276 56.04 -60.63 -44.48
N THR C 277 54.86 -60.64 -43.85
CA THR C 277 53.70 -61.32 -44.44
C THR C 277 53.21 -60.65 -45.72
N LEU C 278 53.42 -59.34 -45.80
CA LEU C 278 52.92 -58.54 -46.92
C LEU C 278 53.93 -58.37 -48.03
N SER C 279 53.45 -58.39 -49.27
CA SER C 279 54.29 -58.04 -50.41
C SER C 279 54.64 -56.57 -50.24
N THR C 280 55.83 -56.18 -50.67
CA THR C 280 56.37 -54.87 -50.34
C THR C 280 55.46 -53.73 -50.79
N VAL C 281 54.79 -53.91 -51.92
CA VAL C 281 53.90 -52.88 -52.45
C VAL C 281 52.73 -52.61 -51.51
N VAL C 282 52.33 -53.62 -50.74
CA VAL C 282 51.23 -53.47 -49.79
C VAL C 282 51.72 -52.89 -48.46
N ASN C 283 52.92 -53.31 -48.06
CA ASN C 283 53.52 -52.82 -46.84
C ASN C 283 53.85 -51.34 -46.95
N ASN C 284 54.14 -50.88 -48.16
CA ASN C 284 54.39 -49.46 -48.38
C ASN C 284 53.16 -48.61 -48.27
N VAL C 285 52.01 -49.24 -48.47
CA VAL C 285 50.72 -48.55 -48.32
C VAL C 285 50.19 -48.69 -46.90
N LEU C 286 50.38 -49.87 -46.31
CA LEU C 286 49.86 -50.12 -44.97
C LEU C 286 50.65 -49.35 -43.94
N ARG C 287 49.94 -48.87 -42.92
CA ARG C 287 50.53 -48.07 -41.87
C ARG C 287 50.25 -48.73 -40.54
N THR C 288 51.08 -49.72 -40.21
CA THR C 288 50.87 -50.60 -39.07
C THR C 288 49.49 -51.25 -39.07
N THR C 289 48.58 -50.76 -38.23
CA THR C 289 47.24 -51.34 -38.13
C THR C 289 46.31 -50.86 -39.23
N TYR C 290 45.23 -51.61 -39.44
CA TYR C 290 44.19 -51.25 -40.39
C TYR C 290 42.90 -51.99 -40.04
N HIS C 291 41.75 -51.44 -40.44
CA HIS C 291 40.47 -52.08 -40.16
C HIS C 291 40.35 -53.41 -40.89
N ASN C 292 39.82 -54.42 -40.21
CA ASN C 292 39.62 -55.73 -40.84
C ASN C 292 38.66 -55.63 -42.02
N ASN C 293 37.72 -54.70 -41.93
CA ASN C 293 36.87 -54.38 -43.06
C ASN C 293 37.47 -53.25 -43.86
N VAL C 294 38.54 -53.56 -44.59
CA VAL C 294 39.03 -52.66 -45.60
C VAL C 294 37.89 -52.50 -46.57
N GLY C 295 37.75 -51.33 -47.16
CA GLY C 295 36.82 -51.16 -48.25
C GLY C 295 37.56 -51.58 -49.51
N VAL C 296 37.07 -51.17 -50.66
CA VAL C 296 37.86 -51.32 -51.86
C VAL C 296 38.57 -50.01 -52.19
N ASN C 297 39.66 -50.11 -52.94
CA ASN C 297 40.24 -48.95 -53.58
C ASN C 297 41.15 -49.38 -54.70
N PRO C 298 41.04 -48.72 -55.87
CA PRO C 298 41.77 -49.08 -57.09
C PRO C 298 43.29 -49.08 -56.87
N ALA C 299 43.77 -48.25 -55.94
CA ALA C 299 45.18 -48.21 -55.58
C ALA C 299 45.66 -49.55 -55.03
N LEU C 300 44.74 -50.32 -54.47
CA LEU C 300 45.07 -51.65 -54.00
C LEU C 300 45.21 -52.70 -55.12
N LEU C 301 44.77 -52.36 -56.32
CA LEU C 301 44.94 -53.26 -57.47
C LEU C 301 46.41 -53.34 -57.89
N ARG C 302 47.22 -52.40 -57.42
CA ARG C 302 48.60 -52.32 -57.90
C ARG C 302 49.37 -53.61 -57.62
N ASP C 303 50.04 -54.10 -58.66
CA ASP C 303 50.76 -55.37 -58.63
C ASP C 303 49.89 -56.54 -58.17
N PHE C 304 48.60 -56.51 -58.49
CA PHE C 304 47.68 -57.61 -58.19
C PHE C 304 46.71 -57.81 -59.33
N THR C 305 46.26 -56.72 -59.94
CA THR C 305 45.42 -56.85 -61.11
C THR C 305 46.26 -57.49 -62.22
N GLN C 306 45.66 -58.44 -62.91
CA GLN C 306 46.35 -59.12 -63.99
C GLN C 306 46.11 -58.37 -65.28
N VAL C 307 45.39 -57.29 -65.17
CA VAL C 307 45.24 -56.34 -66.25
C VAL C 307 46.47 -55.48 -66.25
N ASN C 308 47.36 -55.78 -67.19
CA ASN C 308 48.64 -55.13 -67.27
C ASN C 308 48.53 -53.62 -67.38
N TRP C 309 47.74 -53.13 -68.33
CA TRP C 309 47.74 -51.69 -68.61
C TRP C 309 47.22 -50.92 -67.42
N LEU C 310 46.33 -51.55 -66.68
CA LEU C 310 45.75 -50.94 -65.51
C LEU C 310 46.78 -50.80 -64.42
N ASN C 311 47.57 -51.85 -64.25
CA ASN C 311 48.61 -51.87 -63.23
C ASN C 311 49.68 -50.85 -63.58
N ARG C 312 49.86 -50.66 -64.88
CA ARG C 312 50.85 -49.72 -65.39
C ARG C 312 50.38 -48.30 -65.09
N ASP C 313 49.10 -48.02 -65.38
CA ASP C 313 48.54 -46.69 -65.15
C ASP C 313 48.44 -46.33 -63.66
N ILE C 314 48.05 -47.31 -62.86
CA ILE C 314 47.91 -47.11 -61.42
C ILE C 314 49.27 -46.94 -60.77
N THR C 315 50.23 -47.74 -61.22
CA THR C 315 51.59 -47.59 -60.74
C THR C 315 52.12 -46.21 -61.10
N ASN C 316 51.74 -45.70 -62.26
CA ASN C 316 52.18 -44.36 -62.65
C ASN C 316 51.59 -43.31 -61.76
N MET C 317 50.28 -43.38 -61.54
CA MET C 317 49.63 -42.32 -60.76
C MET C 317 50.15 -42.33 -59.34
N LEU C 318 50.46 -43.53 -58.83
CA LEU C 318 50.96 -43.64 -57.47
C LEU C 318 52.45 -43.38 -57.33
N GLN C 319 53.17 -43.38 -58.44
CA GLN C 319 54.58 -42.99 -58.42
C GLN C 319 54.74 -41.49 -58.68
N GLN C 320 53.63 -40.82 -58.94
CA GLN C 320 53.62 -39.35 -58.99
C GLN C 320 53.79 -38.77 -57.59
N ALA C 321 54.42 -37.61 -57.50
CA ALA C 321 54.61 -36.95 -56.21
C ALA C 321 53.27 -36.53 -55.60
N GLY C 322 52.33 -36.17 -56.45
CA GLY C 322 51.11 -35.51 -56.01
C GLY C 322 50.09 -36.44 -55.41
N THR C 323 50.32 -37.75 -55.55
CA THR C 323 49.35 -38.71 -55.05
C THR C 323 49.99 -39.88 -54.29
N LYS C 324 49.51 -40.10 -53.08
CA LYS C 324 50.08 -41.12 -52.21
C LYS C 324 48.98 -41.88 -51.51
N TYR C 325 48.67 -43.07 -52.00
CA TYR C 325 47.75 -43.91 -51.26
C TYR C 325 48.43 -44.43 -50.02
N GLY C 326 47.67 -44.48 -48.95
CA GLY C 326 48.09 -45.06 -47.70
C GLY C 326 46.82 -45.47 -47.01
N LEU C 327 46.85 -46.56 -46.29
CA LEU C 327 45.69 -47.00 -45.55
C LEU C 327 46.08 -47.46 -44.15
N GLY C 328 45.13 -47.42 -43.22
CA GLY C 328 45.43 -47.76 -41.86
C GLY C 328 45.78 -46.57 -41.00
N LEU C 329 46.18 -46.85 -39.76
CA LEU C 329 46.45 -45.85 -38.74
C LEU C 329 47.49 -44.82 -39.16
N THR C 330 47.22 -43.56 -38.83
CA THR C 330 48.09 -42.47 -39.24
C THR C 330 48.23 -41.42 -38.16
N GLU C 331 49.29 -40.61 -38.25
CA GLU C 331 49.56 -39.58 -37.24
C GLU C 331 48.80 -38.26 -37.48
N THR C 332 47.61 -38.18 -36.91
CA THR C 332 46.78 -36.97 -36.92
C THR C 332 47.29 -35.96 -35.90
N ARG C 333 46.97 -34.68 -36.10
CA ARG C 333 47.25 -33.63 -35.11
C ARG C 333 46.50 -33.92 -33.81
N LEU C 334 45.40 -34.67 -33.93
CA LEU C 334 44.57 -35.08 -32.80
C LEU C 334 45.05 -36.33 -32.04
N ASP C 335 46.17 -36.91 -32.44
CA ASP C 335 46.66 -38.08 -31.73
C ASP C 335 46.89 -37.76 -30.24
N TYR C 336 46.59 -38.73 -29.39
CA TYR C 336 46.73 -38.67 -27.93
C TYR C 336 45.73 -37.77 -27.21
N VAL C 337 44.91 -37.03 -27.96
CA VAL C 337 43.85 -36.24 -27.33
C VAL C 337 42.85 -37.21 -26.71
N ARG C 338 42.36 -36.91 -25.53
CA ARG C 338 41.40 -37.80 -24.87
C ARG C 338 39.99 -37.26 -24.83
N LEU C 339 39.04 -38.18 -24.81
CA LEU C 339 37.63 -37.87 -24.65
C LEU C 339 37.02 -39.16 -24.15
N VAL C 340 37.28 -39.47 -22.87
CA VAL C 340 37.13 -40.81 -22.28
C VAL C 340 38.08 -41.86 -22.90
N LYS C 341 38.32 -41.76 -24.21
CA LYS C 341 39.22 -42.66 -24.92
C LYS C 341 40.05 -41.81 -25.88
N THR C 342 41.26 -42.24 -26.23
CA THR C 342 42.05 -41.44 -27.17
C THR C 342 41.47 -41.42 -28.59
N ILE C 343 41.52 -40.24 -29.21
CA ILE C 343 41.24 -40.11 -30.62
C ILE C 343 42.44 -40.62 -31.43
N VAL C 344 42.16 -41.23 -32.58
CA VAL C 344 43.18 -41.72 -33.50
C VAL C 344 42.62 -41.57 -34.90
N GLY C 345 43.45 -41.70 -35.91
CA GLY C 345 42.98 -41.54 -37.27
C GLY C 345 43.35 -42.70 -38.15
N HIS C 346 42.42 -43.15 -38.97
CA HIS C 346 42.75 -44.24 -39.90
C HIS C 346 42.44 -43.76 -41.30
N ALA C 347 43.41 -43.87 -42.21
CA ALA C 347 43.13 -43.63 -43.62
C ALA C 347 42.26 -44.80 -44.01
N LEU C 348 41.09 -44.51 -44.56
CA LEU C 348 40.07 -45.53 -44.79
C LEU C 348 39.57 -45.46 -46.22
N ASN C 349 39.18 -46.60 -46.76
CA ASN C 349 38.57 -46.62 -48.08
C ASN C 349 37.13 -46.13 -48.02
N ILE C 350 36.96 -44.81 -48.10
CA ILE C 350 35.64 -44.20 -47.96
C ILE C 350 35.60 -42.89 -48.77
N ASP C 351 34.41 -42.49 -49.22
CA ASP C 351 34.27 -41.24 -49.97
C ASP C 351 34.60 -40.02 -49.11
N HIS C 352 35.24 -39.02 -49.71
CA HIS C 352 35.74 -37.89 -48.95
C HIS C 352 34.64 -37.06 -48.28
N PHE C 353 33.42 -37.13 -48.82
CA PHE C 353 32.31 -36.38 -48.22
C PHE C 353 31.94 -36.97 -46.87
N ALA C 354 31.76 -38.29 -46.83
CA ALA C 354 31.38 -38.95 -45.60
C ALA C 354 32.47 -38.76 -44.58
N ALA C 355 33.71 -38.85 -45.03
CA ALA C 355 34.84 -38.73 -44.13
C ALA C 355 34.82 -37.33 -43.54
N SER C 356 34.43 -36.36 -44.36
CA SER C 356 34.39 -34.99 -43.89
C SER C 356 33.33 -34.84 -42.82
N VAL C 357 32.17 -35.46 -43.03
CA VAL C 357 31.11 -35.37 -42.05
C VAL C 357 31.46 -36.06 -40.74
N LEU C 358 32.16 -37.20 -40.83
CA LEU C 358 32.59 -37.91 -39.63
C LEU C 358 33.61 -37.11 -38.84
N ASN C 359 34.53 -36.48 -39.56
CA ASN C 359 35.53 -35.63 -38.93
C ASN C 359 34.85 -34.46 -38.26
N ILE C 360 33.82 -33.94 -38.91
CA ILE C 360 33.09 -32.77 -38.41
C ILE C 360 32.36 -33.12 -37.12
N ASN C 361 31.76 -34.30 -37.10
CA ASN C 361 31.04 -34.74 -35.92
C ASN C 361 31.98 -34.95 -34.75
N LEU C 362 33.09 -35.62 -35.01
CA LEU C 362 34.02 -35.93 -33.95
C LEU C 362 34.64 -34.67 -33.38
N ARG C 363 34.97 -33.74 -34.27
CA ARG C 363 35.55 -32.49 -33.84
C ARG C 363 34.52 -31.67 -33.07
N ALA C 364 33.26 -31.83 -33.44
CA ALA C 364 32.19 -31.11 -32.75
C ALA C 364 32.11 -31.61 -31.31
N LEU C 365 32.13 -32.92 -31.14
CA LEU C 365 32.06 -33.50 -29.80
C LEU C 365 33.26 -33.07 -29.01
N MET C 366 34.38 -32.99 -29.70
CA MET C 366 35.66 -32.74 -29.08
C MET C 366 35.67 -31.34 -28.51
N GLU C 367 35.07 -30.40 -29.22
CA GLU C 367 35.11 -29.00 -28.80
C GLU C 367 34.01 -28.60 -27.80
N ALA C 368 33.06 -29.50 -27.57
CA ALA C 368 31.88 -29.16 -26.78
C ALA C 368 32.17 -28.77 -25.33
N ASN C 369 33.16 -29.41 -24.72
CA ASN C 369 33.54 -29.13 -23.34
C ASN C 369 32.37 -29.12 -22.36
N VAL C 370 31.37 -29.96 -22.61
CA VAL C 370 30.32 -30.14 -21.61
C VAL C 370 30.93 -30.81 -20.40
N THR C 371 30.59 -30.29 -19.22
CA THR C 371 31.08 -30.87 -17.99
C THR C 371 29.92 -31.09 -17.03
N ALA C 372 30.22 -31.69 -15.89
CA ALA C 372 29.21 -31.99 -14.90
C ALA C 372 28.62 -30.70 -14.32
N ASP C 373 29.41 -29.63 -14.31
CA ASP C 373 28.92 -28.37 -13.76
C ASP C 373 27.75 -27.88 -14.58
N ASP C 374 27.80 -28.13 -15.90
CA ASP C 374 26.75 -27.68 -16.79
C ASP C 374 25.42 -28.36 -16.42
N ARG C 375 25.47 -29.67 -16.28
CA ARG C 375 24.30 -30.43 -15.90
C ARG C 375 23.83 -30.10 -14.50
N ILE C 376 24.77 -29.85 -13.59
CA ILE C 376 24.41 -29.52 -12.22
C ILE C 376 23.64 -28.21 -12.23
N LYS C 377 24.08 -27.31 -13.09
CA LYS C 377 23.46 -25.99 -13.17
C LYS C 377 22.05 -26.07 -13.75
N ALA C 378 21.90 -26.92 -14.77
CA ALA C 378 20.59 -27.16 -15.38
C ALA C 378 19.68 -27.94 -14.45
N LEU C 379 20.27 -28.58 -13.46
CA LEU C 379 19.49 -29.24 -12.43
C LEU C 379 19.00 -28.25 -11.41
N GLN C 380 19.89 -27.34 -11.00
CA GLN C 380 19.54 -26.35 -10.01
C GLN C 380 18.43 -25.46 -10.55
N ALA C 381 18.46 -25.24 -11.85
CA ALA C 381 17.43 -24.44 -12.49
C ALA C 381 16.08 -25.11 -12.41
N HIS C 382 16.08 -26.43 -12.34
CA HIS C 382 14.82 -27.18 -12.32
C HIS C 382 14.48 -27.74 -10.94
N SER C 383 15.04 -27.13 -9.90
CA SER C 383 14.90 -27.61 -8.54
C SER C 383 14.51 -26.50 -7.59
N MET C 384 13.99 -26.86 -6.41
CA MET C 384 13.60 -25.87 -5.40
C MET C 384 14.78 -24.99 -5.05
N ILE C 385 14.52 -23.73 -4.74
CA ILE C 385 15.51 -22.68 -4.91
C ILE C 385 16.83 -22.88 -4.17
N SER C 386 16.81 -23.51 -3.00
CA SER C 386 18.09 -23.74 -2.32
C SER C 386 18.54 -25.19 -2.25
N THR C 387 18.19 -26.01 -3.25
CA THR C 387 18.70 -27.37 -3.27
C THR C 387 20.18 -27.33 -3.49
N GLN C 388 20.89 -28.16 -2.73
CA GLN C 388 22.30 -28.29 -2.94
C GLN C 388 22.52 -29.56 -3.74
N PHE C 389 23.50 -29.53 -4.64
CA PHE C 389 23.88 -30.70 -5.42
C PHE C 389 25.31 -31.10 -5.10
N HIS C 390 25.59 -32.39 -5.20
CA HIS C 390 26.90 -32.90 -4.84
C HIS C 390 27.28 -34.07 -5.71
N GLY C 391 28.54 -34.45 -5.65
CA GLY C 391 29.00 -35.65 -6.34
C GLY C 391 30.22 -35.44 -7.20
N PRO C 392 30.02 -35.41 -8.52
CA PRO C 392 31.09 -35.44 -9.53
C PRO C 392 31.96 -34.20 -9.46
N ASN C 393 33.25 -34.33 -9.80
CA ASN C 393 34.10 -33.16 -9.97
C ASN C 393 33.47 -32.25 -11.01
N GLN C 394 33.55 -30.95 -10.78
CA GLN C 394 32.84 -29.98 -11.63
C GLN C 394 33.24 -30.11 -13.09
N GLY C 395 34.50 -30.47 -13.32
CA GLY C 395 35.04 -30.50 -14.65
C GLY C 395 34.94 -31.83 -15.38
N ALA C 396 34.30 -32.82 -14.77
CA ALA C 396 34.27 -34.15 -15.38
C ALA C 396 33.57 -34.05 -16.73
N LEU C 397 34.19 -34.61 -17.76
CA LEU C 397 33.62 -34.49 -19.10
C LEU C 397 32.35 -35.30 -19.26
N ARG C 398 31.36 -34.70 -19.91
CA ARG C 398 30.22 -35.44 -20.39
C ARG C 398 30.35 -35.47 -21.90
N PRO C 399 30.52 -36.67 -22.45
CA PRO C 399 30.67 -36.83 -23.90
C PRO C 399 29.36 -36.59 -24.65
N GLU C 400 28.81 -35.39 -24.50
CA GLU C 400 27.63 -35.00 -25.26
C GLU C 400 27.85 -33.60 -25.83
N LEU C 401 27.06 -33.23 -26.82
CA LEU C 401 27.16 -31.91 -27.41
C LEU C 401 26.65 -30.84 -26.45
N ALA C 402 27.23 -29.64 -26.54
CA ALA C 402 26.81 -28.54 -25.68
C ALA C 402 25.40 -28.12 -26.00
N PHE C 403 24.69 -27.68 -24.98
CA PHE C 403 23.39 -27.07 -25.16
C PHE C 403 23.61 -25.81 -26.01
N ASP C 404 23.02 -25.77 -27.21
CA ASP C 404 23.23 -24.62 -28.09
C ASP C 404 22.20 -23.57 -27.77
N HIS C 405 22.55 -22.66 -26.86
CA HIS C 405 21.61 -21.69 -26.34
C HIS C 405 20.99 -20.87 -27.47
N ASP C 406 21.85 -20.36 -28.33
CA ASP C 406 21.44 -19.43 -29.38
C ASP C 406 20.48 -20.10 -30.38
N HIS C 407 20.87 -21.27 -30.83
CA HIS C 407 20.07 -22.00 -31.80
C HIS C 407 18.72 -22.37 -31.21
N ILE C 408 18.71 -22.70 -29.91
CA ILE C 408 17.51 -23.14 -29.26
C ILE C 408 16.55 -21.97 -29.17
N ILE C 409 17.06 -20.80 -28.79
CA ILE C 409 16.14 -19.65 -28.73
C ILE C 409 15.60 -19.28 -30.12
N ARG C 410 16.43 -19.42 -31.14
CA ARG C 410 15.95 -19.15 -32.49
C ARG C 410 14.82 -20.08 -32.88
N CYS C 411 15.05 -21.38 -32.71
CA CYS C 411 14.07 -22.39 -33.09
C CYS C 411 12.81 -22.31 -32.23
N LEU C 412 12.99 -21.85 -30.99
CA LEU C 412 11.86 -21.59 -30.12
C LEU C 412 11.02 -20.46 -30.68
N MET C 413 11.70 -19.48 -31.27
CA MET C 413 11.00 -18.32 -31.81
C MET C 413 10.26 -18.64 -33.09
N LEU C 414 10.88 -19.45 -33.92
CA LEU C 414 10.24 -19.93 -35.12
C LEU C 414 9.03 -20.80 -34.78
N ALA C 415 9.20 -21.68 -33.79
CA ALA C 415 8.11 -22.55 -33.39
C ALA C 415 6.99 -21.71 -32.81
N ALA C 416 7.35 -20.64 -32.13
CA ALA C 416 6.37 -19.75 -31.55
C ALA C 416 5.60 -19.06 -32.66
N ALA C 417 6.29 -18.78 -33.77
CA ALA C 417 5.65 -18.18 -34.95
C ALA C 417 4.71 -19.13 -35.67
N ASN C 418 5.06 -20.41 -35.69
CA ASN C 418 4.39 -21.35 -36.58
C ASN C 418 3.63 -22.52 -35.94
N TYR C 419 3.86 -22.78 -34.66
CA TYR C 419 3.28 -23.95 -34.02
C TYR C 419 2.39 -23.51 -32.88
N PRO C 420 1.07 -23.52 -33.12
CA PRO C 420 0.08 -23.09 -32.13
C PRO C 420 0.16 -23.93 -30.85
N ARG C 421 0.55 -25.19 -30.99
CA ARG C 421 0.56 -26.09 -29.85
C ARG C 421 1.67 -25.82 -28.84
N LEU C 422 2.69 -25.05 -29.26
CA LEU C 422 3.85 -24.77 -28.41
C LEU C 422 3.45 -24.24 -27.05
N GLU C 423 2.56 -23.25 -27.03
CA GLU C 423 2.10 -22.65 -25.80
C GLU C 423 1.64 -23.74 -24.86
N GLY C 424 0.72 -24.58 -25.34
CA GLY C 424 0.14 -25.59 -24.47
C GLY C 424 1.17 -26.58 -23.96
N ILE C 425 2.12 -26.92 -24.84
CA ILE C 425 3.16 -27.87 -24.48
C ILE C 425 3.88 -27.36 -23.27
N ILE C 426 4.31 -26.10 -23.35
CA ILE C 426 5.13 -25.55 -22.29
C ILE C 426 4.30 -25.50 -21.00
N VAL C 427 3.03 -25.16 -21.17
CA VAL C 427 2.17 -24.99 -20.02
C VAL C 427 2.06 -26.32 -19.33
N GLN C 428 1.97 -27.38 -20.13
CA GLN C 428 1.69 -28.68 -19.57
C GLN C 428 2.86 -29.06 -18.69
N ILE C 429 4.06 -28.70 -19.14
CA ILE C 429 5.26 -29.04 -18.39
C ILE C 429 5.15 -28.35 -17.05
N ASN C 430 4.83 -27.06 -17.10
CA ASN C 430 4.76 -26.27 -15.89
C ASN C 430 3.64 -26.77 -14.99
N THR C 431 2.55 -27.21 -15.60
CA THR C 431 1.40 -27.63 -14.81
C THR C 431 1.86 -28.82 -14.00
N GLY C 432 2.66 -29.67 -14.64
CA GLY C 432 3.05 -30.93 -14.05
C GLY C 432 3.87 -30.60 -12.83
N TYR C 433 4.68 -29.55 -12.93
CA TYR C 433 5.54 -29.20 -11.83
C TYR C 433 4.70 -28.83 -10.63
N VAL C 434 3.69 -28.00 -10.87
CA VAL C 434 2.83 -27.58 -9.80
C VAL C 434 2.15 -28.82 -9.24
N ALA C 435 1.75 -29.72 -10.12
CA ALA C 435 1.00 -30.89 -9.71
C ALA C 435 1.92 -31.73 -8.85
N SER C 436 3.21 -31.70 -9.16
CA SER C 436 4.15 -32.53 -8.43
C SER C 436 4.67 -31.83 -7.19
N ALA C 437 4.45 -30.53 -7.09
CA ALA C 437 4.95 -29.81 -5.91
C ALA C 437 3.97 -29.97 -4.77
N ASN C 438 2.78 -30.47 -5.11
CA ASN C 438 1.73 -30.73 -4.14
C ASN C 438 1.42 -29.49 -3.30
N VAL C 439 1.49 -28.31 -3.92
CA VAL C 439 1.31 -27.04 -3.19
C VAL C 439 -0.14 -26.74 -2.88
N ILE C 440 -1.05 -27.41 -3.58
CA ILE C 440 -2.45 -27.07 -3.42
C ILE C 440 -3.36 -28.16 -3.97
N ARG C 441 -4.35 -28.53 -3.16
CA ARG C 441 -5.36 -29.49 -3.57
C ARG C 441 -6.70 -28.90 -3.26
N PRO C 442 -7.71 -29.22 -4.08
CA PRO C 442 -9.10 -28.92 -3.68
C PRO C 442 -9.53 -29.71 -2.44
N VAL C 443 -10.38 -29.11 -1.61
CA VAL C 443 -11.03 -29.79 -0.51
C VAL C 443 -12.51 -30.01 -0.86
N SER C 444 -13.20 -30.90 -0.14
CA SER C 444 -14.62 -31.16 -0.40
C SER C 444 -15.57 -30.02 0.00
N GLU C 445 -15.43 -29.51 1.22
CA GLU C 445 -16.29 -28.44 1.70
C GLU C 445 -15.90 -27.05 1.18
N LYS C 446 -16.89 -26.18 1.01
CA LYS C 446 -16.65 -24.81 0.59
C LYS C 446 -16.76 -23.87 1.79
N ARG C 447 -15.79 -22.99 1.96
CA ARG C 447 -15.83 -21.98 3.02
C ARG C 447 -16.14 -20.61 2.43
N TYR C 448 -17.28 -20.53 1.74
CA TYR C 448 -17.67 -19.36 0.97
C TYR C 448 -18.26 -18.25 1.83
N PHE C 449 -19.06 -18.61 2.82
CA PHE C 449 -19.77 -17.65 3.63
C PHE C 449 -19.48 -17.87 5.09
N PRO C 450 -19.53 -16.79 5.88
CA PRO C 450 -19.48 -16.88 7.34
C PRO C 450 -20.70 -17.64 7.81
N GLU C 451 -20.58 -18.36 8.92
CA GLU C 451 -21.67 -19.17 9.43
C GLU C 451 -22.91 -18.31 9.66
N ASN C 452 -24.08 -18.87 9.37
CA ASN C 452 -25.38 -18.20 9.42
C ASN C 452 -25.72 -17.37 8.18
N LEU C 453 -24.74 -16.69 7.61
CA LEU C 453 -24.99 -15.79 6.48
C LEU C 453 -25.53 -16.49 5.23
N GLU C 454 -25.19 -17.75 5.02
CA GLU C 454 -25.72 -18.45 3.85
C GLU C 454 -27.24 -18.63 3.97
N GLN C 455 -27.70 -18.97 5.16
CA GLN C 455 -29.12 -19.25 5.36
C GLN C 455 -29.95 -18.02 5.72
N ASN C 456 -29.26 -16.92 5.98
CA ASN C 456 -29.94 -15.66 6.31
C ASN C 456 -30.74 -15.12 5.12
N GLN C 457 -31.97 -14.72 5.40
CA GLN C 457 -32.93 -14.32 4.34
C GLN C 457 -32.58 -13.01 3.61
N SER C 458 -31.94 -12.08 4.31
CA SER C 458 -31.54 -10.82 3.70
C SER C 458 -30.17 -10.90 3.02
N ALA C 459 -29.49 -12.03 3.20
CA ALA C 459 -28.21 -12.24 2.56
C ALA C 459 -28.39 -12.78 1.16
N ALA C 460 -29.65 -13.05 0.81
CA ALA C 460 -29.96 -13.88 -0.33
C ALA C 460 -29.40 -13.36 -1.64
N ARG C 461 -29.31 -12.04 -1.77
CA ARG C 461 -28.78 -11.48 -3.00
C ARG C 461 -27.26 -11.65 -3.02
N LEU C 462 -26.61 -11.28 -1.91
CA LEU C 462 -25.15 -11.36 -1.86
C LEU C 462 -24.70 -12.80 -2.02
N VAL C 463 -25.43 -13.70 -1.40
CA VAL C 463 -25.15 -15.13 -1.55
C VAL C 463 -25.24 -15.51 -3.01
N SER C 464 -26.35 -15.11 -3.65
CA SER C 464 -26.57 -15.47 -5.05
C SER C 464 -25.54 -14.78 -5.90
N ALA C 465 -24.95 -13.70 -5.38
CA ALA C 465 -23.88 -13.01 -6.09
C ALA C 465 -22.62 -13.84 -5.99
N VAL C 466 -22.31 -14.26 -4.77
CA VAL C 466 -21.06 -14.98 -4.55
C VAL C 466 -21.12 -16.31 -5.27
N LYS C 467 -22.27 -16.96 -5.16
CA LYS C 467 -22.47 -18.22 -5.84
C LYS C 467 -22.37 -18.07 -7.35
N ALA C 468 -22.69 -16.88 -7.85
CA ALA C 468 -22.57 -16.63 -9.28
C ALA C 468 -21.12 -16.61 -9.71
N ARG C 469 -20.24 -16.16 -8.83
CA ARG C 469 -18.82 -16.07 -9.18
C ARG C 469 -18.05 -17.31 -8.77
N ALA C 470 -18.39 -17.84 -7.59
CA ALA C 470 -17.59 -18.90 -6.97
C ALA C 470 -17.75 -20.24 -7.67
N SER C 471 -16.83 -20.53 -8.58
CA SER C 471 -16.81 -21.80 -9.31
C SER C 471 -16.22 -22.95 -8.51
N GLU C 472 -16.70 -24.16 -8.78
CA GLU C 472 -16.18 -25.36 -8.12
C GLU C 472 -14.73 -25.65 -8.51
N ALA C 473 -13.94 -26.13 -7.55
CA ALA C 473 -12.52 -26.39 -7.75
C ALA C 473 -12.22 -27.58 -8.65
N ASP C 474 -11.15 -27.46 -9.44
CA ASP C 474 -10.58 -28.58 -10.18
C ASP C 474 -9.07 -28.45 -10.11
N ILE C 475 -8.37 -29.55 -9.89
CA ILE C 475 -6.93 -29.48 -9.78
C ILE C 475 -6.34 -28.98 -11.08
N SER C 476 -6.96 -29.35 -12.19
CA SER C 476 -6.42 -29.02 -13.49
C SER C 476 -6.50 -27.53 -13.76
N SER C 477 -7.66 -26.94 -13.53
CA SER C 477 -7.85 -25.51 -13.81
C SER C 477 -7.03 -24.65 -12.87
N ILE C 478 -6.85 -25.13 -11.64
CA ILE C 478 -6.08 -24.40 -10.65
C ILE C 478 -4.60 -24.43 -10.98
N HIS C 479 -4.10 -25.62 -11.30
CA HIS C 479 -2.71 -25.78 -11.66
C HIS C 479 -2.43 -25.02 -12.93
N LEU C 480 -3.43 -24.92 -13.79
CA LEU C 480 -3.22 -24.18 -15.04
C LEU C 480 -3.09 -22.73 -14.69
N ALA C 481 -3.93 -22.28 -13.76
CA ALA C 481 -3.98 -20.87 -13.41
C ALA C 481 -2.65 -20.48 -12.81
N ILE C 482 -2.06 -21.42 -12.09
CA ILE C 482 -0.78 -21.21 -11.44
C ILE C 482 0.35 -21.24 -12.47
N ALA C 483 0.29 -22.22 -13.35
CA ALA C 483 1.33 -22.43 -14.34
C ALA C 483 1.44 -21.28 -15.33
N ARG C 484 0.32 -20.63 -15.65
CA ARG C 484 0.36 -19.69 -16.77
C ARG C 484 0.94 -18.35 -16.34
N GLU C 485 1.14 -18.20 -15.05
CA GLU C 485 1.84 -17.05 -14.51
C GLU C 485 3.30 -17.11 -15.01
N VAL C 486 3.83 -18.33 -15.16
CA VAL C 486 5.21 -18.50 -15.61
C VAL C 486 5.36 -18.83 -17.10
N SER C 487 4.37 -19.47 -17.69
CA SER C 487 4.45 -19.92 -19.08
C SER C 487 4.42 -18.73 -20.04
N PRO C 488 5.18 -18.83 -21.14
CA PRO C 488 5.10 -17.81 -22.20
C PRO C 488 3.70 -17.75 -22.81
N MET C 489 3.28 -16.53 -23.19
CA MET C 489 2.00 -16.34 -23.88
C MET C 489 2.25 -16.03 -25.35
N PHE C 490 1.46 -16.60 -26.24
CA PHE C 490 1.66 -16.38 -27.68
C PHE C 490 0.44 -15.79 -28.38
N ASN C 491 -0.63 -16.56 -28.49
CA ASN C 491 -1.92 -15.93 -28.72
C ASN C 491 -2.29 -15.04 -27.52
N VAL C 492 -2.51 -13.76 -27.76
CA VAL C 492 -2.81 -12.83 -26.67
C VAL C 492 -4.05 -13.27 -25.92
N HIS C 493 -3.96 -13.25 -24.59
CA HIS C 493 -5.01 -13.69 -23.70
C HIS C 493 -6.19 -12.73 -23.69
N GLU C 494 -7.37 -13.26 -23.34
CA GLU C 494 -8.57 -12.45 -23.17
C GLU C 494 -9.23 -12.81 -21.85
N LEU C 495 -9.87 -11.84 -21.20
CA LEU C 495 -10.72 -12.12 -20.04
C LEU C 495 -12.00 -12.85 -20.47
N LYS C 496 -12.55 -13.69 -19.60
CA LYS C 496 -13.85 -14.28 -19.84
C LYS C 496 -14.86 -13.26 -19.41
N LYS C 497 -15.43 -12.54 -20.38
CA LYS C 497 -16.13 -11.30 -20.09
C LYS C 497 -17.29 -11.49 -19.12
N ILE C 498 -17.44 -10.53 -18.22
CA ILE C 498 -18.49 -10.58 -17.22
C ILE C 498 -19.49 -9.48 -17.51
N ALA C 499 -20.78 -9.82 -17.47
CA ALA C 499 -21.82 -8.81 -17.57
C ALA C 499 -22.26 -8.40 -16.19
N GLU C 500 -21.70 -7.30 -15.69
CA GLU C 500 -22.11 -6.79 -14.38
C GLU C 500 -22.53 -5.34 -14.44
N SER C 501 -23.80 -5.10 -14.15
CA SER C 501 -24.36 -3.75 -14.08
C SER C 501 -23.80 -2.97 -12.91
N PHE C 502 -23.41 -3.69 -11.85
CA PHE C 502 -23.05 -3.12 -10.54
C PHE C 502 -24.15 -2.25 -9.91
N GLU C 503 -25.37 -2.75 -9.87
CA GLU C 503 -26.42 -2.03 -9.15
C GLU C 503 -26.35 -2.32 -7.64
N ASP C 504 -26.53 -3.59 -7.26
CA ASP C 504 -26.51 -3.91 -5.83
C ASP C 504 -25.10 -3.83 -5.28
N PRO C 505 -24.96 -3.61 -3.97
CA PRO C 505 -23.65 -3.58 -3.31
C PRO C 505 -22.88 -4.87 -3.54
N SER C 506 -23.59 -5.98 -3.62
CA SER C 506 -22.95 -7.28 -3.69
C SER C 506 -22.07 -7.40 -4.91
N SER C 507 -22.32 -6.53 -5.90
CA SER C 507 -21.56 -6.54 -7.15
C SER C 507 -20.07 -6.32 -6.89
N ILE C 508 -19.74 -5.83 -5.69
CA ILE C 508 -18.36 -5.59 -5.31
C ILE C 508 -17.56 -6.90 -5.39
N VAL C 509 -18.28 -8.04 -5.36
CA VAL C 509 -17.65 -9.35 -5.50
C VAL C 509 -16.76 -9.33 -6.73
N VAL C 510 -17.31 -8.87 -7.84
CA VAL C 510 -16.55 -8.87 -9.09
C VAL C 510 -15.30 -8.01 -8.95
N VAL C 511 -15.42 -6.89 -8.26
CA VAL C 511 -14.25 -6.04 -8.03
C VAL C 511 -13.17 -6.81 -7.26
N LEU C 512 -13.57 -7.48 -6.17
CA LEU C 512 -12.64 -8.28 -5.40
C LEU C 512 -12.11 -9.42 -6.26
N GLU C 513 -12.97 -9.92 -7.13
CA GLU C 513 -12.63 -11.06 -7.96
C GLU C 513 -11.46 -10.64 -8.82
N PHE C 514 -11.36 -9.35 -9.13
CA PHE C 514 -10.23 -8.85 -9.91
C PHE C 514 -9.05 -8.55 -9.02
N ILE C 515 -9.31 -8.01 -7.85
CA ILE C 515 -8.24 -7.60 -6.95
C ILE C 515 -7.46 -8.82 -6.53
N LEU C 516 -8.18 -9.87 -6.16
CA LEU C 516 -7.55 -11.14 -5.80
C LEU C 516 -6.78 -11.66 -6.99
N PHE C 517 -7.35 -11.49 -8.18
CA PHE C 517 -6.70 -11.99 -9.36
C PHE C 517 -5.38 -11.27 -9.57
N ALA C 518 -5.35 -10.00 -9.19
CA ALA C 518 -4.15 -9.18 -9.37
C ALA C 518 -3.10 -9.51 -8.34
N LEU C 519 -3.51 -10.19 -7.28
CA LEU C 519 -2.60 -10.50 -6.17
C LEU C 519 -2.01 -11.88 -6.37
N PHE C 520 -2.89 -12.85 -6.57
CA PHE C 520 -2.47 -14.21 -6.83
C PHE C 520 -1.76 -14.34 -8.16
N PHE C 521 -2.22 -13.60 -9.16
CA PHE C 521 -1.66 -13.71 -10.50
C PHE C 521 -1.35 -12.36 -11.15
N PRO C 522 -0.34 -11.64 -10.65
CA PRO C 522 -0.04 -10.31 -11.21
C PRO C 522 0.23 -10.32 -12.71
N THR C 523 0.88 -11.36 -13.20
CA THR C 523 1.28 -11.43 -14.60
C THR C 523 0.09 -11.51 -15.54
N GLU C 524 -0.74 -12.51 -15.29
CA GLU C 524 -1.87 -12.80 -16.16
C GLU C 524 -2.83 -11.64 -16.09
N PHE C 525 -2.84 -11.02 -14.92
CA PHE C 525 -3.67 -9.86 -14.69
C PHE C 525 -3.16 -8.81 -15.63
N ASN C 526 -1.84 -8.72 -15.74
CA ASN C 526 -1.27 -7.69 -16.58
C ASN C 526 -1.60 -7.89 -18.03
N ARG C 527 -1.79 -9.14 -18.44
CA ARG C 527 -2.21 -9.35 -19.83
C ARG C 527 -3.67 -8.95 -20.05
N ILE C 528 -4.55 -9.36 -19.15
CA ILE C 528 -5.99 -9.13 -19.37
C ILE C 528 -6.55 -7.84 -18.76
N LYS C 529 -5.65 -6.98 -18.29
CA LYS C 529 -6.08 -5.87 -17.46
C LYS C 529 -6.94 -4.83 -18.16
N GLY C 530 -6.77 -4.66 -19.46
CA GLY C 530 -7.60 -3.67 -20.14
C GLY C 530 -9.03 -4.17 -20.20
N ASP C 531 -9.14 -5.48 -20.41
CA ASP C 531 -10.43 -6.14 -20.46
C ASP C 531 -11.07 -6.08 -19.08
N ILE C 532 -10.23 -6.05 -18.05
CA ILE C 532 -10.72 -5.78 -16.69
C ILE C 532 -11.22 -4.33 -16.54
N GLN C 533 -10.50 -3.41 -17.18
CA GLN C 533 -10.81 -1.98 -17.07
C GLN C 533 -12.16 -1.67 -17.68
N ASN C 534 -12.53 -2.41 -18.72
CA ASN C 534 -13.87 -2.23 -19.28
C ASN C 534 -14.97 -2.51 -18.26
N VAL C 535 -14.71 -3.40 -17.33
CA VAL C 535 -15.68 -3.77 -16.29
C VAL C 535 -15.63 -2.80 -15.11
N LEU C 536 -14.41 -2.49 -14.68
CA LEU C 536 -14.21 -1.56 -13.59
C LEU C 536 -14.77 -0.17 -13.92
N LEU C 537 -14.74 0.22 -15.20
CA LEU C 537 -15.30 1.51 -15.60
C LEU C 537 -16.82 1.58 -15.39
N LEU C 538 -17.50 0.47 -15.58
CA LEU C 538 -18.92 0.41 -15.28
C LEU C 538 -19.10 0.54 -13.78
N PHE C 539 -18.24 -0.14 -13.04
CA PHE C 539 -18.32 -0.07 -11.58
C PHE C 539 -18.09 1.35 -11.06
N PHE C 540 -17.22 2.09 -11.74
CA PHE C 540 -16.89 3.43 -11.28
C PHE C 540 -17.97 4.39 -11.67
N SER C 541 -18.46 4.26 -12.89
CA SER C 541 -19.46 5.20 -13.39
C SER C 541 -20.72 5.06 -12.56
N ARG C 542 -21.01 3.83 -12.14
CA ARG C 542 -22.17 3.57 -11.32
C ARG C 542 -21.93 3.92 -9.83
N TRP C 543 -20.74 3.64 -9.30
CA TRP C 543 -20.46 3.92 -7.87
C TRP C 543 -19.82 5.26 -7.58
N TYR C 544 -18.95 5.75 -8.48
CA TYR C 544 -18.29 7.04 -8.26
C TYR C 544 -18.41 7.88 -9.52
N PRO C 545 -19.63 8.34 -9.82
CA PRO C 545 -19.90 8.95 -11.11
C PRO C 545 -19.04 10.17 -11.40
N VAL C 546 -18.74 10.95 -10.37
CA VAL C 546 -18.08 12.23 -10.56
C VAL C 546 -16.57 12.07 -10.73
N GLU C 547 -15.97 11.23 -9.90
CA GLU C 547 -14.57 10.88 -10.07
C GLU C 547 -14.41 10.21 -11.42
N TYR C 548 -15.42 9.44 -11.82
CA TYR C 548 -15.38 8.73 -13.09
C TYR C 548 -15.39 9.69 -14.27
N GLY C 549 -16.24 10.70 -14.21
CA GLY C 549 -16.30 11.69 -15.28
C GLY C 549 -14.99 12.43 -15.37
N ILE C 550 -14.37 12.70 -14.23
CA ILE C 550 -13.07 13.38 -14.25
C ILE C 550 -11.98 12.53 -14.91
N PHE C 551 -11.93 11.27 -14.48
CA PHE C 551 -10.92 10.33 -14.93
C PHE C 551 -11.05 10.12 -16.42
N VAL C 552 -12.27 9.82 -16.85
CA VAL C 552 -12.56 9.55 -18.26
C VAL C 552 -12.39 10.80 -19.12
N GLN C 553 -12.60 11.98 -18.53
CA GLN C 553 -12.28 13.20 -19.24
C GLN C 553 -10.80 13.28 -19.48
N ARG C 554 -9.98 12.76 -18.56
CA ARG C 554 -8.54 12.71 -18.81
C ARG C 554 -8.16 11.76 -19.96
N GLY C 555 -8.96 10.72 -20.15
CA GLY C 555 -8.69 9.72 -21.17
C GLY C 555 -8.79 8.33 -20.59
N ALA C 556 -9.44 7.43 -21.33
CA ALA C 556 -9.57 6.04 -20.90
C ALA C 556 -8.28 5.25 -21.07
N THR C 557 -7.35 5.77 -21.88
CA THR C 557 -6.04 5.13 -22.09
C THR C 557 -4.90 6.16 -22.19
N TYR C 558 -3.67 5.67 -22.26
CA TYR C 558 -2.51 6.55 -22.50
C TYR C 558 -1.37 5.86 -23.20
N THR C 559 -0.49 6.65 -23.80
CA THR C 559 0.75 6.12 -24.34
C THR C 559 1.93 6.77 -23.61
N ILE C 560 3.03 6.03 -23.53
CA ILE C 560 4.24 6.58 -22.97
C ILE C 560 5.13 7.13 -24.08
N ASN C 561 5.58 8.36 -23.93
CA ASN C 561 6.50 8.98 -24.89
C ASN C 561 7.94 8.62 -24.57
N ALA C 562 8.86 8.99 -25.47
CA ALA C 562 10.27 8.61 -25.32
C ALA C 562 10.93 9.15 -24.05
N ALA C 563 10.43 10.28 -23.55
CA ALA C 563 10.97 10.86 -22.32
C ALA C 563 10.44 10.11 -21.09
N GLY C 564 9.46 9.25 -21.30
CA GLY C 564 8.88 8.45 -20.23
C GLY C 564 7.61 9.01 -19.62
N GLU C 565 7.23 10.23 -19.99
CA GLU C 565 5.99 10.85 -19.50
C GLU C 565 4.74 10.15 -20.04
N PHE C 566 3.68 10.11 -19.22
CA PHE C 566 2.42 9.56 -19.69
C PHE C 566 1.65 10.57 -20.53
N GLU C 567 0.85 10.07 -21.46
CA GLU C 567 0.13 10.91 -22.40
C GLU C 567 -1.26 10.32 -22.60
N PHE C 568 -2.23 10.85 -21.87
CA PHE C 568 -3.58 10.30 -21.91
C PHE C 568 -4.35 10.75 -23.14
N SER C 569 -5.26 9.89 -23.60
CA SER C 569 -5.96 10.13 -24.87
C SER C 569 -6.90 11.32 -24.85
N GLY C 570 -7.51 11.58 -23.70
CA GLY C 570 -8.54 12.61 -23.60
C GLY C 570 -9.89 12.08 -24.05
N ARG C 571 -9.93 10.82 -24.46
CA ARG C 571 -11.15 10.26 -25.03
C ARG C 571 -11.56 8.98 -24.33
N ASN C 572 -12.87 8.82 -24.20
CA ASN C 572 -13.43 7.59 -23.69
C ASN C 572 -13.58 6.62 -24.85
N GLU C 573 -12.86 5.51 -24.80
CA GLU C 573 -13.00 4.47 -25.81
C GLU C 573 -12.86 3.10 -25.16
N LYS C 574 -13.72 2.17 -25.57
CA LYS C 574 -13.67 0.82 -25.02
C LYS C 574 -12.39 0.11 -25.43
N TRP C 575 -11.78 -0.57 -24.49
CA TRP C 575 -10.55 -1.30 -24.71
C TRP C 575 -10.83 -2.54 -25.53
N ASP C 576 -9.83 -2.97 -26.30
CA ASP C 576 -9.87 -4.29 -26.93
C ASP C 576 -8.49 -4.85 -26.74
N GLN C 577 -8.36 -6.17 -26.72
CA GLN C 577 -7.04 -6.75 -26.50
C GLN C 577 -6.17 -6.54 -27.74
N ALA C 578 -6.81 -6.12 -28.83
CA ALA C 578 -6.09 -5.78 -30.05
C ALA C 578 -5.06 -4.71 -29.70
N LEU C 579 -5.39 -3.91 -28.69
CA LEU C 579 -4.53 -2.82 -28.24
C LEU C 579 -3.35 -3.25 -27.36
N TYR C 580 -3.39 -4.46 -26.83
CA TYR C 580 -2.39 -4.90 -25.85
C TYR C 580 -1.01 -4.87 -26.48
N LEU C 581 -0.96 -5.18 -27.77
CA LEU C 581 0.27 -5.19 -28.51
C LEU C 581 0.61 -3.82 -29.09
N SER C 582 -0.32 -2.88 -28.95
CA SER C 582 -0.07 -1.52 -29.43
C SER C 582 0.62 -0.67 -28.36
N GLU C 583 0.81 0.61 -28.65
CA GLU C 583 1.48 1.52 -27.72
C GLU C 583 0.61 1.88 -26.51
N HIS C 584 -0.70 1.68 -26.62
CA HIS C 584 -1.66 2.11 -25.60
C HIS C 584 -1.71 1.26 -24.32
N PHE C 585 -2.02 1.90 -23.19
CA PHE C 585 -2.18 1.21 -21.90
C PHE C 585 -3.49 1.64 -21.32
N PRO C 586 -4.16 0.74 -20.58
CA PRO C 586 -5.41 1.13 -19.92
C PRO C 586 -5.06 2.23 -18.94
N ALA C 587 -5.90 3.25 -18.80
CA ALA C 587 -5.52 4.38 -17.98
C ALA C 587 -5.79 4.13 -16.50
N LEU C 588 -6.60 3.12 -16.20
CA LEU C 588 -6.91 2.82 -14.79
C LEU C 588 -5.67 2.37 -14.03
N PHE C 589 -4.70 1.84 -14.76
CA PHE C 589 -3.54 1.25 -14.12
C PHE C 589 -2.28 2.10 -14.21
N SER C 590 -2.45 3.35 -14.64
CA SER C 590 -1.33 4.28 -14.77
C SER C 590 -0.70 4.66 -13.43
N ASP C 591 -1.51 4.64 -12.37
CA ASP C 591 -1.10 5.13 -11.04
C ASP C 591 -0.60 6.57 -11.06
N VAL C 592 -1.06 7.36 -12.02
CA VAL C 592 -0.77 8.78 -12.01
C VAL C 592 -1.94 9.48 -11.36
N PRO C 593 -1.68 10.14 -10.22
CA PRO C 593 -2.75 10.78 -9.44
C PRO C 593 -3.43 11.90 -10.23
N LEU C 594 -4.73 12.06 -10.00
CA LEU C 594 -5.55 13.00 -10.74
C LEU C 594 -6.32 13.82 -9.71
N ALA C 595 -6.50 15.11 -9.99
CA ALA C 595 -6.93 16.05 -8.96
C ALA C 595 -8.30 15.78 -8.37
N GLY C 596 -9.26 15.38 -9.19
CA GLY C 596 -10.60 15.16 -8.68
C GLY C 596 -11.03 13.73 -8.44
N ALA C 597 -10.21 12.76 -8.85
CA ALA C 597 -10.64 11.37 -8.86
C ALA C 597 -9.89 10.50 -7.87
N ASN C 598 -9.68 11.02 -6.67
CA ASN C 598 -8.79 10.35 -5.73
C ASN C 598 -9.25 8.97 -5.31
N THR C 599 -10.56 8.78 -5.14
CA THR C 599 -11.06 7.49 -4.69
C THR C 599 -10.85 6.40 -5.74
N ILE C 600 -10.87 6.81 -7.01
CA ILE C 600 -10.64 5.86 -8.10
C ILE C 600 -9.17 5.44 -8.17
N ILE C 601 -8.28 6.41 -8.00
CA ILE C 601 -6.85 6.10 -8.02
C ILE C 601 -6.53 5.21 -6.83
N ALA C 602 -7.19 5.49 -5.71
CA ALA C 602 -6.94 4.75 -4.48
C ALA C 602 -7.43 3.32 -4.58
N ILE C 603 -8.62 3.13 -5.14
CA ILE C 603 -9.12 1.77 -5.38
C ILE C 603 -8.24 1.06 -6.41
N MET C 604 -7.69 1.82 -7.35
CA MET C 604 -6.80 1.25 -8.34
C MET C 604 -5.45 0.83 -7.77
N ARG C 605 -5.07 1.43 -6.65
CA ARG C 605 -3.84 1.01 -5.99
C ARG C 605 -4.00 -0.34 -5.29
N LEU C 606 -5.24 -0.77 -5.10
CA LEU C 606 -5.50 -2.08 -4.51
C LEU C 606 -5.00 -3.20 -5.41
N PHE C 607 -4.91 -2.91 -6.71
CA PHE C 607 -4.44 -3.89 -7.66
C PHE C 607 -2.92 -4.04 -7.75
N THR C 608 -2.16 -3.15 -7.10
CA THR C 608 -0.69 -3.21 -7.29
C THR C 608 -0.10 -4.49 -6.71
N PRO C 609 0.71 -5.19 -7.51
CA PRO C 609 1.25 -6.50 -7.16
C PRO C 609 2.17 -6.42 -5.94
N GLN C 610 2.18 -7.47 -5.13
CA GLN C 610 2.84 -7.44 -3.84
C GLN C 610 4.17 -8.20 -3.80
N GLY C 611 4.62 -8.69 -4.94
CA GLY C 611 5.84 -9.49 -4.98
C GLY C 611 7.11 -8.72 -5.24
N PHE C 612 7.98 -9.31 -6.06
CA PHE C 612 9.22 -8.65 -6.43
C PHE C 612 9.73 -9.24 -7.72
N LEU C 613 10.60 -8.49 -8.40
CA LEU C 613 11.09 -8.88 -9.72
C LEU C 613 12.41 -9.61 -9.66
N ARG C 614 12.32 -10.94 -9.59
CA ARG C 614 13.48 -11.82 -9.62
C ARG C 614 14.21 -11.78 -10.95
N THR C 615 15.53 -11.84 -10.90
CA THR C 615 16.30 -12.21 -12.09
C THR C 615 16.24 -13.73 -12.22
N ASP C 616 16.33 -14.26 -13.43
CA ASP C 616 16.32 -15.71 -13.61
C ASP C 616 17.74 -16.29 -13.53
N ASP C 617 18.36 -16.14 -12.37
CA ASP C 617 19.80 -16.38 -12.22
C ASP C 617 20.26 -17.80 -12.48
N LEU C 618 19.51 -18.77 -11.99
CA LEU C 618 19.81 -20.18 -12.25
C LEU C 618 19.64 -20.54 -13.72
N ALA C 619 18.66 -19.93 -14.38
CA ALA C 619 18.45 -20.11 -15.82
C ALA C 619 19.56 -19.50 -16.66
N ILE C 620 20.17 -18.43 -16.14
CA ILE C 620 21.27 -17.79 -16.84
C ILE C 620 22.58 -18.53 -16.63
N ALA C 621 22.80 -19.03 -15.41
CA ALA C 621 23.96 -19.86 -15.14
C ALA C 621 23.90 -21.17 -15.92
N ALA C 622 22.68 -21.66 -16.14
CA ALA C 622 22.45 -22.92 -16.84
C ALA C 622 22.53 -22.70 -18.34
N ASN C 623 22.68 -21.44 -18.73
CA ASN C 623 22.69 -21.05 -20.14
C ASN C 623 21.42 -21.51 -20.85
N PHE C 624 20.28 -21.39 -20.18
CA PHE C 624 18.99 -21.74 -20.78
C PHE C 624 18.57 -20.66 -21.74
N PRO C 625 17.82 -21.05 -22.79
CA PRO C 625 17.41 -20.08 -23.81
C PRO C 625 16.53 -19.02 -23.21
N ARG C 626 16.65 -17.79 -23.69
CA ARG C 626 15.88 -16.71 -23.09
C ARG C 626 15.85 -15.49 -24.01
N ALA C 627 14.64 -15.11 -24.44
CA ALA C 627 14.46 -14.01 -25.39
C ALA C 627 14.85 -12.63 -24.87
N SER C 628 14.73 -12.41 -23.57
CA SER C 628 15.05 -11.11 -22.98
C SER C 628 16.55 -10.87 -22.89
N ARG C 629 16.95 -9.61 -23.04
CA ARG C 629 18.35 -9.26 -22.90
C ARG C 629 18.83 -9.57 -21.50
N ASN C 630 18.02 -9.19 -20.51
CA ASN C 630 18.23 -9.62 -19.12
C ASN C 630 17.00 -10.33 -18.59
N PRO C 631 17.06 -11.66 -18.53
CA PRO C 631 15.90 -12.48 -18.16
C PRO C 631 15.43 -12.16 -16.76
N GLN C 632 14.11 -12.17 -16.57
CA GLN C 632 13.49 -11.79 -15.30
C GLN C 632 12.14 -12.43 -15.19
N THR C 633 11.55 -12.27 -14.02
CA THR C 633 10.25 -12.82 -13.74
C THR C 633 9.69 -12.14 -12.49
N TYR C 634 8.39 -11.99 -12.41
CA TYR C 634 7.83 -11.36 -11.24
C TYR C 634 7.25 -12.42 -10.33
N ILE C 635 7.88 -12.64 -9.19
CA ILE C 635 7.29 -13.50 -8.17
C ILE C 635 6.17 -12.71 -7.49
N PRO C 636 4.96 -13.30 -7.43
CA PRO C 636 3.75 -12.64 -6.89
C PRO C 636 3.89 -12.21 -5.45
N TYR C 637 4.64 -12.96 -4.65
CA TYR C 637 4.83 -12.62 -3.24
C TYR C 637 6.09 -13.23 -2.65
N THR C 638 6.80 -12.44 -1.86
CA THR C 638 7.96 -12.92 -1.11
C THR C 638 7.51 -13.68 0.15
N ASN C 639 8.36 -14.59 0.63
CA ASN C 639 8.06 -15.32 1.86
C ASN C 639 8.04 -14.42 3.09
N GLN C 640 7.24 -14.79 4.08
CA GLN C 640 7.09 -14.00 5.30
C GLN C 640 8.39 -13.88 6.07
N ARG C 641 9.00 -12.70 6.06
CA ARG C 641 10.27 -12.48 6.78
C ARG C 641 10.04 -12.15 8.25
N GLY C 642 8.79 -11.89 8.61
CA GLY C 642 8.45 -11.63 10.00
C GLY C 642 8.32 -12.94 10.76
N THR C 643 8.07 -12.86 12.07
CA THR C 643 7.82 -14.08 12.83
C THR C 643 6.32 -14.33 13.08
N VAL C 644 5.51 -13.29 13.07
CA VAL C 644 4.07 -13.44 13.24
C VAL C 644 3.32 -12.74 12.10
N THR C 645 3.73 -11.51 11.80
CA THR C 645 3.11 -10.74 10.74
C THR C 645 3.38 -11.36 9.37
N ASN C 646 2.35 -11.40 8.54
CA ASN C 646 2.49 -11.84 7.15
C ASN C 646 2.02 -10.75 6.21
N GLU C 647 2.94 -10.17 5.45
CA GLU C 647 2.69 -8.95 4.69
C GLU C 647 1.61 -9.08 3.61
N PHE C 648 1.44 -10.29 3.10
CA PHE C 648 0.37 -10.51 2.14
C PHE C 648 -0.97 -10.32 2.82
N ALA C 649 -1.15 -11.02 3.93
CA ALA C 649 -2.42 -11.01 4.64
C ALA C 649 -2.71 -9.61 5.14
N SER C 650 -1.65 -8.90 5.54
CA SER C 650 -1.84 -7.54 5.99
C SER C 650 -2.28 -6.65 4.84
N ARG C 651 -1.73 -6.89 3.66
CA ARG C 651 -2.13 -6.10 2.50
C ARG C 651 -3.60 -6.34 2.19
N PHE C 652 -4.04 -7.59 2.29
CA PHE C 652 -5.44 -7.89 2.05
C PHE C 652 -6.34 -7.34 3.15
N ARG C 653 -5.79 -7.14 4.35
CA ARG C 653 -6.53 -6.45 5.39
C ARG C 653 -6.78 -5.02 4.95
N THR C 654 -5.74 -4.32 4.49
CA THR C 654 -5.99 -2.94 4.06
C THR C 654 -6.92 -2.87 2.83
N ILE C 655 -6.82 -3.86 1.95
CA ILE C 655 -7.64 -3.89 0.76
C ILE C 655 -9.09 -4.02 1.16
N VAL C 656 -9.38 -5.05 1.94
CA VAL C 656 -10.74 -5.37 2.33
C VAL C 656 -11.35 -4.30 3.25
N ALA C 657 -10.51 -3.66 4.07
CA ALA C 657 -10.98 -2.54 4.88
C ALA C 657 -11.37 -1.36 4.00
N THR C 658 -10.57 -1.15 2.95
CA THR C 658 -10.88 -0.10 1.98
C THR C 658 -12.20 -0.41 1.31
N LEU C 659 -12.34 -1.66 0.89
CA LEU C 659 -13.53 -2.09 0.19
C LEU C 659 -14.78 -2.03 1.04
N ALA C 660 -14.62 -2.27 2.34
CA ALA C 660 -15.77 -2.28 3.24
C ALA C 660 -16.20 -0.86 3.52
N ASN C 661 -15.24 0.05 3.67
CA ASN C 661 -15.62 1.43 3.83
C ASN C 661 -16.16 1.97 2.50
N VAL C 662 -15.85 1.27 1.41
CA VAL C 662 -16.40 1.62 0.10
C VAL C 662 -17.87 1.24 0.05
N VAL C 663 -18.18 0.02 0.45
CA VAL C 663 -19.56 -0.45 0.43
C VAL C 663 -20.39 0.37 1.41
N ASN C 664 -19.75 0.77 2.50
CA ASN C 664 -20.45 1.49 3.56
C ASN C 664 -20.91 2.87 3.08
N GLU C 665 -20.11 3.45 2.20
CA GLU C 665 -20.36 4.80 1.70
C GLU C 665 -21.36 4.78 0.54
N ARG C 666 -21.68 3.57 0.07
CA ARG C 666 -22.50 3.39 -1.12
C ARG C 666 -23.97 3.63 -0.84
N ALA C 667 -24.55 4.61 -1.53
CA ALA C 667 -25.97 4.90 -1.40
C ALA C 667 -26.83 3.85 -2.10
N VAL C 668 -27.97 3.52 -1.50
CA VAL C 668 -28.86 2.54 -2.08
C VAL C 668 -30.29 3.06 -2.06
N GLN C 669 -31.13 2.55 -2.94
CA GLN C 669 -32.52 2.99 -3.00
C GLN C 669 -33.45 1.98 -2.34
N ASP C 670 -33.46 0.75 -2.85
CA ASP C 670 -34.30 -0.30 -2.31
C ASP C 670 -33.88 -0.73 -0.90
N ASP C 671 -34.83 -1.20 -0.09
CA ASP C 671 -34.51 -1.73 1.24
C ASP C 671 -33.58 -2.94 1.17
N MET C 672 -33.86 -3.80 0.19
CA MET C 672 -33.12 -5.03 0.02
C MET C 672 -31.66 -4.74 -0.27
N GLN C 673 -31.41 -3.69 -1.02
CA GLN C 673 -30.05 -3.27 -1.28
C GLN C 673 -29.38 -2.83 0.00
N LYS C 674 -30.15 -2.20 0.87
CA LYS C 674 -29.58 -1.71 2.12
C LYS C 674 -29.12 -2.93 2.95
N ALA C 675 -29.96 -3.96 2.96
CA ALA C 675 -29.61 -5.21 3.66
C ALA C 675 -28.36 -5.87 3.07
N THR C 676 -28.30 -5.99 1.73
CA THR C 676 -27.16 -6.67 1.12
C THR C 676 -25.89 -5.88 1.34
N ARG C 677 -26.04 -4.57 1.41
CA ARG C 677 -24.91 -3.71 1.69
C ARG C 677 -24.38 -4.02 3.08
N SER C 678 -25.27 -4.19 4.05
CA SER C 678 -24.75 -4.54 5.37
C SER C 678 -24.16 -5.96 5.38
N CYS C 679 -24.67 -6.85 4.53
CA CYS C 679 -24.19 -8.24 4.58
C CYS C 679 -22.83 -8.43 3.94
N THR C 680 -22.58 -7.67 2.87
CA THR C 680 -21.32 -7.82 2.16
C THR C 680 -20.15 -7.46 3.05
N LYS C 681 -20.36 -6.57 4.01
CA LYS C 681 -19.28 -6.20 4.93
C LYS C 681 -18.86 -7.39 5.79
N GLN C 682 -19.84 -8.13 6.28
CA GLN C 682 -19.55 -9.34 7.03
C GLN C 682 -18.87 -10.36 6.13
N TRP C 683 -19.32 -10.42 4.87
CA TRP C 683 -18.73 -11.37 3.95
C TRP C 683 -17.26 -11.04 3.75
N LEU C 684 -16.98 -9.75 3.64
CA LEU C 684 -15.62 -9.26 3.45
C LEU C 684 -14.77 -9.67 4.63
N ARG C 685 -15.33 -9.54 5.83
CA ARG C 685 -14.60 -9.88 7.04
C ARG C 685 -14.26 -11.37 7.03
N HIS C 686 -15.21 -12.18 6.55
CA HIS C 686 -14.96 -13.61 6.48
C HIS C 686 -13.81 -13.90 5.53
N LEU C 687 -13.81 -13.20 4.41
CA LEU C 687 -12.77 -13.37 3.42
C LEU C 687 -11.45 -13.06 4.05
N GLU C 688 -11.38 -11.94 4.76
CA GLU C 688 -10.12 -11.46 5.27
C GLU C 688 -9.55 -12.51 6.24
N THR C 689 -10.42 -13.11 7.05
CA THR C 689 -9.90 -14.18 7.92
C THR C 689 -9.45 -15.41 7.12
N GLN C 690 -10.13 -15.68 6.01
CA GLN C 690 -9.81 -16.84 5.17
C GLN C 690 -8.43 -16.67 4.52
N PHE C 691 -8.18 -15.46 4.06
CA PHE C 691 -6.91 -15.09 3.46
C PHE C 691 -5.82 -15.12 4.50
N ASP C 692 -6.08 -14.63 5.70
CA ASP C 692 -5.04 -14.67 6.74
C ASP C 692 -4.72 -16.13 6.97
N ASN C 693 -5.76 -16.95 6.87
CA ASN C 693 -5.60 -18.38 7.09
C ASN C 693 -4.74 -19.10 6.03
N ILE C 694 -4.78 -18.65 4.76
CA ILE C 694 -3.98 -19.33 3.72
C ILE C 694 -2.72 -18.59 3.19
N ALA C 695 -2.54 -17.36 3.64
CA ALA C 695 -1.52 -16.48 3.06
C ALA C 695 -0.11 -17.00 3.26
N VAL C 696 0.12 -17.71 4.35
CA VAL C 696 1.43 -18.30 4.57
C VAL C 696 1.69 -19.36 3.52
N ALA C 697 0.65 -20.10 3.17
CA ALA C 697 0.77 -21.15 2.19
C ALA C 697 1.08 -20.55 0.84
N HIS C 698 0.59 -19.35 0.61
CA HIS C 698 0.95 -18.68 -0.64
C HIS C 698 2.35 -18.10 -0.65
N THR C 699 2.68 -17.31 0.35
CA THR C 699 3.93 -16.56 0.34
C THR C 699 5.12 -17.42 0.70
N ASP C 700 4.95 -18.26 1.72
CA ASP C 700 6.08 -19.03 2.24
C ASP C 700 6.28 -20.41 1.58
N HIS C 701 5.42 -20.79 0.62
CA HIS C 701 5.59 -22.06 -0.10
C HIS C 701 5.48 -21.93 -1.61
N LEU C 702 4.28 -21.57 -2.09
CA LEU C 702 3.98 -21.46 -3.52
C LEU C 702 4.90 -20.47 -4.23
N SER C 703 5.35 -19.45 -3.51
CA SER C 703 6.26 -18.46 -4.05
C SER C 703 7.57 -19.10 -4.49
N VAL C 704 8.05 -20.08 -3.75
CA VAL C 704 9.26 -20.76 -4.19
C VAL C 704 8.99 -21.52 -5.47
N VAL C 705 7.76 -22.04 -5.59
CA VAL C 705 7.42 -22.83 -6.78
C VAL C 705 7.45 -21.94 -8.00
N TYR C 706 7.04 -20.68 -7.82
CA TYR C 706 7.19 -19.71 -8.89
C TYR C 706 8.66 -19.38 -9.15
N ALA C 707 9.43 -19.24 -8.07
CA ALA C 707 10.84 -18.86 -8.21
C ALA C 707 11.65 -19.89 -8.97
N THR C 708 11.31 -21.16 -8.79
CA THR C 708 12.04 -22.21 -9.49
C THR C 708 11.47 -22.39 -10.88
N MET C 709 10.16 -22.25 -11.02
CA MET C 709 9.57 -22.44 -12.34
C MET C 709 10.06 -21.37 -13.28
N SER C 710 10.43 -20.23 -12.72
CA SER C 710 10.92 -19.13 -13.53
C SER C 710 12.25 -19.43 -14.18
N ASN C 711 13.03 -20.33 -13.57
CA ASN C 711 14.30 -20.77 -14.15
C ASN C 711 14.20 -21.96 -15.11
N PHE C 712 12.99 -22.47 -15.33
CA PHE C 712 12.82 -23.62 -16.22
C PHE C 712 13.31 -23.27 -17.61
N MET C 713 13.78 -24.28 -18.32
CA MET C 713 14.44 -24.10 -19.61
C MET C 713 13.55 -23.45 -20.66
N LEU C 714 12.25 -23.72 -20.59
CA LEU C 714 11.36 -23.30 -21.67
C LEU C 714 10.52 -22.05 -21.40
N ASN C 715 10.63 -21.51 -20.19
CA ASN C 715 9.97 -20.25 -19.88
C ASN C 715 10.88 -19.10 -20.32
N PHE C 716 11.03 -18.95 -21.62
CA PHE C 716 12.02 -18.03 -22.18
C PHE C 716 11.65 -16.55 -22.30
N THR C 717 10.37 -16.25 -22.35
CA THR C 717 9.91 -14.87 -22.46
C THR C 717 9.95 -14.10 -21.13
N ASN C 718 10.06 -12.78 -21.20
CA ASN C 718 9.83 -11.92 -20.04
C ASN C 718 8.35 -11.54 -19.90
N ASN C 719 7.61 -12.29 -19.10
CA ASN C 719 6.16 -12.14 -19.01
C ASN C 719 5.61 -10.85 -18.40
N PHE C 720 6.32 -10.26 -17.44
CA PHE C 720 5.82 -9.09 -16.72
C PHE C 720 6.89 -8.50 -15.80
N SER C 721 7.01 -7.18 -15.78
CA SER C 721 8.07 -6.50 -15.01
C SER C 721 7.70 -6.03 -13.61
N GLY C 722 6.48 -6.28 -13.17
CA GLY C 722 6.06 -5.82 -11.86
C GLY C 722 5.50 -4.41 -11.83
N ASN C 723 5.39 -3.79 -13.00
CA ASN C 723 4.82 -2.45 -13.09
C ASN C 723 3.79 -2.37 -14.20
N HIS C 724 2.51 -2.34 -13.81
CA HIS C 724 1.43 -2.33 -14.79
C HIS C 724 1.44 -1.08 -15.67
N ALA C 725 1.92 0.03 -15.12
CA ALA C 725 1.85 1.30 -15.79
C ALA C 725 2.68 1.34 -17.06
N THR C 726 3.80 0.64 -17.07
CA THR C 726 4.76 0.81 -18.16
C THR C 726 5.07 -0.45 -18.94
N PHE C 727 4.77 -1.62 -18.36
CA PHE C 727 5.17 -2.86 -19.00
C PHE C 727 4.46 -3.15 -20.31
N LYS C 728 5.26 -3.53 -21.31
CA LYS C 728 4.76 -4.06 -22.57
C LYS C 728 5.67 -5.21 -22.91
N PRO C 729 5.13 -6.27 -23.52
CA PRO C 729 5.95 -7.39 -23.97
C PRO C 729 6.94 -6.95 -25.04
N ASP C 730 8.15 -7.53 -25.03
CA ASP C 730 9.03 -7.39 -26.18
C ASP C 730 8.36 -8.13 -27.34
N GLN C 731 8.29 -7.52 -28.52
CA GLN C 731 7.54 -8.16 -29.61
C GLN C 731 8.37 -8.44 -30.85
N TYR C 732 8.29 -9.68 -31.31
CA TYR C 732 9.17 -10.15 -32.36
C TYR C 732 8.41 -10.77 -33.50
N VAL C 733 9.05 -10.78 -34.67
CA VAL C 733 8.52 -11.44 -35.85
C VAL C 733 9.64 -12.19 -36.53
N ILE C 734 9.32 -13.32 -37.14
CA ILE C 734 10.20 -13.83 -38.16
C ILE C 734 9.79 -12.98 -39.36
N THR C 735 10.74 -12.55 -40.17
CA THR C 735 10.41 -11.69 -41.31
C THR C 735 11.50 -11.69 -42.37
N SER C 736 11.07 -11.62 -43.62
CA SER C 736 12.00 -11.66 -44.74
C SER C 736 11.73 -10.55 -45.74
N PRO C 737 12.78 -10.12 -46.47
CA PRO C 737 12.62 -9.22 -47.60
C PRO C 737 11.71 -9.88 -48.64
N GLU C 738 11.77 -11.20 -48.69
CA GLU C 738 10.94 -11.97 -49.60
C GLU C 738 9.45 -11.80 -49.29
N GLY C 739 9.12 -11.33 -48.08
CA GLY C 739 7.78 -10.91 -47.77
C GLY C 739 7.03 -11.56 -46.61
N SER C 740 7.61 -12.61 -46.02
CA SER C 740 7.00 -13.27 -44.86
C SER C 740 6.94 -12.34 -43.64
N TYR C 741 5.91 -12.49 -42.83
CA TYR C 741 5.74 -11.69 -41.62
C TYR C 741 4.99 -12.48 -40.56
N LYS C 742 5.71 -12.96 -39.55
CA LYS C 742 5.18 -13.91 -38.59
C LYS C 742 5.40 -13.48 -37.15
N PRO C 743 4.46 -12.71 -36.59
CA PRO C 743 4.55 -12.28 -35.19
C PRO C 743 4.56 -13.48 -34.25
N ILE C 744 5.34 -13.41 -33.18
CA ILE C 744 5.36 -14.52 -32.23
C ILE C 744 4.14 -14.40 -31.35
N ILE C 745 3.90 -13.19 -30.86
CA ILE C 745 2.70 -12.91 -30.10
C ILE C 745 1.74 -12.24 -31.07
N GLU C 746 0.51 -12.72 -31.08
CA GLU C 746 -0.50 -12.19 -31.98
C GLU C 746 -1.84 -12.44 -31.35
N ARG C 747 -2.84 -11.67 -31.76
CA ARG C 747 -4.15 -11.80 -31.16
C ARG C 747 -5.08 -12.43 -32.17
N GLN C 748 -5.42 -13.70 -31.97
CA GLN C 748 -6.37 -14.38 -32.86
C GLN C 748 -7.72 -14.68 -32.21
N GLY C 749 -7.86 -14.41 -30.92
CA GLY C 749 -9.09 -14.74 -30.22
C GLY C 749 -9.07 -16.19 -29.76
N GLU C 750 -10.21 -16.69 -29.26
CA GLU C 750 -10.23 -17.98 -28.58
C GLU C 750 -9.77 -19.10 -29.49
N THR C 751 -8.88 -19.94 -28.95
CA THR C 751 -8.28 -21.05 -29.68
C THR C 751 -8.80 -22.39 -29.19
N VAL C 752 -8.53 -23.43 -29.96
CA VAL C 752 -8.96 -24.78 -29.63
C VAL C 752 -8.32 -25.29 -28.32
N ASP C 753 -7.11 -24.82 -28.03
CA ASP C 753 -6.37 -25.26 -26.84
C ASP C 753 -7.05 -24.91 -25.52
N GLY C 754 -7.82 -23.83 -25.50
CA GLY C 754 -8.46 -23.40 -24.26
C GLY C 754 -7.53 -22.64 -23.32
N LEU C 755 -6.41 -22.16 -23.86
CA LEU C 755 -5.46 -21.39 -23.07
C LEU C 755 -5.70 -19.88 -23.11
N THR C 756 -6.39 -19.44 -24.16
CA THR C 756 -6.55 -18.01 -24.43
C THR C 756 -7.48 -17.30 -23.46
N ILE C 757 -8.68 -17.85 -23.27
CA ILE C 757 -9.65 -17.24 -22.36
C ILE C 757 -9.25 -17.51 -20.90
N ILE C 758 -9.55 -16.56 -20.03
CA ILE C 758 -9.24 -16.71 -18.61
C ILE C 758 -10.51 -16.51 -17.79
N ASP C 759 -10.89 -17.52 -16.99
CA ASP C 759 -11.95 -17.30 -15.98
C ASP C 759 -11.26 -16.87 -14.71
N THR C 760 -11.55 -15.65 -14.27
CA THR C 760 -10.89 -15.10 -13.09
C THR C 760 -11.52 -15.63 -11.80
N SER C 761 -12.69 -16.24 -11.95
CA SER C 761 -13.45 -16.80 -10.83
C SER C 761 -12.66 -17.90 -10.13
N ILE C 762 -11.62 -18.39 -10.80
CA ILE C 762 -10.71 -19.38 -10.26
C ILE C 762 -10.12 -18.91 -8.93
N VAL C 763 -10.10 -17.60 -8.69
CA VAL C 763 -9.54 -17.15 -7.42
C VAL C 763 -10.35 -17.61 -6.21
N TRP C 764 -11.67 -17.75 -6.39
CA TRP C 764 -12.53 -18.11 -5.25
C TRP C 764 -12.25 -19.47 -4.63
N PRO C 765 -12.15 -20.52 -5.45
CA PRO C 765 -11.76 -21.81 -4.87
C PRO C 765 -10.41 -21.76 -4.20
N ILE C 766 -9.50 -20.95 -4.74
CA ILE C 766 -8.14 -20.88 -4.23
C ILE C 766 -8.12 -20.36 -2.81
N LEU C 767 -9.04 -19.44 -2.52
CA LEU C 767 -9.22 -18.90 -1.17
C LEU C 767 -10.10 -19.85 -0.35
N CYS C 768 -11.35 -19.95 -0.77
CA CYS C 768 -12.40 -20.48 0.05
C CYS C 768 -12.60 -22.00 0.02
N GLN C 769 -11.90 -22.71 -0.86
CA GLN C 769 -12.07 -24.17 -0.88
C GLN C 769 -10.88 -25.00 -1.38
N CYS C 770 -9.68 -24.67 -0.90
CA CYS C 770 -8.49 -25.46 -1.22
C CYS C 770 -7.55 -25.60 -0.04
N THR C 771 -7.21 -26.85 0.28
CA THR C 771 -6.19 -27.16 1.28
C THR C 771 -4.78 -26.98 0.73
N TYR C 772 -3.84 -26.78 1.64
CA TYR C 772 -2.43 -26.62 1.30
C TYR C 772 -1.61 -27.49 2.23
N PRO C 773 -0.40 -27.88 1.80
CA PRO C 773 0.52 -28.60 2.70
C PRO C 773 0.89 -27.81 3.97
N LEU C 774 1.01 -26.49 3.84
CA LEU C 774 1.35 -25.68 4.99
C LEU C 774 0.14 -25.47 5.90
N VAL C 775 -1.05 -25.65 5.34
CA VAL C 775 -2.28 -25.31 6.05
C VAL C 775 -3.38 -26.32 5.74
N ARG C 776 -3.43 -27.42 6.50
CA ARG C 776 -2.47 -27.69 7.57
C ARG C 776 -1.64 -28.94 7.28
N ILE C 787 -1.12 -31.62 11.84
CA ILE C 787 -0.96 -30.25 11.35
C ILE C 787 0.28 -30.11 10.48
N MET C 788 1.31 -30.90 10.77
CA MET C 788 2.53 -30.90 9.97
C MET C 788 2.48 -31.93 8.84
N GLU C 789 2.90 -31.51 7.65
CA GLU C 789 2.93 -32.39 6.49
C GLU C 789 4.27 -32.20 5.76
N GLU C 790 4.85 -33.31 5.30
CA GLU C 790 6.14 -33.23 4.61
C GLU C 790 6.00 -32.48 3.28
N ILE C 791 6.93 -31.57 3.00
CA ILE C 791 6.89 -30.80 1.77
C ILE C 791 7.55 -31.59 0.66
N VAL C 792 6.93 -31.59 -0.53
CA VAL C 792 7.52 -32.29 -1.65
C VAL C 792 8.45 -31.38 -2.41
N TYR C 793 9.66 -31.87 -2.68
CA TYR C 793 10.56 -31.20 -3.60
C TYR C 793 10.71 -32.15 -4.77
N PRO C 794 10.11 -31.80 -5.91
CA PRO C 794 10.13 -32.66 -7.10
C PRO C 794 11.55 -32.84 -7.64
N ASP C 795 11.84 -34.01 -8.20
CA ASP C 795 13.14 -34.21 -8.85
C ASP C 795 13.18 -33.23 -10.00
N PRO C 796 14.33 -32.57 -10.17
CA PRO C 796 14.54 -31.74 -11.35
C PRO C 796 14.42 -32.58 -12.61
N SER C 797 14.82 -33.84 -12.52
CA SER C 797 15.07 -34.64 -13.70
C SER C 797 13.83 -34.80 -14.55
N THR C 798 12.65 -34.81 -13.93
CA THR C 798 11.43 -35.01 -14.70
C THR C 798 11.18 -33.82 -15.60
N THR C 799 10.96 -32.66 -14.98
CA THR C 799 10.62 -31.46 -15.73
C THR C 799 11.77 -31.08 -16.66
N LEU C 800 12.99 -31.36 -16.23
CA LEU C 800 14.15 -30.98 -17.02
C LEU C 800 14.19 -31.83 -18.27
N SER C 801 14.12 -33.14 -18.07
CA SER C 801 14.27 -34.07 -19.20
C SER C 801 13.12 -33.91 -20.18
N GLN C 802 11.94 -33.57 -19.69
CA GLN C 802 10.87 -33.28 -20.64
C GLN C 802 11.00 -31.91 -21.30
N SER C 803 11.67 -30.97 -20.64
CA SER C 803 12.01 -29.73 -21.35
C SER C 803 12.96 -30.04 -22.50
N LEU C 804 13.92 -30.92 -22.25
CA LEU C 804 14.93 -31.26 -23.24
C LEU C 804 14.33 -32.04 -24.40
N SER C 805 13.44 -32.97 -24.06
CA SER C 805 12.78 -33.76 -25.08
C SER C 805 11.90 -32.86 -25.93
N VAL C 806 11.32 -31.84 -25.30
CA VAL C 806 10.53 -30.91 -26.08
C VAL C 806 11.40 -30.12 -27.02
N ALA C 807 12.57 -29.69 -26.55
CA ALA C 807 13.45 -28.92 -27.43
C ALA C 807 13.91 -29.75 -28.62
N GLN C 808 14.12 -31.06 -28.41
CA GLN C 808 14.51 -31.90 -29.55
C GLN C 808 13.35 -32.16 -30.50
N VAL C 809 12.15 -32.28 -29.94
CA VAL C 809 10.94 -32.43 -30.75
C VAL C 809 10.79 -31.19 -31.64
N LEU C 810 11.14 -30.05 -31.07
CA LEU C 810 10.95 -28.77 -31.74
C LEU C 810 11.96 -28.56 -32.82
N SER C 811 13.23 -28.84 -32.54
CA SER C 811 14.22 -28.66 -33.59
C SER C 811 13.94 -29.64 -34.74
N LYS C 812 13.50 -30.84 -34.36
CA LYS C 812 13.18 -31.87 -35.35
C LYS C 812 11.99 -31.45 -36.19
N LEU C 813 11.09 -30.67 -35.60
CA LEU C 813 9.86 -30.25 -36.27
C LEU C 813 10.06 -29.03 -37.17
N THR C 814 10.78 -28.04 -36.65
CA THR C 814 11.03 -26.82 -37.41
C THR C 814 12.00 -27.08 -38.54
N LEU C 815 12.81 -28.13 -38.40
CA LEU C 815 13.90 -28.35 -39.35
C LEU C 815 13.45 -28.46 -40.81
N PRO C 816 12.47 -29.35 -41.11
CA PRO C 816 12.11 -29.41 -42.53
C PRO C 816 11.63 -28.07 -43.09
N ASP C 817 10.96 -27.27 -42.27
CA ASP C 817 10.52 -25.95 -42.69
C ASP C 817 11.73 -25.07 -42.96
N ALA C 818 12.66 -25.08 -42.01
CA ALA C 818 13.84 -24.24 -42.07
C ALA C 818 14.69 -24.67 -43.24
N PHE C 819 14.67 -25.97 -43.50
CA PHE C 819 15.54 -26.57 -44.48
C PHE C 819 15.07 -26.26 -45.90
N ILE C 820 13.77 -26.37 -46.14
CA ILE C 820 13.21 -26.06 -47.45
C ILE C 820 13.43 -24.59 -47.77
N ASN C 821 13.24 -23.73 -46.78
CA ASN C 821 13.36 -22.30 -46.98
C ASN C 821 14.79 -21.86 -47.25
N MET C 822 15.74 -22.62 -46.73
CA MET C 822 17.14 -22.32 -46.98
C MET C 822 17.35 -22.47 -48.48
N ILE C 823 16.59 -23.36 -49.08
CA ILE C 823 16.76 -23.65 -50.50
C ILE C 823 15.98 -22.68 -51.38
N LEU C 824 14.75 -22.37 -50.98
CA LEU C 824 13.91 -21.41 -51.69
C LEU C 824 14.51 -20.01 -51.62
N SER C 825 15.28 -19.75 -50.57
CA SER C 825 15.99 -18.48 -50.44
C SER C 825 17.04 -18.31 -51.52
N GLY C 826 17.64 -19.43 -51.93
CA GLY C 826 18.74 -19.41 -52.87
C GLY C 826 20.08 -19.23 -52.17
N GLY C 827 20.02 -19.10 -50.85
CA GLY C 827 21.23 -19.13 -50.05
C GLY C 827 22.08 -17.87 -50.10
N ASP C 828 23.31 -17.98 -49.63
CA ASP C 828 24.21 -16.85 -49.54
C ASP C 828 24.96 -16.62 -50.87
N SER C 829 24.21 -16.19 -51.89
CA SER C 829 24.79 -15.85 -53.19
C SER C 829 23.79 -15.06 -54.04
N VAL C 830 24.28 -14.32 -55.04
CA VAL C 830 23.39 -13.51 -55.86
C VAL C 830 23.74 -13.54 -57.35
N VAL C 831 22.71 -13.64 -58.18
CA VAL C 831 22.88 -13.57 -59.62
C VAL C 831 23.41 -12.19 -59.99
N MET C 832 24.23 -12.12 -61.03
CA MET C 832 24.99 -10.93 -61.33
C MET C 832 25.42 -10.89 -62.79
N ARG C 833 24.91 -9.93 -63.54
CA ARG C 833 25.37 -9.69 -64.89
C ARG C 833 26.74 -9.02 -64.84
N THR C 834 27.57 -9.29 -65.83
CA THR C 834 28.87 -8.64 -65.91
C THR C 834 29.14 -8.12 -67.31
N TYR C 835 28.57 -6.96 -67.61
CA TYR C 835 28.76 -6.30 -68.89
C TYR C 835 30.22 -5.88 -69.06
N GLN C 836 30.76 -6.09 -70.27
CA GLN C 836 32.13 -5.72 -70.57
C GLN C 836 32.24 -4.29 -71.13
N THR C 837 33.31 -3.60 -70.78
CA THR C 837 33.52 -2.21 -71.18
C THR C 837 34.66 -2.03 -72.17
N GLU C 838 35.37 -3.10 -72.48
CA GLU C 838 36.51 -3.03 -73.39
C GLU C 838 36.54 -4.24 -74.29
N ALA C 839 37.14 -4.08 -75.47
CA ALA C 839 37.42 -5.23 -76.32
C ALA C 839 38.50 -6.06 -75.63
N ASP C 840 38.55 -7.35 -75.94
CA ASP C 840 39.46 -8.27 -75.27
C ASP C 840 39.19 -8.32 -73.76
N ASP C 841 37.91 -8.40 -73.41
CA ASP C 841 37.50 -8.63 -72.04
C ASP C 841 37.04 -10.07 -71.85
N ASP C 842 37.60 -10.74 -70.85
CA ASP C 842 37.14 -12.06 -70.47
C ASP C 842 35.74 -11.92 -69.87
N LEU C 843 34.96 -12.98 -69.89
CA LEU C 843 33.61 -12.92 -69.30
C LEU C 843 33.66 -12.55 -67.82
N ASP C 844 34.75 -12.95 -67.14
CA ASP C 844 34.96 -12.57 -65.75
C ASP C 844 35.17 -11.07 -65.60
N GLU C 845 35.89 -10.48 -66.54
CA GLU C 845 36.17 -9.05 -66.53
C GLU C 845 34.97 -8.25 -67.04
N GLY C 846 34.86 -6.99 -66.61
CA GLY C 846 33.73 -6.15 -66.95
C GLY C 846 33.15 -5.53 -65.70
N ILE C 847 32.02 -4.84 -65.83
CA ILE C 847 31.36 -4.24 -64.65
C ILE C 847 30.30 -5.15 -64.03
N ARG C 848 30.56 -5.62 -62.81
CA ARG C 848 29.60 -6.45 -62.09
C ARG C 848 28.38 -5.63 -61.73
N MET C 849 27.20 -6.25 -61.82
CA MET C 849 25.99 -5.61 -61.34
C MET C 849 24.87 -6.61 -61.10
N THR C 850 23.92 -6.23 -60.24
CA THR C 850 22.86 -7.14 -59.83
C THR C 850 21.54 -6.38 -59.67
N THR C 851 20.45 -7.13 -59.65
CA THR C 851 19.14 -6.53 -59.43
C THR C 851 18.89 -6.19 -57.97
N TYR C 852 18.05 -5.19 -57.73
CA TYR C 852 17.83 -4.66 -56.40
C TYR C 852 17.24 -5.73 -55.52
N ASP C 853 16.39 -6.57 -56.10
CA ASP C 853 15.71 -7.60 -55.34
C ASP C 853 16.72 -8.56 -54.71
N GLN C 854 17.79 -8.87 -55.44
CA GLN C 854 18.86 -9.71 -54.91
C GLN C 854 19.58 -9.03 -53.76
N TYR C 855 19.73 -7.71 -53.87
CA TYR C 855 20.45 -6.93 -52.87
C TYR C 855 19.68 -6.85 -51.57
N LEU C 856 18.38 -6.60 -51.68
CA LEU C 856 17.48 -6.62 -50.54
C LEU C 856 17.52 -8.00 -49.92
N SER C 857 17.36 -9.01 -50.77
CA SER C 857 17.23 -10.38 -50.29
C SER C 857 18.47 -10.97 -49.64
N HIS C 858 19.65 -10.52 -50.03
CA HIS C 858 20.87 -11.22 -49.62
C HIS C 858 21.97 -10.34 -49.07
N ILE C 859 22.01 -9.09 -49.52
CA ILE C 859 23.13 -8.23 -49.17
C ILE C 859 22.77 -7.28 -48.03
N ARG C 860 21.68 -6.55 -48.20
CA ARG C 860 21.33 -5.40 -47.34
C ARG C 860 21.14 -5.73 -45.86
N GLU C 861 20.55 -6.89 -45.56
CA GLU C 861 20.35 -7.27 -44.16
C GLU C 861 21.68 -7.44 -43.46
N ARG C 862 22.67 -7.93 -44.19
CA ARG C 862 24.01 -8.09 -43.64
C ARG C 862 24.71 -6.76 -43.38
N LEU C 863 24.44 -5.79 -44.23
CA LEU C 863 24.95 -4.45 -43.99
C LEU C 863 24.30 -3.92 -42.72
N HIS C 864 23.00 -4.17 -42.56
CA HIS C 864 22.30 -3.66 -41.40
C HIS C 864 22.86 -4.31 -40.15
N ILE C 865 23.22 -5.58 -40.29
CA ILE C 865 23.63 -6.42 -39.17
C ILE C 865 25.07 -6.11 -38.79
N THR C 866 25.77 -5.40 -39.68
CA THR C 866 27.17 -5.04 -39.41
C THR C 866 27.42 -3.58 -39.05
N ASN C 867 26.34 -2.82 -38.85
CA ASN C 867 26.42 -1.45 -38.35
C ASN C 867 27.26 -0.51 -39.22
N VAL C 868 26.98 -0.52 -40.51
CA VAL C 868 27.72 0.32 -41.44
C VAL C 868 26.70 1.19 -42.17
N PRO C 869 27.14 2.35 -42.67
CA PRO C 869 26.22 3.24 -43.39
C PRO C 869 25.70 2.57 -44.66
N ASP C 870 24.47 2.86 -45.05
CA ASP C 870 23.92 2.29 -46.28
C ASP C 870 24.73 2.81 -47.46
N PRO C 871 25.12 1.91 -48.38
CA PRO C 871 26.02 2.29 -49.48
C PRO C 871 25.42 3.37 -50.36
N ILE C 872 26.25 4.30 -50.83
CA ILE C 872 25.77 5.47 -51.54
C ILE C 872 25.13 5.12 -52.86
N TYR C 873 24.10 5.88 -53.21
CA TYR C 873 23.55 5.84 -54.56
C TYR C 873 24.55 6.50 -55.50
N ILE C 874 24.61 6.05 -56.75
CA ILE C 874 25.44 6.73 -57.73
C ILE C 874 24.62 7.42 -58.81
N THR C 875 24.68 8.75 -58.84
CA THR C 875 24.02 9.52 -59.86
C THR C 875 25.03 9.84 -60.96
N GLY C 876 24.67 10.74 -61.88
CA GLY C 876 25.60 11.14 -62.91
C GLY C 876 26.79 11.87 -62.32
N ALA C 877 26.54 12.67 -61.29
CA ALA C 877 27.60 13.42 -60.64
C ALA C 877 28.24 12.62 -59.51
N SER C 878 29.07 11.64 -59.85
CA SER C 878 29.69 10.78 -58.84
C SER C 878 31.17 10.54 -59.09
N THR C 879 32.02 11.23 -58.35
CA THR C 879 33.45 11.03 -58.43
C THR C 879 33.80 9.67 -57.84
N PRO C 880 34.84 9.01 -58.39
CA PRO C 880 35.32 7.72 -57.90
C PRO C 880 35.71 7.79 -56.43
N ASP C 881 36.22 8.93 -55.98
CA ASP C 881 36.63 9.07 -54.58
C ASP C 881 35.46 8.89 -53.61
N GLN C 882 34.28 9.34 -54.02
CA GLN C 882 33.08 9.15 -53.20
C GLN C 882 32.76 7.67 -53.10
N ILE C 883 32.92 6.98 -54.23
CA ILE C 883 32.68 5.55 -54.28
C ILE C 883 33.68 4.82 -53.38
N ALA C 884 34.89 5.36 -53.29
CA ALA C 884 35.93 4.74 -52.48
C ALA C 884 35.60 4.92 -51.02
N ALA C 885 35.11 6.12 -50.69
CA ALA C 885 34.74 6.40 -49.32
C ALA C 885 33.59 5.50 -48.92
N SER C 886 32.71 5.21 -49.87
CA SER C 886 31.54 4.38 -49.60
C SER C 886 31.93 2.92 -49.41
N VAL C 887 32.77 2.42 -50.31
CA VAL C 887 33.24 1.05 -50.27
C VAL C 887 34.06 0.77 -49.01
N GLN C 888 34.91 1.71 -48.64
CA GLN C 888 35.67 1.57 -47.40
C GLN C 888 34.76 1.75 -46.18
N ALA C 889 33.66 2.48 -46.36
CA ALA C 889 32.71 2.66 -45.25
C ALA C 889 31.99 1.36 -44.94
N THR C 890 31.39 0.76 -45.96
CA THR C 890 30.61 -0.45 -45.79
C THR C 890 31.46 -1.73 -45.70
N HIS C 891 32.74 -1.61 -46.06
CA HIS C 891 33.64 -2.76 -46.18
C HIS C 891 33.10 -3.78 -47.16
N VAL C 892 32.40 -3.33 -48.20
CA VAL C 892 31.66 -4.29 -49.02
C VAL C 892 31.78 -4.13 -50.54
N ALA C 893 32.11 -2.94 -51.00
CA ALA C 893 32.20 -2.66 -52.44
C ALA C 893 30.89 -2.92 -53.17
N VAL C 894 29.87 -2.16 -52.79
CA VAL C 894 28.58 -2.20 -53.45
C VAL C 894 28.06 -0.76 -53.54
N VAL C 895 27.50 -0.38 -54.68
CA VAL C 895 26.83 0.91 -54.80
C VAL C 895 25.52 0.78 -55.58
N LEU C 896 24.42 1.17 -54.94
CA LEU C 896 23.15 1.22 -55.62
C LEU C 896 23.19 2.30 -56.70
N TYR C 897 22.67 2.00 -57.88
CA TYR C 897 22.56 2.99 -58.93
C TYR C 897 21.27 3.77 -58.73
N GLN C 898 21.37 5.10 -58.73
CA GLN C 898 20.18 5.93 -58.55
C GLN C 898 19.60 6.34 -59.88
N SER C 899 20.30 7.22 -60.59
CA SER C 899 19.75 7.80 -61.81
C SER C 899 20.83 8.42 -62.69
N GLY C 900 20.51 8.58 -63.96
CA GLY C 900 21.34 9.35 -64.88
C GLY C 900 22.49 8.54 -65.43
N VAL C 901 23.06 9.03 -66.53
CA VAL C 901 24.24 8.39 -67.13
C VAL C 901 25.43 8.54 -66.21
N ILE C 902 26.20 7.47 -66.06
CA ILE C 902 27.37 7.50 -65.18
C ILE C 902 28.63 7.88 -65.94
N ASN C 903 29.35 8.88 -65.45
CA ASN C 903 30.56 9.37 -66.09
C ASN C 903 31.69 8.35 -66.06
N GLY C 904 32.57 8.42 -67.07
CA GLY C 904 33.56 7.38 -67.29
C GLY C 904 34.62 7.09 -66.23
N PRO C 905 35.14 8.13 -65.53
CA PRO C 905 36.06 7.79 -64.43
C PRO C 905 35.40 6.90 -63.37
N ALA C 906 34.12 7.14 -63.14
CA ALA C 906 33.38 6.34 -62.17
C ALA C 906 33.24 4.93 -62.68
N SER C 907 32.96 4.80 -63.97
CA SER C 907 32.76 3.49 -64.56
C SER C 907 34.03 2.68 -64.47
N THR C 908 35.15 3.30 -64.85
CA THR C 908 36.43 2.62 -64.82
C THR C 908 36.87 2.32 -63.38
N TYR C 909 36.40 3.13 -62.43
CA TYR C 909 36.66 2.81 -61.04
C TYR C 909 35.88 1.57 -60.62
N LEU C 910 34.64 1.46 -61.07
CA LEU C 910 33.80 0.30 -60.79
C LEU C 910 34.32 -0.97 -61.45
N ARG C 911 34.90 -0.81 -62.64
CA ARG C 911 35.47 -1.92 -63.38
C ARG C 911 36.78 -2.40 -62.76
N GLU C 912 37.66 -1.45 -62.43
CA GLU C 912 38.97 -1.80 -61.88
C GLU C 912 38.89 -2.34 -60.44
N ASN C 913 37.88 -1.93 -59.70
CA ASN C 913 37.74 -2.34 -58.30
C ASN C 913 36.66 -3.39 -58.07
N GLU C 914 36.02 -3.84 -59.16
CA GLU C 914 34.97 -4.86 -59.08
C GLU C 914 33.86 -4.47 -58.09
N VAL C 915 33.51 -3.19 -58.07
CA VAL C 915 32.35 -2.76 -57.30
C VAL C 915 31.09 -3.32 -57.94
N LEU C 916 30.16 -3.80 -57.12
CA LEU C 916 28.90 -4.35 -57.60
C LEU C 916 27.83 -3.27 -57.61
N VAL C 917 27.53 -2.74 -58.79
CA VAL C 917 26.41 -1.83 -58.93
C VAL C 917 25.08 -2.56 -58.74
N VAL C 918 24.16 -1.97 -58.01
CA VAL C 918 22.85 -2.55 -57.84
C VAL C 918 21.83 -1.69 -58.58
N MET C 919 21.07 -2.30 -59.48
CA MET C 919 20.24 -1.54 -60.37
C MET C 919 18.80 -2.00 -60.27
N PRO C 920 17.85 -1.08 -60.49
CA PRO C 920 16.44 -1.40 -60.33
C PRO C 920 15.99 -2.55 -61.24
N ASP C 921 16.58 -2.61 -62.43
CA ASP C 921 16.12 -3.51 -63.48
C ASP C 921 17.16 -3.60 -64.58
N TYR C 922 16.88 -4.40 -65.60
CA TYR C 922 17.82 -4.57 -66.69
C TYR C 922 17.45 -3.92 -68.03
N TYR C 923 16.40 -3.11 -68.04
CA TYR C 923 16.08 -2.35 -69.24
C TYR C 923 17.13 -1.29 -69.54
N ASP C 924 17.56 -1.22 -70.80
CA ASP C 924 18.44 -0.15 -71.29
C ASP C 924 19.64 0.13 -70.39
N VAL C 925 20.34 -0.93 -69.98
CA VAL C 925 21.43 -0.79 -69.01
C VAL C 925 22.54 0.13 -69.52
N VAL C 926 22.81 0.04 -70.83
CA VAL C 926 23.90 0.79 -71.44
C VAL C 926 23.68 2.29 -71.38
N SER C 927 22.41 2.70 -71.40
CA SER C 927 22.09 4.12 -71.34
C SER C 927 22.41 4.67 -69.96
N ARG C 928 22.57 3.77 -69.00
CA ARG C 928 22.95 4.18 -67.64
C ARG C 928 24.46 4.42 -67.51
N PHE C 929 25.21 4.10 -68.56
CA PHE C 929 26.66 4.31 -68.55
C PHE C 929 27.14 5.13 -69.75
N ALA C 930 28.04 6.08 -69.49
CA ALA C 930 28.71 6.78 -70.57
C ALA C 930 29.58 5.78 -71.32
N ASN C 931 29.58 5.88 -72.64
CA ASN C 931 30.33 4.94 -73.46
C ASN C 931 31.43 5.63 -74.26
N ALA C 932 32.56 5.88 -73.60
CA ALA C 932 33.66 6.60 -74.25
C ALA C 932 34.22 5.83 -75.44
N ASN C 933 34.19 4.51 -75.34
CA ASN C 933 34.69 3.65 -76.41
C ASN C 933 33.57 2.89 -77.11
N LEU C 934 32.36 3.09 -76.60
CA LEU C 934 31.16 2.44 -77.13
C LEU C 934 31.27 0.91 -77.16
N GLN C 935 32.18 0.37 -76.35
CA GLN C 935 32.36 -1.08 -76.25
C GLN C 935 31.18 -1.78 -75.58
N MET C 936 30.51 -1.06 -74.70
CA MET C 936 29.38 -1.61 -73.96
C MET C 936 28.15 -1.81 -74.84
N ASN C 937 27.41 -2.88 -74.57
CA ASN C 937 26.17 -3.15 -75.28
C ASN C 937 25.20 -3.96 -74.41
N ASN C 938 23.91 -3.71 -74.58
CA ASN C 938 22.90 -4.36 -73.73
C ASN C 938 22.90 -5.88 -73.83
N ASN C 939 23.21 -6.40 -75.01
CA ASN C 939 23.24 -7.84 -75.21
C ASN C 939 24.56 -8.49 -74.82
N ARG C 940 25.55 -7.66 -74.51
CA ARG C 940 26.90 -8.13 -74.27
C ARG C 940 27.29 -8.14 -72.79
N TYR C 941 26.83 -9.16 -72.05
CA TYR C 941 27.20 -9.34 -70.65
C TYR C 941 27.58 -10.78 -70.39
N HIS C 942 27.64 -11.16 -69.13
CA HIS C 942 27.75 -12.57 -68.77
C HIS C 942 27.14 -12.84 -67.41
N GLU C 943 25.91 -13.34 -67.41
CA GLU C 943 25.20 -13.66 -66.17
C GLU C 943 25.92 -14.79 -65.43
N SER C 944 26.09 -14.63 -64.11
CA SER C 944 26.68 -15.67 -63.28
C SER C 944 26.34 -15.48 -61.80
N VAL C 945 26.23 -16.59 -61.07
CA VAL C 945 26.05 -16.53 -59.63
C VAL C 945 27.33 -16.00 -59.00
N LEU C 946 27.18 -15.24 -57.93
CA LEU C 946 28.29 -14.63 -57.23
C LEU C 946 28.07 -14.81 -55.74
N GLU C 947 28.85 -15.69 -55.13
CA GLU C 947 28.66 -16.03 -53.71
C GLU C 947 28.88 -14.82 -52.79
N ILE C 948 28.10 -14.78 -51.71
CA ILE C 948 28.14 -13.67 -50.77
C ILE C 948 29.49 -13.60 -50.09
N ALA C 949 30.15 -14.76 -49.99
CA ALA C 949 31.47 -14.82 -49.36
C ALA C 949 32.49 -13.99 -50.13
N ASP C 950 32.34 -13.93 -51.46
CA ASP C 950 33.20 -13.12 -52.30
C ASP C 950 33.00 -11.60 -52.09
N ILE C 951 31.88 -11.20 -51.53
CA ILE C 951 31.60 -9.79 -51.27
C ILE C 951 31.94 -9.40 -49.83
N PHE C 952 31.36 -10.12 -48.86
CA PHE C 952 31.62 -9.86 -47.45
C PHE C 952 32.93 -10.46 -46.95
N ASP C 953 33.54 -9.81 -45.97
CA ASP C 953 34.77 -10.33 -45.38
C ASP C 953 34.49 -11.09 -44.07
N GLN C 954 33.27 -10.97 -43.56
CA GLN C 954 32.91 -11.59 -42.29
C GLN C 954 32.26 -12.95 -42.45
N ALA C 955 33.03 -14.00 -42.18
CA ALA C 955 32.59 -15.38 -42.41
C ALA C 955 31.45 -15.82 -41.49
N ASP C 956 31.29 -15.12 -40.37
CA ASP C 956 30.32 -15.51 -39.35
C ASP C 956 28.87 -15.50 -39.86
N PHE C 957 28.59 -14.68 -40.87
CA PHE C 957 27.23 -14.49 -41.37
C PHE C 957 26.99 -15.12 -42.74
N ILE C 958 27.84 -16.09 -43.11
CA ILE C 958 27.75 -16.75 -44.41
C ILE C 958 27.69 -18.26 -44.26
N GLN C 959 26.48 -18.81 -44.35
CA GLN C 959 26.24 -20.23 -44.10
C GLN C 959 26.33 -21.16 -45.32
N THR C 960 26.12 -20.63 -46.52
CA THR C 960 25.98 -21.47 -47.71
C THR C 960 26.90 -21.09 -48.88
N SER C 961 26.52 -21.50 -50.09
CA SER C 961 27.30 -21.23 -51.29
C SER C 961 26.43 -21.12 -52.54
N ASP C 962 27.07 -21.17 -53.70
CA ASP C 962 26.37 -21.11 -54.99
C ASP C 962 25.43 -22.31 -55.17
N ALA C 963 25.82 -23.41 -54.54
CA ALA C 963 25.21 -24.70 -54.77
C ALA C 963 23.72 -24.75 -54.43
N VAL C 964 23.32 -23.99 -53.41
CA VAL C 964 21.91 -23.92 -53.06
C VAL C 964 21.10 -23.25 -54.15
N ARG C 965 21.66 -22.20 -54.74
CA ARG C 965 20.99 -21.48 -55.79
C ARG C 965 20.85 -22.37 -57.00
N GLN C 966 21.90 -23.15 -57.25
CA GLN C 966 21.90 -24.09 -58.36
C GLN C 966 20.83 -25.18 -58.18
N LEU C 967 20.69 -25.62 -56.94
CA LEU C 967 19.67 -26.60 -56.58
C LEU C 967 18.26 -26.02 -56.73
N ARG C 968 18.09 -24.77 -56.32
CA ARG C 968 16.79 -24.10 -56.48
C ARG C 968 16.46 -23.89 -57.96
N ALA C 969 17.50 -23.68 -58.75
CA ALA C 969 17.36 -23.58 -60.20
C ALA C 969 16.90 -24.90 -60.78
N LEU C 970 17.26 -26.01 -60.11
CA LEU C 970 16.67 -27.30 -60.48
C LEU C 970 15.19 -27.46 -60.14
N MET C 971 14.70 -26.75 -59.12
CA MET C 971 13.31 -26.90 -58.67
C MET C 971 12.30 -26.18 -59.56
N PRO C 972 11.10 -26.77 -59.70
CA PRO C 972 9.92 -26.09 -60.26
C PRO C 972 9.52 -24.95 -59.35
N THR C 973 8.96 -23.87 -59.88
CA THR C 973 8.43 -22.85 -58.99
C THR C 973 7.27 -23.47 -58.21
N LEU C 974 7.26 -23.25 -56.90
CA LEU C 974 6.28 -23.89 -56.03
C LEU C 974 5.22 -22.92 -55.53
N SER C 975 3.95 -23.31 -55.66
CA SER C 975 2.87 -22.58 -55.03
C SER C 975 3.00 -22.85 -53.55
N THR C 976 2.45 -21.98 -52.72
CA THR C 976 2.70 -22.03 -51.29
C THR C 976 2.22 -23.35 -50.68
N SER C 977 1.11 -23.86 -51.20
CA SER C 977 0.62 -25.16 -50.73
C SER C 977 1.55 -26.30 -51.09
N GLN C 978 2.22 -26.20 -52.24
CA GLN C 978 3.23 -27.19 -52.62
C GLN C 978 4.44 -27.15 -51.71
N ILE C 979 4.76 -25.96 -51.21
CA ILE C 979 5.85 -25.82 -50.26
C ILE C 979 5.45 -26.47 -48.95
N ARG C 980 4.20 -26.27 -48.55
CA ARG C 980 3.73 -26.86 -47.29
C ARG C 980 3.73 -28.36 -47.45
N HIS C 981 3.40 -28.82 -48.65
CA HIS C 981 3.34 -30.24 -48.88
C HIS C 981 4.74 -30.83 -48.78
N ALA C 982 5.72 -30.11 -49.29
CA ALA C 982 7.09 -30.61 -49.27
C ALA C 982 7.55 -30.73 -47.84
N ILE C 983 7.24 -29.70 -47.05
CA ILE C 983 7.67 -29.69 -45.65
C ILE C 983 7.00 -30.82 -44.87
N GLU C 984 5.71 -31.04 -45.10
CA GLU C 984 5.02 -32.14 -44.44
C GLU C 984 5.56 -33.50 -44.87
N ARG C 985 6.01 -33.59 -46.12
CA ARG C 985 6.58 -34.83 -46.62
C ARG C 985 7.88 -35.13 -45.91
N ILE C 986 8.77 -34.15 -45.90
CA ILE C 986 10.09 -34.36 -45.30
C ILE C 986 9.86 -34.73 -43.85
N ALA C 987 8.85 -34.11 -43.23
CA ALA C 987 8.58 -34.37 -41.83
C ALA C 987 8.17 -35.82 -41.67
N GLN C 988 7.31 -36.29 -42.57
CA GLN C 988 6.82 -37.65 -42.48
C GLN C 988 7.95 -38.66 -42.67
N ILE C 989 8.91 -38.33 -43.52
CA ILE C 989 10.07 -39.19 -43.74
C ILE C 989 10.95 -39.26 -42.49
N THR C 990 11.00 -38.16 -41.75
CA THR C 990 11.81 -38.07 -40.55
C THR C 990 10.99 -38.41 -39.30
N ASP C 991 9.77 -38.89 -39.51
CA ASP C 991 8.88 -39.32 -38.42
C ASP C 991 8.58 -38.21 -37.41
N VAL C 992 8.21 -37.05 -37.94
CA VAL C 992 7.79 -35.90 -37.13
C VAL C 992 6.28 -35.69 -37.28
N ASP C 993 5.60 -35.36 -36.17
CA ASP C 993 4.16 -35.10 -36.22
C ASP C 993 3.89 -33.63 -36.47
N SER C 994 3.93 -33.24 -37.74
CA SER C 994 3.85 -31.84 -38.13
C SER C 994 2.42 -31.36 -38.29
N THR C 995 1.48 -32.09 -37.72
CA THR C 995 0.08 -31.68 -37.76
C THR C 995 -0.10 -30.34 -37.03
N ASP C 996 -1.02 -29.53 -37.55
CA ASP C 996 -1.31 -28.19 -37.03
C ASP C 996 -0.16 -27.18 -37.18
N TYR C 997 0.95 -27.62 -37.76
CA TYR C 997 2.07 -26.71 -38.00
C TYR C 997 1.69 -25.66 -39.02
N GLY C 998 2.10 -24.42 -38.77
CA GLY C 998 1.82 -23.33 -39.68
C GLY C 998 0.34 -23.01 -39.79
N LYS C 999 -0.41 -23.25 -38.71
CA LYS C 999 -1.86 -23.07 -38.74
C LYS C 999 -2.43 -22.42 -37.49
N LEU C 1000 -3.49 -21.64 -37.68
CA LEU C 1000 -4.28 -21.15 -36.56
C LEU C 1000 -5.38 -22.14 -36.28
N THR C 1001 -5.57 -22.50 -35.01
CA THR C 1001 -6.63 -23.43 -34.66
C THR C 1001 -7.67 -22.73 -33.81
N LEU C 1002 -8.24 -21.67 -34.38
CA LEU C 1002 -9.27 -20.90 -33.71
C LEU C 1002 -10.50 -21.75 -33.49
N ARG C 1003 -11.15 -21.55 -32.36
CA ARG C 1003 -12.35 -22.30 -32.00
C ARG C 1003 -13.53 -21.96 -32.90
N PHE C 1004 -13.64 -20.71 -33.32
CA PHE C 1004 -14.83 -20.31 -34.06
C PHE C 1004 -14.60 -20.18 -35.56
N LEU C 1005 -13.42 -19.71 -35.94
CA LEU C 1005 -13.09 -19.56 -37.34
C LEU C 1005 -12.63 -20.87 -38.01
N GLY C 1006 -12.39 -21.89 -37.21
CA GLY C 1006 -11.91 -23.17 -37.70
C GLY C 1006 -10.40 -23.18 -37.84
N THR C 1007 -9.85 -24.25 -38.38
CA THR C 1007 -8.43 -24.26 -38.75
C THR C 1007 -8.17 -23.37 -39.96
N LEU C 1008 -7.07 -22.64 -39.92
CA LEU C 1008 -6.68 -21.75 -41.01
C LEU C 1008 -5.20 -21.93 -41.31
N THR C 1009 -4.88 -22.44 -42.50
CA THR C 1009 -3.48 -22.59 -42.87
C THR C 1009 -2.85 -21.29 -43.37
N ARG C 1010 -1.72 -20.93 -42.77
CA ARG C 1010 -0.92 -19.81 -43.22
C ARG C 1010 0.18 -20.33 -44.13
N SER C 1011 0.76 -19.47 -44.96
CA SER C 1011 1.90 -19.85 -45.78
C SER C 1011 3.10 -20.22 -44.92
N LEU C 1012 3.82 -21.27 -45.30
CA LEU C 1012 5.00 -21.70 -44.55
C LEU C 1012 6.27 -21.03 -45.08
N LYS C 1013 6.24 -20.63 -46.34
CA LYS C 1013 7.39 -20.05 -47.03
C LYS C 1013 7.84 -18.76 -46.36
N MET C 1014 9.15 -18.66 -46.15
CA MET C 1014 9.75 -17.63 -45.30
C MET C 1014 11.25 -17.62 -45.56
N GLN C 1015 11.60 -17.71 -46.82
CA GLN C 1015 12.98 -17.79 -47.25
C GLN C 1015 13.73 -16.56 -46.75
N ASN C 1016 14.94 -16.76 -46.24
CA ASN C 1016 15.77 -15.65 -45.74
C ASN C 1016 15.13 -14.86 -44.60
N ALA C 1017 14.41 -15.54 -43.72
CA ALA C 1017 13.75 -14.90 -42.59
C ALA C 1017 14.71 -14.57 -41.45
N GLN C 1018 14.37 -13.57 -40.65
CA GLN C 1018 15.18 -13.12 -39.52
C GLN C 1018 14.28 -12.87 -38.32
N ILE C 1019 14.80 -13.00 -37.10
CA ILE C 1019 14.03 -12.60 -35.93
C ILE C 1019 14.27 -11.12 -35.64
N ARG C 1020 13.20 -10.34 -35.67
CA ARG C 1020 13.33 -8.89 -35.57
C ARG C 1020 12.25 -8.31 -34.69
N ARG C 1021 12.63 -7.33 -33.87
CA ARG C 1021 11.69 -6.64 -33.01
C ARG C 1021 10.79 -5.78 -33.88
N ILE C 1022 9.53 -5.63 -33.46
CA ILE C 1022 8.64 -4.71 -34.15
C ILE C 1022 8.21 -3.57 -33.25
N ARG C 1023 8.06 -2.39 -33.84
CA ARG C 1023 7.43 -1.29 -33.15
C ARG C 1023 5.97 -1.70 -32.97
N PRO C 1024 5.30 -1.14 -31.96
CA PRO C 1024 3.88 -1.47 -31.72
C PRO C 1024 3.00 -1.14 -32.94
N ASP C 1025 3.43 -0.22 -33.78
CA ASP C 1025 2.74 0.07 -35.05
C ASP C 1025 2.68 -1.18 -35.93
N GLY C 1026 3.60 -2.11 -35.66
CA GLY C 1026 3.67 -3.37 -36.38
C GLY C 1026 4.81 -3.40 -37.37
N THR C 1027 5.38 -2.22 -37.66
CA THR C 1027 6.52 -2.09 -38.56
C THR C 1027 7.82 -2.63 -37.95
N VAL C 1028 8.66 -3.25 -38.78
CA VAL C 1028 9.92 -3.85 -38.33
C VAL C 1028 11.01 -2.84 -37.93
N LEU C 1029 11.72 -3.14 -36.84
CA LEU C 1029 12.85 -2.37 -36.37
C LEU C 1029 14.18 -3.01 -36.76
N ARG C 1030 15.19 -2.19 -37.06
CA ARG C 1030 16.52 -2.71 -37.31
C ARG C 1030 17.05 -3.39 -36.05
N TYR C 1031 17.81 -4.46 -36.21
CA TYR C 1031 18.36 -5.17 -35.07
C TYR C 1031 19.29 -4.29 -34.25
N ASP C 1032 19.15 -4.31 -32.92
CA ASP C 1032 19.99 -3.49 -32.04
C ASP C 1032 20.59 -4.33 -30.93
N ASP C 1033 21.92 -4.27 -30.82
CA ASP C 1033 22.64 -4.99 -29.77
C ASP C 1033 22.25 -4.49 -28.38
N GLN C 1034 21.75 -3.26 -28.33
CA GLN C 1034 21.36 -2.65 -27.07
C GLN C 1034 20.16 -3.31 -26.41
N ILE C 1035 19.26 -3.87 -27.22
CA ILE C 1035 18.00 -4.38 -26.69
C ILE C 1035 17.73 -5.83 -27.10
N ASP C 1036 17.78 -6.11 -28.40
CA ASP C 1036 17.63 -7.48 -28.89
C ASP C 1036 18.88 -8.32 -28.57
N ILE C 1037 18.71 -9.60 -28.22
CA ILE C 1037 19.84 -10.45 -27.85
C ILE C 1037 20.66 -10.89 -29.06
N GLU C 1038 21.91 -11.26 -28.83
CA GLU C 1038 22.82 -11.51 -29.92
C GLU C 1038 22.33 -12.67 -30.81
N ALA C 1039 21.57 -13.58 -30.22
CA ALA C 1039 21.12 -14.76 -30.95
C ALA C 1039 20.22 -14.38 -32.10
N PHE C 1040 19.56 -13.24 -31.97
CA PHE C 1040 18.61 -12.77 -32.97
C PHE C 1040 19.27 -12.10 -34.15
N ARG C 1041 20.58 -11.85 -34.05
CA ARG C 1041 21.32 -11.10 -35.06
C ARG C 1041 21.13 -11.71 -36.44
N TRP C 1042 21.41 -13.01 -36.55
CA TRP C 1042 21.32 -13.69 -37.83
C TRP C 1042 20.71 -15.07 -37.62
N SER C 1043 19.60 -15.34 -38.29
CA SER C 1043 18.86 -16.59 -38.10
C SER C 1043 19.63 -17.85 -38.51
N ARG C 1044 20.55 -17.69 -39.46
CA ARG C 1044 21.34 -18.81 -39.97
C ARG C 1044 20.44 -19.91 -40.51
N TYR C 1045 19.42 -19.49 -41.25
CA TYR C 1045 18.41 -20.40 -41.81
C TYR C 1045 17.82 -21.31 -40.75
N PHE C 1046 17.90 -20.87 -39.49
CA PHE C 1046 17.37 -21.58 -38.35
C PHE C 1046 17.91 -23.00 -38.19
N LEU C 1047 19.21 -23.17 -38.40
CA LEU C 1047 19.83 -24.48 -38.25
C LEU C 1047 21.00 -24.49 -37.25
N ASP C 1048 21.25 -25.64 -36.64
CA ASP C 1048 22.33 -25.81 -35.66
C ASP C 1048 23.66 -25.65 -36.37
N GLU C 1049 24.71 -25.30 -35.63
CA GLU C 1049 26.02 -25.09 -36.26
C GLU C 1049 26.53 -26.37 -36.92
N LEU C 1050 26.22 -27.51 -36.31
CA LEU C 1050 26.65 -28.80 -36.82
C LEU C 1050 25.96 -29.14 -38.12
N GLN C 1051 24.66 -28.90 -38.16
CA GLN C 1051 23.88 -29.07 -39.38
C GLN C 1051 24.35 -28.19 -40.52
N LEU C 1052 24.86 -27.00 -40.21
CA LEU C 1052 25.49 -26.16 -41.23
C LEU C 1052 26.80 -26.76 -41.70
N ARG C 1053 27.58 -27.28 -40.76
CA ARG C 1053 28.90 -27.81 -41.11
C ARG C 1053 28.73 -28.98 -42.06
N ARG C 1054 27.67 -29.76 -41.86
CA ARG C 1054 27.38 -30.90 -42.73
C ARG C 1054 26.65 -30.49 -44.01
N LEU C 1055 25.89 -29.41 -43.91
CA LEU C 1055 25.15 -28.90 -45.03
C LEU C 1055 26.11 -28.50 -46.10
N SER C 1056 27.26 -27.99 -45.68
CA SER C 1056 28.23 -27.52 -46.67
C SER C 1056 28.76 -28.69 -47.50
N VAL C 1057 29.14 -29.75 -46.79
CA VAL C 1057 29.65 -30.97 -47.40
C VAL C 1057 28.59 -31.57 -48.30
N GLY C 1058 27.35 -31.47 -47.87
CA GLY C 1058 26.26 -32.02 -48.64
C GLY C 1058 26.08 -31.25 -49.92
N LEU C 1059 26.22 -29.94 -49.88
CA LEU C 1059 26.05 -29.15 -51.09
C LEU C 1059 27.17 -29.47 -52.07
N ARG C 1060 28.36 -29.75 -51.56
CA ARG C 1060 29.43 -30.19 -52.44
C ARG C 1060 29.09 -31.56 -53.03
N LEU C 1061 28.30 -32.34 -52.31
CA LEU C 1061 27.93 -33.66 -52.80
C LEU C 1061 26.88 -33.60 -53.89
N ILE C 1062 25.81 -32.84 -53.64
CA ILE C 1062 24.67 -32.76 -54.56
C ILE C 1062 25.06 -32.19 -55.91
N THR C 1063 26.00 -31.25 -55.91
CA THR C 1063 26.43 -30.58 -57.13
C THR C 1063 27.68 -31.19 -57.74
N ASN C 1064 28.03 -32.40 -57.31
CA ASN C 1064 29.09 -33.14 -57.99
C ASN C 1064 28.58 -33.57 -59.35
N PRO C 1065 29.46 -33.46 -60.37
CA PRO C 1065 29.15 -33.88 -61.74
C PRO C 1065 28.76 -35.36 -61.79
N ARG C 1066 29.39 -36.17 -60.93
CA ARG C 1066 29.17 -37.60 -60.93
C ARG C 1066 27.78 -38.02 -60.43
N ILE C 1067 27.16 -37.15 -59.63
CA ILE C 1067 25.80 -37.40 -59.18
C ILE C 1067 24.79 -36.92 -60.22
N ALA C 1068 25.24 -36.08 -61.15
CA ALA C 1068 24.34 -35.38 -62.08
C ALA C 1068 23.86 -36.30 -63.20
N ARG C 1069 23.21 -37.38 -62.81
CA ARG C 1069 22.91 -38.46 -63.71
C ARG C 1069 21.54 -38.39 -64.35
N ARG C 1070 20.90 -37.24 -64.30
CA ARG C 1070 19.66 -37.06 -65.04
C ARG C 1070 19.89 -36.19 -66.28
N PHE C 1071 19.64 -36.78 -67.44
CA PHE C 1071 20.11 -36.23 -68.70
C PHE C 1071 18.99 -35.62 -69.54
N ASN C 1072 19.34 -34.62 -70.34
CA ASN C 1072 18.36 -33.91 -71.16
C ASN C 1072 18.72 -33.98 -72.63
N GLY C 1073 17.70 -34.15 -73.47
CA GLY C 1073 17.90 -34.07 -74.91
C GLY C 1073 18.38 -35.36 -75.56
N VAL C 1074 17.70 -35.75 -76.63
CA VAL C 1074 18.11 -36.94 -77.37
C VAL C 1074 18.18 -36.65 -78.87
N ARG C 1075 19.33 -36.95 -79.48
CA ARG C 1075 19.48 -36.87 -80.93
C ARG C 1075 18.91 -38.13 -81.56
N ILE C 1076 18.01 -37.96 -82.54
CA ILE C 1076 17.55 -39.10 -83.33
C ILE C 1076 18.18 -39.03 -84.72
N MET C 1077 18.88 -40.09 -85.10
CA MET C 1077 19.62 -40.12 -86.35
C MET C 1077 19.73 -41.55 -86.83
N TYR C 1078 19.37 -41.80 -88.09
CA TYR C 1078 19.41 -43.15 -88.63
C TYR C 1078 20.81 -43.41 -89.08
N LEU C 1079 21.44 -44.38 -88.45
CA LEU C 1079 22.89 -44.49 -88.51
C LEU C 1079 23.27 -45.90 -88.11
N THR C 1080 24.35 -46.43 -88.70
CA THR C 1080 24.79 -47.78 -88.36
C THR C 1080 25.37 -47.82 -86.95
N ASP C 1081 25.19 -48.93 -86.25
CA ASP C 1081 25.71 -49.05 -84.89
C ASP C 1081 27.21 -49.35 -84.93
N ASP C 1082 28.02 -48.31 -84.76
CA ASP C 1082 29.46 -48.45 -84.86
C ASP C 1082 30.22 -48.20 -83.53
N ASP C 1083 30.16 -46.99 -82.99
CA ASP C 1083 30.99 -46.67 -81.83
C ASP C 1083 30.60 -47.47 -80.59
N PRO C 1084 31.58 -48.19 -80.01
CA PRO C 1084 31.43 -48.97 -78.78
C PRO C 1084 30.98 -48.14 -77.58
N ASP C 1085 31.45 -46.90 -77.50
CA ASP C 1085 31.22 -46.09 -76.30
C ASP C 1085 29.76 -45.66 -76.16
N PRO C 1086 29.21 -45.77 -74.93
CA PRO C 1086 27.86 -45.31 -74.60
C PRO C 1086 27.69 -43.82 -74.85
N ASP C 1087 28.79 -43.08 -74.66
CA ASP C 1087 28.77 -41.63 -74.59
C ASP C 1087 28.76 -40.96 -75.97
N PHE C 1088 28.77 -41.77 -77.04
CA PHE C 1088 28.78 -41.26 -78.42
C PHE C 1088 27.62 -40.37 -78.81
N VAL C 1089 27.95 -39.20 -79.36
CA VAL C 1089 26.96 -38.32 -79.98
C VAL C 1089 27.36 -38.05 -81.41
N PRO C 1090 26.62 -38.61 -82.37
CA PRO C 1090 27.08 -38.42 -83.75
C PRO C 1090 27.08 -36.95 -84.14
N ASP C 1091 28.15 -36.50 -84.77
CA ASP C 1091 28.27 -35.11 -85.15
C ASP C 1091 27.32 -34.87 -86.31
N VAL C 1092 26.75 -33.68 -86.42
CA VAL C 1092 25.96 -33.35 -87.61
C VAL C 1092 26.86 -33.10 -88.80
N PRO C 1093 26.51 -33.70 -89.95
CA PRO C 1093 27.27 -33.69 -91.19
C PRO C 1093 27.34 -32.30 -91.84
N GLU C 1094 28.30 -32.11 -92.72
CA GLU C 1094 28.65 -30.79 -93.23
C GLU C 1094 27.49 -30.07 -93.93
N GLY C 1095 26.64 -30.81 -94.63
CA GLY C 1095 25.63 -30.19 -95.46
C GLY C 1095 24.33 -29.77 -94.81
N TYR C 1096 24.15 -30.12 -93.54
CA TYR C 1096 22.84 -29.92 -92.91
C TYR C 1096 22.51 -28.48 -92.59
N VAL C 1097 21.22 -28.19 -92.54
CA VAL C 1097 20.72 -26.87 -92.18
C VAL C 1097 19.94 -26.97 -90.89
N ALA C 1098 20.29 -26.14 -89.90
CA ALA C 1098 19.55 -26.11 -88.65
C ALA C 1098 18.16 -25.54 -88.88
N VAL C 1099 17.15 -26.15 -88.27
CA VAL C 1099 15.78 -25.68 -88.41
C VAL C 1099 15.00 -25.95 -87.14
N GLN C 1100 14.52 -24.91 -86.48
CA GLN C 1100 13.68 -25.09 -85.30
C GLN C 1100 12.39 -25.75 -85.70
N TYR C 1101 11.95 -26.75 -84.94
CA TYR C 1101 10.65 -27.34 -85.19
C TYR C 1101 9.57 -26.33 -84.86
N ALA C 1102 8.50 -26.34 -85.64
CA ALA C 1102 7.36 -25.46 -85.41
C ALA C 1102 6.17 -26.08 -86.10
N HIS C 1103 5.00 -25.90 -85.53
CA HIS C 1103 3.79 -26.43 -86.14
C HIS C 1103 3.51 -25.81 -87.51
N ARG C 1104 4.03 -24.60 -87.74
CA ARG C 1104 3.83 -23.92 -89.00
C ARG C 1104 4.53 -24.62 -90.18
N LEU C 1105 5.62 -25.34 -89.91
CA LEU C 1105 6.38 -26.00 -90.97
C LEU C 1105 5.60 -27.12 -91.67
N PHE C 1106 4.77 -27.82 -90.91
CA PHE C 1106 4.07 -28.98 -91.43
C PHE C 1106 2.60 -28.71 -91.75
N SER C 1107 2.12 -29.25 -92.86
CA SER C 1107 0.76 -28.97 -93.30
C SER C 1107 0.21 -30.05 -94.21
N SER C 1108 -1.11 -30.05 -94.38
CA SER C 1108 -1.74 -30.89 -95.37
C SER C 1108 -1.43 -30.32 -96.76
N SER C 1109 -1.35 -31.19 -97.77
CA SER C 1109 -1.24 -30.72 -99.15
C SER C 1109 -1.61 -31.79 -100.17
N LEU C 1110 -2.07 -31.35 -101.34
CA LEU C 1110 -2.21 -32.25 -102.47
C LEU C 1110 -0.84 -32.62 -103.01
N ALA C 1111 -0.70 -33.90 -103.37
CA ALA C 1111 0.49 -34.39 -104.02
C ALA C 1111 0.13 -35.74 -104.59
N ASN C 1112 -0.08 -35.77 -105.90
CA ASN C 1112 -0.40 -37.01 -106.60
C ASN C 1112 -1.57 -37.73 -105.97
N LYS C 1113 -2.68 -37.00 -105.79
CA LYS C 1113 -3.94 -37.57 -105.29
C LYS C 1113 -3.83 -38.15 -103.89
N ARG C 1114 -3.05 -37.49 -103.02
CA ARG C 1114 -3.01 -37.85 -101.61
C ARG C 1114 -2.79 -36.62 -100.75
N ASN C 1115 -3.41 -36.60 -99.57
CA ASN C 1115 -3.27 -35.48 -98.66
C ASN C 1115 -2.06 -35.63 -97.77
N ARG C 1116 -0.89 -35.46 -98.39
CA ARG C 1116 0.34 -35.69 -97.68
C ARG C 1116 0.79 -34.57 -96.73
N VAL C 1117 1.49 -34.96 -95.68
CA VAL C 1117 1.98 -34.05 -94.63
C VAL C 1117 3.23 -33.31 -95.11
N THR C 1118 3.05 -32.33 -95.99
CA THR C 1118 4.15 -31.55 -96.54
C THR C 1118 4.94 -30.72 -95.50
N TYR C 1119 6.26 -30.70 -95.65
CA TYR C 1119 7.14 -29.84 -94.87
C TYR C 1119 7.75 -28.79 -95.80
N THR C 1120 7.61 -27.52 -95.46
CA THR C 1120 8.19 -26.45 -96.26
C THR C 1120 9.49 -25.96 -95.66
N HIS C 1121 10.58 -26.14 -96.39
CA HIS C 1121 11.91 -25.83 -95.90
C HIS C 1121 11.99 -24.31 -95.69
N PRO C 1122 12.30 -23.88 -94.47
CA PRO C 1122 12.32 -22.43 -94.21
C PRO C 1122 13.29 -21.61 -95.08
N PRO C 1123 14.46 -22.15 -95.45
CA PRO C 1123 15.26 -21.31 -96.36
C PRO C 1123 14.69 -21.25 -97.78
N THR C 1124 14.73 -22.36 -98.50
CA THR C 1124 14.31 -22.37 -99.90
C THR C 1124 12.83 -22.07 -100.07
N GLY C 1125 12.04 -22.38 -99.05
CA GLY C 1125 10.59 -22.15 -99.07
C GLY C 1125 9.86 -23.28 -99.77
N MET C 1126 10.63 -24.19 -100.35
CA MET C 1126 10.11 -25.31 -101.14
C MET C 1126 9.33 -26.30 -100.28
N ALA C 1127 8.21 -26.79 -100.79
CA ALA C 1127 7.39 -27.78 -100.09
C ALA C 1127 7.72 -29.20 -100.54
N TYR C 1128 7.97 -30.09 -99.57
CA TYR C 1128 8.22 -31.50 -99.88
C TYR C 1128 7.15 -32.36 -99.19
N PRO C 1129 6.13 -32.82 -99.95
CA PRO C 1129 5.16 -33.76 -99.38
C PRO C 1129 5.74 -35.07 -98.85
N SER C 1130 6.74 -35.61 -99.54
CA SER C 1130 7.30 -36.89 -99.15
C SER C 1130 8.42 -36.78 -98.12
N PRO C 1131 8.45 -37.71 -97.15
CA PRO C 1131 9.58 -37.87 -96.24
C PRO C 1131 10.87 -38.17 -97.01
N THR C 1132 10.75 -38.88 -98.14
CA THR C 1132 11.88 -39.07 -99.05
C THR C 1132 12.26 -37.79 -99.79
N GLY C 1133 13.56 -37.55 -99.94
CA GLY C 1133 14.04 -36.51 -100.84
C GLY C 1133 14.10 -35.09 -100.29
N ARG C 1134 13.71 -34.94 -99.03
CA ARG C 1134 13.80 -33.64 -98.37
C ARG C 1134 15.26 -33.26 -98.18
N PRO C 1135 15.54 -31.95 -98.08
CA PRO C 1135 16.91 -31.49 -97.89
C PRO C 1135 17.43 -31.96 -96.53
N HIS C 1136 18.74 -32.20 -96.42
CA HIS C 1136 19.31 -32.62 -95.15
C HIS C 1136 18.98 -31.56 -94.12
N VAL C 1137 18.51 -32.00 -92.95
CA VAL C 1137 17.95 -31.06 -91.96
C VAL C 1137 18.29 -31.44 -90.51
N HIS C 1138 18.98 -30.53 -89.83
CA HIS C 1138 19.21 -30.65 -88.40
C HIS C 1138 18.07 -29.95 -87.69
N MET C 1139 16.96 -30.67 -87.52
CA MET C 1139 15.79 -30.08 -86.89
C MET C 1139 15.86 -30.18 -85.36
N THR C 1140 15.66 -29.04 -84.69
CA THR C 1140 15.64 -29.04 -83.25
C THR C 1140 14.22 -28.93 -82.74
N ILE C 1141 13.84 -29.83 -81.84
CA ILE C 1141 12.49 -29.83 -81.27
C ILE C 1141 12.56 -29.45 -79.81
N ASN C 1142 12.27 -28.19 -79.51
CA ASN C 1142 12.29 -27.72 -78.13
C ASN C 1142 11.17 -28.26 -77.28
N GLU C 1143 10.05 -28.61 -77.91
CA GLU C 1143 8.88 -29.11 -77.19
C GLU C 1143 7.93 -29.87 -78.12
N ARG C 1144 7.67 -31.13 -77.78
CA ARG C 1144 6.81 -32.00 -78.58
C ARG C 1144 5.31 -31.81 -78.32
N ALA C 1145 4.97 -30.92 -77.40
CA ALA C 1145 3.67 -30.96 -76.74
C ALA C 1145 2.42 -31.04 -77.63
N GLY C 1146 2.27 -30.12 -78.57
CA GLY C 1146 1.10 -30.14 -79.43
C GLY C 1146 1.21 -31.01 -80.68
N MET C 1147 2.42 -31.54 -80.92
CA MET C 1147 2.77 -32.19 -82.19
C MET C 1147 1.89 -33.39 -82.52
N SER C 1148 1.41 -33.44 -83.76
CA SER C 1148 0.47 -34.49 -84.14
C SER C 1148 1.19 -35.79 -84.40
N LYS C 1149 0.48 -36.91 -84.26
CA LYS C 1149 1.08 -38.20 -84.49
C LYS C 1149 1.52 -38.31 -85.94
N LEU C 1150 0.80 -37.62 -86.82
CA LEU C 1150 1.12 -37.67 -88.25
C LEU C 1150 2.47 -37.04 -88.45
N VAL C 1151 2.63 -35.85 -87.87
CA VAL C 1151 3.85 -35.10 -88.03
C VAL C 1151 5.03 -35.81 -87.38
N ALA C 1152 4.75 -36.52 -86.28
CA ALA C 1152 5.82 -37.18 -85.54
C ALA C 1152 6.32 -38.39 -86.32
N ASP C 1153 5.36 -39.16 -86.84
CA ASP C 1153 5.68 -40.31 -87.66
C ASP C 1153 6.40 -39.83 -88.91
N ASN C 1154 6.05 -38.63 -89.37
CA ASN C 1154 6.61 -38.12 -90.60
C ASN C 1154 8.03 -37.59 -90.42
N ILE C 1155 8.28 -37.00 -89.26
CA ILE C 1155 9.61 -36.54 -88.88
C ILE C 1155 10.52 -37.74 -88.72
N ILE C 1156 10.00 -38.80 -88.10
CA ILE C 1156 10.79 -40.02 -87.96
C ILE C 1156 11.08 -40.62 -89.33
N ALA C 1157 10.09 -40.53 -90.21
CA ALA C 1157 10.28 -41.04 -91.56
C ALA C 1157 11.35 -40.24 -92.27
N SER C 1158 11.39 -38.94 -92.02
CA SER C 1158 12.43 -38.09 -92.60
C SER C 1158 13.79 -38.40 -92.03
N VAL C 1159 13.82 -38.83 -90.77
CA VAL C 1159 15.08 -39.23 -90.13
C VAL C 1159 15.61 -40.47 -90.79
N ILE C 1160 14.69 -41.34 -91.22
CA ILE C 1160 15.07 -42.59 -91.85
C ILE C 1160 15.35 -42.49 -93.35
N LYS C 1161 14.65 -41.58 -94.03
CA LYS C 1161 14.68 -41.55 -95.49
C LYS C 1161 15.43 -40.34 -96.05
N SER C 1162 15.15 -39.17 -95.52
CA SER C 1162 15.89 -37.98 -95.91
C SER C 1162 17.15 -37.80 -95.06
N ASN C 1163 17.37 -38.73 -94.13
CA ASN C 1163 18.47 -38.66 -93.18
C ASN C 1163 18.46 -37.36 -92.38
N TRP C 1164 17.31 -37.01 -91.82
CA TRP C 1164 17.26 -35.89 -90.91
C TRP C 1164 17.99 -36.26 -89.63
N VAL C 1165 18.50 -35.23 -88.95
CA VAL C 1165 19.03 -35.37 -87.59
C VAL C 1165 18.08 -34.58 -86.70
N VAL C 1166 17.33 -35.25 -85.82
CA VAL C 1166 16.37 -34.52 -84.98
C VAL C 1166 16.68 -34.56 -83.49
N ASP C 1167 17.34 -33.51 -83.03
CA ASP C 1167 17.56 -33.32 -81.60
C ASP C 1167 16.21 -33.00 -80.94
N ILE C 1168 16.00 -33.55 -79.74
CA ILE C 1168 14.75 -33.34 -79.00
C ILE C 1168 15.11 -32.95 -77.58
N LEU C 1169 14.98 -31.67 -77.28
CA LEU C 1169 15.46 -31.14 -76.02
C LEU C 1169 14.46 -31.34 -74.88
N ASP C 1170 13.21 -31.66 -75.22
CA ASP C 1170 12.15 -31.79 -74.21
C ASP C 1170 12.44 -32.91 -73.24
N ILE C 1171 13.02 -33.98 -73.77
CA ILE C 1171 13.23 -35.20 -73.00
C ILE C 1171 14.23 -35.09 -71.85
N GLU C 1172 13.82 -35.61 -70.69
CA GLU C 1172 14.72 -35.81 -69.56
C GLU C 1172 14.81 -37.31 -69.41
N TYR C 1173 15.99 -37.84 -69.09
CA TYR C 1173 16.12 -39.29 -69.02
C TYR C 1173 17.26 -39.77 -68.12
N THR C 1174 17.11 -40.99 -67.64
CA THR C 1174 18.17 -41.74 -66.99
C THR C 1174 18.78 -42.72 -67.98
N ALA C 1175 20.01 -43.16 -67.72
CA ALA C 1175 20.70 -44.01 -68.67
C ALA C 1175 21.51 -45.11 -67.99
N GLU C 1176 20.90 -46.28 -67.83
CA GLU C 1176 21.64 -47.48 -67.43
C GLU C 1176 22.60 -47.77 -68.56
N VAL C 1177 23.86 -48.06 -68.25
CA VAL C 1177 24.81 -48.45 -69.29
C VAL C 1177 25.03 -49.95 -69.31
N MET C 1178 24.41 -50.57 -70.29
CA MET C 1178 24.44 -52.02 -70.47
C MET C 1178 25.77 -52.46 -71.03
N THR C 1179 26.10 -53.73 -70.78
CA THR C 1179 27.33 -54.32 -71.27
C THR C 1179 26.85 -55.42 -72.22
N PRO C 1180 27.66 -55.75 -73.24
CA PRO C 1180 27.05 -56.45 -74.38
C PRO C 1180 26.34 -57.77 -74.01
N SER C 1181 26.85 -58.47 -73.01
CA SER C 1181 26.26 -59.74 -72.59
C SER C 1181 24.86 -59.59 -72.00
N GLU C 1182 24.57 -58.45 -71.37
CA GLU C 1182 23.25 -58.25 -70.76
C GLU C 1182 22.21 -57.70 -71.75
N GLY C 1183 22.68 -57.31 -72.93
CA GLY C 1183 21.78 -56.94 -74.00
C GLY C 1183 21.00 -55.66 -73.70
N TYR C 1184 19.89 -55.51 -74.40
CA TYR C 1184 19.00 -54.37 -74.19
C TYR C 1184 17.71 -54.86 -73.56
N THR C 1185 17.65 -54.85 -72.23
CA THR C 1185 16.47 -55.39 -71.54
C THR C 1185 15.19 -54.60 -71.80
N GLN C 1186 15.30 -53.28 -71.94
CA GLN C 1186 14.14 -52.42 -72.20
C GLN C 1186 14.14 -51.90 -73.62
N HIS C 1187 12.99 -51.43 -74.09
CA HIS C 1187 12.91 -50.96 -75.46
C HIS C 1187 12.04 -49.73 -75.62
N VAL C 1188 12.40 -48.91 -76.60
CA VAL C 1188 11.70 -47.66 -76.82
C VAL C 1188 11.44 -47.44 -78.30
N ASP C 1189 10.18 -47.61 -78.70
CA ASP C 1189 9.74 -47.33 -80.06
C ASP C 1189 9.76 -45.82 -80.30
N ALA C 1190 9.97 -45.40 -81.54
CA ALA C 1190 10.05 -43.99 -81.87
C ALA C 1190 8.75 -43.29 -81.52
N GLU C 1191 7.64 -44.04 -81.61
CA GLU C 1191 6.32 -43.51 -81.29
C GLU C 1191 6.30 -43.04 -79.84
N SER C 1192 6.83 -43.86 -78.94
CA SER C 1192 6.82 -43.51 -77.52
C SER C 1192 7.73 -42.33 -77.20
N ILE C 1193 8.85 -42.23 -77.91
CA ILE C 1193 9.76 -41.09 -77.71
C ILE C 1193 9.12 -39.78 -78.19
N MET C 1194 8.29 -39.86 -79.23
CA MET C 1194 7.60 -38.68 -79.71
C MET C 1194 6.33 -38.36 -78.95
N THR C 1195 5.81 -39.31 -78.17
CA THR C 1195 4.52 -39.09 -77.52
C THR C 1195 4.51 -39.22 -76.01
N ALA C 1196 5.66 -39.47 -75.39
CA ALA C 1196 5.71 -39.56 -73.93
C ALA C 1196 5.48 -38.20 -73.29
N PRO C 1197 4.72 -38.16 -72.19
CA PRO C 1197 4.38 -36.89 -71.55
C PRO C 1197 5.63 -36.17 -71.05
N LYS C 1198 5.64 -34.85 -71.13
CA LYS C 1198 6.75 -34.07 -70.62
C LYS C 1198 6.80 -34.23 -69.12
N GLY C 1199 8.02 -34.28 -68.58
CA GLY C 1199 8.19 -34.35 -67.14
C GLY C 1199 8.29 -35.76 -66.62
N LYS C 1200 7.89 -36.72 -67.45
CA LYS C 1200 8.21 -38.11 -67.17
C LYS C 1200 9.69 -38.34 -67.43
N LEU C 1201 10.33 -39.14 -66.59
CA LEU C 1201 11.71 -39.55 -66.81
C LEU C 1201 11.72 -40.76 -67.73
N PHE C 1202 12.33 -40.60 -68.90
CA PHE C 1202 12.56 -41.74 -69.77
C PHE C 1202 13.71 -42.54 -69.24
N HIS C 1203 13.67 -43.85 -69.38
CA HIS C 1203 14.83 -44.65 -68.97
C HIS C 1203 15.43 -45.37 -70.16
N LEU C 1204 16.33 -44.67 -70.85
CA LEU C 1204 17.06 -45.21 -71.98
C LEU C 1204 18.22 -46.11 -71.55
N GLN C 1205 18.60 -47.05 -72.40
CA GLN C 1205 19.74 -47.93 -72.13
C GLN C 1205 20.78 -47.82 -73.23
N PHE C 1206 22.07 -47.72 -72.88
CA PHE C 1206 23.14 -47.61 -73.88
C PHE C 1206 24.29 -48.60 -73.68
N MET C 1207 24.46 -49.48 -74.65
CA MET C 1207 25.49 -50.51 -74.62
C MET C 1207 26.90 -49.93 -74.67
N ASP C 1208 27.78 -50.44 -73.81
CA ASP C 1208 29.22 -50.26 -73.98
C ASP C 1208 29.74 -51.51 -74.66
N GLY C 1209 30.01 -51.39 -75.96
CA GLY C 1209 30.38 -52.53 -76.78
C GLY C 1209 31.86 -52.85 -76.74
N LEU C 1210 32.60 -52.13 -75.90
CA LEU C 1210 34.04 -52.30 -75.84
C LEU C 1210 34.47 -53.72 -75.45
N LEU C 1211 33.70 -54.39 -74.59
CA LEU C 1211 34.03 -55.77 -74.24
C LEU C 1211 33.29 -56.77 -75.11
N ARG C 1212 33.44 -56.62 -76.42
CA ARG C 1212 32.86 -57.55 -77.36
C ARG C 1212 34.01 -58.20 -78.11
N PRO C 1213 34.27 -59.48 -77.82
CA PRO C 1213 35.37 -60.25 -78.42
C PRO C 1213 35.21 -60.37 -79.94
N GLU C 1214 36.33 -60.40 -80.66
CA GLU C 1214 36.30 -60.43 -82.11
C GLU C 1214 35.57 -61.67 -82.64
N PRO C 1215 34.86 -61.53 -83.76
CA PRO C 1215 34.05 -62.60 -84.35
C PRO C 1215 34.93 -63.73 -84.82
N SER C 1216 34.42 -64.95 -84.78
CA SER C 1216 35.15 -66.09 -85.30
C SER C 1216 35.44 -65.86 -86.78
N ALA C 1217 36.61 -66.28 -87.24
CA ALA C 1217 37.02 -66.05 -88.62
C ALA C 1217 36.05 -66.74 -89.57
N PHE C 1218 35.43 -67.80 -89.09
CA PHE C 1218 34.57 -68.63 -89.91
C PHE C 1218 33.07 -68.40 -89.71
N ASP C 1219 32.71 -67.37 -88.94
CA ASP C 1219 31.30 -66.97 -88.87
C ASP C 1219 30.86 -66.39 -90.21
N PRO C 1220 29.62 -66.70 -90.61
CA PRO C 1220 29.08 -66.25 -91.90
C PRO C 1220 29.00 -64.73 -91.95
N PRO C 1221 29.24 -64.14 -93.12
CA PRO C 1221 29.17 -62.69 -93.28
C PRO C 1221 27.75 -62.18 -93.01
N ALA C 1222 27.63 -60.98 -92.46
CA ALA C 1222 26.33 -60.33 -92.34
C ALA C 1222 25.96 -59.59 -93.62
N SER C 1223 24.93 -60.06 -94.30
CA SER C 1223 24.39 -59.35 -95.46
C SER C 1223 23.70 -58.04 -95.09
N GLY C 1224 23.15 -57.97 -93.87
CA GLY C 1224 22.35 -56.83 -93.44
C GLY C 1224 23.17 -55.77 -92.71
N GLU C 1225 22.49 -54.94 -91.93
CA GLU C 1225 23.17 -53.90 -91.17
C GLU C 1225 22.44 -53.59 -89.87
N ASP C 1226 23.12 -53.71 -88.74
CA ASP C 1226 22.57 -53.22 -87.47
C ASP C 1226 22.43 -51.68 -87.51
N MET C 1227 21.29 -51.17 -87.06
CA MET C 1227 21.06 -49.72 -87.06
C MET C 1227 20.75 -49.18 -85.67
N ARG C 1228 20.51 -47.88 -85.59
CA ARG C 1228 20.34 -47.19 -84.32
C ARG C 1228 19.64 -45.86 -84.55
N LEU C 1229 18.80 -45.45 -83.61
CA LEU C 1229 18.14 -44.15 -83.72
C LEU C 1229 18.50 -43.25 -82.55
N ILE C 1230 18.41 -43.77 -81.34
CA ILE C 1230 18.54 -42.92 -80.16
C ILE C 1230 19.98 -42.68 -79.75
N TYR C 1231 20.32 -41.40 -79.58
CA TYR C 1231 21.63 -41.02 -79.04
C TYR C 1231 21.44 -39.96 -77.96
N PRO C 1232 22.33 -39.95 -76.97
CA PRO C 1232 22.44 -38.84 -76.01
C PRO C 1232 22.94 -37.56 -76.67
N LEU C 1233 22.56 -36.39 -76.15
CA LEU C 1233 23.19 -35.13 -76.56
C LEU C 1233 24.43 -34.74 -75.75
N GLN C 1234 24.65 -35.46 -74.65
CA GLN C 1234 25.62 -35.05 -73.64
C GLN C 1234 26.37 -36.29 -73.16
N PRO C 1235 27.55 -36.12 -72.54
CA PRO C 1235 28.20 -37.34 -72.02
C PRO C 1235 27.32 -38.03 -70.98
N ILE C 1236 27.31 -39.36 -71.01
CA ILE C 1236 26.46 -40.17 -70.14
C ILE C 1236 27.26 -40.78 -68.99
N SER C 1237 28.49 -41.15 -69.30
CA SER C 1237 29.31 -41.93 -68.39
C SER C 1237 29.98 -41.06 -67.34
N VAL C 1238 29.22 -40.15 -66.75
CA VAL C 1238 29.77 -39.29 -65.71
C VAL C 1238 30.08 -40.07 -64.45
N ALA C 1239 29.33 -41.14 -64.23
CA ALA C 1239 29.47 -41.91 -62.99
C ALA C 1239 30.61 -42.91 -63.10
N ARG C 1240 31.15 -43.05 -64.29
CA ARG C 1240 32.10 -44.12 -64.59
C ARG C 1240 33.49 -43.82 -64.07
N SER C 1241 33.97 -44.69 -63.18
CA SER C 1241 35.33 -44.60 -62.68
C SER C 1241 36.30 -45.39 -63.55
N MET C 1242 35.88 -46.55 -64.03
CA MET C 1242 36.82 -47.44 -64.75
C MET C 1242 36.14 -48.24 -65.84
N ARG C 1243 36.93 -48.72 -66.79
CA ARG C 1243 36.34 -49.37 -67.95
C ARG C 1243 37.28 -50.36 -68.63
N ALA C 1244 36.70 -51.47 -69.09
CA ALA C 1244 37.43 -52.51 -69.79
C ALA C 1244 38.61 -53.05 -69.01
N ILE C 1245 38.35 -53.55 -67.81
CA ILE C 1245 39.40 -54.18 -67.02
C ILE C 1245 39.69 -55.57 -67.60
N VAL C 1246 40.33 -55.57 -68.78
CA VAL C 1246 40.84 -56.77 -69.47
C VAL C 1246 42.03 -56.31 -70.30
N ASN C 1247 42.86 -57.25 -70.75
CA ASN C 1247 43.95 -56.88 -71.66
C ASN C 1247 43.63 -57.08 -73.14
N HIS C 1248 43.76 -56.03 -73.93
CA HIS C 1248 44.00 -56.22 -75.35
C HIS C 1248 45.38 -56.85 -75.44
N ASN C 1249 45.56 -57.85 -76.30
CA ASN C 1249 46.75 -58.69 -76.24
C ASN C 1249 46.92 -59.21 -74.83
N GLU C 1250 48.15 -59.25 -74.35
CA GLU C 1250 48.36 -59.46 -72.92
C GLU C 1250 48.96 -58.22 -72.29
N VAL C 1251 49.27 -57.22 -73.11
CA VAL C 1251 50.03 -56.07 -72.60
C VAL C 1251 49.51 -54.70 -73.04
N ASP C 1252 48.87 -54.65 -74.21
CA ASP C 1252 48.28 -53.42 -74.71
C ASP C 1252 47.01 -53.05 -73.93
N ARG C 1253 46.65 -51.76 -73.88
CA ARG C 1253 45.32 -51.38 -73.38
C ARG C 1253 44.32 -51.37 -74.53
N PRO C 1254 43.10 -51.84 -74.26
CA PRO C 1254 42.02 -51.67 -75.23
C PRO C 1254 41.74 -50.20 -75.45
N ARG C 1255 41.39 -49.85 -76.67
CA ARG C 1255 41.05 -48.48 -76.99
C ARG C 1255 39.80 -48.13 -76.18
N GLY C 1256 39.79 -46.96 -75.57
CA GLY C 1256 38.63 -46.53 -74.80
C GLY C 1256 38.59 -47.01 -73.37
N ALA C 1257 39.64 -47.70 -72.93
CA ALA C 1257 39.73 -48.16 -71.54
C ALA C 1257 39.95 -46.98 -70.61
N VAL C 1258 39.30 -47.02 -69.44
CA VAL C 1258 39.41 -45.90 -68.51
C VAL C 1258 40.09 -46.28 -67.20
N ALA C 1259 41.25 -45.70 -66.96
CA ALA C 1259 41.94 -45.85 -65.68
C ALA C 1259 41.25 -45.03 -64.60
N PRO C 1260 41.37 -45.45 -63.35
CA PRO C 1260 40.81 -44.66 -62.26
C PRO C 1260 41.51 -43.29 -62.18
N SER C 1261 40.79 -42.25 -61.78
CA SER C 1261 41.37 -40.92 -61.58
C SER C 1261 42.34 -40.97 -60.42
N SER C 1262 43.38 -40.14 -60.45
CA SER C 1262 44.40 -40.18 -59.41
C SER C 1262 43.85 -39.79 -58.04
N TYR C 1263 42.85 -38.91 -58.04
CA TYR C 1263 42.30 -38.39 -56.80
C TYR C 1263 41.55 -39.46 -56.04
N GLU C 1264 41.18 -40.53 -56.75
CA GLU C 1264 40.49 -41.67 -56.11
C GLU C 1264 41.44 -42.31 -55.12
N MET C 1265 42.73 -42.13 -55.36
CA MET C 1265 43.75 -42.74 -54.49
C MET C 1265 44.61 -41.79 -53.64
N ASP C 1266 44.31 -40.48 -53.63
CA ASP C 1266 45.24 -39.49 -53.03
C ASP C 1266 45.40 -39.49 -51.51
N THR C 1267 44.39 -39.94 -50.76
CA THR C 1267 44.35 -39.86 -49.28
C THR C 1267 45.43 -39.01 -48.58
N GLY C 1268 45.29 -37.70 -48.65
CA GLY C 1268 46.39 -36.84 -48.27
C GLY C 1268 46.56 -36.72 -46.78
N THR C 1269 46.00 -35.67 -46.22
CA THR C 1269 46.15 -35.36 -44.82
C THR C 1269 44.99 -34.50 -44.38
N LEU C 1270 44.88 -34.32 -43.07
CA LEU C 1270 43.98 -33.31 -42.55
C LEU C 1270 44.64 -31.94 -42.62
N SER C 1271 43.83 -30.91 -42.87
CA SER C 1271 44.30 -29.53 -42.89
C SER C 1271 44.68 -29.12 -41.48
N ARG C 1272 45.27 -27.94 -41.34
CA ARG C 1272 45.67 -27.44 -40.04
C ARG C 1272 44.46 -27.36 -39.11
N ASN C 1273 43.30 -27.10 -39.68
CA ASN C 1273 42.08 -26.93 -38.89
C ASN C 1273 41.25 -28.23 -38.75
N GLY C 1274 41.45 -29.18 -39.66
CA GLY C 1274 40.71 -30.43 -39.61
C GLY C 1274 40.26 -30.97 -40.96
N ASP C 1275 40.05 -30.08 -41.92
CA ASP C 1275 39.50 -30.45 -43.20
C ASP C 1275 40.41 -31.34 -44.04
N LEU C 1276 39.81 -32.22 -44.84
CA LEU C 1276 40.54 -33.10 -45.74
C LEU C 1276 41.28 -32.37 -46.87
N LEU C 1277 42.42 -32.92 -47.28
CA LEU C 1277 43.19 -32.38 -48.41
C LEU C 1277 43.86 -33.43 -49.27
N TYR C 1278 43.99 -33.12 -50.55
CA TYR C 1278 44.88 -33.86 -51.44
C TYR C 1278 46.32 -33.55 -51.08
N SER C 1279 47.23 -34.42 -51.46
CA SER C 1279 48.66 -34.22 -51.19
C SER C 1279 49.15 -33.04 -52.02
N PRO C 1280 50.25 -32.40 -51.58
CA PRO C 1280 50.77 -31.31 -52.42
C PRO C 1280 51.16 -31.82 -53.80
N VAL C 1281 50.89 -31.04 -54.85
CA VAL C 1281 51.24 -31.42 -56.21
C VAL C 1281 52.76 -31.40 -56.42
N ALA C 1282 53.40 -30.33 -55.95
CA ALA C 1282 54.84 -30.19 -56.01
C ALA C 1282 55.35 -29.98 -54.60
N ASN C 1283 56.66 -29.89 -54.43
CA ASN C 1283 57.23 -29.71 -53.09
C ASN C 1283 56.84 -28.37 -52.44
N GLY C 1284 56.69 -27.34 -53.25
CA GLY C 1284 56.42 -26.01 -52.74
C GLY C 1284 54.98 -25.72 -52.31
N GLN C 1285 54.03 -26.06 -53.17
CA GLN C 1285 52.62 -25.72 -52.96
C GLN C 1285 51.93 -26.54 -51.87
N VAL C 1286 50.99 -25.91 -51.16
CA VAL C 1286 50.16 -26.60 -50.17
C VAL C 1286 49.06 -27.42 -50.84
N GLY C 1287 48.67 -28.53 -50.22
CA GLY C 1287 47.66 -29.42 -50.77
C GLY C 1287 46.24 -28.87 -50.81
N ILE C 1288 45.61 -29.00 -51.98
CA ILE C 1288 44.26 -28.48 -52.21
C ILE C 1288 43.21 -29.21 -51.38
N PRO C 1289 42.28 -28.47 -50.76
CA PRO C 1289 41.22 -29.11 -49.97
C PRO C 1289 40.40 -30.04 -50.83
N LYS C 1290 40.02 -31.20 -50.30
CA LYS C 1290 39.29 -32.18 -51.10
C LYS C 1290 37.93 -31.65 -51.44
N LEU C 1291 37.37 -30.86 -50.54
CA LEU C 1291 36.03 -30.32 -50.71
C LEU C 1291 36.03 -29.09 -51.63
N GLU C 1292 37.21 -28.54 -51.90
CA GLU C 1292 37.32 -27.40 -52.80
C GLU C 1292 37.02 -27.73 -54.27
N VAL C 1293 37.28 -28.98 -54.67
CA VAL C 1293 37.22 -29.36 -56.08
C VAL C 1293 36.31 -30.55 -56.34
N ASP C 1294 35.99 -30.78 -57.62
CA ASP C 1294 34.90 -31.69 -58.02
C ASP C 1294 35.28 -33.17 -58.16
N HIS C 1295 36.52 -33.52 -57.84
CA HIS C 1295 36.97 -34.91 -57.90
C HIS C 1295 36.44 -35.74 -56.73
N ILE C 1296 36.35 -37.05 -56.93
CA ILE C 1296 35.99 -37.96 -55.84
C ILE C 1296 37.22 -38.68 -55.31
N SER C 1297 37.45 -38.60 -54.00
CA SER C 1297 38.58 -39.27 -53.38
C SER C 1297 38.12 -40.40 -52.48
N PHE C 1298 38.48 -41.64 -52.83
CA PHE C 1298 37.95 -42.79 -52.11
C PHE C 1298 38.86 -43.31 -51.04
N SER C 1299 39.74 -42.43 -50.57
CA SER C 1299 40.50 -42.71 -49.37
C SER C 1299 40.76 -41.42 -48.61
N ASN C 1300 40.55 -41.48 -47.31
CA ASN C 1300 40.61 -40.30 -46.46
C ASN C 1300 40.99 -40.67 -45.05
N VAL C 1301 41.54 -39.71 -44.30
CA VAL C 1301 41.85 -39.95 -42.89
C VAL C 1301 40.65 -39.64 -41.99
N VAL C 1302 39.95 -40.68 -41.58
CA VAL C 1302 38.83 -40.52 -40.67
C VAL C 1302 39.31 -40.58 -39.21
N SER C 1303 39.11 -39.47 -38.50
CA SER C 1303 39.29 -39.42 -37.07
C SER C 1303 38.24 -40.28 -36.39
N MET C 1304 38.62 -40.94 -35.31
CA MET C 1304 37.72 -41.82 -34.61
C MET C 1304 38.19 -42.10 -33.18
N MET C 1305 37.26 -42.42 -32.29
CA MET C 1305 37.62 -42.84 -30.95
C MET C 1305 38.15 -44.27 -30.95
N THR C 1306 39.07 -44.58 -30.05
CA THR C 1306 39.64 -45.93 -30.00
C THR C 1306 38.67 -46.98 -29.46
N ALA C 1307 37.68 -46.53 -28.71
CA ALA C 1307 36.71 -47.45 -28.12
C ALA C 1307 35.40 -46.73 -27.84
N ASN C 1308 34.39 -47.47 -27.42
CA ASN C 1308 33.08 -46.91 -27.18
C ASN C 1308 33.11 -45.84 -26.08
N ILE C 1309 32.44 -44.72 -26.34
CA ILE C 1309 32.40 -43.60 -25.41
C ILE C 1309 31.32 -43.81 -24.32
N ARG C 1310 30.42 -44.75 -24.54
CA ARG C 1310 29.46 -45.13 -23.52
C ARG C 1310 30.06 -46.22 -22.63
N THR C 1311 30.92 -45.80 -21.70
CA THR C 1311 31.55 -46.69 -20.75
C THR C 1311 30.51 -47.32 -19.81
N GLY C 1312 29.43 -46.59 -19.57
CA GLY C 1312 28.42 -47.03 -18.62
C GLY C 1312 28.55 -46.40 -17.24
N ASP C 1313 29.58 -45.58 -17.04
CA ASP C 1313 29.66 -44.81 -15.81
C ASP C 1313 28.86 -43.51 -15.94
N ASP C 1314 27.54 -43.63 -15.95
CA ASP C 1314 26.68 -42.44 -16.02
C ASP C 1314 26.79 -41.62 -14.73
N MET C 1315 26.76 -40.30 -14.89
CA MET C 1315 26.87 -39.37 -13.77
C MET C 1315 25.67 -39.50 -12.86
N ALA C 1316 25.92 -39.47 -11.56
CA ALA C 1316 24.84 -39.51 -10.60
C ALA C 1316 25.15 -38.51 -9.52
N VAL C 1317 24.11 -37.87 -8.99
CA VAL C 1317 24.32 -36.82 -8.00
C VAL C 1317 23.57 -37.09 -6.72
N GLU C 1318 23.89 -36.27 -5.72
CA GLU C 1318 23.18 -36.25 -4.45
C GLU C 1318 22.46 -34.91 -4.34
N ARG C 1319 21.20 -34.87 -4.78
CA ARG C 1319 20.34 -33.74 -4.48
C ARG C 1319 20.00 -33.75 -2.99
N VAL C 1320 20.04 -32.59 -2.36
CA VAL C 1320 19.70 -32.49 -0.95
C VAL C 1320 18.88 -31.23 -0.72
N ASN C 1321 17.63 -31.48 -0.35
CA ASN C 1321 16.57 -30.49 -0.35
C ASN C 1321 16.79 -29.39 0.69
N PRO C 1322 16.11 -28.25 0.51
CA PRO C 1322 16.10 -27.23 1.56
C PRO C 1322 15.51 -27.81 2.85
N ASP C 1323 16.03 -27.39 4.00
CA ASP C 1323 15.57 -27.93 5.27
C ASP C 1323 14.15 -27.46 5.62
N ASP C 1324 13.89 -26.15 5.46
CA ASP C 1324 12.58 -25.57 5.71
C ASP C 1324 12.13 -24.79 4.48
N VAL C 1325 10.94 -25.09 3.98
CA VAL C 1325 10.43 -24.38 2.79
C VAL C 1325 10.21 -22.89 3.08
N ARG C 1326 9.86 -22.57 4.31
CA ARG C 1326 9.65 -21.19 4.68
C ARG C 1326 10.95 -20.40 4.71
N ALA C 1327 12.06 -21.10 4.95
CA ALA C 1327 13.32 -20.45 5.20
C ALA C 1327 14.06 -20.08 3.91
N ILE C 1328 13.58 -20.60 2.80
CA ILE C 1328 14.23 -20.38 1.51
C ILE C 1328 14.24 -18.91 1.12
N ASN C 1329 15.38 -18.43 0.64
CA ASN C 1329 15.47 -17.05 0.17
C ASN C 1329 15.18 -16.93 -1.32
N ILE C 1330 13.92 -16.72 -1.65
CA ILE C 1330 13.50 -16.55 -3.03
C ILE C 1330 14.15 -15.30 -3.59
N ARG C 1331 14.33 -14.32 -2.71
CA ARG C 1331 14.70 -12.94 -3.05
C ARG C 1331 16.07 -12.84 -3.72
N ASN C 1332 16.41 -11.62 -4.12
CA ASN C 1332 17.72 -11.31 -4.69
C ASN C 1332 18.04 -12.11 -5.95
N ALA C 1333 17.41 -11.74 -7.06
CA ALA C 1333 17.69 -12.33 -8.35
C ALA C 1333 17.46 -13.84 -8.35
N MET D 1 10.29 1.02 76.16
CA MET D 1 10.03 2.26 75.45
C MET D 1 11.28 2.83 74.82
N LEU D 2 11.22 3.04 73.51
CA LEU D 2 12.33 3.68 72.81
C LEU D 2 12.28 5.19 73.07
N GLN D 3 13.37 5.73 73.59
CA GLN D 3 13.49 7.17 73.76
C GLN D 3 13.59 7.81 72.39
N GLN D 4 12.91 8.93 72.20
CA GLN D 4 13.12 9.72 71.00
C GLN D 4 14.40 10.53 71.15
N PRO D 5 15.28 10.48 70.13
CA PRO D 5 16.51 11.28 70.14
C PRO D 5 16.19 12.77 70.06
N THR D 6 17.19 13.64 70.10
CA THR D 6 16.95 15.06 69.92
C THR D 6 16.48 15.35 68.50
N GLY D 7 16.95 14.54 67.55
CA GLY D 7 16.39 14.52 66.21
C GLY D 7 15.19 13.60 66.36
N GLY D 8 14.52 13.24 65.28
CA GLY D 8 13.39 12.35 65.45
C GLY D 8 13.85 10.91 65.65
N TYR D 9 12.90 9.98 65.68
CA TYR D 9 13.23 8.56 65.69
C TYR D 9 13.98 8.20 64.41
N THR D 10 13.79 9.02 63.38
CA THR D 10 14.36 8.80 62.06
C THR D 10 15.89 8.84 62.03
N THR D 11 16.50 9.53 63.00
CA THR D 11 17.95 9.54 63.09
C THR D 11 18.53 8.14 63.35
N LEU D 12 17.75 7.31 64.05
CA LEU D 12 18.16 5.94 64.34
C LEU D 12 18.25 5.11 63.06
N GLU D 13 19.32 4.34 62.92
CA GLU D 13 19.59 3.59 61.70
C GLU D 13 18.57 2.46 61.53
N GLN D 14 17.90 2.13 62.62
CA GLN D 14 16.89 1.10 62.65
C GLN D 14 15.67 1.48 61.78
N PHE D 15 15.45 2.77 61.59
CA PHE D 15 14.28 3.24 60.84
C PHE D 15 14.57 3.72 59.43
N ALA D 16 15.77 3.47 58.92
CA ALA D 16 16.17 4.05 57.63
C ALA D 16 15.27 3.59 56.49
N PHE D 17 14.84 4.56 55.69
CA PHE D 17 13.99 4.30 54.55
C PHE D 17 14.84 4.19 53.31
N THR D 18 14.84 3.03 52.66
CA THR D 18 15.63 2.84 51.44
C THR D 18 14.90 1.96 50.43
N ILE D 19 14.78 2.45 49.21
CA ILE D 19 14.27 1.60 48.14
C ILE D 19 15.43 0.84 47.47
N ARG D 20 15.20 -0.43 47.16
CA ARG D 20 16.19 -1.19 46.42
C ARG D 20 16.28 -0.63 45.00
N ASN D 21 17.51 -0.47 44.52
CA ASN D 21 17.77 0.03 43.16
C ASN D 21 19.22 -0.15 42.76
N ASP D 22 19.45 -0.52 41.50
CA ASP D 22 20.79 -0.81 40.98
C ASP D 22 21.51 -1.83 41.86
N GLY D 23 20.75 -2.76 42.45
CA GLY D 23 21.33 -3.84 43.21
C GLY D 23 21.75 -3.47 44.62
N THR D 24 21.39 -2.27 45.07
CA THR D 24 21.71 -1.85 46.42
C THR D 24 20.47 -1.32 47.13
N ASN D 25 20.63 -0.94 48.39
CA ASN D 25 19.60 -0.19 49.11
C ASN D 25 19.81 1.31 48.97
N ALA D 26 19.28 1.89 47.91
CA ALA D 26 19.40 3.31 47.67
C ALA D 26 18.55 4.09 48.65
N THR D 27 19.06 5.22 49.14
CA THR D 27 18.27 6.17 49.91
C THR D 27 17.31 6.80 48.93
N PRO D 28 16.15 7.27 49.41
CA PRO D 28 15.16 7.82 48.48
C PRO D 28 15.76 8.97 47.66
N THR D 29 16.67 9.73 48.25
CA THR D 29 17.24 10.88 47.55
C THR D 29 18.00 10.47 46.30
N GLN D 30 18.79 9.41 46.39
CA GLN D 30 19.56 8.98 45.22
C GLN D 30 18.69 8.36 44.13
N PHE D 31 17.50 7.88 44.51
CA PHE D 31 16.53 7.49 43.48
C PHE D 31 15.88 8.69 42.83
N LEU D 32 15.56 9.69 43.64
CA LEU D 32 14.91 10.89 43.14
C LEU D 32 15.82 11.64 42.17
N GLN D 33 17.12 11.36 42.23
CA GLN D 33 18.08 11.93 41.30
C GLN D 33 17.84 11.48 39.87
N LEU D 34 17.35 10.26 39.71
CA LEU D 34 17.08 9.69 38.39
C LEU D 34 15.85 10.32 37.74
N LEU D 35 15.00 10.93 38.56
CA LEU D 35 13.81 11.61 38.08
C LEU D 35 14.14 12.83 37.22
N SER D 36 13.34 13.04 36.18
CA SER D 36 13.61 14.01 35.14
C SER D 36 12.23 14.45 34.64
N TYR D 37 12.14 15.60 33.97
CA TYR D 37 10.81 16.15 33.68
C TYR D 37 10.59 16.76 32.30
N GLU D 38 9.32 16.77 31.89
CA GLU D 38 8.90 17.38 30.64
C GLU D 38 7.69 18.23 30.96
N ALA D 39 7.91 19.53 31.14
CA ALA D 39 6.81 20.45 31.40
C ALA D 39 5.84 20.51 30.22
N THR D 40 4.54 20.54 30.50
CA THR D 40 3.54 20.73 29.46
C THR D 40 2.96 22.13 29.58
N GLU D 41 2.12 22.51 28.63
CA GLU D 41 1.53 23.84 28.63
C GLU D 41 0.67 24.12 29.88
N ASN D 42 0.12 23.06 30.46
CA ASN D 42 -0.80 23.16 31.61
C ASN D 42 -0.13 23.54 32.93
N GLU D 43 -0.88 24.20 33.81
CA GLU D 43 -0.30 24.72 35.05
C GLU D 43 -1.01 24.29 36.34
N LEU D 44 -0.19 23.96 37.34
CA LEU D 44 -0.65 23.70 38.71
C LEU D 44 -0.44 24.93 39.58
N VAL D 45 -1.46 25.28 40.34
CA VAL D 45 -1.40 26.41 41.27
C VAL D 45 -1.90 25.94 42.63
N LYS D 46 -1.06 26.03 43.66
CA LYS D 46 -1.48 25.50 44.96
C LYS D 46 -2.41 26.44 45.72
N LYS D 47 -3.65 25.98 45.91
CA LYS D 47 -4.60 26.65 46.80
C LYS D 47 -4.29 26.28 48.26
N THR D 48 -4.68 27.15 49.19
CA THR D 48 -4.48 26.86 50.60
C THR D 48 -5.24 25.60 50.99
N ILE D 49 -4.58 24.71 51.71
CA ILE D 49 -5.20 23.49 52.18
C ILE D 49 -6.17 23.81 53.32
N PRO D 50 -7.39 23.26 53.25
CA PRO D 50 -8.37 23.50 54.32
C PRO D 50 -7.83 22.96 55.64
N THR D 51 -8.11 23.62 56.75
CA THR D 51 -7.64 23.12 58.04
C THR D 51 -8.38 21.84 58.37
N PRO D 52 -7.65 20.83 58.84
CA PRO D 52 -8.31 19.58 59.20
C PRO D 52 -9.33 19.78 60.32
N GLU D 53 -10.39 19.00 60.27
CA GLU D 53 -11.46 19.03 61.27
C GLU D 53 -10.89 18.78 62.66
N THR D 54 -11.43 19.46 63.66
CA THR D 54 -10.98 19.28 65.04
C THR D 54 -11.33 17.89 65.56
N HIS D 55 -12.42 17.35 65.02
CA HIS D 55 -13.00 16.10 65.49
C HIS D 55 -12.08 14.88 65.39
N LEU D 56 -11.86 14.21 66.51
CA LEU D 56 -11.16 12.93 66.52
C LEU D 56 -12.15 11.81 66.62
N PRO D 57 -12.19 10.94 65.60
CA PRO D 57 -13.16 9.85 65.56
C PRO D 57 -12.93 8.89 66.72
N SER D 58 -14.01 8.34 67.27
CA SER D 58 -13.90 7.45 68.42
C SER D 58 -13.13 6.19 68.09
N ALA D 59 -12.20 5.81 68.96
CA ALA D 59 -11.53 4.51 68.84
C ALA D 59 -12.48 3.58 69.55
N ARG D 60 -13.37 2.96 68.79
CA ARG D 60 -14.46 2.19 69.36
C ARG D 60 -13.83 1.03 70.12
N ASN D 61 -14.54 0.56 71.14
CA ASN D 61 -14.06 -0.51 71.98
C ASN D 61 -13.57 -1.72 71.16
N VAL D 62 -12.26 -1.78 70.94
CA VAL D 62 -11.64 -2.88 70.20
C VAL D 62 -10.70 -3.68 71.11
N PRO D 63 -11.05 -4.95 71.37
CA PRO D 63 -10.23 -5.90 72.14
C PRO D 63 -8.83 -6.16 71.57
N GLY D 64 -8.72 -6.16 70.24
CA GLY D 64 -7.47 -6.54 69.58
C GLY D 64 -6.46 -5.43 69.46
N ASN D 65 -5.24 -5.79 69.08
CA ASN D 65 -4.21 -4.80 68.86
C ASN D 65 -4.10 -4.50 67.37
N VAL D 66 -4.64 -3.36 66.95
CA VAL D 66 -4.62 -3.02 65.53
C VAL D 66 -3.23 -2.80 64.95
N TYR D 67 -3.01 -3.42 63.79
CA TYR D 67 -1.78 -3.25 63.03
C TYR D 67 -1.96 -2.01 62.17
N ILE D 68 -1.66 -0.85 62.74
CA ILE D 68 -1.96 0.39 62.06
C ILE D 68 -0.91 0.80 61.02
N GLU D 69 0.36 0.42 61.22
CA GLU D 69 1.39 0.83 60.28
C GLU D 69 1.10 0.11 58.98
N ASP D 70 0.77 -1.17 59.11
CA ASP D 70 0.50 -2.00 57.95
C ASP D 70 -0.73 -1.46 57.23
N ALA D 71 -1.67 -0.93 58.02
CA ALA D 71 -2.95 -0.49 57.46
C ALA D 71 -2.78 0.80 56.68
N ILE D 72 -2.02 1.74 57.23
CA ILE D 72 -1.77 2.99 56.56
C ILE D 72 -0.89 2.80 55.32
N THR D 73 0.23 2.11 55.50
CA THR D 73 1.18 1.94 54.39
C THR D 73 0.58 1.14 53.27
N GLN D 74 -0.25 0.16 53.60
CA GLN D 74 -0.94 -0.57 52.54
C GLN D 74 -2.07 0.25 51.92
N ALA D 75 -2.72 1.10 52.70
CA ALA D 75 -3.76 1.96 52.17
C ALA D 75 -3.18 2.95 51.19
N LEU D 76 -1.93 3.32 51.40
CA LEU D 76 -1.29 4.36 50.60
C LEU D 76 -0.42 3.84 49.46
N PHE D 77 0.14 2.64 49.62
CA PHE D 77 1.09 2.12 48.63
C PHE D 77 0.90 0.64 48.29
N GLY D 78 0.07 -0.06 49.07
CA GLY D 78 -0.15 -1.48 48.86
C GLY D 78 -0.75 -1.83 47.51
N ILE D 79 -0.21 -2.86 46.87
CA ILE D 79 -0.62 -3.29 45.53
C ILE D 79 -2.06 -3.79 45.44
N SER D 80 -2.52 -4.49 46.46
CA SER D 80 -3.83 -5.15 46.38
C SER D 80 -4.91 -4.63 47.34
N ALA D 81 -4.58 -3.65 48.16
CA ALA D 81 -5.52 -3.14 49.16
C ALA D 81 -6.79 -2.52 48.56
N GLN D 82 -7.91 -2.71 49.24
CA GLN D 82 -9.22 -2.23 48.76
C GLN D 82 -10.15 -1.98 49.93
N ASN D 83 -11.18 -1.17 49.69
CA ASN D 83 -12.20 -0.85 50.70
C ASN D 83 -11.61 -0.47 52.05
N VAL D 84 -10.59 0.38 52.04
CA VAL D 84 -9.78 0.61 53.23
C VAL D 84 -10.53 1.27 54.38
N ASN D 85 -11.69 1.86 54.09
CA ASN D 85 -12.43 2.60 55.09
C ASN D 85 -13.56 1.84 55.79
N ALA D 86 -14.07 0.78 55.15
CA ALA D 86 -15.18 0.03 55.73
C ALA D 86 -14.81 -0.68 57.03
N HIS D 87 -13.57 -1.15 57.13
CA HIS D 87 -13.08 -1.70 58.39
C HIS D 87 -12.82 -0.54 59.34
N GLY D 88 -12.26 0.55 58.80
CA GLY D 88 -12.18 1.82 59.48
C GLY D 88 -11.40 1.84 60.79
N TYR D 89 -10.33 1.06 60.88
CA TYR D 89 -9.60 0.96 62.13
C TYR D 89 -8.60 2.08 62.37
N PHE D 90 -8.52 3.00 61.42
CA PHE D 90 -7.63 4.15 61.56
C PHE D 90 -8.07 4.99 62.75
N SER D 91 -9.36 4.88 63.08
CA SER D 91 -9.94 5.62 64.19
C SER D 91 -9.20 5.28 65.45
N ARG D 92 -8.65 4.07 65.48
CA ARG D 92 -8.04 3.53 66.69
C ARG D 92 -6.90 4.40 67.13
N LEU D 93 -6.32 5.15 66.19
CA LEU D 93 -5.18 5.98 66.55
C LEU D 93 -5.55 6.97 67.65
N SER D 94 -6.83 7.35 67.71
CA SER D 94 -7.28 8.34 68.69
C SER D 94 -7.18 7.81 70.10
N ALA D 95 -7.09 6.49 70.25
CA ALA D 95 -6.93 5.88 71.57
C ALA D 95 -5.62 6.36 72.17
N LEU D 96 -4.63 6.58 71.31
CA LEU D 96 -3.33 7.05 71.74
C LEU D 96 -3.31 8.55 71.99
N ALA D 97 -4.37 9.24 71.58
CA ALA D 97 -4.42 10.69 71.64
C ALA D 97 -4.54 11.23 73.07
N LEU D 98 -5.13 10.42 73.95
CA LEU D 98 -5.34 10.85 75.34
C LEU D 98 -4.05 10.98 76.11
N PRO D 99 -3.98 11.97 77.01
CA PRO D 99 -2.91 11.98 78.01
C PRO D 99 -3.04 10.75 78.90
N ASN D 100 -1.93 10.19 79.34
CA ASN D 100 -1.90 9.02 80.23
C ASN D 100 -2.85 7.87 79.86
N THR D 101 -2.89 7.51 78.59
CA THR D 101 -3.62 6.31 78.17
C THR D 101 -2.80 5.06 78.45
N SER D 102 -3.50 3.94 78.60
CA SER D 102 -2.83 2.66 78.81
C SER D 102 -2.33 2.01 77.52
N ALA D 103 -2.74 2.55 76.37
CA ALA D 103 -2.31 2.04 75.06
C ALA D 103 -0.90 2.45 74.69
N ARG D 104 -0.21 1.62 73.90
CA ARG D 104 1.13 1.94 73.41
C ARG D 104 1.21 1.60 71.94
N LEU D 105 1.95 2.43 71.19
CA LEU D 105 2.19 2.16 69.79
C LEU D 105 3.58 1.57 69.60
N GLY D 106 3.63 0.26 69.40
CA GLY D 106 4.89 -0.43 69.25
C GLY D 106 5.58 -0.15 67.93
N LEU D 107 6.88 -0.37 67.91
CA LEU D 107 7.71 -0.13 66.73
C LEU D 107 7.32 -1.09 65.60
N ASP D 108 6.61 -2.14 65.96
CA ASP D 108 6.00 -3.03 64.98
C ASP D 108 4.89 -2.30 64.22
N GLY D 109 4.43 -1.18 64.77
CA GLY D 109 3.31 -0.45 64.20
C GLY D 109 1.95 -0.95 64.68
N VAL D 110 1.98 -1.75 65.74
CA VAL D 110 0.77 -2.24 66.38
C VAL D 110 0.34 -1.31 67.51
N ILE D 111 -0.96 -1.02 67.59
CA ILE D 111 -1.51 -0.26 68.71
C ILE D 111 -1.97 -1.22 69.82
N TYR D 112 -1.05 -1.59 70.70
CA TYR D 112 -1.40 -2.43 71.85
C TYR D 112 -2.36 -1.74 72.81
N ASN D 113 -3.37 -2.48 73.26
CA ASN D 113 -4.37 -1.94 74.16
C ASN D 113 -3.81 -1.69 75.55
N SER D 114 -2.69 -2.33 75.84
CA SER D 114 -1.98 -2.11 77.09
C SER D 114 -0.48 -2.31 76.84
N GLU D 115 0.36 -1.76 77.71
CA GLU D 115 1.80 -2.00 77.62
C GLU D 115 2.05 -3.50 77.79
N THR D 116 3.00 -4.03 77.03
CA THR D 116 3.24 -5.46 77.02
C THR D 116 4.74 -5.73 76.97
N ILE D 117 5.17 -6.85 77.56
CA ILE D 117 6.59 -7.16 77.66
C ILE D 117 7.25 -7.44 76.32
N ASN D 118 8.54 -7.11 76.22
CA ASN D 118 9.37 -7.40 75.04
C ASN D 118 8.83 -6.80 73.76
N ILE D 119 8.06 -5.73 73.90
CA ILE D 119 7.56 -5.00 72.75
C ILE D 119 7.90 -3.52 72.86
N PRO D 120 9.03 -3.13 72.27
CA PRO D 120 9.53 -1.74 72.35
C PRO D 120 8.54 -0.80 71.69
N PHE D 121 8.41 0.40 72.22
CA PHE D 121 7.39 1.34 71.74
C PHE D 121 7.83 2.80 71.80
N TYR D 122 7.20 3.65 70.98
CA TYR D 122 7.51 5.07 70.93
C TYR D 122 7.04 5.78 72.20
N ASP D 123 7.72 6.87 72.58
CA ASP D 123 7.37 7.58 73.81
C ASP D 123 5.96 8.10 73.69
N PRO D 124 5.13 7.78 74.69
CA PRO D 124 3.69 8.03 74.67
C PRO D 124 3.38 9.51 74.45
N ALA D 125 4.23 10.40 74.92
CA ALA D 125 4.03 11.82 74.61
C ALA D 125 4.02 12.05 73.10
N ALA D 126 5.03 11.53 72.42
CA ALA D 126 5.17 11.75 70.99
C ALA D 126 4.03 11.11 70.20
N VAL D 127 3.64 9.91 70.62
CA VAL D 127 2.54 9.20 69.99
C VAL D 127 1.23 9.93 70.24
N ALA D 128 1.12 10.61 71.37
CA ALA D 128 -0.07 11.43 71.62
C ALA D 128 -0.09 12.59 70.64
N ASN D 129 1.09 13.20 70.44
CA ASN D 129 1.22 14.30 69.49
C ASN D 129 0.91 13.90 68.05
N PHE D 130 1.24 12.66 67.70
CA PHE D 130 1.03 12.16 66.35
C PHE D 130 -0.41 11.75 66.15
N ALA D 131 -0.95 11.04 67.13
CA ALA D 131 -2.30 10.53 67.07
C ALA D 131 -3.28 11.68 67.05
N ALA D 132 -2.87 12.80 67.67
CA ALA D 132 -3.72 13.97 67.78
C ALA D 132 -4.08 14.48 66.40
N THR D 133 -3.22 14.21 65.43
CA THR D 133 -3.51 14.61 64.06
C THR D 133 -3.98 13.44 63.19
N TYR D 134 -3.26 12.32 63.26
CA TYR D 134 -3.50 11.22 62.33
C TYR D 134 -4.66 10.30 62.68
N ALA D 135 -5.25 10.49 63.84
CA ALA D 135 -6.49 9.77 64.13
C ALA D 135 -7.57 10.22 63.17
N LYS D 136 -7.39 11.42 62.60
CA LYS D 136 -8.35 11.99 61.65
C LYS D 136 -8.34 11.26 60.31
N LEU D 137 -7.37 10.37 60.11
CA LEU D 137 -7.46 9.42 59.00
C LEU D 137 -8.73 8.60 59.18
N GLY D 138 -9.16 8.45 60.42
CA GLY D 138 -10.32 7.64 60.74
C GLY D 138 -11.58 8.24 60.18
N ASN D 139 -11.60 9.56 60.06
CA ASN D 139 -12.76 10.21 59.48
C ASN D 139 -12.53 10.65 58.05
N ALA D 140 -11.73 9.85 57.33
CA ALA D 140 -11.45 10.07 55.91
C ALA D 140 -12.71 9.91 55.07
N SER D 141 -13.57 9.00 55.52
CA SER D 141 -14.70 8.55 54.74
C SER D 141 -16.01 9.23 55.11
N THR D 142 -16.10 9.76 56.33
CA THR D 142 -17.35 10.37 56.79
C THR D 142 -17.59 11.59 55.92
N PRO D 143 -18.81 11.69 55.37
CA PRO D 143 -19.09 12.68 54.33
C PRO D 143 -18.76 14.10 54.77
N ARG D 144 -18.99 14.38 56.05
CA ARG D 144 -18.76 15.71 56.58
C ARG D 144 -17.28 16.08 56.55
N TYR D 145 -16.42 15.08 56.55
CA TYR D 145 -14.98 15.31 56.74
C TYR D 145 -14.04 14.88 55.60
N ARG D 146 -14.58 14.54 54.44
CA ARG D 146 -13.74 14.12 53.32
C ARG D 146 -12.84 15.27 52.85
N ALA D 147 -11.61 14.94 52.48
CA ALA D 147 -10.67 15.93 51.93
C ALA D 147 -10.77 16.01 50.40
N ASP D 148 -10.38 17.14 49.83
CA ASP D 148 -10.39 17.31 48.37
C ASP D 148 -9.46 16.29 47.76
N MET D 149 -9.90 15.64 46.69
CA MET D 149 -9.05 14.66 46.02
C MET D 149 -8.36 15.26 44.81
N ILE D 150 -8.67 16.52 44.51
CA ILE D 150 -8.14 17.12 43.30
C ILE D 150 -7.06 18.18 43.56
N ASP D 151 -7.42 19.27 44.23
CA ASP D 151 -6.48 20.38 44.41
C ASP D 151 -5.24 20.00 45.26
N ILE D 152 -5.43 19.09 46.20
CA ILE D 152 -4.33 18.72 47.09
C ILE D 152 -3.14 18.14 46.33
N TYR D 153 -3.43 17.50 45.19
CA TYR D 153 -2.37 16.88 44.42
C TYR D 153 -1.43 17.90 43.81
N ALA D 154 -1.90 19.13 43.64
CA ALA D 154 -0.98 20.16 43.15
C ALA D 154 0.18 20.28 44.13
N HIS D 155 -0.11 20.19 45.42
CA HIS D 155 0.94 20.32 46.42
C HIS D 155 1.94 19.20 46.23
N VAL D 156 1.41 18.01 45.93
CA VAL D 156 2.25 16.85 45.73
C VAL D 156 3.20 17.16 44.60
N GLY D 157 2.64 17.72 43.53
CA GLY D 157 3.44 18.05 42.37
C GLY D 157 4.53 19.00 42.80
N LEU D 158 4.13 20.06 43.50
CA LEU D 158 5.07 21.10 43.87
C LEU D 158 6.15 20.54 44.77
N GLU D 159 5.82 19.53 45.58
CA GLU D 159 6.81 19.06 46.53
C GLU D 159 7.73 18.03 45.91
N LEU D 160 7.35 17.53 44.74
CA LEU D 160 8.12 16.46 44.12
C LEU D 160 8.90 17.07 42.99
N ALA D 161 8.21 17.30 41.88
CA ALA D 161 8.82 17.88 40.68
C ALA D 161 9.30 19.33 40.86
N GLY D 162 8.66 20.07 41.76
CA GLY D 162 8.85 21.51 41.85
C GLY D 162 10.24 22.01 42.18
N THR D 163 10.76 22.85 41.29
CA THR D 163 12.07 23.47 41.48
C THR D 163 11.93 24.52 42.55
N ASP D 164 13.05 24.93 43.15
CA ASP D 164 13.01 25.86 44.28
C ASP D 164 12.27 27.15 43.86
N ALA D 165 12.46 27.53 42.60
CA ALA D 165 11.81 28.70 42.03
C ALA D 165 10.29 28.52 41.89
N GLU D 166 9.88 27.37 41.37
CA GLU D 166 8.46 27.07 41.22
C GLU D 166 7.79 27.00 42.59
N ARG D 167 8.50 26.42 43.56
CA ARG D 167 7.98 26.30 44.93
C ARG D 167 7.85 27.65 45.62
N ALA D 168 8.76 28.56 45.30
CA ALA D 168 8.67 29.92 45.81
C ALA D 168 7.44 30.58 45.19
N ALA D 169 7.31 30.43 43.88
CA ALA D 169 6.19 31.03 43.14
C ALA D 169 4.84 30.42 43.48
N GLY D 170 4.85 29.14 43.85
CA GLY D 170 3.62 28.43 44.19
C GLY D 170 2.87 27.89 42.97
N VAL D 171 3.42 28.10 41.79
CA VAL D 171 2.85 27.57 40.56
C VAL D 171 3.92 26.87 39.72
N MET D 172 3.57 25.72 39.16
CA MET D 172 4.52 25.05 38.28
C MET D 172 3.82 24.45 37.09
N PRO D 173 4.52 24.33 35.95
CA PRO D 173 3.89 23.63 34.83
C PRO D 173 3.63 22.18 35.19
N VAL D 174 2.52 21.63 34.74
CA VAL D 174 2.22 20.22 34.94
C VAL D 174 3.31 19.40 34.25
N LYS D 175 4.07 18.65 35.03
CA LYS D 175 5.23 17.94 34.50
C LYS D 175 4.96 16.48 34.20
N ARG D 176 5.93 15.85 33.56
CA ARG D 176 5.81 14.47 33.13
C ARG D 176 7.05 13.74 33.58
N ALA D 177 6.96 13.08 34.74
CA ALA D 177 8.15 12.48 35.35
C ALA D 177 8.67 11.31 34.52
N LYS D 178 9.99 11.13 34.53
CA LYS D 178 10.59 10.01 33.81
C LYS D 178 11.95 9.60 34.38
N PHE D 179 12.23 8.30 34.35
CA PHE D 179 13.49 7.77 34.83
C PHE D 179 13.87 6.48 34.08
N ASP D 180 15.16 6.23 33.89
CA ASP D 180 15.58 4.97 33.27
C ASP D 180 15.20 3.87 34.24
N SER D 181 14.70 2.76 33.73
CA SER D 181 14.04 1.79 34.61
C SER D 181 14.22 0.33 34.23
N TRP D 182 14.16 -0.49 35.26
CA TRP D 182 14.19 -1.94 35.19
C TRP D 182 12.74 -2.36 35.07
N GLU D 183 12.49 -3.63 34.76
CA GLU D 183 11.13 -4.13 34.62
C GLU D 183 10.36 -4.05 35.94
N GLY D 184 9.10 -3.65 35.86
CA GLY D 184 8.24 -3.62 37.04
C GLY D 184 8.74 -2.66 38.10
N SER D 185 9.36 -1.57 37.67
CA SER D 185 10.05 -0.66 38.57
C SER D 185 9.11 0.00 39.58
N LEU D 186 7.96 0.43 39.10
CA LEU D 186 7.02 1.14 39.95
C LEU D 186 6.45 0.23 41.02
N ILE D 187 6.31 -1.05 40.69
CA ILE D 187 5.73 -2.00 41.62
C ILE D 187 6.72 -2.33 42.76
N SER D 188 7.97 -2.58 42.38
CA SER D 188 9.01 -2.85 43.36
C SER D 188 9.25 -1.63 44.23
N LEU D 189 9.10 -0.45 43.64
CA LEU D 189 9.28 0.77 44.42
C LEU D 189 8.14 0.91 45.41
N SER D 190 6.93 0.62 44.96
CA SER D 190 5.78 0.73 45.82
C SER D 190 5.83 -0.27 46.96
N ARG D 191 6.50 -1.40 46.75
CA ARG D 191 6.61 -2.33 47.86
C ARG D 191 7.74 -1.97 48.77
N ASP D 192 8.81 -1.44 48.21
CA ASP D 192 9.96 -1.14 49.04
C ASP D 192 9.47 -0.05 49.97
N VAL D 193 8.58 0.79 49.45
CA VAL D 193 8.07 1.90 50.25
C VAL D 193 6.93 1.50 51.19
N VAL D 194 6.20 0.46 50.81
CA VAL D 194 5.16 -0.08 51.69
C VAL D 194 5.80 -0.71 52.94
N ASN D 195 7.05 -1.15 52.80
CA ASN D 195 7.77 -1.82 53.87
C ASN D 195 8.33 -0.86 54.90
N TRP D 196 8.28 0.42 54.58
CA TRP D 196 8.88 1.43 55.44
C TRP D 196 8.16 1.51 56.78
N LYS D 197 8.92 1.83 57.81
CA LYS D 197 8.35 2.13 59.11
C LYS D 197 8.00 3.61 59.16
N ILE D 198 6.96 3.99 58.41
CA ILE D 198 6.64 5.39 58.20
C ILE D 198 6.18 6.09 59.48
N LEU D 199 5.72 5.30 60.45
CA LEU D 199 5.23 5.86 61.69
C LEU D 199 6.33 6.63 62.41
N ALA D 200 7.58 6.27 62.14
CA ALA D 200 8.70 7.04 62.66
C ALA D 200 8.67 8.43 62.04
N PHE D 201 8.49 8.46 60.73
CA PHE D 201 8.50 9.71 59.99
C PHE D 201 7.36 10.61 60.46
N LEU D 202 6.22 10.00 60.76
CA LEU D 202 5.06 10.78 61.13
C LEU D 202 5.14 11.27 62.56
N ILE D 203 5.57 10.38 63.45
CA ILE D 203 5.65 10.72 64.86
C ILE D 203 6.68 11.81 65.06
N ASP D 204 7.78 11.73 64.31
CA ASP D 204 8.77 12.80 64.35
C ASP D 204 8.22 14.07 63.70
N LEU D 205 7.40 13.89 62.66
CA LEU D 205 6.85 15.04 61.96
C LEU D 205 5.92 15.82 62.90
N CYS D 206 5.32 15.10 63.84
CA CYS D 206 4.27 15.67 64.68
C CYS D 206 4.72 16.03 66.08
N SER D 207 5.83 15.45 66.54
CA SER D 207 6.30 15.70 67.89
C SER D 207 7.44 16.71 67.98
N LEU D 208 8.24 16.79 66.92
CA LEU D 208 9.40 17.70 66.92
C LEU D 208 8.95 19.15 66.80
N GLU D 209 9.80 20.06 67.28
CA GLU D 209 9.51 21.48 67.17
C GLU D 209 10.81 22.29 67.04
N GLY D 210 10.69 23.48 66.48
CA GLY D 210 11.82 24.36 66.32
C GLY D 210 12.88 23.83 65.38
N GLU D 211 14.14 24.09 65.74
CA GLU D 211 15.28 23.76 64.90
C GLU D 211 15.38 22.27 64.65
N ALA D 212 14.92 21.48 65.62
CA ALA D 212 14.89 20.02 65.47
C ALA D 212 13.91 19.61 64.37
N LEU D 213 12.74 20.24 64.36
CA LEU D 213 11.76 19.96 63.32
C LEU D 213 12.23 20.42 61.96
N ARG D 214 12.90 21.57 61.92
CA ARG D 214 13.37 22.10 60.65
C ARG D 214 14.45 21.19 60.07
N ALA D 215 15.35 20.74 60.94
CA ALA D 215 16.39 19.81 60.55
C ALA D 215 15.77 18.52 60.08
N PHE D 216 14.66 18.14 60.71
CA PHE D 216 13.93 16.94 60.33
C PHE D 216 13.39 17.06 58.91
N LYS D 217 12.80 18.21 58.61
CA LYS D 217 12.22 18.44 57.30
C LYS D 217 13.28 18.45 56.21
N THR D 218 14.40 19.12 56.46
CA THR D 218 15.47 19.10 55.46
C THR D 218 16.08 17.71 55.29
N ARG D 219 16.22 16.99 56.39
CA ARG D 219 16.81 15.65 56.37
C ARG D 219 15.96 14.62 55.66
N ASN D 220 14.65 14.83 55.68
CA ASN D 220 13.71 13.81 55.21
C ASN D 220 12.87 14.23 54.02
N ARG D 221 13.26 15.30 53.34
CA ARG D 221 12.42 15.81 52.27
C ARG D 221 12.26 14.75 51.22
N ASP D 222 13.35 14.03 50.95
CA ASP D 222 13.32 12.99 49.92
C ASP D 222 12.47 11.77 50.28
N VAL D 223 12.35 11.47 51.57
CA VAL D 223 11.48 10.36 52.01
C VAL D 223 10.03 10.71 51.69
N PHE D 224 9.66 11.92 52.07
CA PHE D 224 8.32 12.45 51.87
C PHE D 224 8.03 12.48 50.39
N ARG D 225 9.02 12.90 49.62
CA ARG D 225 8.89 12.99 48.19
C ARG D 225 8.70 11.62 47.58
N MET D 226 9.35 10.61 48.15
CA MET D 226 9.20 9.26 47.62
C MET D 226 7.81 8.67 47.87
N MET D 227 7.29 8.89 49.07
CA MET D 227 5.93 8.45 49.36
C MET D 227 5.01 9.17 48.37
N LEU D 228 5.33 10.43 48.13
CA LEU D 228 4.56 11.24 47.21
C LEU D 228 4.67 10.65 45.82
N PHE D 229 5.77 9.99 45.54
CA PHE D 229 5.99 9.47 44.21
C PHE D 229 5.15 8.24 43.96
N ILE D 230 5.14 7.33 44.92
CA ILE D 230 4.32 6.13 44.78
C ILE D 230 2.86 6.52 44.66
N MET D 231 2.47 7.51 45.47
CA MET D 231 1.10 7.98 45.42
C MET D 231 0.79 8.61 44.05
N SER D 232 1.75 9.37 43.53
CA SER D 232 1.51 10.07 42.27
C SER D 232 1.37 9.05 41.15
N THR D 233 2.09 7.94 41.25
CA THR D 233 1.90 6.88 40.25
C THR D 233 0.55 6.20 40.43
N ALA D 234 0.06 6.13 41.65
CA ALA D 234 -1.28 5.58 41.85
C ALA D 234 -2.34 6.45 41.20
N VAL D 235 -2.07 7.75 41.08
CA VAL D 235 -3.07 8.62 40.46
C VAL D 235 -2.79 9.06 39.02
N ALA D 236 -1.59 8.79 38.51
CA ALA D 236 -1.20 9.25 37.18
C ALA D 236 -2.08 8.63 36.08
N ALA D 237 -2.49 9.46 35.12
CA ALA D 237 -3.46 9.05 34.12
C ALA D 237 -2.96 7.90 33.26
N ASN D 238 -1.65 7.87 33.01
CA ASN D 238 -1.02 6.73 32.33
C ASN D 238 0.48 6.69 32.57
N VAL D 239 1.06 5.52 32.36
CA VAL D 239 2.49 5.33 32.58
C VAL D 239 3.09 4.55 31.42
N VAL D 240 3.66 5.27 30.47
CA VAL D 240 4.26 4.61 29.31
C VAL D 240 5.73 4.35 29.54
N ASN D 241 6.31 3.49 28.71
CA ASN D 241 7.75 3.37 28.65
C ASN D 241 8.20 3.89 27.30
N ARG D 242 9.42 4.39 27.22
CA ARG D 242 9.99 4.78 25.94
C ARG D 242 11.25 4.00 25.65
N LYS D 243 11.39 3.54 24.41
CA LYS D 243 12.69 3.04 23.94
C LYS D 243 13.63 4.24 23.82
N VAL D 244 14.86 4.06 24.26
CA VAL D 244 15.87 5.11 24.18
C VAL D 244 17.25 4.50 23.96
N THR D 245 17.43 3.96 22.76
CA THR D 245 18.68 3.32 22.37
C THR D 245 19.15 2.31 23.41
N LYS D 246 18.49 1.15 23.43
CA LYS D 246 18.89 0.04 24.30
C LYS D 246 18.85 0.44 25.78
N ARG D 247 17.88 1.26 26.13
CA ARG D 247 17.55 1.62 27.51
C ARG D 247 16.05 1.88 27.48
N VAL D 248 15.39 1.77 28.63
CA VAL D 248 13.95 2.05 28.65
C VAL D 248 13.59 3.04 29.74
N ASP D 249 13.00 4.17 29.34
CA ASP D 249 12.63 5.20 30.30
C ASP D 249 11.14 5.14 30.68
N ARG D 250 10.85 4.85 31.96
CA ARG D 250 9.49 4.95 32.52
C ARG D 250 9.03 6.39 32.62
N VAL D 251 7.78 6.62 32.24
CA VAL D 251 7.23 7.96 32.04
C VAL D 251 5.82 8.06 32.57
N LEU D 252 5.67 8.76 33.71
CA LEU D 252 4.36 9.02 34.26
C LEU D 252 3.88 10.42 33.93
N GLU D 253 2.79 10.46 33.16
CA GLU D 253 2.04 11.67 32.93
C GLU D 253 0.69 11.51 33.64
N TYR D 254 0.38 12.41 34.57
CA TYR D 254 1.25 13.54 34.90
C TYR D 254 1.39 13.71 36.40
N ILE D 255 2.47 14.34 36.82
CA ILE D 255 2.67 14.71 38.21
C ILE D 255 1.71 15.81 38.63
N GLY D 256 1.15 15.69 39.83
CA GLY D 256 0.33 16.75 40.38
C GLY D 256 -1.12 16.80 39.89
N VAL D 257 -1.54 15.81 39.13
CA VAL D 257 -2.90 15.80 38.59
C VAL D 257 -3.61 14.47 38.87
N ASN D 258 -4.58 14.48 39.77
CA ASN D 258 -5.35 13.26 40.03
C ASN D 258 -6.31 12.96 38.90
N SER D 259 -6.06 11.84 38.22
CA SER D 259 -6.91 11.40 37.13
C SER D 259 -8.16 10.75 37.69
N MET D 260 -8.13 10.51 39.00
CA MET D 260 -9.20 9.82 39.72
C MET D 260 -9.41 8.40 39.20
N ARG D 261 -8.40 7.83 38.53
CA ARG D 261 -8.57 6.51 37.94
C ARG D 261 -8.67 5.42 39.01
N THR D 262 -9.60 4.49 38.81
CA THR D 262 -9.81 3.42 39.78
C THR D 262 -9.64 2.06 39.11
N ALA D 263 -9.55 2.06 37.78
CA ALA D 263 -9.29 0.83 37.04
C ALA D 263 -7.88 0.34 37.30
N GLY D 264 -7.73 -0.96 37.51
CA GLY D 264 -6.41 -1.53 37.76
C GLY D 264 -5.56 -1.50 36.50
N ARG D 265 -4.25 -1.52 36.68
CA ARG D 265 -3.34 -1.62 35.56
C ARG D 265 -2.05 -2.24 36.09
N THR D 266 -1.31 -2.93 35.20
CA THR D 266 -0.13 -3.66 35.62
C THR D 266 1.00 -2.76 36.15
N ALA D 267 1.13 -1.58 35.56
CA ALA D 267 2.30 -0.74 35.82
C ALA D 267 2.46 -0.24 37.25
N THR D 268 1.35 0.02 37.93
CA THR D 268 1.35 0.70 39.23
C THR D 268 0.20 0.26 40.11
N ILE D 269 0.27 0.62 41.38
CA ILE D 269 -0.84 0.35 42.29
C ILE D 269 -1.99 1.28 41.94
N THR D 270 -3.20 0.85 42.25
CA THR D 270 -4.39 1.61 41.87
C THR D 270 -5.17 2.01 43.10
N TYR D 271 -5.72 3.22 43.10
CA TYR D 271 -6.59 3.64 44.17
C TYR D 271 -8.06 3.38 43.83
N ASP D 272 -8.70 2.52 44.62
CA ASP D 272 -10.14 2.40 44.62
C ASP D 272 -10.60 3.74 45.19
N LEU D 273 -11.89 4.04 45.11
CA LEU D 273 -12.36 5.33 45.60
C LEU D 273 -12.00 5.55 47.07
N SER D 274 -12.07 4.49 47.87
CA SER D 274 -11.77 4.62 49.29
C SER D 274 -10.32 5.00 49.52
N ARG D 275 -9.43 4.45 48.70
CA ARG D 275 -8.01 4.79 48.80
C ARG D 275 -7.78 6.23 48.40
N HIS D 276 -8.57 6.71 47.44
CA HIS D 276 -8.46 8.08 47.01
C HIS D 276 -8.83 9.01 48.15
N GLU D 277 -9.92 8.67 48.84
CA GLU D 277 -10.39 9.49 49.97
C GLU D 277 -9.35 9.47 51.10
N PHE D 278 -8.86 8.27 51.39
CA PHE D 278 -7.89 8.09 52.47
C PHE D 278 -6.61 8.85 52.17
N ALA D 279 -6.11 8.72 50.95
CA ALA D 279 -4.88 9.40 50.56
C ALA D 279 -5.05 10.90 50.57
N ALA D 280 -6.22 11.37 50.15
CA ALA D 280 -6.43 12.80 50.10
C ALA D 280 -6.41 13.32 51.52
N LYS D 281 -6.94 12.51 52.43
CA LYS D 281 -7.02 12.90 53.83
C LYS D 281 -5.62 12.94 54.42
N PHE D 282 -4.84 11.92 54.07
CA PHE D 282 -3.49 11.77 54.57
C PHE D 282 -2.62 12.91 54.08
N LEU D 283 -2.84 13.31 52.83
CA LEU D 283 -2.11 14.41 52.25
C LEU D 283 -2.49 15.72 52.91
N GLN D 284 -3.77 15.84 53.26
CA GLN D 284 -4.25 17.02 53.94
C GLN D 284 -3.48 17.15 55.25
N LEU D 285 -3.42 16.05 56.00
CA LEU D 285 -2.85 16.10 57.34
C LEU D 285 -1.34 16.31 57.28
N THR D 286 -0.67 15.51 56.44
CA THR D 286 0.79 15.53 56.35
C THR D 286 1.32 16.84 55.77
N PHE D 287 0.57 17.44 54.86
CA PHE D 287 0.99 18.69 54.29
C PHE D 287 0.71 19.81 55.25
N THR D 288 -0.39 19.71 56.00
CA THR D 288 -0.70 20.72 57.00
C THR D 288 0.39 20.72 58.05
N ARG D 289 0.94 19.54 58.32
CA ARG D 289 2.01 19.42 59.30
C ARG D 289 3.36 19.84 58.73
N TRP D 290 3.50 19.70 57.41
CA TRP D 290 4.76 19.96 56.74
C TRP D 290 5.02 21.45 56.59
N ASN D 291 4.00 22.24 56.88
CA ASN D 291 4.09 23.70 56.83
C ASN D 291 3.68 24.29 58.17
N ALA D 292 4.65 24.84 58.90
CA ALA D 292 4.38 25.39 60.22
C ALA D 292 5.38 26.48 60.63
N MET E 1 81.61 -41.90 -19.17
CA MET E 1 81.17 -40.62 -18.59
C MET E 1 81.41 -39.43 -19.50
N LEU E 2 80.32 -38.74 -19.84
CA LEU E 2 80.41 -37.53 -20.63
C LEU E 2 80.81 -36.34 -19.76
N GLN E 3 82.01 -35.82 -19.97
CA GLN E 3 82.46 -34.63 -19.26
C GLN E 3 81.58 -33.46 -19.64
N GLN E 4 81.19 -32.66 -18.65
CA GLN E 4 80.33 -31.52 -18.90
C GLN E 4 81.08 -30.37 -19.56
N PRO E 5 80.53 -29.84 -20.65
CA PRO E 5 81.07 -28.67 -21.35
C PRO E 5 80.97 -27.46 -20.42
N THR E 6 81.85 -26.49 -20.59
CA THR E 6 81.90 -25.36 -19.67
C THR E 6 80.57 -24.59 -19.63
N GLY E 7 79.83 -24.62 -20.73
CA GLY E 7 78.52 -23.98 -20.78
C GLY E 7 77.37 -24.84 -20.29
N GLY E 8 77.67 -26.06 -19.85
CA GLY E 8 76.64 -27.02 -19.47
C GLY E 8 76.36 -28.06 -20.54
N TYR E 9 75.67 -29.13 -20.18
CA TYR E 9 75.36 -30.22 -21.10
C TYR E 9 74.48 -29.79 -22.27
N THR E 10 73.71 -28.73 -22.06
CA THR E 10 72.74 -28.27 -23.05
C THR E 10 73.40 -27.60 -24.25
N THR E 11 74.67 -27.26 -24.15
CA THR E 11 75.42 -26.78 -25.31
C THR E 11 75.61 -27.87 -26.36
N LEU E 12 75.62 -29.12 -25.93
CA LEU E 12 75.69 -30.26 -26.84
C LEU E 12 74.42 -30.36 -27.68
N GLU E 13 74.57 -30.67 -28.96
CA GLU E 13 73.44 -30.74 -29.87
C GLU E 13 72.62 -32.00 -29.61
N GLN E 14 73.20 -32.91 -28.83
CA GLN E 14 72.52 -34.13 -28.41
C GLN E 14 71.29 -33.82 -27.55
N PHE E 15 71.31 -32.68 -26.87
CA PHE E 15 70.23 -32.31 -25.97
C PHE E 15 69.41 -31.13 -26.42
N ALA E 16 69.41 -30.83 -27.73
CA ALA E 16 68.64 -29.69 -28.22
C ALA E 16 67.16 -29.88 -27.93
N PHE E 17 66.52 -28.85 -27.40
CA PHE E 17 65.10 -28.91 -27.11
C PHE E 17 64.32 -28.23 -28.22
N THR E 18 63.35 -28.94 -28.78
CA THR E 18 62.62 -28.47 -29.94
C THR E 18 61.18 -28.92 -29.89
N ILE E 19 60.30 -28.16 -30.52
CA ILE E 19 58.89 -28.52 -30.58
C ILE E 19 58.35 -28.30 -31.98
N ARG E 20 57.46 -29.19 -32.42
CA ARG E 20 56.78 -28.99 -33.69
C ARG E 20 55.83 -27.80 -33.62
N ASN E 21 55.88 -26.96 -34.66
CA ASN E 21 54.99 -25.81 -34.78
C ASN E 21 53.98 -26.09 -35.90
N ASP E 22 52.84 -26.68 -35.54
CA ASP E 22 51.93 -27.29 -36.52
C ASP E 22 52.69 -28.32 -37.37
N GLY E 23 53.53 -29.10 -36.69
CA GLY E 23 54.21 -30.22 -37.30
C GLY E 23 55.62 -30.01 -37.82
N THR E 24 56.06 -28.76 -37.91
CA THR E 24 57.42 -28.48 -38.35
C THR E 24 58.30 -28.16 -37.13
N ASN E 25 59.52 -28.68 -37.11
CA ASN E 25 60.42 -28.47 -35.99
C ASN E 25 60.80 -27.00 -35.78
N ALA E 26 60.87 -26.59 -34.52
CA ALA E 26 61.13 -25.20 -34.19
C ALA E 26 61.72 -25.07 -32.79
N THR E 27 62.52 -24.04 -32.59
CA THR E 27 63.05 -23.73 -31.27
C THR E 27 61.90 -23.25 -30.40
N PRO E 28 61.98 -23.51 -29.09
CA PRO E 28 60.89 -23.09 -28.20
C PRO E 28 60.65 -21.58 -28.27
N THR E 29 61.73 -20.83 -28.46
CA THR E 29 61.65 -19.38 -28.46
C THR E 29 60.79 -18.86 -29.60
N GLN E 30 60.83 -19.54 -30.74
CA GLN E 30 60.04 -19.08 -31.87
C GLN E 30 58.60 -19.54 -31.78
N PHE E 31 58.32 -20.44 -30.84
CA PHE E 31 56.93 -20.73 -30.52
C PHE E 31 56.40 -19.67 -29.58
N LEU E 32 57.24 -19.23 -28.65
CA LEU E 32 56.79 -18.27 -27.65
C LEU E 32 56.48 -16.92 -28.29
N GLN E 33 57.01 -16.69 -29.50
CA GLN E 33 56.67 -15.48 -30.24
C GLN E 33 55.20 -15.46 -30.58
N LEU E 34 54.62 -16.63 -30.80
CA LEU E 34 53.23 -16.73 -31.20
C LEU E 34 52.26 -16.27 -30.12
N LEU E 35 52.68 -16.44 -28.86
CA LEU E 35 51.83 -16.09 -27.72
C LEU E 35 51.61 -14.59 -27.64
N SER E 36 50.41 -14.22 -27.24
CA SER E 36 50.04 -12.83 -27.08
C SER E 36 49.09 -12.78 -25.90
N TYR E 37 49.02 -11.65 -25.20
CA TYR E 37 48.32 -11.63 -23.92
C TYR E 37 47.31 -10.52 -23.75
N GLU E 38 46.05 -10.89 -23.49
CA GLU E 38 45.06 -9.88 -23.11
C GLU E 38 45.04 -9.82 -21.59
N ALA E 39 45.53 -8.72 -21.05
CA ALA E 39 45.52 -8.51 -19.61
C ALA E 39 44.08 -8.36 -19.09
N THR E 40 43.87 -8.73 -17.82
CA THR E 40 42.58 -8.51 -17.17
C THR E 40 42.76 -7.65 -15.92
N GLU E 41 41.67 -7.44 -15.20
CA GLU E 41 41.68 -6.58 -14.01
C GLU E 41 42.53 -7.10 -12.84
N ASN E 42 42.61 -8.42 -12.69
CA ASN E 42 43.34 -9.03 -11.57
C ASN E 42 44.86 -8.91 -11.63
N GLU E 43 45.50 -8.92 -10.46
CA GLU E 43 46.94 -8.83 -10.39
C GLU E 43 47.58 -10.09 -9.80
N LEU E 44 48.83 -10.32 -10.18
CA LEU E 44 49.66 -11.37 -9.63
C LEU E 44 50.87 -10.72 -9.02
N VAL E 45 50.93 -10.74 -7.70
CA VAL E 45 52.11 -10.32 -6.97
C VAL E 45 52.87 -11.57 -6.63
N LYS E 46 54.18 -11.61 -6.92
CA LYS E 46 54.93 -12.79 -6.54
C LYS E 46 55.37 -12.77 -5.07
N LYS E 47 54.93 -13.77 -4.32
CA LYS E 47 55.37 -13.96 -2.93
C LYS E 47 56.77 -14.57 -2.96
N THR E 48 57.53 -14.41 -1.88
CA THR E 48 58.77 -15.14 -1.74
C THR E 48 58.50 -16.65 -1.66
N ILE E 49 59.32 -17.43 -2.37
CA ILE E 49 59.19 -18.88 -2.33
C ILE E 49 59.86 -19.38 -1.08
N PRO E 50 59.13 -20.18 -0.27
CA PRO E 50 59.72 -20.69 0.97
C PRO E 50 60.93 -21.53 0.62
N THR E 51 61.97 -21.48 1.43
CA THR E 51 63.15 -22.28 1.14
C THR E 51 62.80 -23.75 1.33
N PRO E 52 63.22 -24.60 0.39
CA PRO E 52 62.89 -26.02 0.38
C PRO E 52 63.47 -26.75 1.59
N GLU E 53 62.73 -27.76 2.04
CA GLU E 53 63.12 -28.57 3.18
C GLU E 53 64.47 -29.21 2.93
N THR E 54 65.31 -29.23 3.95
CA THR E 54 66.64 -29.83 3.84
C THR E 54 66.58 -31.34 3.71
N HIS E 55 65.49 -31.92 4.20
CA HIS E 55 65.37 -33.37 4.31
C HIS E 55 65.16 -34.12 2.99
N LEU E 56 66.20 -34.81 2.52
CA LEU E 56 66.10 -35.73 1.40
C LEU E 56 65.44 -37.03 1.84
N PRO E 57 64.71 -37.69 0.92
CA PRO E 57 64.20 -39.04 1.19
C PRO E 57 65.36 -40.01 1.41
N SER E 58 65.17 -41.00 2.27
CA SER E 58 66.24 -41.92 2.62
C SER E 58 66.74 -42.68 1.40
N ALA E 59 68.06 -42.88 1.32
CA ALA E 59 68.68 -43.45 0.12
C ALA E 59 68.61 -44.97 0.12
N ARG E 60 67.40 -45.48 0.30
CA ARG E 60 67.14 -46.91 0.37
C ARG E 60 67.50 -47.61 -0.95
N ASN E 61 68.18 -48.75 -0.87
CA ASN E 61 68.48 -49.54 -2.07
C ASN E 61 67.23 -50.18 -2.67
N VAL E 62 67.11 -50.13 -3.98
CA VAL E 62 65.92 -50.65 -4.67
C VAL E 62 66.30 -51.46 -5.90
N PRO E 63 65.56 -52.56 -6.17
CA PRO E 63 65.77 -53.36 -7.39
C PRO E 63 65.45 -52.60 -8.68
N GLY E 64 66.18 -52.92 -9.75
CA GLY E 64 65.90 -52.40 -11.07
C GLY E 64 66.58 -51.10 -11.47
N ASN E 65 66.45 -50.78 -12.76
CA ASN E 65 66.94 -49.52 -13.29
C ASN E 65 65.83 -48.50 -13.31
N VAL E 66 65.83 -47.60 -12.34
CA VAL E 66 64.87 -46.51 -12.28
C VAL E 66 65.06 -45.50 -13.43
N TYR E 67 63.94 -45.11 -14.06
CA TYR E 67 63.94 -44.23 -15.23
C TYR E 67 63.57 -42.81 -14.82
N ILE E 68 64.49 -42.08 -14.20
CA ILE E 68 64.11 -40.82 -13.58
C ILE E 68 63.60 -39.71 -14.54
N GLU E 69 64.17 -39.65 -15.74
CA GLU E 69 63.85 -38.60 -16.70
C GLU E 69 62.41 -38.71 -17.18
N ASP E 70 62.03 -39.93 -17.59
CA ASP E 70 60.68 -40.20 -18.06
C ASP E 70 59.67 -39.97 -16.95
N ALA E 71 60.08 -40.25 -15.72
CA ALA E 71 59.22 -40.08 -14.56
C ALA E 71 58.91 -38.61 -14.35
N ILE E 72 59.96 -37.78 -14.35
CA ILE E 72 59.77 -36.35 -14.14
C ILE E 72 58.98 -35.74 -15.29
N THR E 73 59.40 -36.04 -16.51
CA THR E 73 58.74 -35.43 -17.66
C THR E 73 57.30 -35.86 -17.80
N GLN E 74 56.99 -37.09 -17.42
CA GLN E 74 55.59 -37.53 -17.48
C GLN E 74 54.77 -36.87 -16.39
N ALA E 75 55.34 -36.76 -15.20
CA ALA E 75 54.61 -36.19 -14.08
C ALA E 75 54.34 -34.71 -14.30
N LEU E 76 55.16 -34.09 -15.15
CA LEU E 76 54.99 -32.67 -15.44
C LEU E 76 54.24 -32.37 -16.73
N PHE E 77 54.31 -33.28 -17.70
CA PHE E 77 53.87 -32.97 -19.06
C PHE E 77 53.13 -34.10 -19.77
N GLY E 78 53.19 -35.31 -19.23
CA GLY E 78 52.56 -36.45 -19.88
C GLY E 78 51.05 -36.41 -19.73
N ILE E 79 50.34 -37.05 -20.66
CA ILE E 79 48.91 -37.28 -20.47
C ILE E 79 48.71 -38.34 -19.36
N SER E 80 47.71 -38.11 -18.52
CA SER E 80 47.49 -38.84 -17.26
C SER E 80 48.63 -39.73 -16.73
N ALA E 81 49.71 -39.09 -16.29
CA ALA E 81 50.80 -39.78 -15.63
C ALA E 81 50.30 -40.41 -14.33
N GLN E 82 50.89 -41.53 -13.93
CA GLN E 82 50.39 -42.27 -12.78
C GLN E 82 51.48 -42.61 -11.80
N ASN E 83 51.11 -42.71 -10.53
CA ASN E 83 52.05 -43.03 -9.46
C ASN E 83 53.22 -42.06 -9.45
N VAL E 84 52.94 -40.78 -9.67
CA VAL E 84 54.02 -39.80 -9.82
C VAL E 84 54.75 -39.58 -8.50
N ASN E 85 54.07 -39.88 -7.39
CA ASN E 85 54.64 -39.68 -6.07
C ASN E 85 55.20 -40.96 -5.42
N ALA E 86 55.35 -42.02 -6.21
CA ALA E 86 55.92 -43.26 -5.71
C ALA E 86 57.34 -43.01 -5.22
N HIS E 87 57.65 -43.52 -4.04
CA HIS E 87 58.87 -43.13 -3.36
C HIS E 87 60.17 -43.69 -3.93
N GLY E 88 60.10 -44.82 -4.64
CA GLY E 88 61.31 -45.56 -4.95
C GLY E 88 62.29 -44.84 -5.86
N TYR E 89 61.73 -44.13 -6.84
CA TYR E 89 62.54 -43.43 -7.82
C TYR E 89 63.39 -42.36 -7.15
N PHE E 90 62.83 -41.68 -6.16
CA PHE E 90 63.55 -40.59 -5.53
C PHE E 90 64.43 -41.11 -4.41
N SER E 91 64.18 -42.34 -3.99
CA SER E 91 65.10 -43.02 -3.09
C SER E 91 66.40 -43.27 -3.83
N ARG E 92 66.27 -43.74 -5.07
CA ARG E 92 67.46 -43.91 -5.90
C ARG E 92 68.08 -42.56 -6.26
N LEU E 93 67.25 -41.53 -6.38
CA LEU E 93 67.79 -40.22 -6.71
C LEU E 93 68.67 -39.73 -5.59
N SER E 94 68.19 -39.87 -4.35
CA SER E 94 68.99 -39.43 -3.22
C SER E 94 70.19 -40.35 -3.06
N ALA E 95 70.08 -41.56 -3.59
CA ALA E 95 71.26 -42.42 -3.60
C ALA E 95 72.33 -41.80 -4.51
N LEU E 96 71.89 -41.16 -5.58
CA LEU E 96 72.81 -40.45 -6.47
C LEU E 96 73.47 -39.23 -5.82
N ALA E 97 72.82 -38.72 -4.76
CA ALA E 97 73.29 -37.52 -4.07
C ALA E 97 74.41 -37.80 -3.08
N LEU E 98 74.66 -39.08 -2.81
CA LEU E 98 75.73 -39.47 -1.89
C LEU E 98 77.11 -39.19 -2.50
N PRO E 99 78.08 -38.81 -1.65
CA PRO E 99 79.42 -38.36 -2.06
C PRO E 99 80.24 -39.37 -2.87
N ASN E 100 80.04 -40.67 -2.65
CA ASN E 100 80.84 -41.67 -3.36
C ASN E 100 80.01 -42.86 -3.85
N THR E 101 78.82 -42.58 -4.37
CA THR E 101 77.89 -43.62 -4.80
C THR E 101 78.32 -44.36 -6.06
N SER E 102 77.87 -45.60 -6.19
CA SER E 102 78.15 -46.42 -7.38
C SER E 102 77.15 -46.21 -8.52
N ALA E 103 75.99 -45.64 -8.19
CA ALA E 103 74.93 -45.40 -9.18
C ALA E 103 75.32 -44.36 -10.23
N ARG E 104 74.82 -44.53 -11.45
CA ARG E 104 75.06 -43.55 -12.51
C ARG E 104 73.78 -43.13 -13.22
N LEU E 105 73.72 -41.86 -13.59
CA LEU E 105 72.63 -41.32 -14.38
C LEU E 105 73.06 -41.28 -15.82
N GLY E 106 72.55 -42.19 -16.64
CA GLY E 106 72.92 -42.23 -18.04
C GLY E 106 72.24 -41.12 -18.80
N LEU E 107 72.72 -40.84 -20.00
CA LEU E 107 72.11 -39.83 -20.86
C LEU E 107 70.71 -40.26 -21.26
N ASP E 108 70.47 -41.56 -21.14
CA ASP E 108 69.16 -42.15 -21.34
C ASP E 108 68.17 -41.61 -20.31
N GLY E 109 68.69 -41.10 -19.20
CA GLY E 109 67.86 -40.63 -18.11
C GLY E 109 67.53 -41.74 -17.13
N VAL E 110 68.10 -42.92 -17.36
CA VAL E 110 67.95 -44.05 -16.45
C VAL E 110 69.05 -44.08 -15.38
N ILE E 111 68.69 -44.51 -14.17
CA ILE E 111 69.64 -44.62 -13.07
C ILE E 111 70.09 -46.06 -12.87
N TYR E 112 71.21 -46.43 -13.47
CA TYR E 112 71.75 -47.78 -13.35
C TYR E 112 72.58 -47.90 -12.08
N ASN E 113 72.34 -48.96 -11.31
CA ASN E 113 73.03 -49.13 -10.03
C ASN E 113 74.42 -49.74 -10.22
N SER E 114 74.65 -50.29 -11.39
CA SER E 114 75.96 -50.82 -11.75
C SER E 114 76.91 -49.68 -12.13
N GLU E 115 78.21 -49.95 -12.09
CA GLU E 115 79.12 -49.12 -12.84
C GLU E 115 79.17 -49.68 -14.27
N THR E 116 78.09 -49.44 -15.02
CA THR E 116 77.97 -49.98 -16.38
C THR E 116 78.69 -49.11 -17.41
N ILE E 117 79.88 -49.56 -17.81
CA ILE E 117 80.75 -48.78 -18.69
C ILE E 117 80.18 -48.55 -20.10
N ASN E 118 79.33 -49.45 -20.56
CA ASN E 118 78.82 -49.42 -21.92
C ASN E 118 77.95 -48.20 -22.26
N ILE E 119 77.23 -47.69 -21.27
CA ILE E 119 76.35 -46.56 -21.46
C ILE E 119 76.95 -45.26 -20.93
N PRO E 120 77.11 -44.26 -21.79
CA PRO E 120 77.65 -42.96 -21.36
C PRO E 120 76.72 -42.32 -20.34
N PHE E 121 77.30 -41.58 -19.39
CA PHE E 121 76.52 -40.98 -18.31
C PHE E 121 77.12 -39.63 -17.90
N TYR E 122 76.31 -38.81 -17.26
CA TYR E 122 76.76 -37.49 -16.82
C TYR E 122 77.81 -37.61 -15.71
N ASP E 123 78.65 -36.59 -15.58
CA ASP E 123 79.67 -36.58 -14.53
C ASP E 123 79.01 -36.63 -13.17
N PRO E 124 79.45 -37.58 -12.34
CA PRO E 124 78.84 -37.87 -11.03
C PRO E 124 78.80 -36.67 -10.10
N ALA E 125 79.77 -35.77 -10.14
CA ALA E 125 79.71 -34.58 -9.30
C ALA E 125 78.50 -33.72 -9.65
N ALA E 126 78.23 -33.64 -10.95
CA ALA E 126 77.12 -32.85 -11.44
C ALA E 126 75.78 -33.44 -11.02
N VAL E 127 75.61 -34.75 -11.17
CA VAL E 127 74.35 -35.38 -10.78
C VAL E 127 74.21 -35.48 -9.27
N ALA E 128 75.33 -35.40 -8.56
CA ALA E 128 75.27 -35.35 -7.11
C ALA E 128 74.66 -34.02 -6.77
N ASN E 129 75.13 -32.98 -7.46
CA ASN E 129 74.56 -31.65 -7.25
C ASN E 129 73.07 -31.64 -7.58
N PHE E 130 72.71 -32.32 -8.67
CA PHE E 130 71.35 -32.30 -9.19
C PHE E 130 70.35 -33.04 -8.30
N ALA E 131 70.74 -34.23 -7.88
CA ALA E 131 69.92 -35.04 -6.98
C ALA E 131 69.85 -34.37 -5.63
N ALA E 132 70.89 -33.62 -5.28
CA ALA E 132 71.01 -33.02 -3.96
C ALA E 132 69.83 -32.11 -3.71
N THR E 133 69.26 -31.58 -4.80
CA THR E 133 68.04 -30.80 -4.70
C THR E 133 66.82 -31.55 -5.20
N TYR E 134 66.93 -32.21 -6.36
CA TYR E 134 65.73 -32.77 -6.99
C TYR E 134 65.20 -34.05 -6.38
N ALA E 135 65.98 -34.65 -5.49
CA ALA E 135 65.48 -35.80 -4.74
C ALA E 135 64.33 -35.33 -3.85
N LYS E 136 64.29 -34.02 -3.59
CA LYS E 136 63.26 -33.44 -2.73
C LYS E 136 61.88 -33.54 -3.37
N LEU E 137 61.85 -33.88 -4.66
CA LEU E 137 60.61 -34.21 -5.34
C LEU E 137 59.94 -35.39 -4.64
N GLY E 138 60.73 -36.13 -3.86
CA GLY E 138 60.22 -37.27 -3.12
C GLY E 138 59.33 -36.90 -1.97
N ASN E 139 59.43 -35.66 -1.48
CA ASN E 139 58.52 -35.22 -0.42
C ASN E 139 57.43 -34.28 -0.91
N ALA E 140 57.11 -34.39 -2.20
CA ALA E 140 56.01 -33.64 -2.80
C ALA E 140 54.67 -33.99 -2.15
N SER E 141 54.57 -35.22 -1.65
CA SER E 141 53.33 -35.72 -1.10
C SER E 141 53.22 -35.60 0.42
N THR E 142 54.35 -35.67 1.12
CA THR E 142 54.31 -35.72 2.59
C THR E 142 53.77 -34.41 3.13
N PRO E 143 52.83 -34.49 4.07
CA PRO E 143 52.06 -33.32 4.53
C PRO E 143 52.97 -32.22 5.05
N ARG E 144 54.07 -32.63 5.68
CA ARG E 144 55.00 -31.68 6.26
C ARG E 144 55.62 -30.79 5.20
N TYR E 145 55.84 -31.35 4.02
CA TYR E 145 56.72 -30.74 3.04
C TYR E 145 56.05 -30.22 1.78
N ARG E 146 54.73 -30.25 1.72
CA ARG E 146 54.01 -29.85 0.52
C ARG E 146 54.29 -28.39 0.16
N ALA E 147 54.57 -28.14 -1.11
CA ALA E 147 54.78 -26.79 -1.62
C ALA E 147 53.44 -26.08 -1.84
N ASP E 148 53.42 -24.75 -1.80
CA ASP E 148 52.20 -24.02 -2.13
C ASP E 148 51.85 -24.36 -3.57
N MET E 149 50.58 -24.68 -3.81
CA MET E 149 50.14 -25.03 -5.15
C MET E 149 49.52 -23.83 -5.84
N ILE E 150 49.23 -22.79 -5.07
CA ILE E 150 48.59 -21.61 -5.64
C ILE E 150 49.58 -20.48 -5.93
N ASP E 151 50.20 -19.91 -4.89
CA ASP E 151 50.97 -18.68 -5.07
C ASP E 151 52.21 -18.87 -5.96
N ILE E 152 52.74 -20.09 -6.01
CA ILE E 152 53.94 -20.36 -6.79
C ILE E 152 53.70 -20.07 -8.27
N TYR E 153 52.47 -20.28 -8.73
CA TYR E 153 52.16 -20.09 -10.13
C TYR E 153 52.27 -18.65 -10.54
N ALA E 154 52.20 -17.74 -9.56
CA ALA E 154 52.41 -16.34 -9.88
C ALA E 154 53.75 -16.24 -10.57
N HIS E 155 54.76 -16.90 -10.01
CA HIS E 155 56.12 -16.86 -10.56
C HIS E 155 56.13 -17.39 -11.97
N VAL E 156 55.35 -18.45 -12.19
CA VAL E 156 55.29 -19.10 -13.49
C VAL E 156 54.84 -18.05 -14.49
N GLY E 157 53.79 -17.30 -14.12
CA GLY E 157 53.25 -16.28 -14.99
C GLY E 157 54.36 -15.30 -15.35
N LEU E 158 55.09 -14.84 -14.35
CA LEU E 158 56.09 -13.81 -14.59
C LEU E 158 57.16 -14.34 -15.51
N GLU E 159 57.48 -15.63 -15.41
CA GLU E 159 58.62 -16.11 -16.16
C GLU E 159 58.15 -16.48 -17.56
N LEU E 160 56.84 -16.52 -17.74
CA LEU E 160 56.29 -16.88 -19.03
C LEU E 160 55.70 -15.64 -19.69
N ALA E 161 54.58 -15.19 -19.16
CA ALA E 161 53.88 -14.01 -19.66
C ALA E 161 54.58 -12.67 -19.44
N GLY E 162 55.34 -12.57 -18.35
CA GLY E 162 55.80 -11.28 -17.82
C GLY E 162 56.80 -10.49 -18.65
N THR E 163 56.48 -9.22 -18.89
CA THR E 163 57.37 -8.30 -19.59
C THR E 163 58.49 -7.92 -18.66
N ASP E 164 59.62 -7.45 -19.21
CA ASP E 164 60.81 -7.22 -18.38
C ASP E 164 60.52 -6.22 -17.26
N ALA E 165 59.66 -5.24 -17.54
CA ALA E 165 59.26 -4.27 -16.54
C ALA E 165 58.45 -4.94 -15.44
N GLU E 166 57.52 -5.79 -15.85
CA GLU E 166 56.69 -6.54 -14.91
C GLU E 166 57.51 -7.52 -14.08
N ARG E 167 58.57 -8.07 -14.69
CA ARG E 167 59.40 -9.05 -14.01
C ARG E 167 60.27 -8.40 -12.97
N ALA E 168 60.90 -7.28 -13.31
CA ALA E 168 61.67 -6.55 -12.33
C ALA E 168 60.74 -6.02 -11.24
N ALA E 169 59.53 -5.62 -11.62
CA ALA E 169 58.54 -5.15 -10.64
C ALA E 169 58.07 -6.26 -9.71
N GLY E 170 58.02 -7.49 -10.20
CA GLY E 170 57.52 -8.60 -9.42
C GLY E 170 56.01 -8.71 -9.42
N VAL E 171 55.34 -7.83 -10.16
CA VAL E 171 53.88 -7.85 -10.26
C VAL E 171 53.41 -7.68 -11.69
N MET E 172 52.39 -8.44 -12.09
CA MET E 172 51.83 -8.29 -13.43
C MET E 172 50.32 -8.51 -13.43
N PRO E 173 49.61 -7.89 -14.39
CA PRO E 173 48.18 -8.23 -14.50
C PRO E 173 48.02 -9.70 -14.86
N VAL E 174 46.98 -10.35 -14.35
CA VAL E 174 46.66 -11.71 -14.77
C VAL E 174 46.35 -11.68 -16.28
N LYS E 175 46.92 -12.60 -17.03
CA LYS E 175 46.86 -12.51 -18.48
C LYS E 175 46.15 -13.68 -19.15
N ARG E 176 45.66 -13.42 -20.36
CA ARG E 176 45.00 -14.42 -21.17
C ARG E 176 45.89 -14.70 -22.38
N ALA E 177 46.52 -15.88 -22.39
CA ALA E 177 47.42 -16.26 -23.48
C ALA E 177 46.63 -16.64 -24.73
N LYS E 178 47.21 -16.42 -25.90
CA LYS E 178 46.56 -16.79 -27.17
C LYS E 178 47.55 -16.90 -28.32
N PHE E 179 47.25 -17.74 -29.29
CA PHE E 179 48.12 -17.91 -30.46
C PHE E 179 47.38 -18.55 -31.65
N ASP E 180 47.86 -18.28 -32.86
CA ASP E 180 47.34 -18.99 -34.02
C ASP E 180 47.70 -20.43 -33.79
N SER E 181 46.78 -21.34 -34.08
CA SER E 181 46.98 -22.71 -33.63
C SER E 181 46.28 -23.76 -34.47
N TRP E 182 46.83 -24.96 -34.38
CA TRP E 182 46.31 -26.14 -35.01
C TRP E 182 45.51 -26.98 -34.02
N GLU E 183 44.83 -28.00 -34.53
CA GLU E 183 44.17 -28.98 -33.69
C GLU E 183 45.22 -29.63 -32.81
N GLY E 184 44.87 -29.82 -31.53
CA GLY E 184 45.71 -30.54 -30.59
C GLY E 184 47.04 -29.85 -30.40
N SER E 185 47.03 -28.53 -30.54
CA SER E 185 48.25 -27.75 -30.48
C SER E 185 48.87 -27.89 -29.11
N LEU E 186 48.02 -27.91 -28.09
CA LEU E 186 48.52 -27.92 -26.71
C LEU E 186 48.98 -29.30 -26.31
N ILE E 187 48.18 -30.30 -26.70
CA ILE E 187 48.55 -31.68 -26.44
C ILE E 187 49.85 -32.03 -27.16
N SER E 188 49.96 -31.69 -28.44
CA SER E 188 51.15 -32.03 -29.21
C SER E 188 52.36 -31.27 -28.72
N LEU E 189 52.13 -30.05 -28.26
CA LEU E 189 53.21 -29.28 -27.68
C LEU E 189 53.73 -30.00 -26.45
N SER E 190 52.81 -30.56 -25.66
CA SER E 190 53.22 -31.26 -24.46
C SER E 190 53.94 -32.54 -24.83
N ARG E 191 53.53 -33.14 -25.94
CA ARG E 191 54.12 -34.40 -26.38
C ARG E 191 55.53 -34.15 -26.83
N ASP E 192 55.78 -32.93 -27.32
CA ASP E 192 57.11 -32.59 -27.77
C ASP E 192 57.97 -32.28 -26.54
N VAL E 193 57.39 -31.57 -25.59
CA VAL E 193 58.11 -31.19 -24.36
C VAL E 193 58.45 -32.39 -23.48
N VAL E 194 57.59 -33.39 -23.51
CA VAL E 194 57.77 -34.60 -22.70
C VAL E 194 58.99 -35.39 -23.16
N ASN E 195 59.32 -35.30 -24.45
CA ASN E 195 60.49 -35.99 -25.01
C ASN E 195 61.79 -35.25 -24.77
N TRP E 196 61.70 -34.06 -24.20
CA TRP E 196 62.87 -33.30 -23.81
C TRP E 196 63.65 -34.04 -22.75
N LYS E 197 64.97 -34.03 -22.87
CA LYS E 197 65.84 -34.60 -21.85
C LYS E 197 66.09 -33.51 -20.82
N ILE E 198 65.16 -33.31 -19.90
CA ILE E 198 65.27 -32.16 -19.00
C ILE E 198 66.31 -32.40 -17.93
N LEU E 199 66.82 -33.63 -17.86
CA LEU E 199 67.90 -33.92 -16.94
C LEU E 199 69.14 -33.11 -17.28
N ALA E 200 69.39 -32.89 -18.57
CA ALA E 200 70.52 -32.06 -18.99
C ALA E 200 70.35 -30.63 -18.48
N PHE E 201 69.10 -30.17 -18.55
CA PHE E 201 68.72 -28.84 -18.15
C PHE E 201 68.87 -28.65 -16.62
N LEU E 202 68.30 -29.58 -15.85
CA LEU E 202 68.34 -29.50 -14.39
C LEU E 202 69.74 -29.72 -13.83
N ILE E 203 70.49 -30.60 -14.49
CA ILE E 203 71.85 -30.87 -14.08
C ILE E 203 72.71 -29.66 -14.33
N ASP E 204 72.52 -29.01 -15.47
CA ASP E 204 73.24 -27.78 -15.74
C ASP E 204 72.82 -26.67 -14.78
N LEU E 205 71.55 -26.68 -14.39
CA LEU E 205 71.02 -25.67 -13.47
C LEU E 205 71.60 -25.84 -12.07
N CYS E 206 71.94 -27.07 -11.71
CA CYS E 206 72.44 -27.36 -10.37
C CYS E 206 73.97 -27.39 -10.28
N SER E 207 74.63 -27.66 -11.40
CA SER E 207 76.09 -27.83 -11.40
C SER E 207 76.87 -26.60 -11.85
N LEU E 208 76.28 -25.80 -12.74
CA LEU E 208 76.94 -24.59 -13.22
C LEU E 208 76.93 -23.51 -12.17
N GLU E 209 77.96 -22.66 -12.20
CA GLU E 209 78.09 -21.59 -11.22
C GLU E 209 78.61 -20.33 -11.90
N GLY E 210 78.32 -19.19 -11.29
CA GLY E 210 78.84 -17.92 -11.78
C GLY E 210 78.45 -17.58 -13.19
N GLU E 211 79.44 -17.17 -13.98
CA GLU E 211 79.19 -16.65 -15.32
C GLU E 211 78.59 -17.71 -16.22
N ALA E 212 78.98 -18.97 -15.99
CA ALA E 212 78.47 -20.08 -16.78
C ALA E 212 76.98 -20.30 -16.53
N LEU E 213 76.60 -20.29 -15.25
CA LEU E 213 75.20 -20.42 -14.87
C LEU E 213 74.35 -19.24 -15.33
N ARG E 214 74.93 -18.04 -15.31
CA ARG E 214 74.17 -16.88 -15.73
C ARG E 214 73.92 -16.97 -17.24
N ALA E 215 74.96 -17.37 -17.96
CA ALA E 215 74.84 -17.55 -19.40
C ALA E 215 73.84 -18.64 -19.71
N PHE E 216 73.73 -19.60 -18.80
CA PHE E 216 72.79 -20.71 -18.96
C PHE E 216 71.36 -20.23 -18.80
N LYS E 217 71.11 -19.43 -17.76
CA LYS E 217 69.78 -18.89 -17.55
C LYS E 217 69.36 -17.98 -18.71
N THR E 218 70.31 -17.28 -19.31
CA THR E 218 69.95 -16.44 -20.45
C THR E 218 69.70 -17.26 -21.71
N ARG E 219 70.59 -18.21 -21.97
CA ARG E 219 70.49 -19.04 -23.18
C ARG E 219 69.25 -19.93 -23.14
N ASN E 220 68.84 -20.33 -21.95
CA ASN E 220 67.78 -21.33 -21.82
C ASN E 220 66.47 -20.83 -21.26
N ARG E 221 66.31 -19.51 -21.21
CA ARG E 221 65.12 -18.93 -20.60
C ARG E 221 63.87 -19.38 -21.33
N ASP E 222 63.94 -19.41 -22.66
CA ASP E 222 62.80 -19.81 -23.48
C ASP E 222 62.39 -21.28 -23.29
N VAL E 223 63.38 -22.15 -23.04
CA VAL E 223 63.10 -23.57 -22.79
C VAL E 223 62.26 -23.74 -21.52
N PHE E 224 62.77 -23.14 -20.45
CA PHE E 224 62.14 -23.16 -19.16
C PHE E 224 60.74 -22.58 -19.32
N ARG E 225 60.63 -21.53 -20.13
CA ARG E 225 59.35 -20.89 -20.38
C ARG E 225 58.39 -21.82 -21.10
N MET E 226 58.91 -22.74 -21.93
CA MET E 226 58.04 -23.72 -22.58
C MET E 226 57.52 -24.76 -21.61
N MET E 227 58.38 -25.26 -20.73
CA MET E 227 57.91 -26.21 -19.72
C MET E 227 56.85 -25.54 -18.84
N LEU E 228 57.11 -24.28 -18.49
CA LEU E 228 56.18 -23.49 -17.71
C LEU E 228 54.87 -23.34 -18.46
N PHE E 229 54.98 -23.26 -19.78
CA PHE E 229 53.81 -23.09 -20.61
C PHE E 229 52.96 -24.34 -20.51
N ILE E 230 53.61 -25.49 -20.57
CA ILE E 230 52.85 -26.74 -20.51
C ILE E 230 52.16 -26.89 -19.16
N MET E 231 52.82 -26.43 -18.09
CA MET E 231 52.17 -26.51 -16.79
C MET E 231 50.97 -25.59 -16.75
N SER E 232 51.13 -24.37 -17.27
CA SER E 232 50.05 -23.41 -17.21
C SER E 232 48.86 -23.93 -18.01
N THR E 233 49.11 -24.63 -19.12
CA THR E 233 47.99 -25.23 -19.84
C THR E 233 47.37 -26.38 -19.05
N ALA E 234 48.16 -27.06 -18.23
CA ALA E 234 47.59 -28.11 -17.37
C ALA E 234 46.72 -27.54 -16.28
N VAL E 235 46.97 -26.29 -15.89
CA VAL E 235 46.21 -25.71 -14.80
C VAL E 235 45.28 -24.56 -15.17
N ALA E 236 45.30 -24.15 -16.44
CA ALA E 236 44.50 -23.01 -16.87
C ALA E 236 43.02 -23.30 -16.63
N ALA E 237 42.31 -22.32 -16.10
CA ALA E 237 40.91 -22.53 -15.69
C ALA E 237 40.05 -22.87 -16.88
N ASN E 238 40.37 -22.29 -18.02
CA ASN E 238 39.61 -22.53 -19.24
C ASN E 238 40.49 -22.35 -20.47
N VAL E 239 40.26 -23.20 -21.48
CA VAL E 239 41.01 -23.17 -22.71
C VAL E 239 40.03 -23.37 -23.86
N VAL E 240 40.09 -22.50 -24.86
CA VAL E 240 39.05 -22.45 -25.89
C VAL E 240 39.58 -21.98 -27.23
N ASN E 241 38.75 -22.09 -28.26
CA ASN E 241 39.11 -21.58 -29.57
C ASN E 241 38.37 -20.31 -29.94
N ARG E 242 39.05 -19.41 -30.65
CA ARG E 242 38.41 -18.24 -31.20
C ARG E 242 38.66 -18.23 -32.69
N LYS E 243 37.64 -18.57 -33.48
CA LYS E 243 37.75 -18.43 -34.91
C LYS E 243 37.93 -16.95 -35.23
N VAL E 244 38.90 -16.65 -36.09
CA VAL E 244 39.08 -15.28 -36.58
C VAL E 244 39.65 -15.32 -37.98
N THR E 245 38.88 -14.82 -38.94
CA THR E 245 39.26 -14.76 -40.36
C THR E 245 39.84 -16.07 -40.93
N LYS E 246 39.11 -17.16 -40.71
CA LYS E 246 39.54 -18.51 -41.13
C LYS E 246 40.88 -18.92 -40.52
N ARG E 247 41.11 -18.48 -39.29
CA ARG E 247 42.28 -18.89 -38.52
C ARG E 247 41.87 -19.02 -37.07
N VAL E 248 41.91 -20.24 -36.56
CA VAL E 248 41.63 -20.47 -35.15
C VAL E 248 42.76 -19.89 -34.29
N ASP E 249 42.37 -19.26 -33.19
CA ASP E 249 43.33 -18.79 -32.21
C ASP E 249 42.99 -19.46 -30.89
N ARG E 250 43.89 -20.34 -30.42
CA ARG E 250 43.74 -20.96 -29.12
C ARG E 250 43.92 -19.90 -28.03
N VAL E 251 43.08 -19.97 -27.01
CA VAL E 251 43.12 -19.05 -25.88
C VAL E 251 43.14 -19.80 -24.55
N LEU E 252 44.13 -19.49 -23.72
CA LEU E 252 44.19 -20.04 -22.37
C LEU E 252 44.07 -18.98 -21.29
N GLU E 253 43.07 -19.14 -20.45
CA GLU E 253 42.80 -18.24 -19.34
C GLU E 253 42.70 -19.07 -18.05
N TYR E 254 43.57 -18.77 -17.09
CA TYR E 254 44.48 -17.65 -17.19
C TYR E 254 45.90 -18.06 -16.85
N ILE E 255 46.87 -17.37 -17.44
CA ILE E 255 48.26 -17.57 -17.06
C ILE E 255 48.45 -17.08 -15.63
N GLY E 256 49.17 -17.85 -14.83
CA GLY E 256 49.53 -17.43 -13.49
C GLY E 256 48.49 -17.71 -12.42
N VAL E 257 47.37 -18.31 -12.81
CA VAL E 257 46.32 -18.65 -11.87
C VAL E 257 46.02 -20.15 -11.88
N ASN E 258 46.51 -20.87 -10.89
CA ASN E 258 46.17 -22.29 -10.79
C ASN E 258 44.71 -22.49 -10.38
N SER E 259 43.95 -23.11 -11.27
CA SER E 259 42.52 -23.31 -11.07
C SER E 259 42.27 -24.50 -10.18
N MET E 260 43.32 -25.29 -9.98
CA MET E 260 43.23 -26.57 -9.28
C MET E 260 42.29 -27.53 -9.98
N ARG E 261 42.19 -27.38 -11.29
CA ARG E 261 41.40 -28.27 -12.10
C ARG E 261 42.02 -29.66 -12.02
N THR E 262 41.20 -30.68 -11.82
CA THR E 262 41.71 -32.05 -11.77
C THR E 262 41.09 -32.95 -12.82
N ALA E 263 39.83 -32.70 -13.15
CA ALA E 263 39.12 -33.50 -14.14
C ALA E 263 39.67 -33.26 -15.54
N GLY E 264 39.82 -34.34 -16.31
CA GLY E 264 40.45 -34.27 -17.61
C GLY E 264 39.62 -33.57 -18.66
N ARG E 265 40.28 -33.10 -19.71
CA ARG E 265 39.58 -32.44 -20.80
C ARG E 265 40.34 -32.63 -22.09
N THR E 266 39.64 -32.36 -23.19
CA THR E 266 40.19 -32.53 -24.53
C THR E 266 41.36 -31.59 -24.83
N ALA E 267 41.22 -30.33 -24.41
CA ALA E 267 42.09 -29.26 -24.88
C ALA E 267 43.56 -29.40 -24.46
N THR E 268 43.80 -29.97 -23.27
CA THR E 268 45.11 -29.94 -22.65
C THR E 268 45.31 -31.09 -21.69
N ILE E 269 46.55 -31.28 -21.26
CA ILE E 269 46.87 -32.26 -20.24
C ILE E 269 46.34 -31.76 -18.91
N THR E 270 46.10 -32.68 -17.97
CA THR E 270 45.49 -32.30 -16.71
C THR E 270 46.19 -32.89 -15.50
N TYR E 271 46.28 -32.11 -14.43
CA TYR E 271 46.91 -32.56 -13.20
C TYR E 271 45.91 -33.09 -12.19
N ASP E 272 46.03 -34.37 -11.83
CA ASP E 272 45.32 -34.87 -10.66
C ASP E 272 46.01 -34.23 -9.48
N LEU E 273 45.41 -34.31 -8.29
CA LEU E 273 45.99 -33.61 -7.15
C LEU E 273 47.43 -34.03 -6.83
N SER E 274 47.74 -35.30 -7.04
CA SER E 274 49.10 -35.78 -6.84
C SER E 274 50.06 -35.11 -7.84
N ARG E 275 49.60 -34.93 -9.07
CA ARG E 275 50.38 -34.22 -10.07
C ARG E 275 50.50 -32.76 -9.68
N HIS E 276 49.48 -32.23 -8.99
CA HIS E 276 49.53 -30.85 -8.54
C HIS E 276 50.63 -30.68 -7.51
N GLU E 277 50.67 -31.61 -6.55
CA GLU E 277 51.66 -31.57 -5.48
C GLU E 277 53.03 -31.70 -6.10
N PHE E 278 53.15 -32.60 -7.08
CA PHE E 278 54.45 -32.85 -7.68
C PHE E 278 54.98 -31.63 -8.40
N ALA E 279 54.13 -31.05 -9.24
CA ALA E 279 54.54 -29.91 -10.05
C ALA E 279 54.84 -28.72 -9.16
N ALA E 280 54.09 -28.58 -8.08
CA ALA E 280 54.25 -27.44 -7.19
C ALA E 280 55.59 -27.54 -6.49
N LYS E 281 55.91 -28.75 -6.04
CA LYS E 281 57.20 -28.99 -5.40
C LYS E 281 58.33 -28.75 -6.39
N PHE E 282 58.11 -29.19 -7.63
CA PHE E 282 59.10 -29.08 -8.68
C PHE E 282 59.45 -27.63 -8.89
N LEU E 283 58.40 -26.82 -9.01
CA LEU E 283 58.56 -25.39 -9.19
C LEU E 283 59.20 -24.73 -7.98
N GLN E 284 58.93 -25.27 -6.80
CA GLN E 284 59.54 -24.69 -5.61
C GLN E 284 61.05 -24.81 -5.75
N LEU E 285 61.51 -26.02 -6.02
CA LEU E 285 62.96 -26.24 -6.13
C LEU E 285 63.56 -25.50 -7.33
N THR E 286 62.94 -25.66 -8.48
CA THR E 286 63.46 -25.12 -9.73
C THR E 286 63.49 -23.59 -9.75
N PHE E 287 62.53 -22.96 -9.10
CA PHE E 287 62.48 -21.51 -9.08
C PHE E 287 63.42 -21.02 -8.00
N THR E 288 63.59 -21.81 -6.95
CA THR E 288 64.53 -21.45 -5.91
C THR E 288 65.92 -21.39 -6.52
N ARG E 289 66.18 -22.33 -7.43
CA ARG E 289 67.49 -22.42 -8.07
C ARG E 289 67.64 -21.36 -9.17
N TRP E 290 66.54 -21.07 -9.85
CA TRP E 290 66.53 -20.13 -10.95
C TRP E 290 66.75 -18.69 -10.49
N ASN E 291 66.41 -18.41 -9.23
CA ASN E 291 66.49 -17.07 -8.69
C ASN E 291 67.64 -16.93 -7.70
N ALA E 292 68.80 -17.44 -8.07
CA ALA E 292 69.97 -17.37 -7.22
C ALA E 292 71.17 -16.78 -7.96
#